data_8PEJ
#
_entry.id   8PEJ
#
_cell.length_a   99.316
_cell.length_b   116.212
_cell.length_c   116.396
_cell.angle_alpha   90.236
_cell.angle_beta   89.889
_cell.angle_gamma   90.094
#
_symmetry.space_group_name_H-M   'P 1'
#
loop_
_entity.id
_entity.type
_entity.pdbx_description
1 polymer 'Beta-galactosidase, putative, bgl35A'
2 non-polymer 'SODIUM ION'
3 non-polymer (1~{S},2~{S},4~{S},5~{R})-6-(hydroxymethyl)cyclohexane-1,2,3,4,5-pentol
4 non-polymer 'ACETATE ION'
5 water water
#
_entity_poly.entity_id   1
_entity_poly.type   'polypeptide(L)'
_entity_poly.pdbx_seq_one_letter_code
;MGSSHHHHHHAAPLPELLSNNGKHALMVDGAPYIILGSQTNNSSNYPDALKDVWPSMEKMGANTLSIPVAWEQIEPVEGQ
FDFSFVDVLLKEARQRKVRLVLLWFATWKNNAPHYAPAWVKLDNARFPRVVKEDGDTLNSLSPLGQNTLAADKKAFVELM
KYLAKRDKDHTVIMVQVQNEVGTYGAVRDYSPMAQAVFNAAVPDDLIQKLQLKPGTWSQVFGRDADEFFHAYQIARYCDE
VTVAGKAIKNLPMYVNVALRNPFNPGLPGQYSSGGGTDNVLHIWKAAAPNIDLIAPDIYFRDYKTVSKVLELYTRPDNAL
FVAEIGNDQPFARYLFPTLGKGGIGFSPFGMDDTDYTNYPLGAKVYNDETIEQFAQVYRLVNPMMREWARLSYQGQVWGV
AEPLDSTTETQKIWNAEATPEEKEQHKKDRASALTQQLDLGLWDAEVTYGRPMFWVTPPEGNTPAAGGALIAQLDDNEYL
VTAYKARVEFKPSQELAGKKFMIERVEEGRFEKGKWVMERVWNGDQTDWGLNFTDRPHLLRVKMASYSVQ
;
_entity_poly.pdbx_strand_id   A,B,C,D,E,F,G,H
#
loop_
_chem_comp.id
_chem_comp.type
_chem_comp.name
_chem_comp.formula
ACT non-polymer 'ACETATE ION' 'C2 H3 O2 -1'
NA non-polymer 'SODIUM ION' 'Na 1'
YGX non-polymer (1~{S},2~{S},4~{S},5~{R})-6-(hydroxymethyl)cyclohexane-1,2,3,4,5-pentol 'C7 H14 O6'
#
# COMPACT_ATOMS: atom_id res chain seq x y z
N ALA A 12 -46.72 23.68 -46.84
CA ALA A 12 -47.78 24.07 -45.89
C ALA A 12 -47.97 25.59 -45.87
N PRO A 13 -49.22 26.10 -45.71
CA PRO A 13 -49.45 27.54 -45.66
C PRO A 13 -48.85 28.17 -44.42
N LEU A 14 -48.40 29.42 -44.56
CA LEU A 14 -47.94 30.22 -43.42
C LEU A 14 -49.04 30.32 -42.36
N PRO A 15 -48.68 30.20 -41.06
CA PRO A 15 -49.60 30.63 -40.02
C PRO A 15 -49.95 32.09 -40.25
N GLU A 16 -51.13 32.48 -39.77
CA GLU A 16 -51.67 33.79 -39.96
C GLU A 16 -52.70 34.07 -38.90
N LEU A 17 -52.72 35.29 -38.43
CA LEU A 17 -53.80 35.75 -37.59
C LEU A 17 -54.87 36.43 -38.44
N LEU A 18 -56.08 35.86 -38.42
CA LEU A 18 -57.22 36.43 -39.13
C LEU A 18 -58.09 37.20 -38.15
N SER A 19 -58.68 38.29 -38.65
CA SER A 19 -59.62 39.11 -37.90
C SER A 19 -60.78 39.42 -38.85
N ASN A 20 -62.01 39.10 -38.43
CA ASN A 20 -63.18 39.29 -39.28
C ASN A 20 -64.40 39.32 -38.38
N ASN A 21 -65.28 40.32 -38.56
CA ASN A 21 -66.58 40.37 -37.87
C ASN A 21 -66.36 40.49 -36.36
N GLY A 22 -65.34 41.28 -35.95
CA GLY A 22 -64.89 41.39 -34.57
C GLY A 22 -64.39 40.08 -33.93
N LYS A 23 -64.17 39.01 -34.71
CA LYS A 23 -63.68 37.75 -34.21
C LYS A 23 -62.29 37.47 -34.78
N HIS A 24 -61.60 36.48 -34.21
CA HIS A 24 -60.21 36.25 -34.57
C HIS A 24 -59.89 34.77 -34.56
N ALA A 25 -58.93 34.39 -35.40
CA ALA A 25 -58.41 33.06 -35.38
C ALA A 25 -56.91 33.07 -35.65
N LEU A 26 -56.18 32.20 -34.96
CA LEU A 26 -54.85 31.83 -35.35
C LEU A 26 -54.88 30.63 -36.28
N MET A 27 -54.59 30.88 -37.58
CA MET A 27 -54.57 29.81 -38.55
C MET A 27 -53.22 29.15 -38.55
N VAL A 28 -53.22 27.84 -38.38
CA VAL A 28 -52.05 27.00 -38.42
C VAL A 28 -52.38 25.81 -39.34
N ASP A 29 -51.60 25.69 -40.43
CA ASP A 29 -51.82 24.63 -41.40
C ASP A 29 -53.19 24.77 -42.04
N GLY A 30 -53.64 26.02 -42.18
CA GLY A 30 -54.81 26.36 -42.97
C GLY A 30 -56.12 26.21 -42.21
N ALA A 31 -56.08 26.13 -40.86
CA ALA A 31 -57.32 26.13 -40.09
C ALA A 31 -57.08 26.73 -38.71
N PRO A 32 -58.17 27.19 -38.02
CA PRO A 32 -58.01 27.74 -36.69
C PRO A 32 -57.35 26.74 -35.73
N TYR A 33 -56.54 27.30 -34.83
CA TYR A 33 -55.76 26.56 -33.85
C TYR A 33 -55.78 27.25 -32.49
N ILE A 34 -55.78 26.46 -31.41
CA ILE A 34 -55.69 27.02 -30.07
C ILE A 34 -54.35 26.61 -29.47
N ILE A 35 -53.57 27.60 -28.99
CA ILE A 35 -52.36 27.34 -28.24
C ILE A 35 -52.75 26.88 -26.83
N LEU A 36 -52.55 25.59 -26.59
CA LEU A 36 -52.61 25.02 -25.23
C LEU A 36 -51.17 24.90 -24.78
N GLY A 37 -50.68 26.02 -24.24
CA GLY A 37 -49.26 26.29 -24.19
C GLY A 37 -48.58 25.87 -22.89
N SER A 38 -47.26 25.70 -22.96
N SER A 38 -47.26 25.83 -22.99
CA SER A 38 -46.39 25.77 -21.79
CA SER A 38 -46.32 25.74 -21.89
C SER A 38 -45.23 26.70 -22.10
C SER A 38 -45.30 26.83 -22.17
N GLN A 39 -44.78 27.49 -21.12
CA GLN A 39 -43.66 28.43 -21.25
C GLN A 39 -42.58 28.05 -20.27
N THR A 40 -41.34 28.02 -20.73
CA THR A 40 -40.21 27.68 -19.87
C THR A 40 -39.90 28.82 -18.89
N ASN A 41 -39.12 28.49 -17.86
CA ASN A 41 -38.38 29.49 -17.11
C ASN A 41 -37.39 30.19 -18.04
N ASN A 42 -36.85 31.29 -17.54
CA ASN A 42 -36.06 32.24 -18.32
C ASN A 42 -34.66 31.77 -18.69
N SER A 43 -34.14 30.75 -18.04
CA SER A 43 -32.78 30.25 -18.31
C SER A 43 -32.79 28.84 -18.90
N SER A 44 -33.85 28.48 -19.65
CA SER A 44 -33.98 27.16 -20.21
C SER A 44 -33.71 27.14 -21.72
N ASN A 45 -33.22 28.25 -22.27
CA ASN A 45 -33.02 28.45 -23.70
C ASN A 45 -31.65 27.93 -24.14
N TYR A 46 -31.27 26.72 -23.72
CA TYR A 46 -30.00 26.11 -24.09
C TYR A 46 -30.24 24.64 -24.34
N PRO A 47 -29.46 24.02 -25.25
CA PRO A 47 -29.65 22.61 -25.54
C PRO A 47 -29.67 21.70 -24.33
N ASP A 48 -28.79 21.97 -23.37
CA ASP A 48 -28.68 21.08 -22.21
C ASP A 48 -29.89 21.15 -21.29
N ALA A 49 -30.65 22.26 -21.36
CA ALA A 49 -31.80 22.41 -20.48
C ALA A 49 -33.06 21.78 -21.03
N LEU A 50 -33.10 21.48 -22.34
CA LEU A 50 -34.33 21.01 -22.95
C LEU A 50 -34.80 19.69 -22.34
N LYS A 51 -33.89 18.85 -21.79
CA LYS A 51 -34.31 17.57 -21.20
C LYS A 51 -35.14 17.82 -19.94
N ASP A 52 -35.04 19.04 -19.37
CA ASP A 52 -35.83 19.40 -18.21
C ASP A 52 -37.11 20.15 -18.58
N VAL A 53 -37.39 20.31 -19.87
CA VAL A 53 -38.55 21.04 -20.38
C VAL A 53 -39.55 20.04 -20.99
N TRP A 54 -39.08 19.09 -21.84
CA TRP A 54 -40.03 18.24 -22.52
C TRP A 54 -40.90 17.38 -21.60
N PRO A 55 -40.38 16.73 -20.53
CA PRO A 55 -41.22 15.85 -19.74
C PRO A 55 -42.43 16.62 -19.17
N SER A 56 -42.21 17.86 -18.73
CA SER A 56 -43.34 18.63 -18.21
C SER A 56 -44.39 18.89 -19.28
N MET A 57 -43.93 19.23 -20.49
CA MET A 57 -44.83 19.53 -21.56
C MET A 57 -45.71 18.33 -21.88
N GLU A 58 -45.12 17.12 -21.89
CA GLU A 58 -45.83 15.85 -22.13
C GLU A 58 -46.87 15.57 -21.04
N LYS A 59 -46.45 15.73 -19.79
CA LYS A 59 -47.39 15.57 -18.68
C LYS A 59 -48.53 16.58 -18.76
N MET A 60 -48.24 17.81 -19.19
CA MET A 60 -49.25 18.86 -19.29
C MET A 60 -50.24 18.59 -20.41
N GLY A 61 -49.83 17.88 -21.48
CA GLY A 61 -50.64 17.78 -22.67
C GLY A 61 -50.63 19.04 -23.54
N ALA A 62 -49.59 19.91 -23.40
CA ALA A 62 -49.50 21.15 -24.15
C ALA A 62 -49.21 20.84 -25.63
N ASN A 63 -49.74 21.66 -26.52
CA ASN A 63 -49.46 21.49 -27.94
C ASN A 63 -48.42 22.47 -28.46
N THR A 64 -48.04 23.47 -27.65
CA THR A 64 -47.14 24.53 -28.12
C THR A 64 -46.24 24.96 -26.98
N LEU A 65 -44.94 25.12 -27.24
CA LEU A 65 -43.97 25.56 -26.27
C LEU A 65 -43.53 26.98 -26.61
N SER A 66 -43.63 27.87 -25.61
CA SER A 66 -43.04 29.19 -25.66
C SER A 66 -41.70 29.19 -24.95
N ILE A 67 -40.64 29.62 -25.64
CA ILE A 67 -39.28 29.49 -25.09
C ILE A 67 -38.45 30.68 -25.65
N PRO A 68 -37.55 31.26 -24.84
CA PRO A 68 -36.76 32.40 -25.35
C PRO A 68 -35.76 31.98 -26.41
N VAL A 69 -35.51 32.92 -27.33
CA VAL A 69 -34.27 32.95 -28.11
C VAL A 69 -33.68 34.35 -27.86
N ALA A 70 -32.49 34.39 -27.27
CA ALA A 70 -31.87 35.60 -26.77
C ALA A 70 -30.90 36.20 -27.79
N TRP A 71 -30.95 37.49 -27.95
CA TRP A 71 -29.95 38.17 -28.81
C TRP A 71 -28.52 37.83 -28.36
N GLU A 72 -28.23 37.77 -27.05
CA GLU A 72 -26.89 37.43 -26.57
C GLU A 72 -26.42 36.07 -27.10
N GLN A 73 -27.31 35.07 -27.26
CA GLN A 73 -26.92 33.73 -27.70
C GLN A 73 -26.74 33.66 -29.23
N ILE A 74 -27.54 34.40 -30.01
CA ILE A 74 -27.44 34.27 -31.46
C ILE A 74 -26.39 35.24 -32.00
N GLU A 75 -26.05 36.31 -31.28
CA GLU A 75 -25.02 37.24 -31.78
C GLU A 75 -24.02 37.62 -30.69
N PRO A 76 -23.25 36.66 -30.15
CA PRO A 76 -22.43 36.90 -28.96
C PRO A 76 -21.30 37.92 -29.19
N VAL A 77 -20.87 37.94 -30.46
CA VAL A 77 -19.89 38.88 -30.98
C VAL A 77 -20.52 39.48 -32.23
N GLU A 78 -20.38 40.80 -32.44
CA GLU A 78 -21.13 41.47 -33.50
C GLU A 78 -20.80 40.88 -34.87
N GLY A 79 -21.84 40.43 -35.57
CA GLY A 79 -21.76 39.85 -36.89
C GLY A 79 -21.40 38.38 -36.93
N GLN A 80 -21.25 37.75 -35.76
CA GLN A 80 -20.90 36.35 -35.66
C GLN A 80 -22.10 35.57 -35.11
N PHE A 81 -22.96 35.10 -36.02
CA PHE A 81 -24.24 34.51 -35.61
C PHE A 81 -24.08 33.04 -35.26
N ASP A 82 -24.92 32.60 -34.29
CA ASP A 82 -24.88 31.25 -33.77
C ASP A 82 -26.33 30.80 -33.57
N PHE A 83 -26.79 29.91 -34.43
CA PHE A 83 -28.15 29.37 -34.34
C PHE A 83 -28.16 27.95 -33.79
N SER A 84 -27.11 27.52 -33.10
CA SER A 84 -27.01 26.16 -32.66
C SER A 84 -28.17 25.78 -31.74
N PHE A 85 -28.63 26.70 -30.89
CA PHE A 85 -29.75 26.36 -30.01
C PHE A 85 -31.02 26.19 -30.84
N VAL A 86 -31.29 27.14 -31.78
CA VAL A 86 -32.49 27.05 -32.60
C VAL A 86 -32.55 25.74 -33.37
N ASP A 87 -31.40 25.28 -33.89
CA ASP A 87 -31.35 24.00 -34.59
C ASP A 87 -31.85 22.84 -33.71
N VAL A 88 -31.25 22.69 -32.54
CA VAL A 88 -31.58 21.61 -31.60
C VAL A 88 -33.05 21.72 -31.21
N LEU A 89 -33.51 22.93 -30.90
CA LEU A 89 -34.88 23.14 -30.47
C LEU A 89 -35.86 22.66 -31.56
N LEU A 90 -35.63 23.11 -32.80
CA LEU A 90 -36.54 22.75 -33.89
C LEU A 90 -36.60 21.25 -34.00
N LYS A 91 -35.43 20.58 -34.03
CA LYS A 91 -35.36 19.14 -34.21
C LYS A 91 -36.11 18.40 -33.08
N GLU A 92 -35.94 18.84 -31.83
CA GLU A 92 -36.55 18.16 -30.70
C GLU A 92 -38.06 18.42 -30.67
N ALA A 93 -38.49 19.64 -31.02
CA ALA A 93 -39.92 19.92 -31.09
C ALA A 93 -40.60 19.03 -32.12
N ARG A 94 -39.99 18.88 -33.30
CA ARG A 94 -40.55 18.07 -34.36
C ARG A 94 -40.64 16.62 -33.94
N GLN A 95 -39.65 16.14 -33.18
CA GLN A 95 -39.64 14.76 -32.69
C GLN A 95 -40.87 14.53 -31.84
N ARG A 96 -41.29 15.58 -31.13
CA ARG A 96 -42.42 15.43 -30.24
C ARG A 96 -43.73 15.88 -30.84
N LYS A 97 -43.71 16.35 -32.09
CA LYS A 97 -44.88 16.81 -32.82
C LYS A 97 -45.61 17.91 -32.04
N VAL A 98 -44.82 18.88 -31.58
CA VAL A 98 -45.37 20.10 -30.97
C VAL A 98 -44.90 21.31 -31.76
N ARG A 99 -45.57 22.42 -31.56
CA ARG A 99 -45.25 23.68 -32.22
C ARG A 99 -44.57 24.62 -31.22
N LEU A 100 -43.98 25.69 -31.76
CA LEU A 100 -43.16 26.62 -30.99
C LEU A 100 -43.64 28.06 -31.15
N VAL A 101 -43.51 28.82 -30.07
CA VAL A 101 -43.58 30.28 -30.08
C VAL A 101 -42.23 30.73 -29.54
N LEU A 102 -41.46 31.44 -30.39
CA LEU A 102 -40.16 31.92 -29.96
C LEU A 102 -40.31 33.31 -29.37
N LEU A 103 -39.66 33.52 -28.23
CA LEU A 103 -39.69 34.80 -27.50
C LEU A 103 -38.36 35.49 -27.74
N TRP A 104 -38.41 36.56 -28.54
CA TRP A 104 -37.19 37.30 -28.87
C TRP A 104 -36.83 38.25 -27.73
N PHE A 105 -35.82 37.85 -26.94
CA PHE A 105 -35.33 38.60 -25.78
C PHE A 105 -34.16 39.44 -26.25
N ALA A 106 -34.34 40.76 -26.35
CA ALA A 106 -33.38 41.57 -27.09
C ALA A 106 -33.22 42.94 -26.40
N THR A 107 -33.71 44.03 -27.03
CA THR A 107 -33.63 45.37 -26.46
C THR A 107 -34.32 45.46 -25.09
N TRP A 108 -35.52 44.85 -24.93
CA TRP A 108 -36.19 44.76 -23.65
C TRP A 108 -36.53 43.31 -23.29
N LYS A 109 -36.21 42.97 -22.04
CA LYS A 109 -36.77 41.82 -21.34
C LYS A 109 -37.07 42.32 -19.95
N ASN A 110 -38.36 42.47 -19.63
CA ASN A 110 -38.82 43.01 -18.36
C ASN A 110 -38.13 44.36 -18.13
N ASN A 111 -38.17 45.23 -19.16
CA ASN A 111 -37.72 46.63 -19.11
C ASN A 111 -36.22 46.77 -19.34
N ALA A 112 -35.42 45.69 -19.32
CA ALA A 112 -33.98 45.78 -19.24
C ALA A 112 -33.27 45.09 -20.40
N PRO A 113 -31.98 45.40 -20.62
CA PRO A 113 -31.19 44.82 -21.68
C PRO A 113 -30.29 43.65 -21.30
N HIS A 114 -30.71 42.86 -20.29
CA HIS A 114 -29.85 41.81 -19.79
C HIS A 114 -29.59 40.71 -20.83
N TYR A 115 -30.51 40.53 -21.81
CA TYR A 115 -30.32 39.52 -22.83
C TYR A 115 -29.78 40.07 -24.14
N ALA A 116 -29.41 41.37 -24.13
CA ALA A 116 -28.66 41.91 -25.25
C ALA A 116 -27.20 41.50 -25.09
N PRO A 117 -26.44 41.30 -26.18
CA PRO A 117 -25.06 40.87 -26.10
C PRO A 117 -24.27 41.87 -25.26
N ALA A 118 -23.13 41.42 -24.71
CA ALA A 118 -22.31 42.29 -23.88
C ALA A 118 -21.84 43.50 -24.69
N TRP A 119 -21.55 43.32 -25.99
CA TRP A 119 -21.11 44.43 -26.84
C TRP A 119 -22.23 45.45 -27.06
N VAL A 120 -23.49 45.10 -26.69
CA VAL A 120 -24.59 46.06 -26.67
C VAL A 120 -24.76 46.65 -25.28
N LYS A 121 -25.05 45.79 -24.27
CA LYS A 121 -25.49 46.27 -22.99
C LYS A 121 -24.38 46.98 -22.19
N LEU A 122 -23.12 46.80 -22.58
CA LEU A 122 -22.06 47.47 -21.84
C LEU A 122 -21.56 48.67 -22.64
N ASP A 123 -22.21 49.03 -23.77
CA ASP A 123 -21.77 50.20 -24.56
C ASP A 123 -22.88 51.25 -24.60
N ASN A 124 -22.99 51.99 -23.51
CA ASN A 124 -24.07 52.94 -23.35
C ASN A 124 -23.98 54.08 -24.38
N ALA A 125 -22.77 54.51 -24.74
CA ALA A 125 -22.73 55.64 -25.65
C ALA A 125 -23.29 55.25 -27.01
N ARG A 126 -23.03 54.01 -27.47
CA ARG A 126 -23.56 53.55 -28.73
C ARG A 126 -25.05 53.23 -28.60
N PHE A 127 -25.42 52.63 -27.46
CA PHE A 127 -26.74 52.03 -27.25
C PHE A 127 -27.27 52.59 -25.95
N PRO A 128 -27.84 53.79 -25.98
CA PRO A 128 -28.09 54.54 -24.77
C PRO A 128 -29.29 54.18 -23.92
N ARG A 129 -29.12 54.35 -22.62
CA ARG A 129 -30.15 54.16 -21.63
C ARG A 129 -31.05 55.37 -21.41
N VAL A 130 -32.24 55.07 -20.93
CA VAL A 130 -33.15 56.03 -20.34
C VAL A 130 -32.43 56.86 -19.28
N VAL A 131 -32.65 58.20 -19.38
CA VAL A 131 -32.15 59.15 -18.40
C VAL A 131 -33.34 59.78 -17.69
N LYS A 132 -33.33 59.74 -16.37
CA LYS A 132 -34.40 60.30 -15.55
C LYS A 132 -34.33 61.83 -15.59
N GLU A 133 -35.45 62.43 -15.21
CA GLU A 133 -35.59 63.88 -15.11
C GLU A 133 -34.45 64.45 -14.26
N ASP A 134 -34.02 63.71 -13.23
CA ASP A 134 -33.00 64.21 -12.31
C ASP A 134 -31.59 63.98 -12.84
N GLY A 135 -31.42 63.38 -14.04
CA GLY A 135 -30.09 63.14 -14.64
C GLY A 135 -29.49 61.76 -14.39
N ASP A 136 -30.05 61.01 -13.43
CA ASP A 136 -29.63 59.64 -13.17
C ASP A 136 -30.09 58.72 -14.31
N THR A 137 -29.39 57.60 -14.48
CA THR A 137 -29.63 56.68 -15.59
C THR A 137 -30.25 55.38 -15.06
N LEU A 138 -31.24 54.88 -15.79
CA LEU A 138 -31.86 53.57 -15.51
C LEU A 138 -31.36 52.52 -16.49
N ASN A 139 -31.41 51.25 -16.05
CA ASN A 139 -30.94 50.17 -16.88
C ASN A 139 -32.07 49.69 -17.78
N SER A 140 -32.44 50.53 -18.74
CA SER A 140 -33.58 50.39 -19.64
C SER A 140 -33.20 51.15 -20.91
N LEU A 141 -33.11 50.46 -22.05
CA LEU A 141 -32.58 51.08 -23.25
C LEU A 141 -33.62 52.04 -23.84
N SER A 142 -33.17 53.24 -24.22
CA SER A 142 -34.09 54.20 -24.79
C SER A 142 -34.56 53.80 -26.18
N PRO A 143 -35.90 53.90 -26.45
CA PRO A 143 -36.43 53.60 -27.78
C PRO A 143 -36.08 54.65 -28.83
N LEU A 144 -35.37 55.71 -28.41
CA LEU A 144 -34.89 56.67 -29.41
C LEU A 144 -33.44 56.42 -29.81
N GLY A 145 -32.81 55.35 -29.31
CA GLY A 145 -31.50 54.97 -29.77
C GLY A 145 -31.57 54.35 -31.15
N GLN A 146 -31.13 55.09 -32.17
CA GLN A 146 -31.16 54.57 -33.53
C GLN A 146 -30.17 53.44 -33.74
N ASN A 147 -29.01 53.45 -33.07
CA ASN A 147 -28.07 52.35 -33.24
C ASN A 147 -28.70 51.04 -32.72
N THR A 148 -29.34 51.19 -31.59
CA THR A 148 -29.93 50.04 -30.88
C THR A 148 -31.02 49.43 -31.75
N LEU A 149 -31.86 50.29 -32.35
CA LEU A 149 -32.92 49.80 -33.23
C LEU A 149 -32.30 49.06 -34.41
N ALA A 150 -31.29 49.67 -35.07
CA ALA A 150 -30.70 49.01 -36.23
C ALA A 150 -30.08 47.67 -35.84
N ALA A 151 -29.45 47.59 -34.66
CA ALA A 151 -28.74 46.38 -34.28
C ALA A 151 -29.73 45.25 -33.93
N ASP A 152 -30.78 45.62 -33.23
CA ASP A 152 -31.83 44.66 -32.82
C ASP A 152 -32.50 44.13 -34.08
N LYS A 153 -32.90 45.04 -34.98
CA LYS A 153 -33.52 44.71 -36.25
C LYS A 153 -32.61 43.80 -37.06
N LYS A 154 -31.30 44.10 -37.12
CA LYS A 154 -30.38 43.29 -37.91
C LYS A 154 -30.34 41.83 -37.42
N ALA A 155 -30.26 41.67 -36.10
CA ALA A 155 -30.21 40.33 -35.51
C ALA A 155 -31.53 39.59 -35.64
N PHE A 156 -32.64 40.30 -35.48
CA PHE A 156 -33.98 39.70 -35.63
C PHE A 156 -34.18 39.21 -37.05
N VAL A 157 -33.72 40.04 -38.02
CA VAL A 157 -33.72 39.59 -39.41
C VAL A 157 -32.93 38.31 -39.62
N GLU A 158 -31.74 38.17 -39.00
CA GLU A 158 -30.97 36.95 -39.18
C GLU A 158 -31.73 35.74 -38.63
N LEU A 159 -32.39 35.92 -37.50
CA LEU A 159 -33.20 34.85 -36.94
C LEU A 159 -34.33 34.46 -37.88
N MET A 160 -35.01 35.45 -38.45
CA MET A 160 -36.09 35.14 -39.37
C MET A 160 -35.58 34.49 -40.66
N LYS A 161 -34.37 34.85 -41.11
CA LYS A 161 -33.76 34.17 -42.24
C LYS A 161 -33.49 32.71 -41.92
N TYR A 162 -33.09 32.43 -40.67
CA TYR A 162 -32.83 31.06 -40.28
C TYR A 162 -34.14 30.28 -40.37
N LEU A 163 -35.24 30.87 -39.89
CA LEU A 163 -36.52 30.17 -39.97
C LEU A 163 -37.02 30.04 -41.40
N ALA A 164 -36.73 31.06 -42.22
CA ALA A 164 -37.15 30.99 -43.62
C ALA A 164 -36.48 29.79 -44.31
N LYS A 165 -35.20 29.60 -44.03
CA LYS A 165 -34.42 28.56 -44.69
C LYS A 165 -34.58 27.18 -44.04
N ARG A 166 -34.84 27.13 -42.72
N ARG A 166 -34.86 27.13 -42.73
CA ARG A 166 -34.69 25.91 -41.94
CA ARG A 166 -34.72 25.89 -41.99
C ARG A 166 -36.01 25.43 -41.30
C ARG A 166 -36.00 25.45 -41.28
N ASP A 167 -37.12 26.16 -41.52
CA ASP A 167 -38.40 25.78 -40.88
C ASP A 167 -39.57 25.94 -41.85
N LYS A 168 -39.45 25.20 -42.97
CA LYS A 168 -40.37 25.34 -44.09
C LYS A 168 -41.78 24.81 -43.76
N ASP A 169 -41.92 24.00 -42.70
CA ASP A 169 -43.22 23.45 -42.32
C ASP A 169 -43.77 24.24 -41.13
N HIS A 170 -43.07 25.29 -40.73
CA HIS A 170 -43.57 26.24 -39.73
C HIS A 170 -43.77 25.54 -38.38
N THR A 171 -42.75 24.84 -37.89
CA THR A 171 -42.74 24.36 -36.51
C THR A 171 -42.95 25.56 -35.60
N VAL A 172 -42.24 26.64 -35.89
CA VAL A 172 -42.48 27.93 -35.25
C VAL A 172 -43.69 28.62 -35.87
N ILE A 173 -44.74 28.87 -35.06
CA ILE A 173 -46.00 29.40 -35.56
C ILE A 173 -46.19 30.88 -35.24
N MET A 174 -45.42 31.45 -34.33
CA MET A 174 -45.57 32.84 -33.93
C MET A 174 -44.29 33.27 -33.23
N VAL A 175 -43.98 34.57 -33.28
CA VAL A 175 -42.82 35.10 -32.62
C VAL A 175 -43.24 36.28 -31.74
N GLN A 176 -42.77 36.30 -30.48
CA GLN A 176 -42.97 37.45 -29.60
C GLN A 176 -41.78 38.39 -29.75
N VAL A 177 -42.05 39.67 -30.00
CA VAL A 177 -41.01 40.65 -30.28
C VAL A 177 -40.76 41.38 -28.99
N GLN A 178 -39.56 41.18 -28.39
CA GLN A 178 -39.19 41.67 -27.08
C GLN A 178 -39.96 40.90 -26.03
N ASN A 179 -39.71 41.19 -24.75
CA ASN A 179 -40.49 40.62 -23.68
C ASN A 179 -40.77 41.67 -22.63
N GLU A 180 -42.03 42.03 -22.42
CA GLU A 180 -42.40 43.04 -21.44
C GLU A 180 -41.56 44.33 -21.58
N VAL A 181 -41.82 45.06 -22.66
CA VAL A 181 -41.11 46.33 -22.88
C VAL A 181 -41.61 47.36 -21.87
N GLY A 182 -40.81 48.45 -21.80
CA GLY A 182 -41.13 49.59 -21.00
C GLY A 182 -39.99 49.92 -20.04
N THR A 183 -40.31 50.80 -19.09
CA THR A 183 -39.34 51.29 -18.12
C THR A 183 -39.94 51.33 -16.74
N TYR A 184 -39.22 50.76 -15.77
CA TYR A 184 -39.52 50.94 -14.38
C TYR A 184 -38.64 52.08 -13.83
N GLY A 185 -39.22 52.91 -12.95
CA GLY A 185 -38.45 53.98 -12.29
C GLY A 185 -38.54 55.36 -12.95
N ALA A 186 -39.09 55.48 -14.15
CA ALA A 186 -39.26 56.75 -14.86
C ALA A 186 -40.39 56.57 -15.87
N VAL A 187 -41.01 57.65 -16.35
CA VAL A 187 -42.12 57.52 -17.29
C VAL A 187 -41.60 57.42 -18.72
N ARG A 188 -40.48 58.09 -19.02
CA ARG A 188 -39.92 58.13 -20.35
C ARG A 188 -38.44 58.48 -20.29
N ASP A 189 -37.79 58.51 -21.45
CA ASP A 189 -36.44 59.04 -21.57
C ASP A 189 -36.51 60.57 -21.50
N TYR A 190 -35.66 61.16 -20.66
CA TYR A 190 -35.51 62.62 -20.56
C TYR A 190 -34.09 63.06 -20.91
N SER A 191 -33.37 62.23 -21.68
CA SER A 191 -32.08 62.54 -22.25
C SER A 191 -32.24 63.75 -23.17
N PRO A 192 -31.15 64.47 -23.46
CA PRO A 192 -31.20 65.51 -24.49
C PRO A 192 -31.77 65.05 -25.83
N MET A 193 -31.37 63.85 -26.30
CA MET A 193 -31.90 63.32 -27.54
C MET A 193 -33.42 63.17 -27.46
N ALA A 194 -33.92 62.68 -26.33
CA ALA A 194 -35.35 62.45 -26.20
C ALA A 194 -36.10 63.78 -26.06
N GLN A 195 -35.49 64.74 -25.35
CA GLN A 195 -36.12 66.04 -25.14
C GLN A 195 -36.27 66.77 -26.46
N ALA A 196 -35.28 66.66 -27.34
CA ALA A 196 -35.39 67.27 -28.66
C ALA A 196 -36.60 66.74 -29.43
N VAL A 197 -36.96 65.46 -29.24
CA VAL A 197 -38.10 64.89 -29.93
C VAL A 197 -39.40 65.22 -29.19
N PHE A 198 -39.39 65.17 -27.88
CA PHE A 198 -40.56 65.46 -27.07
C PHE A 198 -41.03 66.91 -27.26
N ASN A 199 -40.06 67.85 -27.27
CA ASN A 199 -40.29 69.30 -27.32
C ASN A 199 -40.37 69.68 -28.79
N ALA A 200 -41.38 69.07 -29.43
CA ALA A 200 -41.53 69.10 -30.88
C ALA A 200 -42.88 68.49 -31.25
N ALA A 201 -43.26 68.68 -32.53
CA ALA A 201 -44.53 68.21 -33.08
C ALA A 201 -44.72 66.72 -32.87
N VAL A 202 -45.91 66.35 -32.38
CA VAL A 202 -46.44 65.00 -32.52
C VAL A 202 -46.49 64.64 -33.99
N PRO A 203 -46.03 63.45 -34.40
CA PRO A 203 -46.09 63.03 -35.81
C PRO A 203 -47.48 63.07 -36.42
N ASP A 204 -47.55 63.46 -37.71
CA ASP A 204 -48.79 63.64 -38.43
C ASP A 204 -49.65 62.38 -38.36
N ASP A 205 -49.04 61.21 -38.61
CA ASP A 205 -49.75 59.92 -38.62
C ASP A 205 -50.51 59.68 -37.30
N LEU A 206 -49.90 59.93 -36.14
CA LEU A 206 -50.60 59.68 -34.89
C LEU A 206 -51.75 60.66 -34.69
N ILE A 207 -51.52 61.94 -35.06
CA ILE A 207 -52.55 62.97 -35.01
C ILE A 207 -53.73 62.55 -35.89
N GLN A 208 -53.47 62.05 -37.11
CA GLN A 208 -54.54 61.65 -38.03
C GLN A 208 -55.33 60.46 -37.45
N LYS A 209 -54.65 59.43 -36.92
CA LYS A 209 -55.30 58.19 -36.49
C LYS A 209 -56.12 58.39 -35.20
N LEU A 210 -55.74 59.35 -34.35
CA LEU A 210 -56.49 59.59 -33.13
C LEU A 210 -57.44 60.79 -33.32
N GLN A 211 -57.44 61.38 -34.51
CA GLN A 211 -58.29 62.55 -34.78
C GLN A 211 -58.05 63.63 -33.71
N LEU A 212 -56.82 64.14 -33.59
CA LEU A 212 -56.51 65.21 -32.65
C LEU A 212 -56.05 66.43 -33.43
N LYS A 213 -55.84 67.56 -32.73
CA LYS A 213 -55.34 68.79 -33.34
C LYS A 213 -53.81 68.81 -33.31
N PRO A 214 -53.08 69.25 -34.38
CA PRO A 214 -51.62 69.26 -34.37
C PRO A 214 -51.04 70.02 -33.18
N GLY A 215 -49.79 69.71 -32.81
CA GLY A 215 -49.15 70.36 -31.68
C GLY A 215 -47.97 69.54 -31.19
N THR A 216 -47.33 70.05 -30.13
CA THR A 216 -46.27 69.34 -29.40
C THR A 216 -46.90 68.27 -28.53
N TRP A 217 -46.04 67.36 -28.03
CA TRP A 217 -46.53 66.28 -27.20
C TRP A 217 -47.30 66.82 -26.01
N SER A 218 -46.72 67.87 -25.37
N SER A 218 -46.74 67.88 -25.37
CA SER A 218 -47.29 68.53 -24.20
CA SER A 218 -47.34 68.48 -24.19
C SER A 218 -48.64 69.17 -24.50
C SER A 218 -48.68 69.16 -24.51
N GLN A 219 -48.75 69.79 -25.69
CA GLN A 219 -49.94 70.53 -26.10
C GLN A 219 -51.06 69.54 -26.41
N VAL A 220 -50.72 68.55 -27.23
CA VAL A 220 -51.69 67.58 -27.69
C VAL A 220 -52.18 66.73 -26.52
N PHE A 221 -51.27 66.22 -25.66
CA PHE A 221 -51.67 65.19 -24.70
C PHE A 221 -51.72 65.64 -23.25
N GLY A 222 -51.20 66.84 -22.92
CA GLY A 222 -51.28 67.30 -21.54
C GLY A 222 -50.58 66.38 -20.54
N ARG A 223 -51.24 66.02 -19.44
CA ARG A 223 -50.61 65.30 -18.35
C ARG A 223 -50.25 63.85 -18.75
N ASP A 224 -50.72 63.39 -19.91
CA ASP A 224 -50.43 62.06 -20.44
C ASP A 224 -49.22 62.09 -21.37
N ALA A 225 -48.68 63.27 -21.66
CA ALA A 225 -47.69 63.40 -22.71
C ALA A 225 -46.51 62.44 -22.50
N ASP A 226 -45.97 62.41 -21.29
CA ASP A 226 -44.71 61.73 -20.99
C ASP A 226 -44.89 60.24 -21.27
N GLU A 227 -45.97 59.70 -20.74
CA GLU A 227 -46.26 58.24 -20.87
C GLU A 227 -46.60 57.87 -22.31
N PHE A 228 -47.42 58.70 -22.97
CA PHE A 228 -47.83 58.43 -24.32
C PHE A 228 -46.68 58.54 -25.28
N PHE A 229 -45.73 59.47 -24.97
CA PHE A 229 -44.50 59.61 -25.71
C PHE A 229 -43.74 58.29 -25.63
N HIS A 230 -43.59 57.78 -24.42
CA HIS A 230 -42.76 56.58 -24.24
C HIS A 230 -43.42 55.38 -24.95
N ALA A 231 -44.72 55.24 -24.79
CA ALA A 231 -45.49 54.21 -25.47
C ALA A 231 -45.39 54.30 -26.99
N TYR A 232 -45.52 55.54 -27.55
CA TYR A 232 -45.38 55.71 -28.97
C TYR A 232 -44.00 55.33 -29.48
N GLN A 233 -42.94 55.81 -28.81
CA GLN A 233 -41.62 55.54 -29.33
C GLN A 233 -41.26 54.05 -29.21
N ILE A 234 -41.70 53.39 -28.14
CA ILE A 234 -41.46 51.94 -28.01
C ILE A 234 -42.28 51.16 -29.04
N ALA A 235 -43.53 51.60 -29.27
CA ALA A 235 -44.37 50.95 -30.28
C ALA A 235 -43.74 51.05 -31.67
N ARG A 236 -43.21 52.25 -32.00
CA ARG A 236 -42.57 52.41 -33.30
C ARG A 236 -41.35 51.53 -33.41
N TYR A 237 -40.53 51.47 -32.33
CA TYR A 237 -39.36 50.62 -32.32
C TYR A 237 -39.76 49.18 -32.63
N CYS A 238 -40.76 48.71 -31.87
CA CYS A 238 -41.20 47.31 -32.00
C CYS A 238 -41.83 47.04 -33.37
N ASP A 239 -42.54 48.00 -33.96
CA ASP A 239 -43.12 47.84 -35.28
C ASP A 239 -42.05 47.74 -36.37
N GLU A 240 -40.97 48.56 -36.25
CA GLU A 240 -39.91 48.49 -37.23
C GLU A 240 -39.19 47.15 -37.19
N VAL A 241 -38.94 46.60 -35.97
CA VAL A 241 -38.32 45.31 -35.88
C VAL A 241 -39.23 44.26 -36.55
N THR A 242 -40.50 44.34 -36.17
CA THR A 242 -41.54 43.44 -36.65
C THR A 242 -41.60 43.46 -38.17
N VAL A 243 -41.66 44.66 -38.77
CA VAL A 243 -41.78 44.78 -40.23
C VAL A 243 -40.59 44.14 -40.93
N ALA A 244 -39.39 44.40 -40.38
CA ALA A 244 -38.15 43.91 -40.96
C ALA A 244 -38.15 42.39 -40.98
N GLY A 245 -38.60 41.81 -39.83
CA GLY A 245 -38.65 40.37 -39.71
C GLY A 245 -39.69 39.73 -40.63
N LYS A 246 -40.88 40.33 -40.69
CA LYS A 246 -41.97 39.82 -41.51
C LYS A 246 -41.61 39.87 -42.99
N ALA A 247 -40.72 40.81 -43.36
CA ALA A 247 -40.31 40.90 -44.75
C ALA A 247 -39.49 39.68 -45.15
N ILE A 248 -38.86 38.99 -44.18
CA ILE A 248 -38.14 37.76 -44.44
C ILE A 248 -39.13 36.60 -44.43
N LYS A 249 -39.91 36.52 -43.34
CA LYS A 249 -40.90 35.45 -43.21
C LYS A 249 -42.07 36.02 -42.42
N ASN A 250 -43.25 35.99 -43.06
CA ASN A 250 -44.40 36.73 -42.54
C ASN A 250 -45.23 35.90 -41.53
N LEU A 251 -44.55 35.49 -40.46
CA LEU A 251 -45.21 34.84 -39.32
C LEU A 251 -45.99 35.84 -38.53
N PRO A 252 -47.03 35.40 -37.79
CA PRO A 252 -47.66 36.27 -36.80
C PRO A 252 -46.67 36.68 -35.73
N MET A 253 -46.77 37.94 -35.30
CA MET A 253 -45.84 38.43 -34.28
C MET A 253 -46.61 39.31 -33.32
N TYR A 254 -46.23 39.25 -32.04
CA TYR A 254 -47.01 39.92 -31.02
C TYR A 254 -46.08 40.48 -29.93
N VAL A 255 -46.63 41.33 -29.07
CA VAL A 255 -45.95 41.80 -27.89
C VAL A 255 -46.74 41.45 -26.65
N ASN A 256 -46.04 41.21 -25.53
CA ASN A 256 -46.63 40.82 -24.25
C ASN A 256 -46.45 41.91 -23.19
N VAL A 257 -47.51 42.14 -22.41
CA VAL A 257 -47.56 43.32 -21.57
C VAL A 257 -47.40 42.97 -20.08
N ALA A 258 -46.45 43.69 -19.43
CA ALA A 258 -46.40 43.75 -17.97
C ALA A 258 -47.55 44.65 -17.51
N LEU A 259 -48.63 44.03 -17.05
CA LEU A 259 -49.88 44.75 -16.86
C LEU A 259 -49.77 45.73 -15.70
N ARG A 260 -50.47 46.84 -15.84
CA ARG A 260 -50.84 47.65 -14.67
C ARG A 260 -52.13 47.07 -14.11
N ASN A 261 -52.38 47.26 -12.82
CA ASN A 261 -53.63 46.84 -12.23
C ASN A 261 -54.78 47.67 -12.85
N PRO A 262 -55.84 47.03 -13.38
CA PRO A 262 -56.83 47.75 -14.19
C PRO A 262 -57.75 48.64 -13.34
N PHE A 263 -57.88 48.33 -12.07
CA PHE A 263 -58.76 49.11 -11.18
C PHE A 263 -57.95 50.24 -10.56
N ASN A 264 -56.77 49.91 -10.02
CA ASN A 264 -55.97 50.90 -9.30
C ASN A 264 -54.53 50.78 -9.76
N PRO A 265 -54.18 51.40 -10.90
CA PRO A 265 -52.86 51.17 -11.50
C PRO A 265 -51.65 51.74 -10.77
N GLY A 266 -51.85 52.78 -9.96
CA GLY A 266 -50.71 53.62 -9.61
C GLY A 266 -50.14 54.40 -10.80
N LEU A 267 -48.87 54.86 -10.69
CA LEU A 267 -48.32 55.74 -11.69
C LEU A 267 -47.41 54.98 -12.65
N PRO A 268 -47.30 55.47 -13.91
CA PRO A 268 -46.32 54.93 -14.85
C PRO A 268 -44.92 55.08 -14.26
N GLY A 269 -44.10 54.02 -14.37
CA GLY A 269 -42.79 53.99 -13.74
C GLY A 269 -42.83 53.06 -12.54
N GLN A 270 -43.97 53.06 -11.85
CA GLN A 270 -44.23 52.06 -10.84
C GLN A 270 -44.63 50.77 -11.54
N TYR A 271 -45.61 50.87 -12.45
CA TYR A 271 -45.82 49.85 -13.45
C TYR A 271 -44.86 50.17 -14.59
N SER A 272 -44.65 49.20 -15.48
CA SER A 272 -43.76 49.36 -16.59
C SER A 272 -44.32 50.35 -17.60
N SER A 273 -43.79 51.59 -17.60
CA SER A 273 -44.27 52.61 -18.50
C SER A 273 -43.89 52.31 -19.93
N GLY A 274 -44.87 52.52 -20.83
CA GLY A 274 -44.61 52.53 -22.25
C GLY A 274 -45.02 51.21 -22.92
N GLY A 275 -45.21 50.16 -22.10
CA GLY A 275 -45.74 48.91 -22.64
C GLY A 275 -47.20 49.10 -22.99
N GLY A 276 -47.80 48.06 -23.59
CA GLY A 276 -49.20 48.09 -24.01
C GLY A 276 -50.21 47.96 -22.88
N THR A 277 -50.11 48.83 -21.86
CA THR A 277 -51.05 48.90 -20.77
C THR A 277 -52.37 49.45 -21.29
N ASP A 278 -53.42 49.19 -20.52
CA ASP A 278 -54.78 49.36 -21.02
C ASP A 278 -55.03 50.83 -21.43
N ASN A 279 -54.33 51.79 -20.82
CA ASN A 279 -54.56 53.20 -21.10
C ASN A 279 -53.81 53.66 -22.37
N VAL A 280 -52.90 52.85 -22.93
CA VAL A 280 -52.19 53.27 -24.13
C VAL A 280 -52.41 52.29 -25.28
N LEU A 281 -53.41 51.40 -25.17
CA LEU A 281 -53.68 50.49 -26.28
C LEU A 281 -54.03 51.27 -27.55
N HIS A 282 -54.67 52.46 -27.41
CA HIS A 282 -54.94 53.27 -28.61
C HIS A 282 -53.66 53.77 -29.27
N ILE A 283 -52.64 54.12 -28.46
CA ILE A 283 -51.39 54.57 -29.00
C ILE A 283 -50.69 53.44 -29.73
N TRP A 284 -50.62 52.28 -29.02
CA TRP A 284 -49.98 51.10 -29.60
C TRP A 284 -50.63 50.68 -30.90
N LYS A 285 -51.96 50.69 -30.95
CA LYS A 285 -52.63 50.27 -32.17
C LYS A 285 -52.41 51.25 -33.33
N ALA A 286 -52.33 52.54 -33.01
CA ALA A 286 -52.05 53.57 -34.00
C ALA A 286 -50.59 53.53 -34.48
N ALA A 287 -49.63 53.31 -33.56
CA ALA A 287 -48.20 53.39 -33.87
C ALA A 287 -47.64 52.11 -34.47
N ALA A 288 -48.25 50.94 -34.15
CA ALA A 288 -47.65 49.68 -34.55
C ALA A 288 -48.66 48.80 -35.29
N PRO A 289 -49.05 49.20 -36.51
CA PRO A 289 -50.05 48.44 -37.24
C PRO A 289 -49.57 47.10 -37.79
N ASN A 290 -48.28 46.81 -37.73
CA ASN A 290 -47.77 45.56 -38.23
C ASN A 290 -47.68 44.51 -37.12
N ILE A 291 -47.91 44.93 -35.86
CA ILE A 291 -47.89 43.99 -34.74
C ILE A 291 -49.27 43.36 -34.68
N ASP A 292 -49.36 42.02 -34.64
CA ASP A 292 -50.64 41.35 -34.87
C ASP A 292 -51.58 41.50 -33.67
N LEU A 293 -51.05 41.33 -32.45
CA LEU A 293 -51.86 41.48 -31.24
C LEU A 293 -50.98 41.91 -30.05
N ILE A 294 -51.65 42.43 -29.00
CA ILE A 294 -51.04 42.81 -27.75
C ILE A 294 -51.60 41.89 -26.67
N ALA A 295 -50.70 41.09 -26.09
CA ALA A 295 -51.09 39.97 -25.25
C ALA A 295 -50.87 40.30 -23.79
N PRO A 296 -51.86 40.10 -22.91
CA PRO A 296 -51.69 40.31 -21.47
C PRO A 296 -50.93 39.20 -20.77
N ASP A 297 -50.05 39.58 -19.83
CA ASP A 297 -49.35 38.66 -18.96
C ASP A 297 -50.01 38.73 -17.59
N ILE A 298 -50.60 37.63 -17.12
CA ILE A 298 -51.49 37.70 -15.97
C ILE A 298 -50.89 36.98 -14.75
N TYR A 299 -50.62 37.74 -13.70
CA TYR A 299 -50.23 37.15 -12.42
C TYR A 299 -51.15 37.60 -11.28
N PHE A 300 -52.21 38.34 -11.63
CA PHE A 300 -53.29 38.51 -10.66
C PHE A 300 -54.00 37.18 -10.48
N ARG A 301 -54.31 36.82 -9.24
CA ARG A 301 -54.89 35.52 -8.92
CA ARG A 301 -54.88 35.53 -8.91
C ARG A 301 -56.40 35.59 -8.84
N ASP A 302 -56.94 36.79 -8.54
CA ASP A 302 -58.34 36.90 -8.17
C ASP A 302 -59.23 37.12 -9.40
N TYR A 303 -60.34 36.39 -9.37
CA TYR A 303 -61.32 36.34 -10.43
C TYR A 303 -61.68 37.72 -10.99
N LYS A 304 -62.07 38.67 -10.13
CA LYS A 304 -62.52 39.95 -10.65
C LYS A 304 -61.46 40.69 -11.48
N THR A 305 -60.19 40.68 -11.03
CA THR A 305 -59.16 41.39 -11.78
C THR A 305 -58.82 40.65 -13.08
N VAL A 306 -58.65 39.34 -12.95
CA VAL A 306 -58.37 38.56 -14.15
C VAL A 306 -59.47 38.79 -15.17
N SER A 307 -60.74 38.75 -14.74
CA SER A 307 -61.85 38.92 -15.66
C SER A 307 -61.80 40.27 -16.36
N LYS A 308 -61.45 41.34 -15.62
CA LYS A 308 -61.33 42.70 -16.16
C LYS A 308 -60.21 42.75 -17.20
N VAL A 309 -59.06 42.13 -16.90
CA VAL A 309 -58.00 42.06 -17.89
C VAL A 309 -58.46 41.37 -19.18
N LEU A 310 -59.12 40.22 -19.06
CA LEU A 310 -59.58 39.53 -20.25
C LEU A 310 -60.55 40.41 -21.04
N GLU A 311 -61.38 41.18 -20.33
CA GLU A 311 -62.29 42.11 -21.01
C GLU A 311 -61.54 43.21 -21.76
N LEU A 312 -60.55 43.86 -21.13
CA LEU A 312 -59.86 44.99 -21.73
C LEU A 312 -59.07 44.56 -22.95
N TYR A 313 -58.49 43.34 -22.94
CA TYR A 313 -57.59 42.95 -24.00
C TYR A 313 -58.28 42.19 -25.14
N THR A 314 -59.56 41.84 -24.95
CA THR A 314 -60.37 41.26 -26.00
C THR A 314 -61.17 42.38 -26.68
N ARG A 315 -60.79 42.70 -27.91
CA ARG A 315 -61.34 43.86 -28.63
C ARG A 315 -61.52 43.47 -30.09
N PRO A 316 -62.40 44.16 -30.86
CA PRO A 316 -62.47 43.90 -32.28
C PRO A 316 -61.14 44.00 -33.00
N ASP A 317 -60.24 44.87 -32.51
CA ASP A 317 -58.91 45.06 -33.08
C ASP A 317 -57.79 44.25 -32.38
N ASN A 318 -58.13 43.31 -31.50
CA ASN A 318 -57.09 42.65 -30.67
C ASN A 318 -57.57 41.24 -30.28
N ALA A 319 -56.97 40.23 -30.92
CA ALA A 319 -57.18 38.84 -30.54
C ALA A 319 -56.65 38.66 -29.12
N LEU A 320 -57.30 37.83 -28.34
CA LEU A 320 -56.93 37.53 -26.96
C LEU A 320 -55.95 36.35 -26.95
N PHE A 321 -54.75 36.61 -26.44
CA PHE A 321 -53.77 35.57 -26.21
C PHE A 321 -53.20 35.80 -24.82
N VAL A 322 -53.39 34.82 -23.94
CA VAL A 322 -52.83 34.89 -22.58
C VAL A 322 -51.39 34.39 -22.64
N ALA A 323 -50.44 35.32 -22.84
CA ALA A 323 -49.10 34.94 -23.25
C ALA A 323 -48.24 34.51 -22.06
N GLU A 324 -48.72 34.81 -20.86
CA GLU A 324 -48.06 34.38 -19.63
C GLU A 324 -49.16 34.37 -18.58
N ILE A 325 -49.18 33.31 -17.77
CA ILE A 325 -50.07 33.26 -16.64
C ILE A 325 -49.38 32.43 -15.58
N GLY A 326 -49.70 32.62 -14.31
CA GLY A 326 -49.11 31.80 -13.27
C GLY A 326 -49.43 30.32 -13.37
N ASN A 327 -48.57 29.53 -12.70
CA ASN A 327 -48.71 28.09 -12.75
C ASN A 327 -49.20 27.51 -11.43
N ASP A 328 -49.61 28.38 -10.50
CA ASP A 328 -50.24 27.88 -9.31
C ASP A 328 -51.68 27.45 -9.63
N GLN A 329 -52.22 26.64 -8.75
CA GLN A 329 -53.52 26.00 -8.98
C GLN A 329 -54.61 27.00 -9.34
N PRO A 330 -54.77 28.19 -8.68
CA PRO A 330 -55.90 29.06 -8.99
C PRO A 330 -56.01 29.52 -10.43
N PHE A 331 -54.88 29.50 -11.15
CA PHE A 331 -54.84 30.04 -12.51
C PHE A 331 -55.41 29.11 -13.58
N ALA A 332 -55.46 27.80 -13.33
CA ALA A 332 -55.83 26.84 -14.35
C ALA A 332 -57.24 27.11 -14.90
N ARG A 333 -58.17 27.52 -14.01
CA ARG A 333 -59.54 27.65 -14.44
C ARG A 333 -59.73 28.84 -15.35
N TYR A 334 -58.73 29.76 -15.46
CA TYR A 334 -58.89 30.89 -16.35
C TYR A 334 -58.75 30.49 -17.82
N LEU A 335 -58.40 29.23 -18.10
CA LEU A 335 -58.47 28.76 -19.47
C LEU A 335 -59.90 28.91 -20.01
N PHE A 336 -60.90 28.68 -19.15
CA PHE A 336 -62.27 28.60 -19.64
C PHE A 336 -62.77 29.96 -20.13
N PRO A 337 -62.67 31.07 -19.36
CA PRO A 337 -63.10 32.37 -19.87
C PRO A 337 -62.20 32.86 -21.00
N THR A 338 -60.91 32.50 -20.95
CA THR A 338 -60.04 32.85 -22.09
C THR A 338 -60.62 32.32 -23.39
N LEU A 339 -60.91 31.00 -23.45
CA LEU A 339 -61.44 30.39 -24.65
C LEU A 339 -62.86 30.88 -24.95
N GLY A 340 -63.68 31.12 -23.92
CA GLY A 340 -65.01 31.66 -24.11
C GLY A 340 -65.06 33.07 -24.71
N LYS A 341 -63.99 33.88 -24.56
CA LYS A 341 -63.86 35.18 -25.20
C LYS A 341 -63.38 35.06 -26.64
N GLY A 342 -63.18 33.83 -27.12
CA GLY A 342 -62.58 33.58 -28.42
C GLY A 342 -61.06 33.70 -28.43
N GLY A 343 -60.46 33.49 -27.26
CA GLY A 343 -59.01 33.53 -27.16
C GLY A 343 -58.35 32.45 -27.99
N ILE A 344 -57.18 32.80 -28.54
CA ILE A 344 -56.42 31.90 -29.37
C ILE A 344 -55.43 31.06 -28.60
N GLY A 345 -55.19 31.37 -27.34
CA GLY A 345 -54.25 30.57 -26.57
C GLY A 345 -54.04 31.06 -25.16
N PHE A 346 -53.25 30.24 -24.45
CA PHE A 346 -53.06 30.31 -23.00
C PHE A 346 -51.72 29.65 -22.69
N SER A 347 -50.83 30.33 -21.96
CA SER A 347 -49.48 29.85 -21.78
C SER A 347 -48.98 30.04 -20.34
N PRO A 348 -49.21 29.06 -19.48
CA PRO A 348 -48.68 29.07 -18.12
C PRO A 348 -47.16 29.08 -18.07
N PHE A 349 -46.62 29.90 -17.16
CA PHE A 349 -45.22 30.18 -17.09
C PHE A 349 -44.54 29.27 -16.07
N GLY A 350 -43.30 28.89 -16.39
CA GLY A 350 -42.47 28.19 -15.42
C GLY A 350 -42.69 26.68 -15.45
N MET A 351 -43.10 26.14 -16.59
CA MET A 351 -43.40 24.73 -16.74
C MET A 351 -42.15 23.94 -17.15
N ASP A 352 -41.17 23.90 -16.26
CA ASP A 352 -40.01 23.04 -16.43
C ASP A 352 -39.36 22.74 -15.11
N ASP A 353 -38.43 21.76 -15.11
CA ASP A 353 -37.84 21.22 -13.89
C ASP A 353 -36.41 21.74 -13.72
N THR A 354 -36.17 23.04 -13.97
CA THR A 354 -34.83 23.60 -13.93
C THR A 354 -34.51 24.20 -12.56
N ASP A 355 -35.22 23.80 -11.51
CA ASP A 355 -34.90 24.15 -10.13
C ASP A 355 -35.06 25.65 -9.93
N TYR A 356 -36.24 26.15 -10.30
CA TYR A 356 -36.55 27.53 -10.04
C TYR A 356 -38.07 27.67 -9.87
N THR A 357 -38.46 28.45 -8.86
CA THR A 357 -39.85 28.87 -8.74
C THR A 357 -39.89 30.36 -8.47
N ASN A 358 -40.83 31.08 -9.15
CA ASN A 358 -41.03 32.50 -8.92
C ASN A 358 -42.09 32.75 -7.84
N TYR A 359 -42.46 31.71 -7.08
CA TYR A 359 -43.25 31.95 -5.87
C TYR A 359 -42.70 33.19 -5.17
N PRO A 360 -43.53 34.17 -4.73
CA PRO A 360 -44.97 34.03 -4.61
C PRO A 360 -45.85 34.33 -5.83
N LEU A 361 -45.27 34.56 -7.02
CA LEU A 361 -46.06 34.74 -8.23
C LEU A 361 -46.71 33.40 -8.59
N GLY A 362 -45.89 32.38 -8.80
CA GLY A 362 -46.35 31.05 -9.17
C GLY A 362 -46.38 30.05 -8.01
N ALA A 363 -46.35 28.76 -8.35
CA ALA A 363 -46.46 27.69 -7.38
C ALA A 363 -45.22 27.62 -6.50
N LYS A 364 -45.45 27.41 -5.22
CA LYS A 364 -44.37 27.29 -4.26
C LYS A 364 -43.55 26.02 -4.51
N VAL A 365 -44.24 24.95 -4.92
N VAL A 365 -44.19 24.93 -4.94
CA VAL A 365 -43.63 23.67 -5.25
CA VAL A 365 -43.45 23.72 -5.25
C VAL A 365 -43.93 23.37 -6.72
C VAL A 365 -43.91 23.20 -6.61
N TYR A 366 -42.92 22.95 -7.46
CA TYR A 366 -43.13 22.44 -8.80
C TYR A 366 -43.01 20.93 -8.80
N ASN A 367 -44.14 20.27 -8.99
CA ASN A 367 -44.14 18.81 -9.05
C ASN A 367 -45.27 18.32 -9.93
N ASP A 368 -45.43 17.00 -9.98
CA ASP A 368 -46.42 16.44 -10.86
C ASP A 368 -47.82 16.98 -10.56
N GLU A 369 -48.11 17.22 -9.28
CA GLU A 369 -49.43 17.76 -8.94
C GLU A 369 -49.63 19.18 -9.50
N THR A 370 -48.57 20.00 -9.48
CA THR A 370 -48.63 21.31 -10.08
C THR A 370 -49.05 21.19 -11.54
N ILE A 371 -48.35 20.31 -12.31
CA ILE A 371 -48.64 20.17 -13.73
C ILE A 371 -50.05 19.62 -13.95
N GLU A 372 -50.45 18.68 -13.09
CA GLU A 372 -51.73 18.01 -13.29
C GLU A 372 -52.91 18.99 -13.24
N GLN A 373 -52.81 20.13 -12.54
CA GLN A 373 -53.95 21.04 -12.47
C GLN A 373 -54.21 21.61 -13.86
N PHE A 374 -53.17 21.80 -14.67
CA PHE A 374 -53.32 22.25 -16.03
C PHE A 374 -53.61 21.09 -16.99
N ALA A 375 -53.00 19.92 -16.81
CA ALA A 375 -53.31 18.77 -17.62
C ALA A 375 -54.80 18.47 -17.59
N GLN A 376 -55.41 18.61 -16.40
CA GLN A 376 -56.81 18.23 -16.33
C GLN A 376 -57.71 19.15 -17.16
N VAL A 377 -57.39 20.45 -17.26
CA VAL A 377 -58.21 21.33 -18.07
C VAL A 377 -57.84 21.19 -19.56
N TYR A 378 -56.55 20.98 -19.86
CA TYR A 378 -56.15 20.80 -21.27
C TYR A 378 -56.77 19.54 -21.89
N ARG A 379 -57.02 18.55 -21.06
CA ARG A 379 -57.67 17.30 -21.48
C ARG A 379 -59.10 17.52 -21.94
N LEU A 380 -59.74 18.62 -21.54
CA LEU A 380 -61.09 18.91 -22.01
C LEU A 380 -61.08 19.45 -23.42
N VAL A 381 -59.98 20.15 -23.78
CA VAL A 381 -59.91 20.88 -25.03
C VAL A 381 -59.16 20.11 -26.12
N ASN A 382 -58.08 19.42 -25.77
CA ASN A 382 -57.29 18.69 -26.75
C ASN A 382 -58.18 17.84 -27.65
N PRO A 383 -59.13 17.03 -27.13
CA PRO A 383 -59.90 16.14 -28.01
C PRO A 383 -60.76 16.86 -29.04
N MET A 384 -61.03 18.16 -28.85
CA MET A 384 -61.84 18.92 -29.78
C MET A 384 -61.12 20.18 -30.28
N MET A 385 -59.78 20.18 -30.24
CA MET A 385 -59.11 21.48 -30.38
C MET A 385 -59.46 22.19 -31.69
N ARG A 386 -59.37 21.46 -32.79
CA ARG A 386 -59.62 22.07 -34.11
C ARG A 386 -61.08 22.44 -34.29
N GLU A 387 -62.00 21.62 -33.76
CA GLU A 387 -63.42 21.89 -33.87
C GLU A 387 -63.78 23.11 -33.04
N TRP A 388 -63.26 23.17 -31.81
CA TRP A 388 -63.50 24.33 -30.96
C TRP A 388 -62.98 25.62 -31.61
N ALA A 389 -61.76 25.53 -32.14
CA ALA A 389 -61.12 26.69 -32.75
C ALA A 389 -61.96 27.25 -33.90
N ARG A 390 -62.52 26.34 -34.71
N ARG A 390 -62.54 26.36 -34.69
CA ARG A 390 -63.38 26.73 -35.82
CA ARG A 390 -63.37 26.81 -35.80
C ARG A 390 -64.66 27.39 -35.29
C ARG A 390 -64.65 27.43 -35.26
N LEU A 391 -65.29 26.80 -34.27
CA LEU A 391 -66.50 27.35 -33.70
C LEU A 391 -66.29 28.71 -33.06
N SER A 392 -65.13 28.89 -32.42
CA SER A 392 -64.81 30.15 -31.77
C SER A 392 -64.75 31.28 -32.81
N TYR A 393 -64.13 30.98 -33.95
CA TYR A 393 -63.96 32.00 -34.97
C TYR A 393 -65.28 32.28 -35.73
N GLN A 394 -65.99 31.20 -36.11
CA GLN A 394 -67.03 31.19 -37.14
C GLN A 394 -68.41 31.18 -36.52
N GLY A 395 -68.45 30.96 -35.21
CA GLY A 395 -69.71 30.77 -34.53
C GLY A 395 -69.75 31.42 -33.15
N GLN A 396 -70.46 30.71 -32.26
CA GLN A 396 -70.85 31.24 -30.98
C GLN A 396 -70.29 30.27 -29.94
N VAL A 397 -69.39 30.80 -29.12
CA VAL A 397 -68.89 30.09 -27.95
C VAL A 397 -69.03 30.92 -26.68
N TRP A 398 -68.95 30.19 -25.55
CA TRP A 398 -69.03 30.75 -24.21
C TRP A 398 -68.09 29.95 -23.31
N GLY A 399 -67.60 30.62 -22.29
CA GLY A 399 -66.79 29.97 -21.30
C GLY A 399 -66.76 30.72 -20.00
N VAL A 400 -66.83 29.99 -18.89
CA VAL A 400 -66.92 30.58 -17.58
C VAL A 400 -66.02 29.81 -16.63
N ALA A 401 -65.53 30.55 -15.61
CA ALA A 401 -64.80 29.97 -14.49
C ALA A 401 -65.53 30.20 -13.17
N GLU A 402 -65.20 29.40 -12.19
CA GLU A 402 -65.76 29.52 -10.84
C GLU A 402 -65.43 30.93 -10.30
N PRO A 403 -66.45 31.76 -9.97
CA PRO A 403 -66.25 33.19 -9.79
C PRO A 403 -65.94 33.66 -8.39
N LEU A 404 -65.87 32.74 -7.43
CA LEU A 404 -65.33 33.08 -6.12
C LEU A 404 -63.98 32.41 -5.96
N ASP A 405 -63.01 33.17 -5.45
CA ASP A 405 -61.72 32.61 -5.12
C ASP A 405 -61.84 31.74 -3.88
N SER A 406 -60.81 30.92 -3.64
CA SER A 406 -60.74 30.13 -2.41
C SER A 406 -60.85 31.02 -1.17
N THR A 407 -61.56 30.50 -0.17
CA THR A 407 -61.79 31.19 1.09
C THR A 407 -60.46 31.42 1.78
N THR A 408 -60.24 32.65 2.29
CA THR A 408 -58.96 33.08 2.85
C THR A 408 -58.92 32.90 4.38
N GLN A 411 -61.30 35.40 5.62
CA GLN A 411 -62.75 35.05 5.48
C GLN A 411 -63.14 34.02 6.54
N LYS A 412 -62.23 33.08 6.84
CA LYS A 412 -62.55 31.99 7.74
C LYS A 412 -62.59 32.49 9.19
N ILE A 413 -61.98 33.67 9.45
CA ILE A 413 -62.11 34.34 10.74
C ILE A 413 -63.56 34.78 10.93
N TRP A 414 -64.12 35.51 9.96
CA TRP A 414 -65.48 36.03 10.06
C TRP A 414 -66.49 34.88 10.08
N ASN A 415 -66.20 33.80 9.36
CA ASN A 415 -67.14 32.70 9.31
C ASN A 415 -67.18 32.01 10.67
N ALA A 416 -66.12 32.18 11.45
CA ALA A 416 -66.03 31.53 12.76
C ALA A 416 -66.85 32.33 13.77
N GLU A 417 -66.58 33.64 13.80
CA GLU A 417 -67.38 34.60 14.55
C GLU A 417 -68.60 34.98 13.70
N ALA A 418 -69.69 34.22 13.83
CA ALA A 418 -70.85 34.43 12.98
C ALA A 418 -72.08 33.76 13.59
N THR A 419 -73.17 34.54 13.64
CA THR A 419 -74.45 34.07 14.13
C THR A 419 -75.05 33.08 13.13
N PRO A 420 -75.82 32.08 13.59
CA PRO A 420 -76.47 31.15 12.66
C PRO A 420 -77.62 31.87 11.94
N GLU A 421 -77.50 33.20 11.83
CA GLU A 421 -78.30 33.99 10.93
C GLU A 421 -77.37 34.64 9.90
N GLU A 422 -76.21 35.12 10.36
CA GLU A 422 -75.26 35.70 9.43
C GLU A 422 -74.75 34.59 8.51
N LYS A 423 -74.65 33.37 9.05
CA LYS A 423 -74.09 32.23 8.35
C LYS A 423 -75.01 31.79 7.22
N GLU A 424 -76.29 31.51 7.52
CA GLU A 424 -77.25 31.07 6.52
C GLU A 424 -77.42 32.16 5.45
N GLN A 425 -77.31 33.43 5.86
CA GLN A 425 -77.28 34.52 4.89
C GLN A 425 -76.04 34.38 3.97
N HIS A 426 -74.90 34.03 4.59
CA HIS A 426 -73.64 33.95 3.90
C HIS A 426 -73.67 32.80 2.88
N LYS A 427 -74.19 31.63 3.26
CA LYS A 427 -74.33 30.50 2.35
C LYS A 427 -75.28 30.81 1.19
N LYS A 428 -76.35 31.57 1.44
CA LYS A 428 -77.26 31.98 0.38
C LYS A 428 -76.53 32.92 -0.59
N ASP A 429 -75.71 33.85 -0.06
CA ASP A 429 -75.05 34.84 -0.90
C ASP A 429 -74.02 34.11 -1.76
N ARG A 430 -73.30 33.15 -1.14
CA ARG A 430 -72.29 32.37 -1.85
C ARG A 430 -72.97 31.52 -2.94
N ALA A 431 -74.10 30.87 -2.64
CA ALA A 431 -74.80 30.08 -3.63
C ALA A 431 -75.19 30.93 -4.83
N SER A 432 -75.72 32.14 -4.59
CA SER A 432 -76.07 33.04 -5.67
C SER A 432 -74.83 33.45 -6.48
N ALA A 433 -73.69 33.71 -5.81
CA ALA A 433 -72.50 34.17 -6.50
C ALA A 433 -71.93 33.02 -7.33
N LEU A 434 -72.15 31.79 -6.85
CA LEU A 434 -71.63 30.59 -7.56
C LEU A 434 -72.61 30.02 -8.58
N THR A 435 -73.53 30.85 -9.08
CA THR A 435 -74.52 30.53 -10.09
C THR A 435 -74.39 31.55 -11.21
N GLN A 436 -74.00 31.08 -12.40
CA GLN A 436 -73.82 31.92 -13.57
C GLN A 436 -74.87 31.58 -14.60
N GLN A 437 -75.38 32.61 -15.30
CA GLN A 437 -76.34 32.47 -16.39
C GLN A 437 -75.68 32.81 -17.70
N LEU A 438 -75.94 32.00 -18.75
CA LEU A 438 -75.49 32.28 -20.09
C LEU A 438 -76.69 32.25 -21.02
N ASP A 439 -76.74 33.24 -21.92
CA ASP A 439 -77.79 33.36 -22.92
C ASP A 439 -77.32 32.71 -24.22
N LEU A 440 -77.86 31.53 -24.52
CA LEU A 440 -77.40 30.78 -25.70
C LEU A 440 -78.41 30.85 -26.85
N GLY A 441 -79.27 31.87 -26.85
CA GLY A 441 -80.21 32.05 -27.95
C GLY A 441 -81.63 31.65 -27.53
N LEU A 442 -82.08 30.49 -28.03
CA LEU A 442 -83.37 29.96 -27.58
C LEU A 442 -83.31 29.35 -26.18
N TRP A 443 -82.08 29.03 -25.73
CA TRP A 443 -81.84 28.26 -24.52
C TRP A 443 -80.85 29.04 -23.68
N ASP A 444 -81.00 28.93 -22.37
CA ASP A 444 -80.01 29.45 -21.44
C ASP A 444 -79.33 28.28 -20.77
N ALA A 445 -78.10 28.51 -20.29
CA ALA A 445 -77.44 27.59 -19.39
C ALA A 445 -77.20 28.26 -18.05
N GLU A 446 -77.39 27.49 -16.99
CA GLU A 446 -76.98 27.88 -15.67
C GLU A 446 -75.85 27.00 -15.20
N VAL A 447 -74.74 27.63 -14.80
CA VAL A 447 -73.55 26.91 -14.34
C VAL A 447 -73.39 27.15 -12.84
N THR A 448 -73.24 26.05 -12.06
CA THR A 448 -73.07 26.09 -10.64
C THR A 448 -71.87 25.26 -10.23
N TYR A 449 -71.29 25.58 -9.08
CA TYR A 449 -70.03 24.97 -8.67
C TYR A 449 -70.08 24.42 -7.25
N GLY A 450 -69.65 23.18 -7.09
CA GLY A 450 -69.45 22.57 -5.79
C GLY A 450 -70.76 22.09 -5.21
N ARG A 451 -71.32 21.08 -5.87
CA ARG A 451 -72.55 20.44 -5.39
C ARG A 451 -72.55 18.98 -5.80
N PRO A 452 -73.34 18.12 -5.15
CA PRO A 452 -73.47 16.73 -5.56
C PRO A 452 -73.95 16.59 -7.00
N MET A 453 -73.91 15.35 -7.48
CA MET A 453 -74.30 15.04 -8.85
C MET A 453 -75.76 14.60 -8.96
N PHE A 454 -76.50 14.74 -7.85
CA PHE A 454 -77.85 14.22 -7.66
C PHE A 454 -78.57 15.22 -6.74
N TRP A 455 -79.84 15.50 -6.99
CA TRP A 455 -80.67 16.43 -6.23
C TRP A 455 -80.20 17.86 -6.44
N VAL A 456 -80.75 18.81 -5.65
CA VAL A 456 -80.62 20.24 -5.90
C VAL A 456 -80.12 21.01 -4.69
N THR A 457 -79.43 20.38 -3.75
CA THR A 457 -78.68 21.10 -2.74
C THR A 457 -77.90 22.26 -3.37
N PRO A 458 -78.01 23.49 -2.84
CA PRO A 458 -77.37 24.65 -3.46
C PRO A 458 -75.84 24.52 -3.50
N PRO A 459 -75.22 25.20 -4.49
CA PRO A 459 -73.76 25.18 -4.59
C PRO A 459 -73.03 25.86 -3.44
N GLU A 460 -71.91 25.26 -3.08
CA GLU A 460 -71.06 25.75 -2.01
C GLU A 460 -69.64 25.99 -2.49
N GLY A 461 -69.38 25.70 -3.77
CA GLY A 461 -68.06 25.96 -4.33
C GLY A 461 -67.12 24.77 -4.14
N ASN A 462 -66.08 24.69 -4.99
CA ASN A 462 -65.03 23.72 -4.85
C ASN A 462 -63.97 24.26 -3.89
N THR A 463 -63.21 23.36 -3.27
CA THR A 463 -62.13 23.75 -2.37
C THR A 463 -60.87 23.01 -2.81
N PRO A 464 -59.91 23.68 -3.47
CA PRO A 464 -59.96 25.10 -3.80
C PRO A 464 -60.84 25.40 -5.03
N ALA A 465 -61.07 26.70 -5.26
CA ALA A 465 -61.83 27.14 -6.42
C ALA A 465 -61.15 26.62 -7.68
N ALA A 466 -61.92 26.03 -8.61
CA ALA A 466 -61.29 25.29 -9.71
C ALA A 466 -62.19 25.05 -10.92
N GLY A 467 -63.50 25.25 -10.82
CA GLY A 467 -64.38 24.73 -11.83
C GLY A 467 -64.45 25.65 -13.05
N GLY A 468 -65.11 25.16 -14.10
CA GLY A 468 -65.46 25.97 -15.25
C GLY A 468 -66.24 25.17 -16.28
N ALA A 469 -66.62 25.86 -17.36
CA ALA A 469 -67.43 25.25 -18.40
C ALA A 469 -67.14 25.94 -19.73
N LEU A 470 -67.21 25.14 -20.81
CA LEU A 470 -67.19 25.63 -22.17
C LEU A 470 -68.44 25.17 -22.89
N ILE A 471 -69.03 26.05 -23.70
CA ILE A 471 -70.19 25.72 -24.52
C ILE A 471 -69.96 26.31 -25.91
N ALA A 472 -70.28 25.52 -26.94
CA ALA A 472 -70.28 26.03 -28.31
C ALA A 472 -71.65 25.76 -28.90
N GLN A 473 -72.20 26.70 -29.67
CA GLN A 473 -73.48 26.41 -30.34
C GLN A 473 -73.23 25.68 -31.66
N LEU A 474 -73.93 24.55 -31.88
CA LEU A 474 -73.85 23.80 -33.11
C LEU A 474 -75.04 24.14 -34.01
N ASP A 475 -76.19 24.45 -33.45
CA ASP A 475 -77.43 24.72 -34.17
C ASP A 475 -78.38 25.40 -33.19
N ASP A 476 -79.60 25.72 -33.61
CA ASP A 476 -80.53 26.51 -32.82
C ASP A 476 -80.79 25.86 -31.46
N ASN A 477 -80.77 24.54 -31.45
CA ASN A 477 -81.17 23.80 -30.27
C ASN A 477 -80.09 22.80 -29.87
N GLU A 478 -78.85 22.94 -30.36
CA GLU A 478 -77.84 21.94 -30.12
C GLU A 478 -76.53 22.60 -29.74
N TYR A 479 -75.88 22.06 -28.68
CA TYR A 479 -74.69 22.68 -28.11
C TYR A 479 -73.65 21.59 -27.87
N LEU A 480 -72.37 21.95 -28.00
CA LEU A 480 -71.26 21.14 -27.58
C LEU A 480 -70.92 21.67 -26.17
N VAL A 481 -70.76 20.76 -25.19
CA VAL A 481 -70.54 21.15 -23.81
C VAL A 481 -69.44 20.28 -23.18
N THR A 482 -68.52 20.92 -22.44
CA THR A 482 -67.60 20.19 -21.57
C THR A 482 -67.34 21.09 -20.38
N ALA A 483 -67.24 20.48 -19.17
CA ALA A 483 -67.09 21.29 -17.99
C ALA A 483 -66.28 20.52 -16.97
N TYR A 484 -66.03 21.17 -15.84
CA TYR A 484 -65.03 20.69 -14.88
C TYR A 484 -65.48 21.11 -13.50
N LYS A 485 -65.70 20.14 -12.62
CA LYS A 485 -66.10 20.39 -11.24
C LYS A 485 -67.27 21.39 -11.18
N ALA A 486 -68.31 21.10 -11.96
CA ALA A 486 -69.42 21.99 -12.14
C ALA A 486 -70.65 21.25 -12.62
N ARG A 487 -71.80 21.88 -12.42
CA ARG A 487 -73.05 21.47 -13.03
C ARG A 487 -73.47 22.48 -14.08
N VAL A 488 -73.93 22.00 -15.22
CA VAL A 488 -74.51 22.78 -16.29
C VAL A 488 -75.97 22.36 -16.51
N GLU A 489 -76.91 23.32 -16.40
CA GLU A 489 -78.31 23.03 -16.59
C GLU A 489 -78.89 23.92 -17.68
N PHE A 490 -79.71 23.37 -18.56
CA PHE A 490 -80.32 24.08 -19.66
C PHE A 490 -81.79 24.37 -19.35
N LYS A 491 -82.25 25.53 -19.79
CA LYS A 491 -83.65 25.92 -19.70
C LYS A 491 -84.00 26.81 -20.89
N PRO A 492 -85.28 27.05 -21.21
CA PRO A 492 -85.61 28.01 -22.29
C PRO A 492 -85.18 29.42 -21.94
N SER A 493 -84.72 30.15 -22.94
CA SER A 493 -84.28 31.51 -22.73
C SER A 493 -85.48 32.48 -22.62
N GLN A 494 -86.58 32.14 -23.28
CA GLN A 494 -87.78 32.99 -23.34
C GLN A 494 -88.99 32.15 -22.89
N GLU A 495 -90.08 32.80 -22.40
CA GLU A 495 -91.28 32.10 -21.95
C GLU A 495 -91.89 31.31 -23.12
N LEU A 496 -92.41 30.09 -22.88
CA LEU A 496 -92.69 29.17 -23.98
C LEU A 496 -94.16 29.16 -24.43
N ALA A 497 -95.04 29.90 -23.75
CA ALA A 497 -96.38 30.11 -24.28
C ALA A 497 -97.12 28.78 -24.31
N GLY A 498 -97.12 28.09 -23.16
CA GLY A 498 -97.96 26.93 -23.01
C GLY A 498 -97.25 25.62 -23.36
N LYS A 499 -96.11 25.68 -24.05
CA LYS A 499 -95.30 24.51 -24.38
C LYS A 499 -94.48 24.07 -23.16
N LYS A 500 -94.04 22.81 -23.16
CA LYS A 500 -93.08 22.35 -22.16
C LYS A 500 -91.71 22.22 -22.81
N PHE A 501 -90.68 21.82 -22.03
CA PHE A 501 -89.39 21.57 -22.65
C PHE A 501 -88.68 20.41 -21.98
N MET A 502 -87.75 19.80 -22.72
CA MET A 502 -86.89 18.79 -22.14
C MET A 502 -85.56 18.78 -22.86
N ILE A 503 -84.59 18.12 -22.25
CA ILE A 503 -83.49 17.57 -23.02
C ILE A 503 -84.05 16.53 -23.98
N GLU A 504 -83.73 16.70 -25.27
CA GLU A 504 -84.04 15.68 -26.26
C GLU A 504 -83.02 14.55 -26.24
N ARG A 505 -81.73 14.89 -26.26
CA ARG A 505 -80.69 13.89 -26.25
C ARG A 505 -79.37 14.51 -25.83
N VAL A 506 -78.66 13.81 -24.94
CA VAL A 506 -77.28 14.12 -24.58
C VAL A 506 -76.43 12.93 -25.03
N GLU A 507 -75.40 13.20 -25.82
CA GLU A 507 -74.46 12.19 -26.29
C GLU A 507 -73.06 12.56 -25.82
N GLU A 508 -72.34 11.59 -25.24
CA GLU A 508 -70.93 11.72 -24.97
C GLU A 508 -70.16 11.11 -26.13
N GLY A 509 -69.09 11.78 -26.58
CA GLY A 509 -68.38 11.26 -27.74
C GLY A 509 -67.12 12.05 -28.03
N ARG A 510 -66.66 11.91 -29.29
CA ARG A 510 -65.36 12.45 -29.65
C ARG A 510 -65.41 12.71 -31.14
N PHE A 511 -64.44 13.51 -31.62
CA PHE A 511 -64.33 13.77 -33.04
C PHE A 511 -63.22 12.88 -33.59
N GLU A 512 -63.51 12.25 -34.73
CA GLU A 512 -62.51 11.46 -35.45
C GLU A 512 -62.56 11.93 -36.89
N LYS A 513 -61.43 12.39 -37.42
CA LYS A 513 -61.40 12.87 -38.78
C LYS A 513 -62.48 13.95 -38.96
N GLY A 514 -62.66 14.80 -37.94
CA GLY A 514 -63.67 15.86 -38.01
C GLY A 514 -65.13 15.39 -37.86
N LYS A 515 -65.34 14.06 -37.74
CA LYS A 515 -66.67 13.48 -37.63
C LYS A 515 -66.97 13.11 -36.16
N TRP A 516 -68.20 13.41 -35.76
CA TRP A 516 -68.64 13.05 -34.39
C TRP A 516 -68.90 11.57 -34.28
N VAL A 517 -68.29 10.96 -33.27
CA VAL A 517 -68.50 9.56 -32.95
C VAL A 517 -69.14 9.47 -31.57
N MET A 518 -70.33 8.86 -31.47
N MET A 518 -70.33 8.86 -31.48
CA MET A 518 -70.99 8.76 -30.18
CA MET A 518 -71.01 8.69 -30.19
C MET A 518 -70.45 7.55 -29.43
C MET A 518 -70.34 7.55 -29.44
N GLU A 519 -70.15 7.72 -28.13
CA GLU A 519 -69.72 6.63 -27.27
C GLU A 519 -70.90 6.12 -26.43
N ARG A 520 -71.66 7.04 -25.84
CA ARG A 520 -72.84 6.67 -25.05
C ARG A 520 -73.82 7.82 -24.99
N VAL A 521 -75.05 7.51 -24.60
CA VAL A 521 -76.07 8.54 -24.31
C VAL A 521 -76.16 8.75 -22.80
N TRP A 522 -76.06 10.03 -22.34
CA TRP A 522 -76.38 10.37 -20.95
C TRP A 522 -77.91 10.46 -20.85
N ASN A 523 -78.45 9.83 -19.81
CA ASN A 523 -79.86 9.91 -19.56
C ASN A 523 -80.14 9.51 -18.13
N GLY A 524 -81.42 9.53 -17.74
CA GLY A 524 -81.75 9.12 -16.39
C GLY A 524 -81.03 9.98 -15.37
N ASP A 525 -80.42 9.35 -14.35
CA ASP A 525 -79.75 10.09 -13.30
C ASP A 525 -78.77 11.11 -13.90
N GLN A 526 -78.13 10.78 -15.02
CA GLN A 526 -77.08 11.64 -15.50
C GLN A 526 -77.63 12.91 -16.18
N THR A 527 -78.92 13.04 -16.41
CA THR A 527 -79.52 14.26 -16.95
C THR A 527 -80.68 14.79 -16.13
N ASP A 528 -81.03 14.14 -15.04
CA ASP A 528 -82.16 14.60 -14.25
C ASP A 528 -81.84 15.84 -13.43
N TRP A 529 -80.57 16.03 -13.07
CA TRP A 529 -80.09 17.04 -12.13
C TRP A 529 -78.99 17.87 -12.82
N GLY A 530 -79.28 18.30 -14.00
CA GLY A 530 -78.24 18.94 -14.81
C GLY A 530 -77.19 17.95 -15.26
N LEU A 531 -76.19 18.53 -15.92
CA LEU A 531 -75.06 17.77 -16.44
C LEU A 531 -73.90 18.01 -15.51
N ASN A 532 -73.48 16.98 -14.75
CA ASN A 532 -72.53 17.07 -13.67
C ASN A 532 -71.17 16.53 -14.08
N PHE A 533 -70.12 17.35 -13.90
CA PHE A 533 -68.75 17.06 -14.28
C PHE A 533 -67.88 17.08 -13.04
N THR A 534 -66.96 16.13 -13.00
CA THR A 534 -65.96 16.02 -11.97
C THR A 534 -64.62 16.53 -12.53
N ASP A 535 -63.53 15.82 -12.22
CA ASP A 535 -62.23 16.17 -12.78
C ASP A 535 -61.97 15.44 -14.10
N ARG A 536 -62.84 14.47 -14.48
CA ARG A 536 -62.56 13.64 -15.65
C ARG A 536 -63.17 14.27 -16.89
N PRO A 537 -62.57 14.08 -18.08
CA PRO A 537 -63.05 14.71 -19.28
C PRO A 537 -64.26 14.01 -19.89
N HIS A 538 -65.26 14.80 -20.28
CA HIS A 538 -66.38 14.31 -21.06
C HIS A 538 -66.81 15.44 -22.00
N LEU A 539 -66.93 15.11 -23.26
CA LEU A 539 -67.42 15.99 -24.31
C LEU A 539 -68.82 15.59 -24.72
N LEU A 540 -69.75 16.52 -24.56
CA LEU A 540 -71.16 16.22 -24.77
C LEU A 540 -71.73 17.00 -25.93
N ARG A 541 -72.66 16.38 -26.67
CA ARG A 541 -73.55 17.09 -27.59
C ARG A 541 -74.95 17.07 -26.97
N VAL A 542 -75.52 18.26 -26.71
CA VAL A 542 -76.76 18.45 -25.96
C VAL A 542 -77.78 19.01 -26.93
N LYS A 543 -78.88 18.29 -27.14
CA LYS A 543 -79.97 18.74 -28.00
C LYS A 543 -81.19 18.99 -27.12
N MET A 544 -81.74 20.22 -27.18
CA MET A 544 -82.88 20.63 -26.37
C MET A 544 -84.13 20.69 -27.25
N ALA A 545 -85.32 20.47 -26.66
CA ALA A 545 -86.57 20.57 -27.42
C ALA A 545 -87.65 21.19 -26.56
N SER A 546 -88.47 22.03 -27.22
CA SER A 546 -89.75 22.42 -26.65
C SER A 546 -90.81 21.61 -27.38
N TYR A 547 -91.88 21.29 -26.68
CA TYR A 547 -92.91 20.44 -27.24
C TYR A 547 -94.28 20.91 -26.75
N SER A 548 -95.28 20.72 -27.63
CA SER A 548 -96.66 21.03 -27.29
C SER A 548 -97.30 19.99 -26.39
N VAL A 549 -98.16 20.47 -25.48
CA VAL A 549 -99.01 19.62 -24.65
C VAL A 549 -100.49 19.96 -24.83
N GLN A 550 -100.79 20.75 -25.86
CA GLN A 550 -102.13 21.29 -25.98
C GLN A 550 -102.27 21.87 -27.38
N HIS B 9 -77.31 -28.17 -29.70
CA HIS B 9 -76.25 -27.63 -28.81
C HIS B 9 -76.83 -26.74 -27.70
N HIS B 10 -78.15 -26.56 -27.67
CA HIS B 10 -78.78 -25.74 -26.64
C HIS B 10 -79.95 -26.46 -25.99
N ALA B 11 -79.73 -27.06 -24.82
CA ALA B 11 -80.78 -27.86 -24.22
C ALA B 11 -81.24 -27.32 -22.85
N ALA B 12 -80.87 -26.10 -22.48
CA ALA B 12 -81.14 -25.65 -21.11
C ALA B 12 -82.60 -25.25 -20.96
N PRO B 13 -83.20 -25.63 -19.81
CA PRO B 13 -84.57 -25.24 -19.50
C PRO B 13 -84.68 -23.73 -19.25
N LEU B 14 -85.80 -23.13 -19.67
CA LEU B 14 -86.05 -21.71 -19.38
C LEU B 14 -85.88 -21.47 -17.88
N PRO B 15 -85.36 -20.29 -17.49
CA PRO B 15 -85.54 -19.81 -16.14
C PRO B 15 -87.02 -19.63 -15.83
N GLU B 16 -87.39 -19.87 -14.58
CA GLU B 16 -88.76 -19.76 -14.15
C GLU B 16 -88.86 -19.41 -12.67
N LEU B 17 -89.83 -18.58 -12.28
CA LEU B 17 -90.07 -18.37 -10.88
C LEU B 17 -91.12 -19.35 -10.38
N LEU B 18 -90.74 -20.17 -9.39
CA LEU B 18 -91.63 -21.13 -8.77
C LEU B 18 -92.11 -20.60 -7.43
N SER B 19 -93.35 -20.96 -7.11
CA SER B 19 -93.95 -20.55 -5.87
C SER B 19 -94.71 -21.75 -5.28
N ASN B 20 -94.40 -22.17 -4.05
CA ASN B 20 -95.26 -23.13 -3.35
C ASN B 20 -94.95 -23.24 -1.88
N ASN B 21 -95.88 -23.83 -1.09
CA ASN B 21 -95.65 -23.97 0.35
C ASN B 21 -95.39 -22.59 0.97
N GLY B 22 -95.96 -21.53 0.36
CA GLY B 22 -95.65 -20.14 0.71
C GLY B 22 -94.20 -19.68 0.42
N LYS B 23 -93.41 -20.46 -0.33
CA LYS B 23 -91.99 -20.16 -0.56
C LYS B 23 -91.75 -20.02 -2.05
N HIS B 24 -90.54 -19.57 -2.45
CA HIS B 24 -90.30 -19.19 -3.83
C HIS B 24 -88.89 -19.58 -4.22
N ALA B 25 -88.72 -19.85 -5.52
CA ALA B 25 -87.38 -20.03 -6.06
C ALA B 25 -87.30 -19.47 -7.47
N LEU B 26 -86.18 -18.84 -7.78
CA LEU B 26 -85.80 -18.53 -9.15
C LEU B 26 -84.98 -19.70 -9.69
N MET B 27 -85.63 -20.46 -10.56
CA MET B 27 -84.97 -21.59 -11.24
C MET B 27 -84.15 -21.09 -12.42
N VAL B 28 -82.86 -21.44 -12.44
CA VAL B 28 -81.92 -21.14 -13.50
C VAL B 28 -81.19 -22.46 -13.78
N ASP B 29 -81.29 -22.92 -15.05
CA ASP B 29 -80.64 -24.17 -15.50
C ASP B 29 -81.17 -25.34 -14.67
N GLY B 30 -82.43 -25.27 -14.24
CA GLY B 30 -83.15 -26.38 -13.66
C GLY B 30 -82.95 -26.52 -12.16
N ALA B 31 -82.48 -25.46 -11.48
CA ALA B 31 -82.30 -25.51 -10.04
C ALA B 31 -82.41 -24.10 -9.45
N PRO B 32 -82.74 -23.99 -8.17
CA PRO B 32 -82.76 -22.67 -7.52
C PRO B 32 -81.45 -21.92 -7.65
N TYR B 33 -81.61 -20.59 -7.72
CA TYR B 33 -80.49 -19.71 -7.99
C TYR B 33 -80.71 -18.43 -7.18
N ILE B 34 -79.60 -17.85 -6.69
CA ILE B 34 -79.60 -16.55 -6.02
C ILE B 34 -78.86 -15.55 -6.90
N ILE B 35 -79.52 -14.42 -7.16
CA ILE B 35 -78.85 -13.28 -7.83
C ILE B 35 -78.03 -12.51 -6.77
N LEU B 36 -76.71 -12.68 -6.87
CA LEU B 36 -75.72 -11.86 -6.17
C LEU B 36 -75.31 -10.82 -7.18
N GLY B 37 -76.03 -9.72 -7.17
CA GLY B 37 -76.11 -8.89 -8.34
C GLY B 37 -75.25 -7.64 -8.25
N SER B 38 -75.04 -7.03 -9.41
CA SER B 38 -74.56 -5.66 -9.52
CA SER B 38 -74.48 -5.70 -9.59
C SER B 38 -75.43 -4.98 -10.56
N GLN B 39 -75.71 -3.69 -10.37
CA GLN B 39 -76.48 -2.92 -11.35
C GLN B 39 -75.64 -1.72 -11.78
N THR B 40 -75.67 -1.38 -13.07
CA THR B 40 -74.92 -0.25 -13.57
C THR B 40 -75.62 1.07 -13.24
N ASN B 41 -74.86 2.16 -13.38
CA ASN B 41 -75.42 3.48 -13.50
C ASN B 41 -76.31 3.55 -14.76
N ASN B 42 -77.10 4.61 -14.86
CA ASN B 42 -78.17 4.74 -15.84
C ASN B 42 -77.70 5.04 -17.26
N SER B 43 -76.44 5.38 -17.47
CA SER B 43 -75.91 5.74 -18.80
C SER B 43 -74.78 4.81 -19.22
N SER B 44 -74.80 3.56 -18.73
CA SER B 44 -73.80 2.56 -19.03
C SER B 44 -74.24 1.53 -20.07
N ASN B 45 -75.39 1.75 -20.69
CA ASN B 45 -76.01 0.78 -21.56
C ASN B 45 -75.55 0.94 -23.02
N TYR B 46 -74.25 1.07 -23.20
CA TYR B 46 -73.66 1.24 -24.54
C TYR B 46 -72.37 0.42 -24.61
N PRO B 47 -72.02 -0.11 -25.81
CA PRO B 47 -70.79 -0.94 -25.89
C PRO B 47 -69.53 -0.32 -25.30
N ASP B 48 -69.32 0.98 -25.54
CA ASP B 48 -68.13 1.66 -25.07
C ASP B 48 -68.07 1.77 -23.54
N ALA B 49 -69.22 1.74 -22.85
CA ALA B 49 -69.21 1.84 -21.40
C ALA B 49 -68.93 0.52 -20.70
N LEU B 50 -69.05 -0.64 -21.41
CA LEU B 50 -69.00 -1.92 -20.70
C LEU B 50 -67.62 -2.15 -20.07
N LYS B 51 -66.55 -1.59 -20.67
CA LYS B 51 -65.24 -1.76 -20.08
C LYS B 51 -65.12 -1.11 -18.70
N ASP B 52 -66.06 -0.21 -18.36
CA ASP B 52 -66.13 0.42 -17.06
C ASP B 52 -67.10 -0.29 -16.12
N VAL B 53 -67.70 -1.37 -16.59
CA VAL B 53 -68.65 -2.14 -15.81
C VAL B 53 -68.01 -3.46 -15.36
N TRP B 54 -67.38 -4.22 -16.26
CA TRP B 54 -66.96 -5.57 -15.93
C TRP B 54 -65.94 -5.63 -14.79
N PRO B 55 -64.95 -4.71 -14.70
CA PRO B 55 -63.95 -4.81 -13.61
C PRO B 55 -64.59 -4.75 -12.24
N SER B 56 -65.54 -3.83 -12.08
CA SER B 56 -66.26 -3.76 -10.81
C SER B 56 -66.99 -5.06 -10.48
N MET B 57 -67.64 -5.66 -11.48
CA MET B 57 -68.39 -6.87 -11.28
C MET B 57 -67.47 -8.02 -10.83
N GLU B 58 -66.28 -8.09 -11.41
CA GLU B 58 -65.29 -9.08 -11.02
C GLU B 58 -64.80 -8.85 -9.58
N LYS B 59 -64.49 -7.58 -9.23
CA LYS B 59 -64.04 -7.29 -7.86
C LYS B 59 -65.14 -7.63 -6.85
N MET B 60 -66.40 -7.47 -7.26
CA MET B 60 -67.53 -7.63 -6.34
C MET B 60 -67.82 -9.11 -6.12
N GLY B 61 -67.47 -9.96 -7.07
CA GLY B 61 -67.87 -11.36 -7.09
C GLY B 61 -69.34 -11.58 -7.44
N ALA B 62 -69.95 -10.63 -8.15
CA ALA B 62 -71.32 -10.76 -8.59
C ALA B 62 -71.49 -11.85 -9.65
N ASN B 63 -72.67 -12.49 -9.63
CA ASN B 63 -72.94 -13.52 -10.62
C ASN B 63 -73.90 -13.03 -11.70
N THR B 64 -74.53 -11.87 -11.49
CA THR B 64 -75.58 -11.41 -12.37
C THR B 64 -75.52 -9.89 -12.47
N LEU B 65 -75.55 -9.39 -13.70
CA LEU B 65 -75.52 -7.95 -13.96
C LEU B 65 -76.91 -7.48 -14.33
N SER B 66 -77.41 -6.41 -13.68
CA SER B 66 -78.60 -5.70 -14.14
C SER B 66 -78.18 -4.46 -14.89
N ILE B 67 -78.73 -4.26 -16.08
CA ILE B 67 -78.29 -3.19 -16.97
C ILE B 67 -79.45 -2.81 -17.89
N PRO B 68 -79.65 -1.50 -18.14
CA PRO B 68 -80.74 -1.09 -19.03
C PRO B 68 -80.56 -1.54 -20.48
N VAL B 69 -81.69 -1.79 -21.09
CA VAL B 69 -81.89 -1.72 -22.53
C VAL B 69 -83.01 -0.70 -22.75
N ALA B 70 -82.71 0.35 -23.50
CA ALA B 70 -83.59 1.51 -23.61
C ALA B 70 -84.40 1.39 -24.90
N TRP B 71 -85.67 1.77 -24.86
CA TRP B 71 -86.51 1.87 -26.05
C TRP B 71 -85.84 2.79 -27.09
N GLU B 72 -85.30 3.90 -26.61
CA GLU B 72 -84.67 4.88 -27.50
C GLU B 72 -83.53 4.25 -28.26
N GLN B 73 -82.81 3.29 -27.70
CA GLN B 73 -81.64 2.75 -28.39
C GLN B 73 -82.03 1.62 -29.34
N ILE B 74 -83.10 0.86 -29.05
CA ILE B 74 -83.49 -0.23 -29.90
C ILE B 74 -84.39 0.24 -31.04
N GLU B 75 -85.11 1.34 -30.87
CA GLU B 75 -86.04 1.79 -31.93
C GLU B 75 -85.91 3.29 -32.11
N PRO B 76 -84.72 3.76 -32.55
CA PRO B 76 -84.45 5.20 -32.58
C PRO B 76 -85.34 5.94 -33.59
N VAL B 77 -85.73 5.20 -34.61
CA VAL B 77 -86.70 5.66 -35.61
C VAL B 77 -87.75 4.56 -35.69
N GLU B 78 -89.02 4.96 -35.80
CA GLU B 78 -90.13 4.03 -35.72
C GLU B 78 -89.98 2.93 -36.77
N GLY B 79 -89.96 1.71 -36.28
CA GLY B 79 -89.86 0.50 -37.07
C GLY B 79 -88.45 0.18 -37.54
N GLN B 80 -87.44 0.95 -37.12
CA GLN B 80 -86.08 0.61 -37.47
C GLN B 80 -85.32 0.14 -36.23
N PHE B 81 -85.23 -1.16 -36.03
CA PHE B 81 -84.70 -1.70 -34.80
C PHE B 81 -83.19 -1.89 -34.85
N ASP B 82 -82.55 -1.73 -33.69
CA ASP B 82 -81.10 -1.79 -33.59
C ASP B 82 -80.75 -2.56 -32.29
N PHE B 83 -80.26 -3.79 -32.44
CA PHE B 83 -79.90 -4.62 -31.27
C PHE B 83 -78.39 -4.77 -31.13
N SER B 84 -77.64 -3.88 -31.77
CA SER B 84 -76.21 -3.88 -31.65
C SER B 84 -75.72 -3.89 -30.20
N PHE B 85 -76.31 -3.06 -29.28
CA PHE B 85 -75.87 -3.12 -27.88
C PHE B 85 -76.12 -4.52 -27.28
N VAL B 86 -77.30 -5.08 -27.51
CA VAL B 86 -77.65 -6.34 -26.87
C VAL B 86 -76.70 -7.44 -27.35
N ASP B 87 -76.32 -7.40 -28.65
CA ASP B 87 -75.37 -8.38 -29.18
C ASP B 87 -74.05 -8.38 -28.42
N VAL B 88 -73.47 -7.18 -28.23
CA VAL B 88 -72.18 -7.06 -27.57
C VAL B 88 -72.34 -7.49 -26.10
N LEU B 89 -73.41 -7.00 -25.46
CA LEU B 89 -73.65 -7.31 -24.07
C LEU B 89 -73.70 -8.82 -23.82
N LEU B 90 -74.50 -9.52 -24.61
CA LEU B 90 -74.59 -10.96 -24.48
C LEU B 90 -73.24 -11.62 -24.63
N LYS B 91 -72.50 -11.22 -25.66
CA LYS B 91 -71.23 -11.90 -25.88
C LYS B 91 -70.24 -11.66 -24.72
N GLU B 92 -70.21 -10.40 -24.22
CA GLU B 92 -69.25 -10.07 -23.17
C GLU B 92 -69.66 -10.69 -21.84
N ALA B 93 -70.96 -10.78 -21.56
CA ALA B 93 -71.42 -11.46 -20.36
C ALA B 93 -71.01 -12.93 -20.37
N ARG B 94 -71.19 -13.57 -21.52
CA ARG B 94 -70.83 -14.99 -21.66
C ARG B 94 -69.34 -15.24 -21.47
N GLN B 95 -68.52 -14.32 -21.99
CA GLN B 95 -67.08 -14.44 -21.82
C GLN B 95 -66.73 -14.50 -20.35
N ARG B 96 -67.43 -13.68 -19.55
CA ARG B 96 -67.14 -13.63 -18.12
C ARG B 96 -67.97 -14.58 -17.28
N LYS B 97 -68.80 -15.39 -17.90
CA LYS B 97 -69.58 -16.40 -17.22
C LYS B 97 -70.43 -15.77 -16.14
N VAL B 98 -71.13 -14.68 -16.51
CA VAL B 98 -72.16 -14.11 -15.65
C VAL B 98 -73.48 -14.10 -16.42
N ARG B 99 -74.56 -13.89 -15.64
CA ARG B 99 -75.89 -13.83 -16.21
C ARG B 99 -76.39 -12.38 -16.13
N LEU B 100 -77.51 -12.14 -16.85
CA LEU B 100 -78.02 -10.79 -17.06
C LEU B 100 -79.47 -10.71 -16.63
N VAL B 101 -79.84 -9.52 -16.08
CA VAL B 101 -81.19 -9.05 -15.97
C VAL B 101 -81.26 -7.78 -16.79
N LEU B 102 -82.11 -7.78 -17.81
CA LEU B 102 -82.27 -6.61 -18.65
C LEU B 102 -83.36 -5.72 -18.07
N LEU B 103 -83.10 -4.41 -17.97
CA LEU B 103 -84.09 -3.46 -17.47
C LEU B 103 -84.67 -2.70 -18.66
N TRP B 104 -85.94 -2.94 -18.96
CA TRP B 104 -86.61 -2.32 -20.09
C TRP B 104 -87.01 -0.91 -19.71
N PHE B 105 -86.24 0.08 -20.15
CA PHE B 105 -86.49 1.48 -19.89
C PHE B 105 -87.29 2.04 -21.08
N ALA B 106 -88.54 2.34 -20.84
CA ALA B 106 -89.49 2.53 -21.92
C ALA B 106 -90.53 3.62 -21.57
N THR B 107 -91.81 3.27 -21.41
CA THR B 107 -92.83 4.26 -21.10
C THR B 107 -92.51 5.02 -19.81
N TRP B 108 -92.07 4.27 -18.76
CA TRP B 108 -91.63 4.86 -17.49
C TRP B 108 -90.20 4.46 -17.11
N LYS B 109 -89.43 5.49 -16.81
CA LYS B 109 -88.19 5.37 -16.06
C LYS B 109 -88.22 6.46 -15.01
N ASN B 110 -88.38 6.03 -13.75
CA ASN B 110 -88.56 6.98 -12.66
C ASN B 110 -89.67 7.99 -12.99
N ASN B 111 -90.82 7.44 -13.39
CA ASN B 111 -92.05 8.23 -13.62
C ASN B 111 -92.11 8.89 -15.00
N ALA B 112 -90.99 8.97 -15.74
CA ALA B 112 -90.86 9.84 -16.90
C ALA B 112 -90.51 9.08 -18.16
N PRO B 113 -90.75 9.68 -19.35
CA PRO B 113 -90.46 9.04 -20.63
C PRO B 113 -89.13 9.38 -21.26
N HIS B 114 -88.11 9.68 -20.45
CA HIS B 114 -86.85 10.16 -21.03
C HIS B 114 -86.16 9.13 -21.93
N TYR B 115 -86.38 7.82 -21.66
CA TYR B 115 -85.74 6.78 -22.45
C TYR B 115 -86.61 6.27 -23.60
N ALA B 116 -87.78 6.83 -23.76
CA ALA B 116 -88.58 6.55 -24.95
C ALA B 116 -87.92 7.29 -26.10
N PRO B 117 -88.06 6.78 -27.32
CA PRO B 117 -87.49 7.46 -28.51
C PRO B 117 -88.06 8.88 -28.65
N ALA B 118 -87.33 9.76 -29.37
CA ALA B 118 -87.77 11.13 -29.54
C ALA B 118 -89.13 11.19 -30.24
N TRP B 119 -89.41 10.23 -31.15
CA TRP B 119 -90.68 10.23 -31.87
C TRP B 119 -91.85 9.82 -30.98
N VAL B 120 -91.53 9.31 -29.77
CA VAL B 120 -92.51 9.10 -28.73
C VAL B 120 -92.59 10.31 -27.80
N LYS B 121 -91.49 10.64 -27.10
CA LYS B 121 -91.57 11.56 -25.97
C LYS B 121 -91.76 13.00 -26.41
N LEU B 122 -91.57 13.31 -27.70
CA LEU B 122 -91.87 14.66 -28.20
C LEU B 122 -93.20 14.73 -28.97
N ASP B 123 -94.08 13.74 -28.86
CA ASP B 123 -95.39 13.72 -29.55
C ASP B 123 -96.48 13.39 -28.55
N ASN B 124 -96.86 14.44 -27.82
CA ASN B 124 -97.86 14.34 -26.78
C ASN B 124 -99.23 14.00 -27.38
N ALA B 125 -99.53 14.51 -28.58
CA ALA B 125 -100.88 14.26 -29.11
C ALA B 125 -101.10 12.77 -29.34
N ARG B 126 -100.05 12.07 -29.79
CA ARG B 126 -100.14 10.65 -30.05
C ARG B 126 -99.94 9.85 -28.75
N PHE B 127 -99.05 10.34 -27.90
CA PHE B 127 -98.58 9.66 -26.70
C PHE B 127 -98.76 10.55 -25.48
N PRO B 128 -99.97 10.63 -24.91
CA PRO B 128 -100.33 11.75 -24.03
C PRO B 128 -99.81 11.59 -22.59
N ARG B 129 -99.48 12.73 -21.99
CA ARG B 129 -99.07 12.88 -20.62
C ARG B 129 -100.25 12.98 -19.66
N VAL B 130 -99.98 12.59 -18.42
CA VAL B 130 -100.80 12.88 -17.27
C VAL B 130 -101.13 14.38 -17.22
N VAL B 131 -102.42 14.67 -16.98
CA VAL B 131 -102.91 16.01 -16.74
C VAL B 131 -103.36 16.12 -15.30
N LYS B 132 -102.94 17.19 -14.64
CA LYS B 132 -103.29 17.44 -13.26
C LYS B 132 -104.74 17.93 -13.18
N GLU B 133 -105.26 17.89 -11.96
CA GLU B 133 -106.63 18.36 -11.74
C GLU B 133 -106.75 19.84 -12.13
N ASP B 134 -105.67 20.61 -12.04
CA ASP B 134 -105.67 22.04 -12.34
C ASP B 134 -105.44 22.32 -13.83
N GLY B 135 -105.26 21.29 -14.66
CA GLY B 135 -105.12 21.45 -16.11
C GLY B 135 -103.68 21.47 -16.66
N ASP B 136 -102.68 21.64 -15.77
CA ASP B 136 -101.29 21.61 -16.17
C ASP B 136 -100.86 20.16 -16.40
N THR B 137 -99.82 20.04 -17.19
CA THR B 137 -99.37 18.73 -17.64
C THR B 137 -98.08 18.34 -16.92
N LEU B 138 -97.93 17.04 -16.63
CA LEU B 138 -96.70 16.52 -16.04
C LEU B 138 -95.97 15.66 -17.07
N ASN B 139 -94.64 15.57 -16.94
CA ASN B 139 -93.85 14.77 -17.82
C ASN B 139 -93.83 13.32 -17.33
N SER B 140 -94.99 12.66 -17.45
CA SER B 140 -95.23 11.29 -17.03
C SER B 140 -96.32 10.78 -17.98
N LEU B 141 -96.04 9.78 -18.81
CA LEU B 141 -97.04 9.32 -19.80
C LEU B 141 -98.25 8.66 -19.14
N SER B 142 -99.43 8.96 -19.68
CA SER B 142 -100.63 8.41 -19.08
C SER B 142 -100.76 6.94 -19.39
N PRO B 143 -101.14 6.08 -18.41
CA PRO B 143 -101.33 4.67 -18.70
C PRO B 143 -102.60 4.41 -19.50
N LEU B 144 -103.40 5.44 -19.74
CA LEU B 144 -104.63 5.29 -20.56
C LEU B 144 -104.35 5.59 -22.03
N GLY B 145 -103.13 5.98 -22.37
CA GLY B 145 -102.77 6.21 -23.78
C GLY B 145 -102.60 4.90 -24.55
N GLN B 146 -103.61 4.57 -25.39
CA GLN B 146 -103.60 3.31 -26.09
C GLN B 146 -102.50 3.26 -27.14
N ASN B 147 -102.12 4.40 -27.75
CA ASN B 147 -101.06 4.32 -28.76
C ASN B 147 -99.72 3.99 -28.06
N THR B 148 -99.55 4.59 -26.88
CA THR B 148 -98.30 4.41 -26.10
C THR B 148 -98.13 2.93 -25.77
N LEU B 149 -99.20 2.32 -25.28
CA LEU B 149 -99.19 0.92 -24.93
C LEU B 149 -98.83 0.07 -26.15
N ALA B 150 -99.53 0.32 -27.27
CA ALA B 150 -99.26 -0.44 -28.47
C ALA B 150 -97.81 -0.32 -28.91
N ALA B 151 -97.23 0.87 -28.85
CA ALA B 151 -95.87 1.08 -29.34
C ALA B 151 -94.79 0.49 -28.42
N ASP B 152 -95.03 0.52 -27.10
CA ASP B 152 -94.11 -0.02 -26.11
C ASP B 152 -94.12 -1.52 -26.31
N LYS B 153 -95.32 -2.11 -26.31
CA LYS B 153 -95.48 -3.54 -26.57
C LYS B 153 -94.75 -3.99 -27.83
N LYS B 154 -94.96 -3.27 -28.94
CA LYS B 154 -94.30 -3.66 -30.18
C LYS B 154 -92.79 -3.74 -30.03
N ALA B 155 -92.18 -2.72 -29.41
CA ALA B 155 -90.75 -2.70 -29.22
C ALA B 155 -90.27 -3.80 -28.27
N PHE B 156 -91.02 -4.02 -27.20
CA PHE B 156 -90.67 -5.06 -26.23
C PHE B 156 -90.71 -6.43 -26.87
N VAL B 157 -91.71 -6.66 -27.73
CA VAL B 157 -91.84 -7.90 -28.47
C VAL B 157 -90.59 -8.11 -29.34
N GLU B 158 -90.10 -7.05 -30.03
CA GLU B 158 -88.90 -7.17 -30.86
C GLU B 158 -87.68 -7.55 -30.00
N LEU B 159 -87.54 -6.93 -28.82
CA LEU B 159 -86.47 -7.30 -27.90
C LEU B 159 -86.57 -8.77 -27.56
N MET B 160 -87.75 -9.25 -27.20
CA MET B 160 -87.90 -10.63 -26.79
C MET B 160 -87.67 -11.58 -27.97
N LYS B 161 -88.04 -11.14 -29.21
CA LYS B 161 -87.71 -11.95 -30.37
C LYS B 161 -86.21 -12.02 -30.61
N TYR B 162 -85.46 -10.95 -30.28
CA TYR B 162 -84.01 -11.00 -30.36
C TYR B 162 -83.43 -12.03 -29.40
N LEU B 163 -83.95 -12.07 -28.19
CA LEU B 163 -83.47 -13.03 -27.21
C LEU B 163 -83.90 -14.45 -27.59
N ALA B 164 -85.10 -14.63 -28.14
CA ALA B 164 -85.51 -15.97 -28.57
C ALA B 164 -84.54 -16.51 -29.63
N LYS B 165 -84.08 -15.61 -30.49
CA LYS B 165 -83.24 -15.98 -31.63
C LYS B 165 -81.78 -16.17 -31.22
N ARG B 166 -81.30 -15.33 -30.29
N ARG B 166 -81.31 -15.36 -30.27
CA ARG B 166 -79.88 -15.13 -30.08
CA ARG B 166 -79.88 -15.21 -30.09
C ARG B 166 -79.42 -15.48 -28.66
C ARG B 166 -79.43 -15.46 -28.66
N ASP B 167 -80.32 -15.94 -27.79
CA ASP B 167 -79.94 -16.27 -26.41
C ASP B 167 -80.60 -17.56 -25.94
N LYS B 168 -80.26 -18.65 -26.64
CA LYS B 168 -80.89 -19.94 -26.41
C LYS B 168 -80.41 -20.63 -25.14
N ASP B 169 -79.30 -20.20 -24.54
CA ASP B 169 -78.84 -20.78 -23.28
C ASP B 169 -79.26 -19.85 -22.11
N HIS B 170 -80.03 -18.81 -22.43
CA HIS B 170 -80.67 -17.94 -21.40
C HIS B 170 -79.62 -17.22 -20.54
N THR B 171 -78.67 -16.56 -21.20
CA THR B 171 -77.77 -15.67 -20.52
C THR B 171 -78.61 -14.65 -19.74
N VAL B 172 -79.64 -14.15 -20.40
CA VAL B 172 -80.62 -13.27 -19.74
C VAL B 172 -81.60 -14.14 -19.01
N ILE B 173 -81.70 -14.02 -17.68
CA ILE B 173 -82.51 -14.88 -16.86
C ILE B 173 -83.82 -14.25 -16.42
N MET B 174 -83.90 -12.90 -16.50
CA MET B 174 -85.11 -12.19 -16.11
C MET B 174 -85.09 -10.81 -16.78
N VAL B 175 -86.28 -10.25 -16.95
CA VAL B 175 -86.46 -8.93 -17.52
C VAL B 175 -87.33 -8.07 -16.61
N GLN B 176 -86.85 -6.85 -16.34
CA GLN B 176 -87.64 -5.85 -15.62
C GLN B 176 -88.44 -5.03 -16.62
N VAL B 177 -89.76 -5.01 -16.45
CA VAL B 177 -90.65 -4.28 -17.36
C VAL B 177 -90.89 -2.87 -16.85
N GLN B 178 -90.32 -1.87 -17.55
CA GLN B 178 -90.29 -0.48 -17.09
C GLN B 178 -89.28 -0.33 -15.95
N ASN B 179 -89.17 0.89 -15.42
CA ASN B 179 -88.32 1.14 -14.26
C ASN B 179 -88.97 2.20 -13.38
N GLU B 180 -89.41 1.80 -12.19
CA GLU B 180 -90.06 2.73 -11.25
C GLU B 180 -91.19 3.49 -11.94
N VAL B 181 -92.29 2.79 -12.24
CA VAL B 181 -93.47 3.41 -12.84
C VAL B 181 -94.13 4.33 -11.82
N GLY B 182 -95.03 5.16 -12.32
CA GLY B 182 -95.85 6.00 -11.46
C GLY B 182 -95.75 7.45 -11.89
N THR B 183 -96.28 8.34 -11.04
CA THR B 183 -96.28 9.76 -11.30
C THR B 183 -95.91 10.52 -10.04
N TYR B 184 -94.97 11.44 -10.17
CA TYR B 184 -94.75 12.47 -9.16
C TYR B 184 -95.52 13.73 -9.52
N GLY B 185 -96.11 14.36 -8.50
CA GLY B 185 -96.73 15.67 -8.67
C GLY B 185 -98.24 15.62 -8.87
N ALA B 186 -98.81 14.42 -8.98
CA ALA B 186 -100.24 14.21 -9.09
C ALA B 186 -100.56 12.77 -8.73
N VAL B 187 -101.81 12.48 -8.40
CA VAL B 187 -102.17 11.14 -7.96
C VAL B 187 -102.52 10.24 -9.13
N ARG B 188 -103.10 10.82 -10.18
CA ARG B 188 -103.47 10.08 -11.38
C ARG B 188 -103.50 11.05 -12.55
N ASP B 189 -103.88 10.54 -13.73
CA ASP B 189 -104.29 11.37 -14.85
C ASP B 189 -105.72 11.86 -14.60
N TYR B 190 -105.93 13.16 -14.86
CA TYR B 190 -107.25 13.79 -14.73
C TYR B 190 -107.70 14.33 -16.07
N SER B 191 -107.00 13.96 -17.15
CA SER B 191 -107.43 14.33 -18.48
C SER B 191 -108.86 13.89 -18.73
N PRO B 192 -109.57 14.47 -19.71
CA PRO B 192 -110.89 13.97 -20.08
C PRO B 192 -110.92 12.48 -20.40
N MET B 193 -109.88 11.99 -21.10
CA MET B 193 -109.76 10.59 -21.45
C MET B 193 -109.76 9.70 -20.21
N ALA B 194 -109.01 10.09 -19.19
CA ALA B 194 -108.93 9.35 -17.94
C ALA B 194 -110.18 9.49 -17.10
N GLN B 195 -110.76 10.68 -17.11
CA GLN B 195 -111.94 10.95 -16.31
C GLN B 195 -113.10 10.07 -16.79
N ALA B 196 -113.25 9.86 -18.10
CA ALA B 196 -114.28 9.00 -18.65
C ALA B 196 -114.16 7.58 -18.09
N VAL B 197 -112.94 7.04 -17.95
CA VAL B 197 -112.78 5.71 -17.37
C VAL B 197 -113.00 5.75 -15.86
N PHE B 198 -112.51 6.83 -15.20
CA PHE B 198 -112.70 6.96 -13.77
C PHE B 198 -114.18 7.02 -13.38
N ASN B 199 -114.98 7.72 -14.20
CA ASN B 199 -116.39 7.93 -13.91
C ASN B 199 -117.25 6.71 -14.19
N ALA B 200 -116.65 5.70 -14.86
CA ALA B 200 -117.35 4.49 -15.26
C ALA B 200 -117.16 3.39 -14.23
N ALA B 201 -117.85 2.25 -14.47
CA ALA B 201 -117.81 1.17 -13.49
C ALA B 201 -116.40 0.61 -13.34
N VAL B 202 -116.06 0.23 -12.11
CA VAL B 202 -114.85 -0.55 -11.85
C VAL B 202 -115.00 -1.87 -12.60
N PRO B 203 -113.98 -2.33 -13.37
CA PRO B 203 -114.05 -3.61 -14.12
C PRO B 203 -114.41 -4.77 -13.20
N ASP B 204 -115.27 -5.66 -13.71
CA ASP B 204 -115.81 -6.76 -12.93
C ASP B 204 -114.66 -7.58 -12.36
N ASP B 205 -113.62 -7.81 -13.15
CA ASP B 205 -112.56 -8.71 -12.74
C ASP B 205 -111.91 -8.21 -11.45
N LEU B 206 -111.74 -6.88 -11.31
CA LEU B 206 -111.14 -6.33 -10.11
C LEU B 206 -112.10 -6.47 -8.92
N ILE B 207 -113.38 -6.17 -9.15
CA ILE B 207 -114.39 -6.26 -8.11
C ILE B 207 -114.44 -7.69 -7.57
N GLN B 208 -114.40 -8.66 -8.48
CA GLN B 208 -114.41 -10.09 -8.17
C GLN B 208 -113.17 -10.47 -7.35
N LYS B 209 -111.99 -10.02 -7.78
CA LYS B 209 -110.77 -10.38 -7.09
C LYS B 209 -110.63 -9.72 -5.73
N LEU B 210 -111.13 -8.50 -5.56
CA LEU B 210 -111.01 -7.81 -4.28
C LEU B 210 -112.21 -8.11 -3.38
N GLN B 211 -113.25 -8.77 -3.94
CA GLN B 211 -114.45 -9.19 -3.22
C GLN B 211 -115.15 -7.95 -2.66
N LEU B 212 -115.52 -7.06 -3.59
CA LEU B 212 -116.15 -5.80 -3.27
C LEU B 212 -117.50 -5.74 -3.98
N LYS B 213 -118.26 -4.68 -3.69
CA LYS B 213 -119.54 -4.48 -4.33
C LYS B 213 -119.28 -3.64 -5.58
N PRO B 214 -119.99 -3.87 -6.69
CA PRO B 214 -119.85 -3.05 -7.88
C PRO B 214 -120.19 -1.58 -7.70
N GLY B 215 -119.58 -0.78 -8.57
CA GLY B 215 -119.76 0.66 -8.53
C GLY B 215 -118.72 1.36 -9.39
N THR B 216 -118.79 2.67 -9.42
CA THR B 216 -117.76 3.46 -10.09
C THR B 216 -116.56 3.55 -9.15
N TRP B 217 -115.44 4.05 -9.69
CA TRP B 217 -114.23 4.15 -8.87
C TRP B 217 -114.46 4.90 -7.57
N SER B 218 -115.17 6.03 -7.59
CA SER B 218 -115.35 6.87 -6.42
C SER B 218 -116.25 6.13 -5.42
N GLN B 219 -117.26 5.41 -5.93
CA GLN B 219 -118.20 4.70 -5.08
C GLN B 219 -117.51 3.56 -4.36
N VAL B 220 -116.67 2.81 -5.08
CA VAL B 220 -116.07 1.61 -4.53
C VAL B 220 -114.93 1.97 -3.57
N PHE B 221 -114.09 2.95 -3.93
CA PHE B 221 -112.83 3.15 -3.22
C PHE B 221 -112.71 4.43 -2.40
N GLY B 222 -113.72 5.31 -2.49
CA GLY B 222 -113.74 6.54 -1.71
C GLY B 222 -112.46 7.34 -1.87
N ARG B 223 -111.83 7.66 -0.73
CA ARG B 223 -110.72 8.56 -0.71
C ARG B 223 -109.52 7.90 -1.40
N ASP B 224 -109.54 6.58 -1.56
CA ASP B 224 -108.45 5.91 -2.26
C ASP B 224 -108.68 5.78 -3.77
N ALA B 225 -109.80 6.27 -4.30
CA ALA B 225 -110.13 6.03 -5.70
C ALA B 225 -109.04 6.55 -6.67
N ASP B 226 -108.53 7.76 -6.47
CA ASP B 226 -107.62 8.35 -7.44
C ASP B 226 -106.36 7.48 -7.51
N GLU B 227 -105.76 7.16 -6.35
CA GLU B 227 -104.50 6.41 -6.33
C GLU B 227 -104.68 4.97 -6.81
N PHE B 228 -105.75 4.31 -6.38
CA PHE B 228 -106.00 2.92 -6.78
C PHE B 228 -106.27 2.87 -8.28
N PHE B 229 -106.97 3.88 -8.81
CA PHE B 229 -107.20 3.98 -10.24
C PHE B 229 -105.88 4.05 -10.99
N HIS B 230 -104.96 4.91 -10.55
CA HIS B 230 -103.71 5.04 -11.27
C HIS B 230 -102.92 3.72 -11.19
N ALA B 231 -102.91 3.08 -10.00
CA ALA B 231 -102.19 1.81 -9.85
C ALA B 231 -102.80 0.76 -10.75
N TYR B 232 -104.13 0.69 -10.84
CA TYR B 232 -104.75 -0.33 -11.64
C TYR B 232 -104.37 -0.13 -13.11
N GLN B 233 -104.47 1.11 -13.59
CA GLN B 233 -104.24 1.38 -14.99
C GLN B 233 -102.78 1.13 -15.36
N ILE B 234 -101.83 1.51 -14.48
CA ILE B 234 -100.42 1.21 -14.77
C ILE B 234 -100.23 -0.30 -14.75
N ALA B 235 -100.81 -0.98 -13.76
CA ALA B 235 -100.59 -2.42 -13.67
C ALA B 235 -101.13 -3.12 -14.90
N ARG B 236 -102.30 -2.70 -15.41
CA ARG B 236 -102.82 -3.33 -16.60
C ARG B 236 -101.90 -3.10 -17.81
N TYR B 237 -101.36 -1.89 -17.93
CA TYR B 237 -100.41 -1.51 -18.98
C TYR B 237 -99.22 -2.45 -18.89
N CYS B 238 -98.61 -2.54 -17.70
CA CYS B 238 -97.41 -3.37 -17.58
C CYS B 238 -97.72 -4.85 -17.80
N ASP B 239 -98.90 -5.34 -17.38
CA ASP B 239 -99.27 -6.73 -17.60
C ASP B 239 -99.41 -7.04 -19.09
N GLU B 240 -99.97 -6.09 -19.88
CA GLU B 240 -100.15 -6.31 -21.30
C GLU B 240 -98.79 -6.37 -22.01
N VAL B 241 -97.85 -5.49 -21.62
CA VAL B 241 -96.52 -5.55 -22.21
C VAL B 241 -95.88 -6.89 -21.87
N THR B 242 -95.99 -7.29 -20.60
CA THR B 242 -95.43 -8.54 -20.08
C THR B 242 -95.99 -9.73 -20.85
N VAL B 243 -97.31 -9.79 -21.03
CA VAL B 243 -97.91 -10.94 -21.69
C VAL B 243 -97.39 -11.05 -23.14
N ALA B 244 -97.30 -9.91 -23.85
CA ALA B 244 -96.87 -9.89 -25.23
C ALA B 244 -95.44 -10.41 -25.33
N GLY B 245 -94.57 -9.97 -24.40
CA GLY B 245 -93.18 -10.44 -24.45
C GLY B 245 -93.08 -11.91 -24.12
N LYS B 246 -93.76 -12.36 -23.05
CA LYS B 246 -93.70 -13.76 -22.67
C LYS B 246 -94.23 -14.70 -23.74
N ALA B 247 -95.16 -14.22 -24.56
CA ALA B 247 -95.66 -15.03 -25.69
C ALA B 247 -94.55 -15.36 -26.66
N ILE B 248 -93.52 -14.51 -26.77
CA ILE B 248 -92.33 -14.76 -27.58
C ILE B 248 -91.35 -15.67 -26.84
N LYS B 249 -90.96 -15.28 -25.60
CA LYS B 249 -90.06 -16.07 -24.80
C LYS B 249 -90.45 -15.89 -23.34
N ASN B 250 -90.85 -16.99 -22.67
CA ASN B 250 -91.49 -16.97 -21.37
C ASN B 250 -90.45 -16.89 -20.25
N LEU B 251 -89.67 -15.80 -20.22
CA LEU B 251 -88.78 -15.52 -19.11
C LEU B 251 -89.58 -14.95 -17.93
N PRO B 252 -89.06 -15.11 -16.70
CA PRO B 252 -89.56 -14.36 -15.55
C PRO B 252 -89.46 -12.87 -15.80
N MET B 253 -90.49 -12.11 -15.41
CA MET B 253 -90.49 -10.67 -15.61
C MET B 253 -91.07 -10.04 -14.34
N TYR B 254 -90.58 -8.86 -14.00
CA TYR B 254 -90.94 -8.22 -12.74
C TYR B 254 -90.94 -6.72 -12.90
N VAL B 255 -91.55 -6.03 -11.93
CA VAL B 255 -91.52 -4.58 -11.82
C VAL B 255 -90.81 -4.17 -10.53
N ASN B 256 -90.18 -2.98 -10.52
CA ASN B 256 -89.45 -2.42 -9.39
C ASN B 256 -90.07 -1.13 -8.87
N VAL B 257 -90.17 -1.05 -7.58
CA VAL B 257 -90.99 -0.02 -6.95
C VAL B 257 -90.13 1.08 -6.35
N ALA B 258 -90.43 2.33 -6.72
CA ALA B 258 -90.02 3.53 -6.01
C ALA B 258 -90.81 3.57 -4.70
N LEU B 259 -90.22 3.17 -3.58
CA LEU B 259 -90.97 2.90 -2.38
C LEU B 259 -91.50 4.17 -1.75
N ARG B 260 -92.64 4.01 -1.08
CA ARG B 260 -93.03 5.02 -0.11
C ARG B 260 -92.49 4.53 1.25
N ASN B 261 -92.23 5.47 2.14
CA ASN B 261 -91.80 5.10 3.48
C ASN B 261 -92.93 4.30 4.11
N PRO B 262 -92.70 3.08 4.62
CA PRO B 262 -93.77 2.28 5.17
C PRO B 262 -94.37 2.72 6.51
N PHE B 263 -93.66 3.56 7.24
CA PHE B 263 -94.14 4.04 8.54
C PHE B 263 -94.81 5.41 8.40
N ASN B 264 -94.39 6.22 7.42
CA ASN B 264 -94.76 7.63 7.28
C ASN B 264 -94.63 8.01 5.79
N PRO B 265 -95.58 7.53 4.97
CA PRO B 265 -95.39 7.64 3.51
C PRO B 265 -95.55 9.02 2.93
N GLY B 266 -96.31 9.87 3.61
CA GLY B 266 -96.70 11.04 2.87
C GLY B 266 -97.78 10.67 1.86
N LEU B 267 -98.02 11.63 0.94
CA LEU B 267 -99.17 11.53 0.05
C LEU B 267 -98.74 11.03 -1.34
N PRO B 268 -99.62 10.30 -2.05
CA PRO B 268 -99.32 9.85 -3.40
C PRO B 268 -99.09 11.09 -4.25
N GLY B 269 -98.05 11.06 -5.06
CA GLY B 269 -97.56 12.19 -5.83
C GLY B 269 -96.36 12.87 -5.20
N GLN B 270 -96.27 12.78 -3.85
CA GLN B 270 -95.02 13.04 -3.12
C GLN B 270 -94.12 11.84 -3.33
N TYR B 271 -94.65 10.66 -2.99
CA TYR B 271 -94.05 9.44 -3.49
C TYR B 271 -94.63 9.16 -4.87
N SER B 272 -94.04 8.21 -5.61
CA SER B 272 -94.46 7.92 -6.97
C SER B 272 -95.81 7.19 -7.00
N SER B 273 -96.89 7.92 -7.32
CA SER B 273 -98.23 7.35 -7.27
C SER B 273 -98.42 6.33 -8.39
N GLY B 274 -99.01 5.19 -8.05
CA GLY B 274 -99.42 4.19 -9.02
C GLY B 274 -98.46 3.03 -9.16
N GLY B 275 -97.24 3.19 -8.63
CA GLY B 275 -96.37 2.04 -8.58
C GLY B 275 -96.82 1.07 -7.49
N GLY B 276 -96.10 -0.05 -7.36
CA GLY B 276 -96.46 -1.12 -6.43
C GLY B 276 -96.07 -0.83 -5.00
N THR B 277 -96.55 0.33 -4.49
CA THR B 277 -96.31 0.67 -3.10
C THR B 277 -97.16 -0.24 -2.18
N ASP B 278 -96.82 -0.24 -0.89
CA ASP B 278 -97.33 -1.28 -0.01
C ASP B 278 -98.86 -1.23 0.09
N ASN B 279 -99.47 -0.06 -0.10
CA ASN B 279 -100.91 0.05 0.00
C ASN B 279 -101.67 -0.34 -1.26
N VAL B 280 -100.98 -0.63 -2.39
CA VAL B 280 -101.68 -1.01 -3.60
C VAL B 280 -101.14 -2.35 -4.12
N LEU B 281 -100.47 -3.12 -3.25
CA LEU B 281 -100.04 -4.45 -3.69
C LEU B 281 -101.24 -5.31 -4.06
N HIS B 282 -102.37 -5.15 -3.34
CA HIS B 282 -103.54 -5.94 -3.67
C HIS B 282 -104.07 -5.58 -5.05
N ILE B 283 -104.00 -4.31 -5.42
CA ILE B 283 -104.43 -3.88 -6.75
C ILE B 283 -103.51 -4.48 -7.81
N TRP B 284 -102.18 -4.35 -7.60
CA TRP B 284 -101.22 -4.84 -8.57
C TRP B 284 -101.34 -6.36 -8.76
N LYS B 285 -101.52 -7.12 -7.66
CA LYS B 285 -101.64 -8.56 -7.82
C LYS B 285 -102.93 -8.96 -8.55
N ALA B 286 -104.03 -8.25 -8.30
CA ALA B 286 -105.27 -8.51 -9.02
C ALA B 286 -105.15 -8.14 -10.49
N ALA B 287 -104.54 -6.99 -10.75
CA ALA B 287 -104.53 -6.40 -12.09
C ALA B 287 -103.46 -6.99 -13.01
N ALA B 288 -102.39 -7.52 -12.45
CA ALA B 288 -101.26 -7.89 -13.28
C ALA B 288 -100.83 -9.31 -12.93
N PRO B 289 -101.69 -10.33 -13.22
CA PRO B 289 -101.36 -11.70 -12.86
C PRO B 289 -100.19 -12.32 -13.60
N ASN B 290 -99.76 -11.71 -14.70
CA ASN B 290 -98.69 -12.26 -15.52
C ASN B 290 -97.32 -11.76 -15.07
N ILE B 291 -97.30 -10.72 -14.23
CA ILE B 291 -96.04 -10.22 -13.70
C ILE B 291 -95.62 -11.12 -12.54
N ASP B 292 -94.39 -11.60 -12.55
CA ASP B 292 -93.97 -12.65 -11.61
C ASP B 292 -93.76 -12.17 -10.18
N LEU B 293 -93.21 -10.97 -9.99
CA LEU B 293 -93.05 -10.40 -8.67
C LEU B 293 -92.91 -8.89 -8.75
N ILE B 294 -93.14 -8.26 -7.58
CA ILE B 294 -93.01 -6.83 -7.36
C ILE B 294 -91.84 -6.63 -6.41
N ALA B 295 -90.79 -5.93 -6.88
CA ALA B 295 -89.49 -5.83 -6.24
C ALA B 295 -89.28 -4.46 -5.61
N PRO B 296 -88.92 -4.41 -4.31
CA PRO B 296 -88.62 -3.12 -3.68
C PRO B 296 -87.26 -2.58 -4.09
N ASP B 297 -87.20 -1.26 -4.28
CA ASP B 297 -85.95 -0.52 -4.49
C ASP B 297 -85.65 0.22 -3.20
N ILE B 298 -84.53 -0.12 -2.56
CA ILE B 298 -84.31 0.31 -1.18
C ILE B 298 -83.16 1.31 -1.07
N TYR B 299 -83.49 2.55 -0.71
CA TYR B 299 -82.48 3.57 -0.41
C TYR B 299 -82.59 4.09 1.03
N PHE B 300 -83.53 3.54 1.81
CA PHE B 300 -83.53 3.78 3.26
C PHE B 300 -82.31 3.09 3.84
N ARG B 301 -81.58 3.77 4.74
CA ARG B 301 -80.35 3.23 5.30
C ARG B 301 -80.57 2.47 6.61
N ASP B 302 -81.61 2.88 7.34
CA ASP B 302 -81.77 2.47 8.73
C ASP B 302 -82.42 1.11 8.84
N TYR B 303 -81.91 0.33 9.79
CA TYR B 303 -82.29 -1.04 9.97
C TYR B 303 -83.81 -1.19 10.14
N LYS B 304 -84.46 -0.33 10.96
CA LYS B 304 -85.86 -0.60 11.18
C LYS B 304 -86.74 -0.42 9.94
N THR B 305 -86.39 0.57 9.13
CA THR B 305 -87.16 0.89 7.93
C THR B 305 -86.92 -0.17 6.86
N VAL B 306 -85.66 -0.53 6.69
CA VAL B 306 -85.32 -1.57 5.72
C VAL B 306 -85.98 -2.87 6.12
N SER B 307 -85.91 -3.27 7.39
CA SER B 307 -86.55 -4.47 7.87
C SER B 307 -88.05 -4.48 7.57
N LYS B 308 -88.72 -3.34 7.74
CA LYS B 308 -90.13 -3.28 7.49
C LYS B 308 -90.45 -3.45 6.02
N VAL B 309 -89.61 -2.86 5.16
CA VAL B 309 -89.81 -3.06 3.73
C VAL B 309 -89.67 -4.52 3.35
N LEU B 310 -88.65 -5.22 3.91
CA LEU B 310 -88.47 -6.62 3.55
C LEU B 310 -89.66 -7.44 4.01
N GLU B 311 -90.22 -7.08 5.19
CA GLU B 311 -91.40 -7.77 5.68
C GLU B 311 -92.60 -7.56 4.74
N LEU B 312 -92.84 -6.34 4.27
CA LEU B 312 -94.01 -6.03 3.47
C LEU B 312 -93.97 -6.68 2.09
N TYR B 313 -92.77 -6.78 1.51
CA TYR B 313 -92.64 -7.32 0.17
C TYR B 313 -92.39 -8.81 0.12
N THR B 314 -92.16 -9.48 1.27
CA THR B 314 -92.06 -10.93 1.28
C THR B 314 -93.41 -11.50 1.67
N ARG B 315 -94.08 -12.13 0.70
CA ARG B 315 -95.44 -12.58 0.85
C ARG B 315 -95.58 -13.94 0.23
N PRO B 316 -96.58 -14.76 0.64
CA PRO B 316 -96.83 -15.99 -0.07
C PRO B 316 -97.05 -15.84 -1.58
N ASP B 317 -97.62 -14.70 -2.00
CA ASP B 317 -97.81 -14.38 -3.39
C ASP B 317 -96.72 -13.47 -4.02
N ASN B 318 -95.59 -13.27 -3.33
CA ASN B 318 -94.57 -12.34 -3.86
C ASN B 318 -93.20 -12.72 -3.36
N ALA B 319 -92.40 -13.31 -4.27
CA ALA B 319 -91.00 -13.58 -4.00
C ALA B 319 -90.31 -12.25 -3.71
N LEU B 320 -89.32 -12.30 -2.82
CA LEU B 320 -88.53 -11.14 -2.48
C LEU B 320 -87.30 -11.03 -3.38
N PHE B 321 -87.21 -9.89 -4.07
CA PHE B 321 -86.04 -9.55 -4.90
C PHE B 321 -85.70 -8.09 -4.61
N VAL B 322 -84.52 -7.84 -4.03
CA VAL B 322 -84.08 -6.46 -3.81
C VAL B 322 -83.44 -5.95 -5.10
N ALA B 323 -84.27 -5.36 -5.97
CA ALA B 323 -83.89 -5.03 -7.34
C ALA B 323 -82.97 -3.82 -7.44
N GLU B 324 -82.93 -3.02 -6.39
CA GLU B 324 -82.06 -1.85 -6.31
C GLU B 324 -81.80 -1.63 -4.82
N ILE B 325 -80.54 -1.37 -4.44
CA ILE B 325 -80.22 -1.00 -3.07
C ILE B 325 -78.98 -0.11 -3.16
N GLY B 326 -78.81 0.82 -2.21
CA GLY B 326 -77.63 1.67 -2.20
C GLY B 326 -76.32 0.90 -2.13
N ASN B 327 -75.23 1.57 -2.57
CA ASN B 327 -73.92 0.97 -2.61
C ASN B 327 -73.01 1.52 -1.52
N ASP B 328 -73.57 2.31 -0.58
CA ASP B 328 -72.76 2.75 0.54
C ASP B 328 -72.64 1.61 1.54
N GLN B 329 -71.61 1.69 2.38
CA GLN B 329 -71.27 0.64 3.31
C GLN B 329 -72.43 0.13 4.17
N PRO B 330 -73.38 0.94 4.68
CA PRO B 330 -74.39 0.39 5.59
C PRO B 330 -75.33 -0.62 4.95
N PHE B 331 -75.43 -0.58 3.61
CA PHE B 331 -76.40 -1.38 2.89
C PHE B 331 -75.98 -2.85 2.73
N ALA B 332 -74.69 -3.12 2.81
CA ALA B 332 -74.19 -4.45 2.48
C ALA B 332 -74.81 -5.51 3.36
N ARG B 333 -74.98 -5.21 4.65
CA ARG B 333 -75.41 -6.20 5.62
C ARG B 333 -76.86 -6.63 5.36
N TYR B 334 -77.57 -5.87 4.55
CA TYR B 334 -78.98 -6.20 4.32
C TYR B 334 -79.11 -7.41 3.41
N LEU B 335 -77.99 -7.87 2.82
CA LEU B 335 -78.01 -9.17 2.14
C LEU B 335 -78.48 -10.28 3.06
N PHE B 336 -78.08 -10.23 4.32
CA PHE B 336 -78.35 -11.34 5.22
C PHE B 336 -79.83 -11.51 5.50
N PRO B 337 -80.59 -10.48 5.94
CA PRO B 337 -82.04 -10.70 6.12
C PRO B 337 -82.76 -10.92 4.80
N THR B 338 -82.27 -10.34 3.69
CA THR B 338 -82.90 -10.60 2.41
C THR B 338 -82.88 -12.10 2.11
N LEU B 339 -81.72 -12.72 2.29
CA LEU B 339 -81.63 -14.16 2.01
C LEU B 339 -82.37 -14.97 3.07
N GLY B 340 -82.36 -14.49 4.31
CA GLY B 340 -83.04 -15.19 5.40
C GLY B 340 -84.55 -15.27 5.22
N LYS B 341 -85.10 -14.26 4.54
CA LYS B 341 -86.53 -14.26 4.19
C LYS B 341 -86.84 -15.12 2.98
N GLY B 342 -85.85 -15.81 2.43
CA GLY B 342 -86.08 -16.59 1.23
C GLY B 342 -85.91 -15.78 -0.04
N GLY B 343 -85.30 -14.60 0.07
CA GLY B 343 -85.10 -13.76 -1.11
C GLY B 343 -84.33 -14.45 -2.22
N ILE B 344 -84.70 -14.11 -3.47
CA ILE B 344 -84.02 -14.71 -4.63
C ILE B 344 -82.87 -13.85 -5.11
N GLY B 345 -82.70 -12.63 -4.60
CA GLY B 345 -81.60 -11.81 -5.10
C GLY B 345 -81.53 -10.44 -4.47
N PHE B 346 -80.41 -9.80 -4.79
CA PHE B 346 -79.94 -8.56 -4.18
C PHE B 346 -79.07 -7.83 -5.18
N SER B 347 -79.38 -6.57 -5.53
CA SER B 347 -78.72 -5.88 -6.64
C SER B 347 -78.37 -4.43 -6.26
N PRO B 348 -77.17 -4.20 -5.65
CA PRO B 348 -76.68 -2.85 -5.38
C PRO B 348 -76.51 -2.02 -6.64
N PHE B 349 -76.85 -0.74 -6.53
CA PHE B 349 -76.93 0.13 -7.68
C PHE B 349 -75.64 0.96 -7.81
N GLY B 350 -75.23 1.22 -9.03
CA GLY B 350 -74.16 2.14 -9.29
C GLY B 350 -72.78 1.50 -9.23
N MET B 351 -72.72 0.24 -9.61
CA MET B 351 -71.48 -0.53 -9.47
C MET B 351 -70.71 -0.46 -10.79
N ASP B 352 -70.28 0.75 -11.14
CA ASP B 352 -69.43 0.90 -12.32
C ASP B 352 -68.57 2.14 -12.11
N ASP B 353 -67.58 2.29 -13.00
CA ASP B 353 -66.61 3.35 -12.92
C ASP B 353 -66.83 4.37 -14.04
N THR B 354 -68.07 4.81 -14.21
CA THR B 354 -68.46 5.71 -15.30
C THR B 354 -68.50 7.16 -14.81
N ASP B 355 -67.86 7.46 -13.68
CA ASP B 355 -67.67 8.83 -13.20
C ASP B 355 -69.00 9.46 -12.83
N TYR B 356 -69.76 8.74 -12.01
CA TYR B 356 -70.99 9.26 -11.47
C TYR B 356 -71.21 8.65 -10.08
N THR B 357 -71.70 9.48 -9.14
N THR B 357 -71.72 9.48 -9.17
CA THR B 357 -72.22 8.99 -7.87
CA THR B 357 -72.27 8.97 -7.91
C THR B 357 -73.52 9.73 -7.58
C THR B 357 -73.55 9.74 -7.62
N ASN B 358 -74.55 8.98 -7.13
CA ASN B 358 -75.80 9.56 -6.69
C ASN B 358 -75.77 9.92 -5.21
N TYR B 359 -74.57 9.93 -4.61
CA TYR B 359 -74.51 10.55 -3.30
C TYR B 359 -75.35 11.82 -3.25
N PRO B 360 -76.16 12.07 -2.21
CA PRO B 360 -76.16 11.33 -0.93
C PRO B 360 -76.97 10.03 -0.84
N LEU B 361 -77.51 9.53 -1.94
CA LEU B 361 -78.20 8.24 -1.89
C LEU B 361 -77.19 7.11 -1.66
N GLY B 362 -76.19 7.02 -2.53
CA GLY B 362 -75.17 5.99 -2.50
C GLY B 362 -73.86 6.49 -1.94
N ALA B 363 -72.76 5.80 -2.22
CA ALA B 363 -71.45 6.16 -1.68
C ALA B 363 -70.94 7.47 -2.25
N LYS B 364 -70.27 8.25 -1.39
CA LYS B 364 -69.71 9.52 -1.83
C LYS B 364 -68.52 9.30 -2.76
N VAL B 365 -67.73 8.26 -2.48
CA VAL B 365 -66.55 7.95 -3.28
C VAL B 365 -66.72 6.50 -3.74
N TYR B 366 -66.64 6.32 -5.04
CA TYR B 366 -66.65 4.99 -5.64
C TYR B 366 -65.24 4.49 -5.91
N ASN B 367 -64.81 3.54 -5.09
CA ASN B 367 -63.48 3.01 -5.24
C ASN B 367 -63.44 1.55 -4.82
N ASP B 368 -62.25 0.96 -4.73
CA ASP B 368 -62.15 -0.45 -4.42
C ASP B 368 -62.71 -0.77 -3.03
N GLU B 369 -62.57 0.14 -2.07
CA GLU B 369 -63.08 -0.06 -0.73
C GLU B 369 -64.61 -0.11 -0.77
N THR B 370 -65.23 0.72 -1.61
CA THR B 370 -66.67 0.68 -1.76
C THR B 370 -67.16 -0.70 -2.22
N ILE B 371 -66.49 -1.22 -3.23
CA ILE B 371 -66.85 -2.52 -3.77
C ILE B 371 -66.59 -3.64 -2.78
N GLU B 372 -65.49 -3.51 -2.02
CA GLU B 372 -65.09 -4.57 -1.11
C GLU B 372 -66.12 -4.81 -0.02
N GLN B 373 -66.90 -3.79 0.36
CA GLN B 373 -67.88 -4.03 1.40
C GLN B 373 -68.89 -5.08 0.94
N PHE B 374 -69.25 -5.03 -0.35
CA PHE B 374 -70.13 -6.04 -0.91
C PHE B 374 -69.39 -7.34 -1.23
N ALA B 375 -68.15 -7.21 -1.73
CA ALA B 375 -67.42 -8.43 -2.06
C ALA B 375 -67.31 -9.34 -0.83
N GLN B 376 -67.15 -8.74 0.35
CA GLN B 376 -66.92 -9.50 1.56
C GLN B 376 -68.16 -10.30 1.95
N VAL B 377 -69.36 -9.78 1.69
CA VAL B 377 -70.55 -10.54 2.01
C VAL B 377 -70.86 -11.54 0.91
N TYR B 378 -70.67 -11.15 -0.36
CA TYR B 378 -70.94 -12.12 -1.41
C TYR B 378 -70.01 -13.34 -1.33
N ARG B 379 -68.80 -13.17 -0.79
CA ARG B 379 -67.90 -14.32 -0.60
C ARG B 379 -68.41 -15.34 0.40
N LEU B 380 -69.36 -14.97 1.25
CA LEU B 380 -69.98 -15.91 2.18
C LEU B 380 -70.95 -16.83 1.43
N VAL B 381 -71.60 -16.27 0.39
CA VAL B 381 -72.72 -16.96 -0.25
C VAL B 381 -72.30 -17.70 -1.52
N ASN B 382 -71.43 -17.09 -2.34
CA ASN B 382 -70.96 -17.68 -3.60
C ASN B 382 -70.53 -19.14 -3.43
N PRO B 383 -69.74 -19.52 -2.41
CA PRO B 383 -69.27 -20.91 -2.36
C PRO B 383 -70.36 -21.93 -2.08
N MET B 384 -71.53 -21.49 -1.61
CA MET B 384 -72.67 -22.36 -1.34
C MET B 384 -73.93 -21.92 -2.10
N MET B 385 -73.80 -21.24 -3.22
CA MET B 385 -74.96 -20.52 -3.76
C MET B 385 -76.09 -21.49 -4.09
N ARG B 386 -75.78 -22.57 -4.79
CA ARG B 386 -76.84 -23.49 -5.20
C ARG B 386 -77.43 -24.24 -4.01
N GLU B 387 -76.59 -24.62 -3.05
CA GLU B 387 -77.06 -25.35 -1.89
C GLU B 387 -77.96 -24.47 -1.04
N TRP B 388 -77.55 -23.23 -0.81
CA TRP B 388 -78.37 -22.25 -0.11
C TRP B 388 -79.71 -22.05 -0.82
N ALA B 389 -79.65 -21.83 -2.12
CA ALA B 389 -80.87 -21.56 -2.88
C ALA B 389 -81.87 -22.70 -2.73
N ARG B 390 -81.40 -23.95 -2.77
CA ARG B 390 -82.30 -25.06 -2.55
C ARG B 390 -82.85 -25.10 -1.13
N LEU B 391 -81.99 -24.92 -0.11
CA LEU B 391 -82.50 -24.96 1.24
C LEU B 391 -83.50 -23.85 1.49
N SER B 392 -83.28 -22.69 0.86
CA SER B 392 -84.15 -21.53 1.00
C SER B 392 -85.56 -21.86 0.49
N TYR B 393 -85.56 -22.51 -0.67
CA TYR B 393 -86.82 -22.90 -1.32
C TYR B 393 -87.52 -24.02 -0.55
N GLN B 394 -86.75 -25.07 -0.20
CA GLN B 394 -87.32 -26.38 0.13
C GLN B 394 -87.21 -26.63 1.62
N GLY B 395 -86.63 -25.69 2.36
CA GLY B 395 -86.18 -25.95 3.72
C GLY B 395 -86.36 -24.72 4.61
N GLN B 396 -85.49 -24.70 5.62
CA GLN B 396 -85.56 -23.71 6.63
C GLN B 396 -84.21 -23.01 6.58
N VAL B 397 -84.34 -21.72 6.32
CA VAL B 397 -83.24 -20.80 6.44
C VAL B 397 -83.63 -19.63 7.35
N TRP B 398 -82.59 -18.97 7.87
CA TRP B 398 -82.69 -17.78 8.66
C TRP B 398 -81.56 -16.83 8.27
N GLY B 399 -81.74 -15.54 8.51
CA GLY B 399 -80.69 -14.57 8.23
C GLY B 399 -80.99 -13.28 8.99
N VAL B 400 -79.96 -12.71 9.57
CA VAL B 400 -80.07 -11.48 10.39
C VAL B 400 -78.92 -10.55 10.05
N ALA B 401 -79.16 -9.24 10.25
CA ALA B 401 -78.16 -8.22 10.19
C ALA B 401 -78.09 -7.47 11.52
N GLU B 402 -76.93 -6.90 11.75
CA GLU B 402 -76.68 -6.03 12.91
C GLU B 402 -77.75 -4.94 13.04
N PRO B 403 -78.55 -4.97 14.15
CA PRO B 403 -79.81 -4.24 14.20
C PRO B 403 -79.73 -2.82 14.75
N LEU B 404 -78.55 -2.35 15.14
CA LEU B 404 -78.34 -0.95 15.45
C LEU B 404 -77.49 -0.38 14.32
N ASP B 405 -77.90 0.78 13.84
CA ASP B 405 -77.15 1.52 12.86
C ASP B 405 -75.96 2.20 13.54
N SER B 406 -75.04 2.71 12.76
CA SER B 406 -73.83 3.30 13.32
C SER B 406 -74.21 4.49 14.18
N THR B 407 -73.48 4.66 15.29
CA THR B 407 -73.66 5.79 16.19
C THR B 407 -73.34 7.08 15.44
N THR B 408 -74.25 8.04 15.56
CA THR B 408 -74.10 9.38 15.03
C THR B 408 -73.13 10.22 15.87
N GLU B 409 -72.73 11.38 15.33
CA GLU B 409 -72.01 12.40 16.10
C GLU B 409 -72.95 13.02 17.13
N THR B 410 -74.27 12.97 16.90
CA THR B 410 -75.28 13.36 17.87
C THR B 410 -75.18 12.48 19.12
N GLN B 411 -75.43 11.17 18.96
CA GLN B 411 -75.19 10.16 19.97
C GLN B 411 -73.73 10.24 20.45
N LYS B 412 -72.81 10.70 19.60
CA LYS B 412 -71.41 10.78 19.95
C LYS B 412 -71.21 11.80 21.07
N ILE B 413 -71.98 12.90 20.98
CA ILE B 413 -71.94 13.97 21.98
C ILE B 413 -72.68 13.50 23.23
N TRP B 414 -73.92 13.00 23.06
CA TRP B 414 -74.76 12.62 24.18
C TRP B 414 -74.14 11.46 24.95
N ASN B 415 -72.92 11.08 24.56
CA ASN B 415 -72.21 10.00 25.22
C ASN B 415 -71.10 10.60 26.08
N ALA B 416 -70.47 11.68 25.56
CA ALA B 416 -69.37 12.34 26.24
C ALA B 416 -69.85 12.88 27.59
N GLU B 417 -71.16 13.16 27.69
CA GLU B 417 -71.79 13.67 28.90
C GLU B 417 -72.18 12.50 29.82
N ALA B 418 -73.48 12.28 29.97
CA ALA B 418 -73.97 11.26 30.89
C ALA B 418 -73.07 11.19 32.11
N GLU B 421 -72.97 6.70 35.16
CA GLU B 421 -74.14 5.87 35.55
C GLU B 421 -75.09 5.71 34.36
N GLU B 422 -75.22 6.77 33.54
CA GLU B 422 -76.06 6.73 32.35
C GLU B 422 -75.36 5.93 31.26
N LYS B 423 -74.05 6.15 31.08
CA LYS B 423 -73.24 5.41 30.11
C LYS B 423 -73.39 3.90 30.34
N GLU B 424 -73.39 3.45 31.60
CA GLU B 424 -73.45 2.03 31.92
C GLU B 424 -74.81 1.45 31.51
N GLN B 425 -75.91 2.20 31.69
CA GLN B 425 -77.23 1.67 31.36
C GLN B 425 -77.40 1.58 29.84
N HIS B 426 -76.87 2.60 29.16
CA HIS B 426 -76.87 2.72 27.71
C HIS B 426 -76.14 1.52 27.12
N LYS B 427 -74.97 1.20 27.71
CA LYS B 427 -74.19 0.06 27.31
C LYS B 427 -75.02 -1.22 27.43
N LYS B 428 -75.73 -1.38 28.57
CA LYS B 428 -76.57 -2.54 28.79
C LYS B 428 -77.68 -2.63 27.74
N ASP B 429 -78.27 -1.48 27.40
CA ASP B 429 -79.38 -1.43 26.47
C ASP B 429 -78.91 -1.76 25.05
N ARG B 430 -77.76 -1.24 24.69
CA ARG B 430 -77.17 -1.53 23.39
C ARG B 430 -76.78 -3.02 23.33
N ALA B 431 -76.23 -3.56 24.40
CA ALA B 431 -75.88 -5.00 24.38
C ALA B 431 -77.13 -5.84 24.14
N SER B 432 -78.26 -5.49 24.76
CA SER B 432 -79.47 -6.27 24.60
C SER B 432 -80.01 -6.17 23.17
N ALA B 433 -79.96 -4.94 22.62
CA ALA B 433 -80.44 -4.70 21.28
C ALA B 433 -79.53 -5.40 20.26
N LEU B 434 -78.25 -5.60 20.62
CA LEU B 434 -77.28 -6.25 19.72
C LEU B 434 -77.20 -7.75 19.92
N THR B 435 -78.28 -8.32 20.49
CA THR B 435 -78.42 -9.71 20.76
C THR B 435 -79.71 -10.17 20.11
N GLN B 436 -79.63 -11.12 19.14
CA GLN B 436 -80.80 -11.62 18.43
C GLN B 436 -80.98 -13.11 18.72
N GLN B 437 -82.24 -13.52 18.97
N GLN B 437 -82.23 -13.54 18.95
CA GLN B 437 -82.62 -14.91 19.12
CA GLN B 437 -82.55 -14.94 19.15
C GLN B 437 -83.24 -15.44 17.83
C GLN B 437 -83.30 -15.49 17.94
N LEU B 438 -82.90 -16.69 17.51
CA LEU B 438 -83.51 -17.44 16.43
C LEU B 438 -83.90 -18.82 16.93
N ASP B 439 -85.15 -19.20 16.67
CA ASP B 439 -85.69 -20.50 17.02
C ASP B 439 -85.51 -21.46 15.85
N LEU B 440 -84.56 -22.41 16.01
CA LEU B 440 -84.19 -23.31 14.94
C LEU B 440 -84.78 -24.71 15.16
N GLY B 441 -85.84 -24.81 15.97
CA GLY B 441 -86.46 -26.12 16.19
C GLY B 441 -86.09 -26.66 17.56
N LEU B 442 -85.24 -27.70 17.59
CA LEU B 442 -84.77 -28.25 18.85
C LEU B 442 -83.71 -27.38 19.50
N TRP B 443 -83.11 -26.49 18.68
CA TRP B 443 -82.02 -25.62 19.07
C TRP B 443 -82.36 -24.18 18.75
N ASP B 444 -81.74 -23.27 19.50
CA ASP B 444 -81.84 -21.86 19.23
C ASP B 444 -80.43 -21.36 18.95
N ALA B 445 -80.35 -20.27 18.22
CA ALA B 445 -79.11 -19.55 18.09
C ALA B 445 -79.27 -18.15 18.65
N GLU B 446 -78.19 -17.65 19.23
CA GLU B 446 -78.07 -16.28 19.69
C GLU B 446 -76.96 -15.64 18.88
N VAL B 447 -77.29 -14.57 18.17
CA VAL B 447 -76.32 -13.84 17.36
C VAL B 447 -76.03 -12.50 18.04
N THR B 448 -74.76 -12.22 18.25
CA THR B 448 -74.33 -10.99 18.89
C THR B 448 -73.28 -10.30 18.04
N TYR B 449 -73.09 -9.02 18.23
CA TYR B 449 -72.25 -8.23 17.36
C TYR B 449 -71.27 -7.33 18.11
N GLY B 450 -69.99 -7.40 17.70
CA GLY B 450 -68.99 -6.46 18.16
C GLY B 450 -68.43 -6.87 19.52
N ARG B 451 -67.78 -8.03 19.55
CA ARG B 451 -67.20 -8.53 20.79
C ARG B 451 -65.96 -9.35 20.46
N PRO B 452 -65.06 -9.55 21.45
CA PRO B 452 -63.91 -10.41 21.21
C PRO B 452 -64.30 -11.83 20.82
N MET B 453 -63.30 -12.59 20.37
CA MET B 453 -63.52 -13.96 19.95
C MET B 453 -63.27 -14.95 21.09
N PHE B 454 -63.03 -14.40 22.28
CA PHE B 454 -62.71 -15.15 23.49
C PHE B 454 -63.46 -14.52 24.66
N TRP B 455 -63.97 -15.34 25.59
CA TRP B 455 -64.65 -14.90 26.79
C TRP B 455 -66.01 -14.29 26.43
N VAL B 456 -66.68 -13.59 27.37
CA VAL B 456 -68.09 -13.25 27.24
C VAL B 456 -68.39 -11.78 27.56
N THR B 457 -67.42 -10.89 27.43
CA THR B 457 -67.66 -9.45 27.43
C THR B 457 -68.86 -9.11 26.55
N PRO B 458 -69.85 -8.32 27.04
CA PRO B 458 -71.04 -8.05 26.28
C PRO B 458 -70.75 -7.39 24.93
N PRO B 459 -71.62 -7.64 23.94
CA PRO B 459 -71.49 -6.96 22.64
C PRO B 459 -71.64 -5.45 22.68
N GLU B 460 -70.83 -4.77 21.87
CA GLU B 460 -70.83 -3.31 21.80
C GLU B 460 -71.07 -2.83 20.36
N GLY B 461 -71.21 -3.77 19.42
CA GLY B 461 -71.46 -3.41 18.04
C GLY B 461 -70.16 -3.17 17.27
N ASN B 462 -70.24 -3.35 15.96
CA ASN B 462 -69.19 -2.99 15.03
C ASN B 462 -69.26 -1.50 14.70
N THR B 463 -68.09 -0.95 14.35
CA THR B 463 -68.00 0.44 13.93
C THR B 463 -67.32 0.45 12.58
N PRO B 464 -68.06 0.74 11.48
CA PRO B 464 -69.51 0.97 11.45
C PRO B 464 -70.33 -0.31 11.54
N ALA B 465 -71.64 -0.21 11.75
CA ALA B 465 -72.52 -1.38 11.77
C ALA B 465 -72.32 -2.18 10.47
N ALA B 466 -72.20 -3.51 10.56
CA ALA B 466 -71.78 -4.29 9.40
C ALA B 466 -72.10 -5.78 9.52
N GLY B 467 -72.43 -6.31 10.70
CA GLY B 467 -72.41 -7.75 10.85
C GLY B 467 -73.70 -8.43 10.41
N GLY B 468 -73.63 -9.75 10.27
CA GLY B 468 -74.82 -10.53 10.07
C GLY B 468 -74.52 -12.01 10.06
N ALA B 469 -75.55 -12.81 9.82
CA ALA B 469 -75.43 -14.26 9.94
C ALA B 469 -76.49 -14.91 9.08
N LEU B 470 -76.11 -16.06 8.48
CA LEU B 470 -77.00 -16.97 7.74
C LEU B 470 -76.96 -18.36 8.36
N ILE B 471 -78.13 -18.98 8.53
CA ILE B 471 -78.23 -20.35 9.03
C ILE B 471 -79.22 -21.11 8.16
N ALA B 472 -78.88 -22.36 7.81
CA ALA B 472 -79.82 -23.26 7.15
C ALA B 472 -79.88 -24.54 7.96
N GLN B 473 -81.08 -25.13 8.06
CA GLN B 473 -81.20 -26.39 8.80
C GLN B 473 -80.97 -27.54 7.82
N LEU B 474 -80.04 -28.45 8.17
CA LEU B 474 -79.73 -29.63 7.39
C LEU B 474 -80.50 -30.83 7.93
N ASP B 475 -80.69 -30.90 9.25
CA ASP B 475 -81.34 -32.04 9.90
C ASP B 475 -81.77 -31.58 11.30
N ASP B 476 -82.43 -32.44 12.10
CA ASP B 476 -82.98 -31.99 13.37
C ASP B 476 -81.89 -31.35 14.24
N ASN B 477 -80.64 -31.81 14.14
CA ASN B 477 -79.58 -31.33 15.06
C ASN B 477 -78.38 -30.78 14.31
N GLU B 478 -78.55 -30.40 13.07
CA GLU B 478 -77.44 -30.04 12.20
C GLU B 478 -77.80 -28.82 11.36
N TYR B 479 -76.86 -27.85 11.31
CA TYR B 479 -77.10 -26.57 10.66
C TYR B 479 -75.88 -26.17 9.85
N LEU B 480 -76.10 -25.48 8.74
CA LEU B 480 -75.06 -24.81 7.97
C LEU B 480 -75.06 -23.38 8.50
N VAL B 481 -73.88 -22.83 8.79
CA VAL B 481 -73.76 -21.53 9.41
C VAL B 481 -72.65 -20.78 8.71
N THR B 482 -72.87 -19.49 8.42
CA THR B 482 -71.78 -18.62 8.03
C THR B 482 -72.17 -17.23 8.51
N ALA B 483 -71.22 -16.45 8.97
CA ALA B 483 -71.56 -15.16 9.56
C ALA B 483 -70.39 -14.23 9.35
N TYR B 484 -70.56 -12.97 9.80
CA TYR B 484 -69.72 -11.88 9.40
C TYR B 484 -69.70 -10.87 10.55
N LYS B 485 -68.52 -10.63 11.14
CA LYS B 485 -68.36 -9.65 12.22
C LYS B 485 -69.39 -9.90 13.31
N ALA B 486 -69.49 -11.14 13.77
CA ALA B 486 -70.53 -11.59 14.67
C ALA B 486 -70.14 -12.87 15.35
N ARG B 487 -70.83 -13.13 16.46
CA ARG B 487 -70.74 -14.37 17.19
C ARG B 487 -72.09 -15.08 17.10
N VAL B 488 -72.06 -16.40 16.86
CA VAL B 488 -73.22 -17.25 16.82
C VAL B 488 -73.10 -18.32 17.90
N GLU B 489 -74.05 -18.37 18.84
CA GLU B 489 -73.98 -19.38 19.89
C GLU B 489 -75.26 -20.22 19.84
N PHE B 490 -75.13 -21.54 20.02
CA PHE B 490 -76.25 -22.48 20.01
C PHE B 490 -76.59 -22.89 21.43
N LYS B 491 -77.89 -23.15 21.68
CA LYS B 491 -78.38 -23.65 22.95
C LYS B 491 -79.67 -24.44 22.69
N PRO B 492 -80.13 -25.26 23.65
CA PRO B 492 -81.41 -25.95 23.46
C PRO B 492 -82.56 -24.94 23.40
N SER B 493 -83.53 -25.24 22.56
CA SER B 493 -84.72 -24.41 22.37
C SER B 493 -85.74 -24.64 23.49
N GLN B 494 -85.76 -25.85 24.06
CA GLN B 494 -86.66 -26.14 25.18
C GLN B 494 -85.85 -26.80 26.30
N GLU B 495 -86.37 -26.72 27.54
CA GLU B 495 -85.67 -27.25 28.69
C GLU B 495 -85.45 -28.76 28.47
N LEU B 496 -84.27 -29.22 28.84
CA LEU B 496 -83.91 -30.61 28.69
C LEU B 496 -84.24 -31.28 30.01
N ALA B 497 -84.80 -32.48 29.96
CA ALA B 497 -85.38 -33.06 31.17
C ALA B 497 -84.27 -33.71 31.97
N GLY B 498 -83.35 -32.87 32.51
CA GLY B 498 -82.19 -33.36 33.22
C GLY B 498 -80.98 -33.71 32.35
N LYS B 499 -81.08 -33.62 31.01
CA LYS B 499 -79.93 -33.85 30.15
C LYS B 499 -79.03 -32.62 30.10
N LYS B 500 -77.80 -32.84 29.63
CA LYS B 500 -76.85 -31.79 29.30
C LYS B 500 -76.84 -31.63 27.79
N PHE B 501 -76.12 -30.60 27.28
CA PHE B 501 -75.95 -30.44 25.85
C PHE B 501 -74.54 -29.95 25.55
N MET B 502 -74.14 -30.20 24.29
CA MET B 502 -72.89 -29.67 23.77
C MET B 502 -72.98 -29.55 22.24
N ILE B 503 -72.01 -28.83 21.69
CA ILE B 503 -71.62 -29.00 20.33
C ILE B 503 -71.05 -30.41 20.18
N GLU B 504 -71.61 -31.17 19.27
CA GLU B 504 -71.01 -32.46 18.98
C GLU B 504 -69.83 -32.29 18.03
N ARG B 505 -70.01 -31.56 16.92
N ARG B 505 -70.01 -31.47 17.00
CA ARG B 505 -68.95 -31.34 15.93
CA ARG B 505 -68.98 -31.27 16.01
C ARG B 505 -69.24 -30.10 15.10
C ARG B 505 -69.29 -30.02 15.19
N VAL B 506 -68.24 -29.23 14.95
CA VAL B 506 -68.26 -28.16 13.95
C VAL B 506 -67.18 -28.44 12.90
N GLU B 507 -67.58 -28.48 11.62
CA GLU B 507 -66.64 -28.62 10.52
C GLU B 507 -66.66 -27.38 9.66
N GLU B 508 -65.47 -26.88 9.31
CA GLU B 508 -65.37 -25.89 8.24
C GLU B 508 -65.10 -26.63 6.92
N GLY B 509 -65.76 -26.22 5.82
CA GLY B 509 -65.54 -26.87 4.56
C GLY B 509 -66.24 -26.14 3.42
N ARG B 510 -66.49 -26.92 2.38
CA ARG B 510 -67.03 -26.36 1.16
C ARG B 510 -67.82 -27.44 0.45
N PHE B 511 -68.65 -27.02 -0.52
CA PHE B 511 -69.34 -27.97 -1.37
C PHE B 511 -68.60 -28.06 -2.70
N GLU B 512 -68.41 -29.31 -3.17
CA GLU B 512 -67.81 -29.55 -4.47
C GLU B 512 -68.69 -30.56 -5.22
N LYS B 513 -69.22 -30.14 -6.38
CA LYS B 513 -70.14 -30.96 -7.14
C LYS B 513 -71.24 -31.44 -6.20
N GLY B 514 -71.76 -30.53 -5.37
CA GLY B 514 -72.87 -30.79 -4.47
C GLY B 514 -72.51 -31.55 -3.19
N LYS B 515 -71.23 -31.94 -3.02
CA LYS B 515 -70.83 -32.80 -1.91
C LYS B 515 -70.00 -32.00 -0.90
N TRP B 516 -70.31 -32.18 0.38
CA TRP B 516 -69.52 -31.55 1.45
C TRP B 516 -68.11 -32.12 1.54
N VAL B 517 -67.13 -31.22 1.57
CA VAL B 517 -65.73 -31.55 1.77
C VAL B 517 -65.28 -30.83 3.04
N MET B 518 -64.84 -31.59 4.06
N MET B 518 -64.81 -31.59 4.03
CA MET B 518 -64.34 -31.01 5.30
CA MET B 518 -64.32 -30.99 5.26
C MET B 518 -62.91 -30.54 5.11
C MET B 518 -62.89 -30.52 5.06
N GLU B 519 -62.61 -29.30 5.53
CA GLU B 519 -61.27 -28.76 5.58
C GLU B 519 -60.67 -28.91 6.97
N ARG B 520 -61.41 -28.53 8.03
CA ARG B 520 -60.90 -28.71 9.39
C ARG B 520 -62.08 -28.75 10.34
N VAL B 521 -61.84 -29.19 11.55
CA VAL B 521 -62.78 -29.16 12.67
C VAL B 521 -62.47 -27.95 13.54
N TRP B 522 -63.50 -27.13 13.82
CA TRP B 522 -63.42 -26.10 14.83
C TRP B 522 -63.66 -26.74 16.19
N ASN B 523 -62.74 -26.51 17.11
CA ASN B 523 -62.88 -27.04 18.47
C ASN B 523 -62.09 -26.14 19.43
N GLY B 524 -62.15 -26.48 20.72
CA GLY B 524 -61.34 -25.78 21.69
C GLY B 524 -61.74 -24.31 21.73
N ASP B 525 -60.74 -23.45 21.67
CA ASP B 525 -60.98 -22.02 21.71
C ASP B 525 -61.99 -21.59 20.64
N GLN B 526 -62.01 -22.24 19.50
CA GLN B 526 -62.84 -21.79 18.39
C GLN B 526 -64.31 -22.15 18.62
N THR B 527 -64.67 -23.00 19.60
CA THR B 527 -66.07 -23.28 19.90
C THR B 527 -66.44 -23.05 21.37
N ASP B 528 -65.49 -22.66 22.24
CA ASP B 528 -65.79 -22.49 23.66
C ASP B 528 -66.65 -21.24 23.89
N TRP B 529 -66.54 -20.24 23.01
CA TRP B 529 -67.09 -18.90 23.20
C TRP B 529 -68.02 -18.55 22.05
N GLY B 530 -68.85 -19.52 21.68
CA GLY B 530 -69.63 -19.43 20.44
C GLY B 530 -68.75 -19.60 19.20
N LEU B 531 -69.32 -19.27 18.05
CA LEU B 531 -68.65 -19.36 16.74
C LEU B 531 -68.45 -17.93 16.29
N ASN B 532 -67.18 -17.47 16.28
CA ASN B 532 -66.83 -16.09 16.08
C ASN B 532 -66.28 -15.90 14.67
N PHE B 533 -66.89 -14.95 13.97
CA PHE B 533 -66.57 -14.61 12.59
C PHE B 533 -66.05 -13.19 12.49
N THR B 534 -65.05 -12.96 11.62
CA THR B 534 -64.55 -11.64 11.33
C THR B 534 -65.03 -11.23 9.96
N ASP B 535 -64.12 -10.68 9.15
CA ASP B 535 -64.45 -10.31 7.79
C ASP B 535 -64.18 -11.44 6.78
N ARG B 536 -63.54 -12.53 7.19
CA ARG B 536 -63.12 -13.56 6.27
C ARG B 536 -64.19 -14.64 6.18
N PRO B 537 -64.32 -15.32 5.03
CA PRO B 537 -65.35 -16.32 4.84
C PRO B 537 -65.02 -17.66 5.49
N HIS B 538 -66.01 -18.25 6.20
CA HIS B 538 -65.97 -19.59 6.72
C HIS B 538 -67.37 -20.17 6.67
N LEU B 539 -67.50 -21.33 6.06
CA LEU B 539 -68.74 -22.04 6.01
C LEU B 539 -68.66 -23.23 6.92
N LEU B 540 -69.58 -23.33 7.88
CA LEU B 540 -69.52 -24.34 8.94
C LEU B 540 -70.74 -25.25 8.84
N ARG B 541 -70.53 -26.51 9.16
CA ARG B 541 -71.58 -27.44 9.51
C ARG B 541 -71.51 -27.75 11.01
N VAL B 542 -72.60 -27.44 11.71
CA VAL B 542 -72.68 -27.49 13.15
C VAL B 542 -73.66 -28.60 13.54
N LYS B 543 -73.16 -29.55 14.33
CA LYS B 543 -74.00 -30.62 14.85
C LYS B 543 -74.05 -30.48 16.38
N MET B 544 -75.25 -30.36 16.92
CA MET B 544 -75.52 -30.23 18.34
C MET B 544 -76.00 -31.57 18.90
N ALA B 545 -75.76 -31.81 20.20
CA ALA B 545 -76.30 -33.01 20.85
C ALA B 545 -76.73 -32.71 22.28
N SER B 546 -77.83 -33.36 22.71
CA SER B 546 -78.13 -33.49 24.12
C SER B 546 -77.70 -34.89 24.55
N TYR B 547 -77.33 -35.01 25.82
CA TYR B 547 -76.83 -36.28 26.32
C TYR B 547 -77.21 -36.44 27.79
N SER B 548 -77.36 -37.71 28.18
CA SER B 548 -77.76 -38.03 29.53
C SER B 548 -76.56 -38.00 30.47
N VAL B 549 -76.78 -37.59 31.73
CA VAL B 549 -75.76 -37.76 32.76
C VAL B 549 -76.31 -38.57 33.94
N GLN B 550 -77.35 -39.37 33.67
CA GLN B 550 -77.98 -40.23 34.66
C GLN B 550 -79.33 -39.59 35.04
N HIS C 7 9.53 -0.94 -15.68
CA HIS C 7 10.03 -1.37 -14.34
C HIS C 7 9.75 -0.30 -13.29
N HIS C 8 8.87 0.65 -13.65
CA HIS C 8 8.51 1.75 -12.76
C HIS C 8 7.02 1.98 -12.95
N HIS C 9 6.25 1.02 -12.46
CA HIS C 9 4.81 0.99 -12.62
C HIS C 9 4.17 2.07 -11.76
N HIS C 10 4.83 2.43 -10.66
CA HIS C 10 4.24 3.25 -9.62
C HIS C 10 4.86 4.65 -9.65
N ALA C 11 4.33 5.50 -10.52
CA ALA C 11 4.96 6.76 -10.88
C ALA C 11 4.44 7.92 -10.04
N ALA C 12 3.43 7.66 -9.21
CA ALA C 12 2.73 8.74 -8.53
C ALA C 12 3.63 9.32 -7.46
N PRO C 13 3.71 10.66 -7.33
CA PRO C 13 4.47 11.24 -6.24
C PRO C 13 3.76 11.00 -4.92
N LEU C 14 4.54 11.03 -3.85
CA LEU C 14 4.02 10.88 -2.51
C LEU C 14 3.05 12.04 -2.25
N PRO C 15 1.96 11.80 -1.49
CA PRO C 15 1.20 12.91 -0.93
C PRO C 15 2.09 13.78 -0.03
N GLU C 16 1.78 15.09 0.07
CA GLU C 16 2.53 15.97 0.96
C GLU C 16 1.66 17.16 1.31
N LEU C 17 1.89 17.72 2.49
CA LEU C 17 1.27 18.95 2.85
C LEU C 17 2.22 20.10 2.57
N LEU C 18 1.78 21.04 1.73
CA LEU C 18 2.54 22.21 1.37
C LEU C 18 1.97 23.38 2.14
N SER C 19 2.86 24.29 2.54
CA SER C 19 2.47 25.53 3.20
C SER C 19 3.33 26.64 2.61
N ASN C 20 2.68 27.71 2.13
CA ASN C 20 3.39 28.82 1.48
C ASN C 20 2.48 30.03 1.56
N ASN C 21 3.09 31.16 1.96
CA ASN C 21 2.43 32.46 2.06
C ASN C 21 1.17 32.37 2.91
N GLY C 22 1.26 31.67 4.04
CA GLY C 22 0.14 31.53 4.95
C GLY C 22 -0.99 30.61 4.47
N LYS C 23 -0.83 29.99 3.30
CA LYS C 23 -1.85 29.08 2.76
C LYS C 23 -1.30 27.66 2.72
N HIS C 24 -2.19 26.68 2.53
CA HIS C 24 -1.82 25.28 2.59
C HIS C 24 -2.52 24.45 1.52
N ALA C 25 -1.89 23.33 1.12
CA ALA C 25 -2.54 22.35 0.27
C ALA C 25 -2.09 20.94 0.64
N LEU C 26 -3.03 20.01 0.63
CA LEU C 26 -2.71 18.60 0.63
C LEU C 26 -2.56 18.17 -0.81
N MET C 27 -1.32 17.81 -1.19
CA MET C 27 -1.04 17.35 -2.53
C MET C 27 -1.23 15.85 -2.58
N VAL C 28 -2.06 15.41 -3.52
CA VAL C 28 -2.31 14.02 -3.79
C VAL C 28 -2.16 13.82 -5.27
N ASP C 29 -1.25 12.91 -5.65
CA ASP C 29 -0.97 12.62 -7.03
C ASP C 29 -0.47 13.89 -7.72
N GLY C 30 0.26 14.72 -6.97
CA GLY C 30 0.97 15.89 -7.49
C GLY C 30 0.11 17.14 -7.68
N ALA C 31 -1.11 17.15 -7.13
CA ALA C 31 -1.94 18.35 -7.19
C ALA C 31 -2.75 18.52 -5.90
N PRO C 32 -3.25 19.72 -5.61
CA PRO C 32 -4.07 19.87 -4.40
C PRO C 32 -5.34 19.02 -4.47
N TYR C 33 -5.74 18.61 -3.26
CA TYR C 33 -6.84 17.64 -3.07
C TYR C 33 -7.62 18.07 -1.83
N ILE C 34 -8.95 17.84 -1.87
CA ILE C 34 -9.82 18.04 -0.72
C ILE C 34 -10.35 16.70 -0.28
N ILE C 35 -10.14 16.38 0.99
CA ILE C 35 -10.79 15.24 1.64
C ILE C 35 -12.27 15.56 1.94
N LEU C 36 -13.13 14.93 1.13
CA LEU C 36 -14.56 14.91 1.40
C LEU C 36 -14.80 13.56 2.03
N GLY C 37 -14.64 13.56 3.35
CA GLY C 37 -14.42 12.31 4.05
C GLY C 37 -15.65 11.64 4.63
N SER C 38 -15.43 10.40 5.00
CA SER C 38 -16.30 9.61 5.86
C SER C 38 -15.39 8.95 6.90
N GLN C 39 -15.82 8.84 8.16
CA GLN C 39 -15.09 8.11 9.17
C GLN C 39 -16.01 7.06 9.79
N THR C 40 -15.47 5.85 9.96
CA THR C 40 -16.19 4.78 10.58
C THR C 40 -16.40 4.94 12.08
N ASN C 41 -17.34 4.19 12.61
CA ASN C 41 -17.41 3.93 14.04
C ASN C 41 -16.13 3.20 14.45
N ASN C 42 -15.93 3.13 15.77
CA ASN C 42 -14.66 2.71 16.34
C ASN C 42 -14.40 1.21 16.22
N SER C 43 -15.42 0.39 15.97
CA SER C 43 -15.28 -1.05 15.95
C SER C 43 -15.55 -1.61 14.55
N SER C 44 -15.22 -0.84 13.51
CA SER C 44 -15.44 -1.26 12.13
C SER C 44 -14.14 -1.66 11.41
N ASN C 45 -13.02 -1.77 12.15
CA ASN C 45 -11.70 -1.95 11.61
C ASN C 45 -11.35 -3.43 11.45
N TYR C 46 -12.29 -4.18 10.88
CA TYR C 46 -12.10 -5.60 10.62
C TYR C 46 -12.72 -5.94 9.28
N PRO C 47 -12.19 -6.98 8.61
CA PRO C 47 -12.68 -7.34 7.30
C PRO C 47 -14.19 -7.55 7.18
N ASP C 48 -14.79 -8.23 8.17
CA ASP C 48 -16.21 -8.55 8.14
C ASP C 48 -17.07 -7.28 8.31
N ALA C 49 -16.52 -6.20 8.88
CA ALA C 49 -17.31 -4.98 9.06
C ALA C 49 -17.36 -4.10 7.81
N LEU C 50 -16.44 -4.28 6.86
CA LEU C 50 -16.31 -3.35 5.75
C LEU C 50 -17.57 -3.35 4.88
N LYS C 51 -18.34 -4.45 4.85
CA LYS C 51 -19.55 -4.46 4.02
C LYS C 51 -20.58 -3.46 4.57
N ASP C 52 -20.46 -3.09 5.84
CA ASP C 52 -21.34 -2.12 6.50
C ASP C 52 -20.78 -0.70 6.45
N VAL C 53 -19.64 -0.51 5.79
CA VAL C 53 -18.98 0.78 5.69
C VAL C 53 -19.17 1.32 4.27
N TRP C 54 -18.82 0.49 3.27
CA TRP C 54 -18.77 1.02 1.92
C TRP C 54 -20.10 1.57 1.38
N PRO C 55 -21.27 0.96 1.64
CA PRO C 55 -22.51 1.50 1.08
C PRO C 55 -22.75 2.94 1.55
N SER C 56 -22.51 3.22 2.83
CA SER C 56 -22.68 4.58 3.33
C SER C 56 -21.76 5.56 2.62
N MET C 57 -20.51 5.14 2.40
CA MET C 57 -19.54 5.97 1.72
C MET C 57 -20.00 6.31 0.31
N GLU C 58 -20.53 5.31 -0.41
N GLU C 58 -20.54 5.31 -0.39
CA GLU C 58 -21.06 5.52 -1.75
CA GLU C 58 -21.07 5.50 -1.74
C GLU C 58 -22.25 6.49 -1.72
C GLU C 58 -22.26 6.47 -1.73
N LYS C 59 -23.20 6.26 -0.81
CA LYS C 59 -24.35 7.15 -0.70
C LYS C 59 -23.92 8.58 -0.37
N MET C 60 -22.87 8.74 0.44
CA MET C 60 -22.42 10.06 0.84
C MET C 60 -21.69 10.80 -0.28
N GLY C 61 -21.06 10.04 -1.18
CA GLY C 61 -20.22 10.64 -2.20
C GLY C 61 -18.84 11.03 -1.66
N ALA C 62 -18.38 10.39 -0.59
CA ALA C 62 -17.09 10.65 0.00
C ALA C 62 -15.98 10.17 -0.94
N ASN C 63 -14.85 10.86 -0.93
CA ASN C 63 -13.69 10.46 -1.71
C ASN C 63 -12.59 9.83 -0.85
N THR C 64 -12.73 9.82 0.48
CA THR C 64 -11.67 9.39 1.39
C THR C 64 -12.29 8.79 2.63
N LEU C 65 -11.83 7.62 3.04
CA LEU C 65 -12.35 6.94 4.22
C LEU C 65 -11.29 7.03 5.32
N SER C 66 -11.68 7.55 6.49
CA SER C 66 -10.86 7.49 7.71
C SER C 66 -11.33 6.27 8.53
N ILE C 67 -10.41 5.38 8.86
CA ILE C 67 -10.71 4.13 9.52
C ILE C 67 -9.55 3.74 10.44
N PRO C 68 -9.79 3.22 11.64
CA PRO C 68 -8.69 2.78 12.51
C PRO C 68 -7.86 1.65 11.95
N VAL C 69 -6.59 1.67 12.38
CA VAL C 69 -5.74 0.49 12.44
C VAL C 69 -5.19 0.46 13.87
N ALA C 70 -5.57 -0.58 14.61
CA ALA C 70 -5.28 -0.71 16.02
C ALA C 70 -3.99 -1.46 16.29
N TRP C 71 -3.21 -0.93 17.24
CA TRP C 71 -2.00 -1.63 17.70
C TRP C 71 -2.38 -3.06 18.10
N GLU C 72 -3.48 -3.27 18.82
CA GLU C 72 -3.87 -4.60 19.27
C GLU C 72 -4.09 -5.58 18.13
N GLN C 73 -4.54 -5.10 16.95
CA GLN C 73 -4.83 -6.02 15.85
C GLN C 73 -3.58 -6.30 15.02
N ILE C 74 -2.63 -5.37 14.94
CA ILE C 74 -1.43 -5.62 14.15
C ILE C 74 -0.32 -6.32 14.96
N GLU C 75 -0.34 -6.23 16.30
CA GLU C 75 0.72 -6.83 17.16
C GLU C 75 0.09 -7.53 18.35
N PRO C 76 -0.79 -8.55 18.14
CA PRO C 76 -1.60 -9.10 19.23
C PRO C 76 -0.74 -9.82 20.26
N VAL C 77 0.40 -10.30 19.78
CA VAL C 77 1.42 -10.92 20.61
C VAL C 77 2.72 -10.25 20.23
N GLU C 78 3.58 -9.94 21.22
CA GLU C 78 4.72 -9.08 20.96
C GLU C 78 5.57 -9.73 19.89
N GLY C 79 5.89 -8.96 18.86
CA GLY C 79 6.74 -9.39 17.77
C GLY C 79 6.05 -10.17 16.65
N GLN C 80 4.75 -10.45 16.81
CA GLN C 80 4.01 -11.27 15.86
C GLN C 80 3.00 -10.39 15.12
N PHE C 81 3.43 -9.86 13.98
CA PHE C 81 2.64 -8.86 13.24
C PHE C 81 1.60 -9.50 12.32
N ASP C 82 0.46 -8.81 12.16
CA ASP C 82 -0.65 -9.28 11.39
C ASP C 82 -1.26 -8.11 10.63
N PHE C 83 -1.02 -8.07 9.31
CA PHE C 83 -1.56 -7.00 8.47
C PHE C 83 -2.76 -7.45 7.63
N SER C 84 -3.44 -8.56 8.02
CA SER C 84 -4.54 -9.13 7.24
C SER C 84 -5.66 -8.12 7.00
N PHE C 85 -5.96 -7.27 8.01
CA PHE C 85 -6.98 -6.23 7.83
C PHE C 85 -6.54 -5.18 6.82
N VAL C 86 -5.30 -4.71 6.96
CA VAL C 86 -4.78 -3.66 6.10
C VAL C 86 -4.80 -4.13 4.63
N ASP C 87 -4.43 -5.39 4.37
CA ASP C 87 -4.49 -5.98 3.05
C ASP C 87 -5.89 -5.90 2.41
N VAL C 88 -6.90 -6.35 3.16
CA VAL C 88 -8.27 -6.36 2.67
C VAL C 88 -8.72 -4.90 2.41
N LEU C 89 -8.42 -4.04 3.38
CA LEU C 89 -8.84 -2.64 3.30
C LEU C 89 -8.30 -1.95 2.04
N LEU C 90 -7.00 -2.15 1.75
CA LEU C 90 -6.38 -1.52 0.60
C LEU C 90 -7.04 -2.00 -0.66
N LYS C 91 -7.21 -3.34 -0.77
CA LYS C 91 -7.82 -3.92 -1.95
C LYS C 91 -9.24 -3.44 -2.17
N GLU C 92 -10.06 -3.39 -1.10
CA GLU C 92 -11.45 -2.96 -1.26
C GLU C 92 -11.54 -1.47 -1.56
N ALA C 93 -10.63 -0.63 -1.01
CA ALA C 93 -10.63 0.79 -1.33
C ALA C 93 -10.28 1.02 -2.79
N ARG C 94 -9.32 0.25 -3.30
CA ARG C 94 -8.94 0.44 -4.70
C ARG C 94 -10.06 0.03 -5.64
N GLN C 95 -10.78 -1.04 -5.31
CA GLN C 95 -11.88 -1.49 -6.14
C GLN C 95 -12.92 -0.38 -6.29
N ARG C 96 -13.07 0.41 -5.22
CA ARG C 96 -14.03 1.51 -5.21
C ARG C 96 -13.46 2.87 -5.60
N LYS C 97 -12.18 2.92 -5.95
CA LYS C 97 -11.49 4.11 -6.37
C LYS C 97 -11.66 5.23 -5.34
N VAL C 98 -11.40 4.93 -4.06
CA VAL C 98 -11.37 5.92 -3.00
C VAL C 98 -9.99 5.87 -2.32
N ARG C 99 -9.69 6.89 -1.54
CA ARG C 99 -8.44 6.94 -0.76
C ARG C 99 -8.72 6.72 0.72
N LEU C 100 -7.65 6.55 1.48
CA LEU C 100 -7.69 6.16 2.88
C LEU C 100 -6.89 7.13 3.73
N VAL C 101 -7.42 7.38 4.93
CA VAL C 101 -6.63 7.94 6.01
C VAL C 101 -6.65 6.91 7.12
N LEU C 102 -5.50 6.37 7.53
CA LEU C 102 -5.50 5.41 8.62
C LEU C 102 -5.32 6.08 9.97
N LEU C 103 -6.05 5.60 10.97
CA LEU C 103 -6.01 6.20 12.30
C LEU C 103 -5.31 5.23 13.22
N TRP C 104 -4.06 5.55 13.59
CA TRP C 104 -3.21 4.70 14.43
C TRP C 104 -3.68 4.78 15.87
N PHE C 105 -4.46 3.79 16.30
CA PHE C 105 -4.99 3.72 17.65
C PHE C 105 -4.03 2.90 18.52
N ALA C 106 -3.28 3.57 19.40
CA ALA C 106 -2.09 2.96 19.99
C ALA C 106 -1.97 3.33 21.47
N THR C 107 -0.94 4.14 21.84
CA THR C 107 -0.77 4.56 23.22
C THR C 107 -1.98 5.33 23.73
N TRP C 108 -2.55 6.22 22.89
CA TRP C 108 -3.77 6.91 23.28
C TRP C 108 -4.86 6.71 22.24
N LYS C 109 -6.05 6.40 22.76
CA LYS C 109 -7.29 6.58 22.04
C LYS C 109 -8.26 7.19 23.02
N ASN C 110 -8.58 8.48 22.83
CA ASN C 110 -9.45 9.19 23.75
C ASN C 110 -8.86 9.04 25.17
N ASN C 111 -7.57 9.37 25.31
CA ASN C 111 -6.82 9.45 26.58
C ASN C 111 -6.37 8.11 27.10
N ALA C 112 -6.86 6.98 26.55
CA ALA C 112 -6.75 5.68 27.21
C ALA C 112 -6.05 4.67 26.32
N PRO C 113 -5.51 3.57 26.89
CA PRO C 113 -4.79 2.59 26.11
C PRO C 113 -5.59 1.36 25.68
N HIS C 114 -6.90 1.50 25.48
CA HIS C 114 -7.76 0.34 25.24
C HIS C 114 -7.40 -0.37 23.94
N TYR C 115 -6.82 0.32 22.95
CA TYR C 115 -6.47 -0.32 21.69
C TYR C 115 -5.02 -0.81 21.64
N ALA C 116 -4.27 -0.63 22.72
CA ALA C 116 -2.95 -1.25 22.77
C ALA C 116 -3.13 -2.74 23.02
N PRO C 117 -2.16 -3.59 22.60
CA PRO C 117 -2.30 -5.03 22.88
C PRO C 117 -2.38 -5.32 24.39
N ALA C 118 -2.95 -6.48 24.73
CA ALA C 118 -3.11 -6.88 26.11
C ALA C 118 -1.77 -6.91 26.86
N TRP C 119 -0.72 -7.28 26.14
CA TRP C 119 0.64 -7.39 26.71
C TRP C 119 1.20 -5.98 26.99
N VAL C 120 0.54 -4.93 26.46
CA VAL C 120 0.89 -3.57 26.83
C VAL C 120 -0.04 -3.07 27.94
N LYS C 121 -1.36 -3.05 27.71
CA LYS C 121 -2.26 -2.31 28.58
C LYS C 121 -2.43 -2.98 29.94
N LEU C 122 -2.04 -4.25 30.03
CA LEU C 122 -2.17 -4.96 31.29
C LEU C 122 -0.82 -5.07 32.00
N ASP C 123 0.23 -4.36 31.55
CA ASP C 123 1.56 -4.40 32.20
C ASP C 123 2.04 -3.02 32.61
N ASN C 124 1.47 -2.53 33.71
CA ASN C 124 1.72 -1.18 34.17
C ASN C 124 3.18 -0.97 34.57
N ALA C 125 3.84 -2.00 35.11
CA ALA C 125 5.22 -1.79 35.48
C ALA C 125 6.10 -1.44 34.28
N ARG C 126 5.91 -2.15 33.16
CA ARG C 126 6.64 -1.91 31.94
C ARG C 126 6.15 -0.62 31.24
N PHE C 127 4.82 -0.44 31.26
CA PHE C 127 4.17 0.59 30.47
C PHE C 127 3.33 1.47 31.40
N PRO C 128 3.88 2.46 32.12
CA PRO C 128 3.15 3.03 33.24
C PRO C 128 2.12 4.08 32.87
N ARG C 129 1.13 4.16 33.73
CA ARG C 129 0.07 5.16 33.73
C ARG C 129 0.44 6.43 34.45
N VAL C 130 -0.25 7.50 34.08
CA VAL C 130 -0.32 8.75 34.81
C VAL C 130 -0.70 8.49 36.27
N VAL C 131 0.03 9.15 37.19
CA VAL C 131 -0.30 9.16 38.61
C VAL C 131 -0.72 10.56 39.03
N LYS C 132 -1.83 10.61 39.74
CA LYS C 132 -2.40 11.89 40.17
C LYS C 132 -1.55 12.47 41.31
N GLU C 133 -1.73 13.76 41.60
CA GLU C 133 -1.03 14.40 42.73
C GLU C 133 -1.27 13.57 44.00
N ASP C 134 -2.47 12.97 44.11
CA ASP C 134 -2.87 12.26 45.32
C ASP C 134 -2.43 10.78 45.32
N GLY C 135 -1.59 10.36 44.36
CA GLY C 135 -1.05 8.99 44.33
C GLY C 135 -1.94 7.93 43.67
N ASP C 136 -3.22 8.26 43.38
CA ASP C 136 -4.11 7.39 42.62
C ASP C 136 -3.71 7.39 41.14
N THR C 137 -4.10 6.31 40.44
CA THR C 137 -3.62 6.06 39.09
C THR C 137 -4.78 6.17 38.08
N LEU C 138 -4.54 6.85 36.95
CA LEU C 138 -5.55 7.00 35.90
C LEU C 138 -5.21 6.04 34.76
N ASN C 139 -6.26 5.65 34.00
CA ASN C 139 -6.04 4.75 32.88
C ASN C 139 -5.69 5.55 31.63
N SER C 140 -4.51 6.15 31.65
CA SER C 140 -3.97 6.99 30.62
C SER C 140 -2.48 6.78 30.66
N LEU C 141 -1.85 6.30 29.58
CA LEU C 141 -0.43 6.03 29.70
C LEU C 141 0.38 7.32 29.80
N SER C 142 1.41 7.33 30.70
CA SER C 142 2.30 8.47 30.81
C SER C 142 3.20 8.66 29.59
N PRO C 143 3.33 9.92 29.04
CA PRO C 143 4.23 10.12 27.92
C PRO C 143 5.74 10.03 28.23
N LEU C 144 6.02 9.85 29.54
CA LEU C 144 7.39 9.73 30.01
C LEU C 144 7.82 8.27 30.09
N GLY C 145 6.88 7.34 29.88
CA GLY C 145 7.24 5.94 29.82
C GLY C 145 8.05 5.61 28.57
N GLN C 146 9.37 5.35 28.71
CA GLN C 146 10.24 5.17 27.56
C GLN C 146 10.03 3.82 26.88
N ASN C 147 9.56 2.82 27.61
CA ASN C 147 9.34 1.52 27.02
C ASN C 147 8.10 1.61 26.13
N THR C 148 7.11 2.39 26.59
CA THR C 148 5.86 2.55 25.83
C THR C 148 6.14 3.20 24.49
N LEU C 149 6.95 4.27 24.53
CA LEU C 149 7.29 4.98 23.33
C LEU C 149 7.98 4.03 22.38
N ALA C 150 8.99 3.28 22.88
CA ALA C 150 9.73 2.38 22.01
C ALA C 150 8.84 1.31 21.36
N ALA C 151 7.92 0.74 22.14
CA ALA C 151 7.02 -0.28 21.62
C ALA C 151 6.06 0.30 20.59
N ASP C 152 5.46 1.48 20.89
CA ASP C 152 4.52 2.08 19.94
C ASP C 152 5.26 2.31 18.62
N LYS C 153 6.41 2.99 18.69
CA LYS C 153 7.22 3.33 17.54
C LYS C 153 7.54 2.07 16.71
N LYS C 154 7.89 0.96 17.40
CA LYS C 154 8.27 -0.24 16.68
C LYS C 154 7.11 -0.78 15.83
N ALA C 155 5.92 -0.84 16.44
CA ALA C 155 4.73 -1.29 15.73
C ALA C 155 4.34 -0.32 14.61
N PHE C 156 4.40 1.00 14.89
CA PHE C 156 4.08 1.99 13.85
C PHE C 156 5.01 1.85 12.65
N VAL C 157 6.30 1.63 12.94
CA VAL C 157 7.28 1.41 11.90
C VAL C 157 6.90 0.20 11.06
N GLU C 158 6.41 -0.86 11.70
CA GLU C 158 6.01 -2.03 10.93
C GLU C 158 4.79 -1.74 10.05
N LEU C 159 3.83 -0.95 10.56
CA LEU C 159 2.71 -0.50 9.72
C LEU C 159 3.22 0.28 8.50
N MET C 160 4.16 1.22 8.68
CA MET C 160 4.63 2.04 7.60
C MET C 160 5.43 1.20 6.61
N LYS C 161 6.13 0.17 7.10
CA LYS C 161 6.83 -0.77 6.23
C LYS C 161 5.87 -1.52 5.32
N TYR C 162 4.74 -1.92 5.88
CA TYR C 162 3.71 -2.59 5.11
C TYR C 162 3.24 -1.65 3.99
N LEU C 163 2.96 -0.39 4.32
CA LEU C 163 2.55 0.53 3.29
C LEU C 163 3.63 0.77 2.25
N ALA C 164 4.89 0.87 2.67
CA ALA C 164 5.97 1.12 1.74
C ALA C 164 6.08 -0.02 0.71
N LYS C 165 5.86 -1.26 1.18
CA LYS C 165 5.97 -2.47 0.35
C LYS C 165 4.70 -2.79 -0.43
N ARG C 166 3.52 -2.39 0.06
CA ARG C 166 2.26 -2.88 -0.46
C ARG C 166 1.29 -1.75 -0.89
N ASP C 167 1.72 -0.50 -0.80
CA ASP C 167 0.86 0.62 -1.17
C ASP C 167 1.59 1.68 -1.99
N LYS C 168 2.19 1.26 -3.09
CA LYS C 168 3.09 2.15 -3.81
C LYS C 168 2.38 3.22 -4.64
N ASP C 169 1.07 3.09 -4.84
CA ASP C 169 0.31 4.14 -5.51
C ASP C 169 -0.37 5.04 -4.46
N HIS C 170 -0.12 4.79 -3.18
CA HIS C 170 -0.53 5.69 -2.10
C HIS C 170 -2.06 5.75 -1.99
N THR C 171 -2.71 4.60 -1.99
CA THR C 171 -4.13 4.52 -1.63
C THR C 171 -4.33 5.24 -0.30
N VAL C 172 -3.45 4.96 0.67
CA VAL C 172 -3.37 5.69 1.90
C VAL C 172 -2.62 7.00 1.67
N ILE C 173 -3.30 8.13 1.95
CA ILE C 173 -2.79 9.46 1.67
C ILE C 173 -2.28 10.17 2.91
N MET C 174 -2.68 9.71 4.11
CA MET C 174 -2.29 10.40 5.34
C MET C 174 -2.58 9.44 6.50
N VAL C 175 -1.82 9.59 7.56
CA VAL C 175 -1.93 8.81 8.79
C VAL C 175 -2.09 9.72 10.00
N GLN C 176 -3.04 9.37 10.83
CA GLN C 176 -3.28 10.05 12.08
C GLN C 176 -2.52 9.27 13.14
N VAL C 177 -1.62 9.94 13.85
CA VAL C 177 -0.82 9.27 14.86
C VAL C 177 -1.50 9.42 16.21
N GLN C 178 -1.98 8.32 16.80
CA GLN C 178 -2.80 8.24 17.99
C GLN C 178 -4.19 8.80 17.69
N ASN C 179 -5.05 8.87 18.70
CA ASN C 179 -6.39 9.46 18.53
C ASN C 179 -6.77 10.18 19.82
N GLU C 180 -6.87 11.51 19.77
CA GLU C 180 -7.30 12.29 20.93
C GLU C 180 -6.40 11.92 22.13
N VAL C 181 -5.14 12.32 22.05
CA VAL C 181 -4.21 12.16 23.16
C VAL C 181 -4.62 13.06 24.29
N GLY C 182 -4.02 12.75 25.47
CA GLY C 182 -4.20 13.61 26.63
C GLY C 182 -4.61 12.74 27.83
N THR C 183 -5.07 13.44 28.88
CA THR C 183 -5.53 12.79 30.08
C THR C 183 -6.75 13.49 30.66
N TYR C 184 -7.76 12.67 31.02
CA TYR C 184 -8.91 13.08 31.79
C TYR C 184 -8.59 12.76 33.23
N GLY C 185 -8.82 13.75 34.11
CA GLY C 185 -8.84 13.47 35.54
C GLY C 185 -7.59 13.98 36.25
N ALA C 186 -6.63 14.53 35.51
CA ALA C 186 -5.43 15.14 36.04
C ALA C 186 -4.83 15.99 34.94
N VAL C 187 -3.99 16.96 35.34
CA VAL C 187 -3.40 17.87 34.39
C VAL C 187 -2.21 17.20 33.71
N ARG C 188 -1.41 16.42 34.46
CA ARG C 188 -0.21 15.79 33.95
C ARG C 188 0.10 14.56 34.79
N ASP C 189 1.17 13.86 34.43
CA ASP C 189 1.74 12.84 35.30
C ASP C 189 2.47 13.51 36.47
N TYR C 190 2.16 13.05 37.69
CA TYR C 190 2.84 13.47 38.93
C TYR C 190 3.58 12.31 39.56
N SER C 191 3.88 11.27 38.78
CA SER C 191 4.65 10.14 39.27
C SER C 191 6.05 10.63 39.64
N PRO C 192 6.79 9.88 40.48
CA PRO C 192 8.20 10.26 40.72
C PRO C 192 9.01 10.56 39.46
N MET C 193 8.88 9.66 38.46
CA MET C 193 9.56 9.77 37.19
C MET C 193 9.21 11.11 36.54
N ALA C 194 7.92 11.49 36.52
CA ALA C 194 7.54 12.72 35.86
C ALA C 194 7.97 13.96 36.67
N GLN C 195 7.83 13.90 38.00
N GLN C 195 7.85 13.87 38.00
CA GLN C 195 8.19 15.03 38.87
CA GLN C 195 8.19 14.97 38.90
C GLN C 195 9.67 15.42 38.70
C GLN C 195 9.65 15.40 38.71
N ALA C 196 10.54 14.44 38.45
CA ALA C 196 11.96 14.70 38.28
C ALA C 196 12.21 15.53 37.04
N VAL C 197 11.44 15.26 35.97
CA VAL C 197 11.63 16.00 34.72
C VAL C 197 11.01 17.39 34.92
N PHE C 198 9.88 17.45 35.56
CA PHE C 198 9.18 18.71 35.77
C PHE C 198 10.03 19.65 36.63
N ASN C 199 10.73 19.06 37.60
CA ASN C 199 11.60 19.86 38.46
C ASN C 199 12.86 20.36 37.75
N ALA C 200 13.28 19.75 36.63
CA ALA C 200 14.49 20.12 35.90
C ALA C 200 14.27 21.25 34.87
N ALA C 201 15.37 21.70 34.28
CA ALA C 201 15.34 22.74 33.27
C ALA C 201 14.35 22.38 32.16
N VAL C 202 13.63 23.39 31.67
CA VAL C 202 12.90 23.21 30.43
C VAL C 202 13.97 22.96 29.38
N PRO C 203 13.79 21.96 28.50
CA PRO C 203 14.77 21.69 27.45
C PRO C 203 15.04 22.93 26.57
N ASP C 204 16.32 23.06 26.19
CA ASP C 204 16.84 24.21 25.45
C ASP C 204 16.06 24.45 24.16
N ASP C 205 15.78 23.37 23.41
CA ASP C 205 15.16 23.50 22.10
C ASP C 205 13.83 24.24 22.25
N LEU C 206 13.06 23.92 23.31
CA LEU C 206 11.77 24.55 23.53
C LEU C 206 11.96 26.03 23.86
N ILE C 207 12.90 26.30 24.78
CA ILE C 207 13.17 27.67 25.23
C ILE C 207 13.64 28.51 24.03
N GLN C 208 14.51 27.94 23.19
CA GLN C 208 15.01 28.64 22.01
C GLN C 208 13.90 28.91 20.98
N LYS C 209 12.91 28.00 20.82
CA LYS C 209 11.91 28.22 19.80
C LYS C 209 10.86 29.22 20.30
N LEU C 210 10.49 29.17 21.59
CA LEU C 210 9.51 30.07 22.16
C LEU C 210 10.13 31.42 22.50
N GLN C 211 11.46 31.51 22.44
CA GLN C 211 12.19 32.76 22.68
C GLN C 211 11.96 33.23 24.11
N LEU C 212 12.18 32.31 25.06
CA LEU C 212 11.92 32.59 26.46
C LEU C 212 13.24 32.56 27.24
N LYS C 213 13.17 33.05 28.48
CA LYS C 213 14.31 33.00 29.38
C LYS C 213 14.39 31.58 29.95
N PRO C 214 15.59 30.94 29.92
CA PRO C 214 15.79 29.60 30.48
C PRO C 214 15.36 29.54 31.95
N GLY C 215 15.04 28.31 32.41
CA GLY C 215 14.61 28.07 33.78
C GLY C 215 13.97 26.69 33.88
N THR C 216 13.47 26.34 35.05
CA THR C 216 12.68 25.13 35.20
C THR C 216 11.24 25.37 34.70
N TRP C 217 10.43 24.30 34.64
CA TRP C 217 9.06 24.39 34.17
C TRP C 217 8.24 25.39 34.98
N SER C 218 8.34 25.30 36.32
CA SER C 218 7.57 26.22 37.15
C SER C 218 8.05 27.66 36.96
N GLN C 219 9.35 27.87 36.75
CA GLN C 219 9.88 29.23 36.69
C GLN C 219 9.45 29.88 35.38
N VAL C 220 9.46 29.08 34.32
CA VAL C 220 9.26 29.60 32.98
C VAL C 220 7.77 29.82 32.74
N PHE C 221 6.93 28.89 33.24
CA PHE C 221 5.55 28.78 32.76
C PHE C 221 4.58 29.11 33.90
N GLY C 222 5.08 29.16 35.14
CA GLY C 222 4.22 29.56 36.23
C GLY C 222 2.99 28.68 36.35
N ARG C 223 1.80 29.29 36.48
CA ARG C 223 0.54 28.57 36.71
C ARG C 223 0.17 27.68 35.49
N ASP C 224 0.80 27.87 34.31
CA ASP C 224 0.54 27.00 33.17
C ASP C 224 1.57 25.86 33.11
N ALA C 225 2.47 25.77 34.10
CA ALA C 225 3.53 24.78 34.01
C ALA C 225 3.02 23.33 33.89
N ASP C 226 2.10 22.92 34.74
CA ASP C 226 1.64 21.54 34.73
C ASP C 226 1.03 21.15 33.35
N GLU C 227 0.10 21.95 32.83
CA GLU C 227 -0.52 21.63 31.54
C GLU C 227 0.47 21.68 30.39
N PHE C 228 1.32 22.70 30.39
CA PHE C 228 2.26 22.86 29.30
C PHE C 228 3.24 21.71 29.28
N PHE C 229 3.64 21.24 30.47
CA PHE C 229 4.54 20.12 30.56
C PHE C 229 3.94 18.85 29.92
N HIS C 230 2.70 18.54 30.31
CA HIS C 230 1.99 17.39 29.74
C HIS C 230 1.91 17.53 28.22
N ALA C 231 1.46 18.70 27.75
CA ALA C 231 1.40 18.95 26.33
C ALA C 231 2.75 18.72 25.67
N TYR C 232 3.86 19.22 26.27
CA TYR C 232 5.15 19.09 25.65
C TYR C 232 5.57 17.63 25.54
N GLN C 233 5.38 16.91 26.63
CA GLN C 233 5.84 15.54 26.69
C GLN C 233 5.02 14.65 25.74
N ILE C 234 3.74 14.93 25.59
CA ILE C 234 2.93 14.13 24.65
C ILE C 234 3.29 14.49 23.23
N ALA C 235 3.52 15.77 22.98
CA ALA C 235 3.93 16.22 21.66
C ALA C 235 5.25 15.54 21.25
N ARG C 236 6.25 15.55 22.18
CA ARG C 236 7.52 14.91 21.91
C ARG C 236 7.35 13.43 21.58
N TYR C 237 6.52 12.75 22.34
CA TYR C 237 6.24 11.33 22.13
C TYR C 237 5.68 11.11 20.71
N CYS C 238 4.66 11.90 20.35
CA CYS C 238 4.03 11.76 19.04
C CYS C 238 4.97 12.11 17.89
N ASP C 239 5.84 13.11 18.12
CA ASP C 239 6.78 13.52 17.11
C ASP C 239 7.76 12.38 16.83
N GLU C 240 8.21 11.72 17.88
CA GLU C 240 9.18 10.64 17.74
C GLU C 240 8.55 9.44 17.03
N VAL C 241 7.29 9.13 17.34
CA VAL C 241 6.61 8.10 16.57
C VAL C 241 6.52 8.51 15.10
N THR C 242 6.11 9.76 14.85
CA THR C 242 5.95 10.29 13.51
C THR C 242 7.25 10.17 12.72
N VAL C 243 8.35 10.64 13.33
CA VAL C 243 9.64 10.67 12.64
C VAL C 243 10.09 9.27 12.22
N ALA C 244 9.88 8.32 13.12
CA ALA C 244 10.27 6.95 12.85
C ALA C 244 9.45 6.39 11.68
N GLY C 245 8.15 6.69 11.65
CA GLY C 245 7.34 6.17 10.56
C GLY C 245 7.66 6.86 9.24
N LYS C 246 7.83 8.19 9.26
CA LYS C 246 8.18 8.95 8.07
C LYS C 246 9.51 8.49 7.46
N ALA C 247 10.43 7.99 8.31
CA ALA C 247 11.71 7.52 7.82
C ALA C 247 11.50 6.30 6.92
N ILE C 248 10.42 5.56 7.17
CA ILE C 248 10.06 4.43 6.32
C ILE C 248 9.29 4.90 5.09
N LYS C 249 8.22 5.67 5.30
CA LYS C 249 7.46 6.21 4.19
C LYS C 249 6.96 7.59 4.60
N ASN C 250 7.36 8.61 3.82
CA ASN C 250 7.18 9.98 4.21
C ASN C 250 5.79 10.52 3.82
N LEU C 251 4.75 9.86 4.34
CA LEU C 251 3.37 10.34 4.18
C LEU C 251 3.12 11.48 5.14
N PRO C 252 2.19 12.40 4.81
CA PRO C 252 1.73 13.39 5.77
C PRO C 252 1.11 12.68 6.97
N MET C 253 1.32 13.24 8.17
CA MET C 253 0.84 12.69 9.41
C MET C 253 0.36 13.82 10.32
N TYR C 254 -0.67 13.55 11.11
CA TYR C 254 -1.30 14.63 11.88
C TYR C 254 -1.83 14.05 13.18
N VAL C 255 -2.19 14.91 14.16
CA VAL C 255 -2.90 14.54 15.34
C VAL C 255 -4.24 15.27 15.41
N ASN C 256 -5.19 14.66 16.12
CA ASN C 256 -6.54 15.16 16.26
C ASN C 256 -6.89 15.46 17.71
N VAL C 257 -7.52 16.59 17.95
CA VAL C 257 -7.70 17.13 19.28
C VAL C 257 -9.10 16.98 19.84
N ALA C 258 -9.19 16.42 21.04
CA ALA C 258 -10.36 16.51 21.90
C ALA C 258 -10.41 17.96 22.40
N LEU C 259 -11.26 18.76 21.79
CA LEU C 259 -11.21 20.20 22.00
C LEU C 259 -11.69 20.60 23.39
N ARG C 260 -11.10 21.68 23.92
CA ARG C 260 -11.78 22.40 24.99
C ARG C 260 -12.72 23.43 24.36
N ASN C 261 -13.71 23.84 25.12
CA ASN C 261 -14.62 24.89 24.69
C ASN C 261 -13.86 26.20 24.69
N PRO C 262 -13.65 26.87 23.53
CA PRO C 262 -12.71 27.98 23.48
C PRO C 262 -13.21 29.20 24.26
N PHE C 263 -14.52 29.26 24.51
CA PHE C 263 -15.15 30.39 25.24
C PHE C 263 -15.37 30.13 26.73
N ASN C 264 -15.21 28.87 27.17
CA ASN C 264 -15.56 28.45 28.52
C ASN C 264 -15.01 27.04 28.74
N PRO C 265 -13.68 26.95 28.81
CA PRO C 265 -12.98 25.66 28.73
C PRO C 265 -13.15 24.80 29.97
N GLY C 266 -13.33 25.47 31.12
CA GLY C 266 -13.13 24.75 32.35
C GLY C 266 -11.66 24.48 32.55
N LEU C 267 -11.41 23.50 33.40
CA LEU C 267 -10.07 23.17 33.83
C LEU C 267 -9.45 22.00 33.08
N PRO C 268 -8.11 22.03 32.84
CA PRO C 268 -7.42 20.89 32.26
C PRO C 268 -7.63 19.67 33.14
N GLY C 269 -7.97 18.53 32.50
CA GLY C 269 -8.39 17.35 33.23
C GLY C 269 -9.90 17.13 33.18
N GLN C 270 -10.66 18.25 33.13
CA GLN C 270 -12.06 18.19 32.80
C GLN C 270 -12.15 18.07 31.29
N TYR C 271 -11.48 18.95 30.55
CA TYR C 271 -11.13 18.60 29.18
C TYR C 271 -9.86 17.75 29.15
N SER C 272 -9.53 17.17 27.99
CA SER C 272 -8.37 16.29 27.89
C SER C 272 -7.07 17.09 27.93
N SER C 273 -6.36 17.00 29.07
CA SER C 273 -5.19 17.83 29.28
C SER C 273 -4.02 17.30 28.44
N GLY C 274 -3.31 18.13 27.70
CA GLY C 274 -2.10 17.68 27.05
C GLY C 274 -2.22 17.53 25.54
N GLY C 275 -3.48 17.36 25.06
CA GLY C 275 -3.72 17.44 23.65
C GLY C 275 -3.51 18.84 23.11
N GLY C 276 -3.67 18.98 21.80
CA GLY C 276 -3.41 20.23 21.12
C GLY C 276 -4.55 21.23 21.24
N THR C 277 -4.99 21.48 22.48
CA THR C 277 -5.98 22.52 22.77
C THR C 277 -5.43 23.92 22.46
N ASP C 278 -6.34 24.89 22.34
CA ASP C 278 -5.98 26.14 21.67
C ASP C 278 -4.90 26.89 22.44
N ASN C 279 -4.89 26.67 23.74
CA ASN C 279 -3.95 27.38 24.61
C ASN C 279 -2.56 26.77 24.55
N VAL C 280 -2.37 25.58 23.97
CA VAL C 280 -1.06 24.92 23.90
C VAL C 280 -0.61 24.60 22.48
N LEU C 281 -1.28 25.19 21.49
CA LEU C 281 -0.81 25.05 20.11
C LEU C 281 0.65 25.46 19.97
N HIS C 282 1.06 26.54 20.65
CA HIS C 282 2.42 27.01 20.48
C HIS C 282 3.44 26.00 21.02
N ILE C 283 3.06 25.27 22.07
CA ILE C 283 3.93 24.24 22.61
C ILE C 283 4.03 23.06 21.64
N TRP C 284 2.85 22.64 21.14
CA TRP C 284 2.86 21.56 20.18
C TRP C 284 3.62 21.90 18.91
N LYS C 285 3.53 23.15 18.41
CA LYS C 285 4.29 23.50 17.22
C LYS C 285 5.79 23.48 17.46
N ALA C 286 6.19 23.95 18.63
CA ALA C 286 7.61 24.03 18.95
C ALA C 286 8.19 22.62 19.21
N ALA C 287 7.40 21.76 19.88
CA ALA C 287 7.87 20.44 20.28
C ALA C 287 7.79 19.40 19.17
N ALA C 288 6.84 19.53 18.24
CA ALA C 288 6.60 18.48 17.25
C ALA C 288 6.68 19.00 15.83
N PRO C 289 7.87 19.42 15.40
CA PRO C 289 8.01 19.98 14.07
C PRO C 289 7.81 19.00 12.91
N ASN C 290 7.81 17.68 13.19
CA ASN C 290 7.62 16.67 12.17
C ASN C 290 6.13 16.33 11.97
N ILE C 291 5.27 16.77 12.87
CA ILE C 291 3.84 16.52 12.73
C ILE C 291 3.29 17.61 11.80
N ASP C 292 2.57 17.21 10.76
CA ASP C 292 2.25 18.13 9.70
C ASP C 292 1.18 19.14 10.08
N LEU C 293 0.14 18.72 10.82
CA LEU C 293 -0.91 19.66 11.24
C LEU C 293 -1.57 19.10 12.48
N ILE C 294 -2.25 19.97 13.18
CA ILE C 294 -3.04 19.67 14.36
C ILE C 294 -4.52 19.92 14.01
N ALA C 295 -5.35 18.86 14.10
CA ALA C 295 -6.69 18.87 13.50
C ALA C 295 -7.73 18.94 14.60
N PRO C 296 -8.69 19.87 14.56
CA PRO C 296 -9.76 19.86 15.55
C PRO C 296 -10.81 18.77 15.31
N ASP C 297 -11.34 18.22 16.40
CA ASP C 297 -12.47 17.30 16.40
C ASP C 297 -13.68 18.04 16.95
N ILE C 298 -14.69 18.26 16.09
CA ILE C 298 -15.78 19.19 16.41
C ILE C 298 -17.07 18.44 16.73
N TYR C 299 -17.54 18.51 17.99
CA TYR C 299 -18.90 18.09 18.31
C TYR C 299 -19.75 19.21 18.93
N PHE C 300 -19.22 20.43 18.96
CA PHE C 300 -20.04 21.62 19.28
C PHE C 300 -20.96 21.83 18.09
N ARG C 301 -22.25 22.08 18.34
CA ARG C 301 -23.26 22.19 17.30
C ARG C 301 -23.44 23.63 16.86
N ASP C 302 -23.15 24.56 17.79
CA ASP C 302 -23.58 25.95 17.65
C ASP C 302 -22.58 26.74 16.83
N TYR C 303 -23.12 27.55 15.93
CA TYR C 303 -22.33 28.29 14.98
C TYR C 303 -21.21 29.10 15.60
N LYS C 304 -21.49 29.88 16.64
CA LYS C 304 -20.47 30.74 17.21
C LYS C 304 -19.24 29.96 17.72
N THR C 305 -19.50 28.82 18.37
CA THR C 305 -18.40 28.04 18.90
C THR C 305 -17.66 27.30 17.79
N VAL C 306 -18.38 26.75 16.80
CA VAL C 306 -17.68 26.06 15.70
C VAL C 306 -16.84 27.09 14.96
N SER C 307 -17.41 28.29 14.72
CA SER C 307 -16.71 29.30 13.97
C SER C 307 -15.40 29.70 14.66
N LYS C 308 -15.43 29.83 15.98
CA LYS C 308 -14.27 30.16 16.79
C LYS C 308 -13.19 29.06 16.68
N VAL C 309 -13.61 27.80 16.76
CA VAL C 309 -12.66 26.70 16.56
C VAL C 309 -11.99 26.77 15.20
N LEU C 310 -12.76 26.99 14.12
CA LEU C 310 -12.13 27.06 12.81
C LEU C 310 -11.14 28.21 12.77
N GLU C 311 -11.50 29.33 13.41
CA GLU C 311 -10.58 30.43 13.43
C GLU C 311 -9.27 30.09 14.15
N LEU C 312 -9.34 29.46 15.32
CA LEU C 312 -8.16 29.22 16.12
C LEU C 312 -7.25 28.17 15.49
N TYR C 313 -7.84 27.20 14.76
CA TYR C 313 -7.01 26.16 14.18
C TYR C 313 -6.50 26.47 12.78
N THR C 314 -7.02 27.50 12.11
CA THR C 314 -6.50 27.91 10.81
C THR C 314 -5.42 28.96 11.04
N ARG C 315 -4.16 28.62 10.75
CA ARG C 315 -3.02 29.46 11.13
C ARG C 315 -2.01 29.44 10.00
N PRO C 316 -1.12 30.44 9.84
CA PRO C 316 -0.06 30.28 8.85
C PRO C 316 0.75 29.00 9.00
N ASP C 317 0.90 28.53 10.24
CA ASP C 317 1.66 27.33 10.56
C ASP C 317 0.80 26.09 10.74
N ASN C 318 -0.49 26.13 10.34
CA ASN C 318 -1.38 25.01 10.63
C ASN C 318 -2.51 24.99 9.59
N ALA C 319 -2.40 24.03 8.68
CA ALA C 319 -3.47 23.77 7.77
C ALA C 319 -4.69 23.28 8.55
N LEU C 320 -5.88 23.67 8.08
CA LEU C 320 -7.16 23.25 8.68
C LEU C 320 -7.64 21.92 8.11
N PHE C 321 -7.81 20.94 8.98
CA PHE C 321 -8.44 19.69 8.64
C PHE C 321 -9.44 19.36 9.74
N VAL C 322 -10.72 19.24 9.38
CA VAL C 322 -11.73 18.87 10.36
C VAL C 322 -11.77 17.33 10.40
N ALA C 323 -11.02 16.75 11.34
CA ALA C 323 -10.70 15.33 11.29
C ALA C 323 -11.84 14.50 11.86
N GLU C 324 -12.76 15.18 12.56
CA GLU C 324 -13.91 14.53 13.14
C GLU C 324 -14.96 15.61 13.29
N ILE C 325 -16.20 15.33 12.88
CA ILE C 325 -17.31 16.23 13.14
C ILE C 325 -18.56 15.37 13.25
N GLY C 326 -19.53 15.80 14.04
CA GLY C 326 -20.75 15.04 14.18
C GLY C 326 -21.50 14.86 12.86
N ASN C 327 -22.35 13.79 12.85
CA ASN C 327 -23.07 13.42 11.64
C ASN C 327 -24.54 13.77 11.72
N ASP C 328 -24.96 14.52 12.77
CA ASP C 328 -26.31 15.05 12.76
C ASP C 328 -26.43 16.22 11.78
N GLN C 329 -27.67 16.55 11.39
CA GLN C 329 -27.99 17.49 10.33
C GLN C 329 -27.27 18.83 10.54
N PRO C 330 -27.21 19.45 11.73
CA PRO C 330 -26.65 20.78 11.88
C PRO C 330 -25.20 20.95 11.47
N PHE C 331 -24.46 19.81 11.45
CA PHE C 331 -23.03 19.81 11.17
C PHE C 331 -22.67 19.94 9.68
N ALA C 332 -23.56 19.55 8.78
CA ALA C 332 -23.21 19.43 7.36
C ALA C 332 -22.78 20.79 6.81
N ARG C 333 -23.45 21.88 7.24
CA ARG C 333 -23.17 23.17 6.66
C ARG C 333 -21.83 23.76 7.08
N TYR C 334 -21.14 23.15 8.05
CA TYR C 334 -19.82 23.61 8.40
C TYR C 334 -18.78 23.21 7.37
N LEU C 335 -19.12 22.40 6.36
CA LEU C 335 -18.20 22.16 5.25
C LEU C 335 -17.85 23.50 4.60
N PHE C 336 -18.84 24.41 4.50
CA PHE C 336 -18.65 25.65 3.74
C PHE C 336 -17.55 26.53 4.33
N PRO C 337 -17.64 26.94 5.60
CA PRO C 337 -16.57 27.73 6.23
C PRO C 337 -15.25 26.98 6.33
N THR C 338 -15.31 25.64 6.45
CA THR C 338 -14.07 24.85 6.48
C THR C 338 -13.31 25.03 5.18
N LEU C 339 -14.00 24.90 4.04
CA LEU C 339 -13.36 25.10 2.75
C LEU C 339 -13.03 26.57 2.52
N GLY C 340 -13.89 27.50 2.94
CA GLY C 340 -13.62 28.92 2.78
C GLY C 340 -12.37 29.42 3.49
N LYS C 341 -11.97 28.74 4.58
CA LYS C 341 -10.76 29.08 5.28
C LYS C 341 -9.54 28.44 4.66
N GLY C 342 -9.76 27.74 3.55
CA GLY C 342 -8.72 27.00 2.86
C GLY C 342 -8.44 25.63 3.45
N GLY C 343 -9.41 25.09 4.19
CA GLY C 343 -9.34 23.73 4.74
C GLY C 343 -9.04 22.67 3.67
N ILE C 344 -8.28 21.66 4.10
CA ILE C 344 -7.94 20.58 3.19
C ILE C 344 -8.90 19.41 3.30
N GLY C 345 -9.83 19.46 4.24
CA GLY C 345 -10.78 18.38 4.34
C GLY C 345 -11.67 18.38 5.57
N PHE C 346 -12.55 17.39 5.60
CA PHE C 346 -13.72 17.38 6.47
C PHE C 346 -14.19 15.95 6.56
N SER C 347 -14.38 15.42 7.77
CA SER C 347 -14.59 13.99 7.96
C SER C 347 -15.65 13.77 9.04
N PRO C 348 -16.93 13.62 8.64
CA PRO C 348 -18.00 13.29 9.59
C PRO C 348 -17.83 11.89 10.15
N PHE C 349 -18.09 11.78 11.47
CA PHE C 349 -17.89 10.57 12.26
C PHE C 349 -19.12 9.68 12.28
N GLY C 350 -18.92 8.36 12.20
CA GLY C 350 -19.95 7.40 12.48
C GLY C 350 -20.74 7.08 11.22
N MET C 351 -20.09 7.15 10.06
CA MET C 351 -20.80 6.93 8.80
C MET C 351 -20.74 5.46 8.38
N ASP C 352 -21.37 4.59 9.17
CA ASP C 352 -21.44 3.18 8.80
C ASP C 352 -22.70 2.60 9.46
N ASP C 353 -23.06 1.40 9.01
CA ASP C 353 -24.27 0.72 9.45
C ASP C 353 -23.94 -0.39 10.44
N THR C 354 -23.12 -0.13 11.45
CA THR C 354 -22.70 -1.19 12.35
C THR C 354 -23.49 -1.18 13.67
N ASP C 355 -24.66 -0.56 13.65
CA ASP C 355 -25.63 -0.64 14.74
C ASP C 355 -25.10 0.06 15.96
N TYR C 356 -24.66 1.30 15.80
CA TYR C 356 -24.18 2.11 16.91
C TYR C 356 -24.41 3.58 16.59
N THR C 357 -24.93 4.33 17.55
CA THR C 357 -24.95 5.79 17.48
C THR C 357 -24.45 6.41 18.78
N ASN C 358 -23.62 7.45 18.69
CA ASN C 358 -23.10 8.13 19.87
C ASN C 358 -24.03 9.28 20.26
N TYR C 359 -25.26 9.30 19.73
CA TYR C 359 -26.26 10.24 20.21
C TYR C 359 -26.18 10.25 21.73
N PRO C 360 -26.19 11.41 22.41
CA PRO C 360 -26.52 12.71 21.81
C PRO C 360 -25.43 13.52 21.12
N LEU C 361 -24.22 12.97 20.92
CA LEU C 361 -23.20 13.67 20.14
C LEU C 361 -23.61 13.77 18.67
N GLY C 362 -23.86 12.62 18.01
CA GLY C 362 -24.33 12.62 16.63
C GLY C 362 -25.81 12.32 16.46
N ALA C 363 -26.18 11.84 15.27
CA ALA C 363 -27.57 11.63 14.88
C ALA C 363 -28.20 10.54 15.76
N LYS C 364 -29.44 10.76 16.21
CA LYS C 364 -30.20 9.78 16.97
C LYS C 364 -30.49 8.54 16.11
N VAL C 365 -30.84 8.74 14.83
CA VAL C 365 -31.17 7.66 13.91
C VAL C 365 -30.20 7.74 12.73
N TYR C 366 -29.55 6.63 12.45
CA TYR C 366 -28.68 6.55 11.28
C TYR C 366 -29.42 5.88 10.14
N ASN C 367 -29.78 6.67 9.12
CA ASN C 367 -30.50 6.13 7.98
C ASN C 367 -30.13 6.91 6.72
N ASP C 368 -30.80 6.62 5.61
CA ASP C 368 -30.44 7.28 4.34
C ASP C 368 -30.58 8.80 4.48
N GLU C 369 -31.57 9.32 5.22
CA GLU C 369 -31.72 10.75 5.36
C GLU C 369 -30.52 11.36 6.09
N THR C 370 -29.98 10.67 7.10
CA THR C 370 -28.80 11.18 7.79
C THR C 370 -27.68 11.42 6.76
N ILE C 371 -27.43 10.39 5.98
CA ILE C 371 -26.35 10.45 5.03
C ILE C 371 -26.58 11.52 3.98
N GLU C 372 -27.85 11.69 3.57
CA GLU C 372 -28.19 12.60 2.51
C GLU C 372 -27.86 14.06 2.90
N GLN C 373 -27.87 14.43 4.20
CA GLN C 373 -27.55 15.81 4.55
C GLN C 373 -26.12 16.12 4.15
N PHE C 374 -25.23 15.13 4.25
CA PHE C 374 -23.86 15.32 3.81
C PHE C 374 -23.70 15.11 2.30
N ALA C 375 -24.42 14.15 1.70
CA ALA C 375 -24.30 13.93 0.29
C ALA C 375 -24.65 15.22 -0.44
N GLN C 376 -25.66 15.93 0.04
CA GLN C 376 -26.10 17.09 -0.70
C GLN C 376 -25.07 18.21 -0.68
N VAL C 377 -24.25 18.34 0.36
CA VAL C 377 -23.21 19.34 0.32
C VAL C 377 -21.95 18.85 -0.43
N TYR C 378 -21.60 17.56 -0.28
CA TYR C 378 -20.48 17.01 -1.06
C TYR C 378 -20.73 17.09 -2.57
N ARG C 379 -22.00 16.99 -3.01
CA ARG C 379 -22.35 17.14 -4.43
C ARG C 379 -22.03 18.50 -5.01
N LEU C 380 -21.88 19.53 -4.17
N LEU C 380 -21.87 19.52 -4.17
CA LEU C 380 -21.48 20.86 -4.64
CA LEU C 380 -21.47 20.85 -4.64
C LEU C 380 -19.98 20.93 -4.91
C LEU C 380 -19.98 20.88 -4.96
N VAL C 381 -19.20 20.12 -4.19
CA VAL C 381 -17.73 20.21 -4.26
C VAL C 381 -17.12 19.13 -5.15
N ASN C 382 -17.67 17.92 -5.16
CA ASN C 382 -17.13 16.82 -5.96
C ASN C 382 -16.91 17.24 -7.41
N PRO C 383 -17.86 17.92 -8.10
CA PRO C 383 -17.65 18.20 -9.52
C PRO C 383 -16.52 19.20 -9.80
N MET C 384 -16.07 19.92 -8.80
CA MET C 384 -15.00 20.89 -8.96
C MET C 384 -13.84 20.59 -8.04
N MET C 385 -13.67 19.36 -7.57
CA MET C 385 -12.82 19.17 -6.39
C MET C 385 -11.38 19.63 -6.66
N ARG C 386 -10.80 19.24 -7.80
CA ARG C 386 -9.41 19.60 -8.06
C ARG C 386 -9.27 21.09 -8.36
N GLU C 387 -10.26 21.66 -9.06
CA GLU C 387 -10.23 23.07 -9.38
C GLU C 387 -10.32 23.91 -8.11
N TRP C 388 -11.24 23.59 -7.20
CA TRP C 388 -11.38 24.26 -5.94
C TRP C 388 -10.10 24.13 -5.13
N ALA C 389 -9.55 22.91 -5.11
CA ALA C 389 -8.36 22.71 -4.28
C ALA C 389 -7.22 23.62 -4.73
N ARG C 390 -7.05 23.75 -6.04
N ARG C 390 -7.03 23.78 -6.03
CA ARG C 390 -6.01 24.57 -6.63
CA ARG C 390 -5.93 24.61 -6.52
C ARG C 390 -6.22 26.05 -6.29
C ARG C 390 -6.22 26.07 -6.21
N LEU C 391 -7.46 26.52 -6.45
CA LEU C 391 -7.80 27.91 -6.11
C LEU C 391 -7.65 28.24 -4.64
N SER C 392 -8.04 27.31 -3.77
N SER C 392 -7.91 27.22 -3.79
CA SER C 392 -7.83 27.54 -2.36
CA SER C 392 -7.87 27.32 -2.33
C SER C 392 -6.34 27.80 -2.06
C SER C 392 -6.45 27.14 -1.76
N TYR C 393 -5.45 26.97 -2.65
CA TYR C 393 -4.03 27.13 -2.31
C TYR C 393 -3.41 28.40 -2.92
N GLN C 394 -3.66 28.62 -4.21
CA GLN C 394 -2.91 29.55 -5.03
C GLN C 394 -3.66 30.88 -5.11
N GLY C 395 -4.94 30.86 -4.78
CA GLY C 395 -5.77 32.02 -5.02
C GLY C 395 -6.60 32.41 -3.80
N GLN C 396 -7.78 32.96 -4.10
CA GLN C 396 -8.61 33.53 -3.08
C GLN C 396 -9.95 32.77 -3.12
N VAL C 397 -10.31 32.22 -1.96
CA VAL C 397 -11.59 31.57 -1.75
C VAL C 397 -12.28 32.15 -0.52
N TRP C 398 -13.58 31.92 -0.42
CA TRP C 398 -14.42 32.27 0.67
C TRP C 398 -15.49 31.20 0.83
N GLY C 399 -15.98 31.06 2.06
CA GLY C 399 -17.05 30.13 2.37
C GLY C 399 -17.77 30.52 3.65
N VAL C 400 -19.10 30.40 3.64
CA VAL C 400 -19.94 30.78 4.78
C VAL C 400 -21.04 29.75 4.99
N ALA C 401 -21.46 29.62 6.25
CA ALA C 401 -22.59 28.82 6.64
C ALA C 401 -23.65 29.74 7.26
N GLU C 402 -24.89 29.24 7.24
CA GLU C 402 -26.03 29.93 7.85
C GLU C 402 -25.75 30.17 9.34
N PRO C 403 -25.72 31.46 9.80
CA PRO C 403 -25.13 31.80 11.09
C PRO C 403 -26.08 31.78 12.29
N LEU C 404 -27.36 31.48 12.11
CA LEU C 404 -28.23 31.23 13.25
C LEU C 404 -28.51 29.74 13.29
N ASP C 405 -28.46 29.15 14.49
CA ASP C 405 -28.83 27.77 14.70
C ASP C 405 -30.34 27.64 14.67
N SER C 406 -30.84 26.42 14.52
CA SER C 406 -32.28 26.22 14.49
C SER C 406 -32.89 26.77 15.78
N THR C 407 -34.10 27.34 15.66
CA THR C 407 -34.81 27.93 16.77
C THR C 407 -35.09 26.88 17.86
N THR C 408 -34.66 27.18 19.11
CA THR C 408 -34.82 26.28 20.24
C THR C 408 -36.25 26.39 20.79
N GLU C 409 -36.60 25.50 21.71
CA GLU C 409 -37.95 25.45 22.26
C GLU C 409 -38.21 26.69 23.13
N THR C 410 -37.32 26.91 24.11
CA THR C 410 -37.35 28.14 24.88
C THR C 410 -37.59 29.33 23.95
N GLN C 411 -36.75 29.46 22.91
CA GLN C 411 -36.96 30.50 21.92
C GLN C 411 -38.34 30.33 21.29
N LYS C 412 -38.82 29.08 21.15
CA LYS C 412 -40.12 28.86 20.54
C LYS C 412 -41.22 29.31 21.51
N GLU C 417 -45.70 34.80 22.16
CA GLU C 417 -45.95 35.22 23.56
C GLU C 417 -45.32 36.60 23.77
N ALA C 418 -44.81 37.17 22.68
CA ALA C 418 -44.32 38.55 22.70
C ALA C 418 -45.35 39.46 22.02
N THR C 419 -45.15 40.78 22.11
CA THR C 419 -46.06 41.74 21.51
C THR C 419 -45.92 41.70 19.99
N PRO C 420 -46.90 42.19 19.21
CA PRO C 420 -46.78 42.24 17.75
C PRO C 420 -45.62 43.12 17.27
N GLU C 421 -45.30 44.16 18.06
CA GLU C 421 -44.16 45.03 17.78
C GLU C 421 -42.86 44.32 18.16
N GLU C 422 -42.96 43.28 19.01
CA GLU C 422 -41.80 42.54 19.46
C GLU C 422 -41.45 41.44 18.45
N LYS C 423 -42.44 40.66 18.03
CA LYS C 423 -42.33 39.71 16.92
C LYS C 423 -41.67 40.42 15.73
N GLU C 424 -42.30 41.52 15.28
CA GLU C 424 -41.82 42.28 14.15
C GLU C 424 -40.37 42.72 14.38
N GLN C 425 -40.01 43.03 15.62
CA GLN C 425 -38.64 43.42 15.91
C GLN C 425 -37.71 42.19 15.85
N HIS C 426 -38.18 41.05 16.35
CA HIS C 426 -37.39 39.84 16.33
C HIS C 426 -37.08 39.47 14.87
N LYS C 427 -38.10 39.53 13.99
CA LYS C 427 -37.95 39.24 12.57
C LYS C 427 -36.90 40.12 11.91
N LYS C 428 -36.84 41.39 12.29
CA LYS C 428 -35.89 42.34 11.70
C LYS C 428 -34.47 41.98 12.17
N ASP C 429 -34.35 41.60 13.44
CA ASP C 429 -33.07 41.20 14.00
C ASP C 429 -32.54 39.92 13.32
N ARG C 430 -33.42 38.93 13.14
N ARG C 430 -33.40 38.91 13.18
CA ARG C 430 -33.03 37.67 12.51
CA ARG C 430 -33.01 37.68 12.48
C ARG C 430 -32.62 37.91 11.05
C ARG C 430 -32.52 38.04 11.08
N ALA C 431 -33.33 38.77 10.33
CA ALA C 431 -32.99 39.10 8.95
C ALA C 431 -31.57 39.63 8.85
N SER C 432 -31.23 40.61 9.71
CA SER C 432 -29.91 41.22 9.72
C SER C 432 -28.81 40.18 10.02
N ALA C 433 -29.07 39.34 11.00
CA ALA C 433 -28.14 38.29 11.39
C ALA C 433 -27.96 37.24 10.27
N LEU C 434 -28.98 37.07 9.42
CA LEU C 434 -28.93 36.06 8.36
C LEU C 434 -28.47 36.65 7.02
N THR C 435 -27.82 37.80 7.08
CA THR C 435 -27.20 38.51 5.98
C THR C 435 -25.72 38.61 6.27
N GLN C 436 -24.88 38.04 5.40
CA GLN C 436 -23.44 38.05 5.55
C GLN C 436 -22.82 38.79 4.38
N GLN C 437 -21.76 39.59 4.64
CA GLN C 437 -21.04 40.33 3.61
C GLN C 437 -19.65 39.77 3.42
N LEU C 438 -19.22 39.68 2.16
CA LEU C 438 -17.91 39.20 1.81
C LEU C 438 -17.23 40.19 0.88
N ASP C 439 -15.99 40.55 1.19
CA ASP C 439 -15.22 41.45 0.36
C ASP C 439 -14.40 40.66 -0.65
N LEU C 440 -14.79 40.73 -1.93
CA LEU C 440 -14.13 39.96 -2.98
C LEU C 440 -13.22 40.81 -3.88
N GLY C 441 -12.74 41.95 -3.36
CA GLY C 441 -11.86 42.81 -4.14
C GLY C 441 -12.62 44.01 -4.70
N LEU C 442 -12.82 43.98 -6.02
CA LEU C 442 -13.61 45.00 -6.70
C LEU C 442 -15.09 44.84 -6.43
N TRP C 443 -15.51 43.62 -6.05
CA TRP C 443 -16.91 43.28 -5.84
C TRP C 443 -17.06 42.69 -4.45
N ASP C 444 -18.27 42.87 -3.89
CA ASP C 444 -18.72 42.26 -2.66
C ASP C 444 -19.87 41.30 -2.97
N ALA C 445 -20.02 40.30 -2.10
CA ALA C 445 -21.17 39.44 -2.15
C ALA C 445 -21.92 39.61 -0.84
N GLU C 446 -23.22 39.50 -0.93
CA GLU C 446 -24.08 39.39 0.22
C GLU C 446 -24.81 38.05 0.15
N VAL C 447 -24.69 37.28 1.23
CA VAL C 447 -25.29 35.97 1.31
C VAL C 447 -26.41 36.00 2.32
N THR C 448 -27.59 35.53 1.92
CA THR C 448 -28.76 35.53 2.77
C THR C 448 -29.47 34.19 2.74
N TYR C 449 -30.20 33.82 3.80
CA TYR C 449 -30.71 32.47 3.99
C TYR C 449 -32.21 32.42 4.26
N GLY C 450 -32.93 31.58 3.52
CA GLY C 450 -34.30 31.25 3.82
C GLY C 450 -35.27 32.31 3.30
N ARG C 451 -35.27 32.48 1.99
CA ARG C 451 -36.15 33.44 1.35
C ARG C 451 -36.57 32.87 0.00
N PRO C 452 -37.64 33.40 -0.64
CA PRO C 452 -38.00 33.01 -1.99
C PRO C 452 -36.90 33.27 -3.03
N MET C 453 -37.12 32.74 -4.24
CA MET C 453 -36.16 32.88 -5.34
C MET C 453 -36.50 34.08 -6.21
N PHE C 454 -37.48 34.87 -5.73
CA PHE C 454 -38.04 35.98 -6.48
C PHE C 454 -38.42 37.10 -5.51
N TRP C 455 -38.17 38.35 -5.90
CA TRP C 455 -38.47 39.52 -5.07
C TRP C 455 -37.49 39.60 -3.89
N VAL C 456 -37.76 40.47 -2.90
CA VAL C 456 -36.77 40.86 -1.89
C VAL C 456 -37.34 40.81 -0.47
N THR C 457 -38.28 39.91 -0.21
CA THR C 457 -38.75 39.64 1.13
C THR C 457 -37.55 39.31 2.01
N PRO C 458 -37.45 39.88 3.22
CA PRO C 458 -36.31 39.63 4.10
C PRO C 458 -36.14 38.15 4.45
N PRO C 459 -34.88 37.69 4.63
CA PRO C 459 -34.64 36.31 4.99
C PRO C 459 -35.12 35.96 6.39
N GLU C 460 -35.64 34.75 6.51
CA GLU C 460 -36.18 34.21 7.74
C GLU C 460 -35.44 32.94 8.18
N GLY C 461 -34.43 32.51 7.40
CA GLY C 461 -33.66 31.32 7.72
C GLY C 461 -34.32 30.04 7.24
N ASN C 462 -33.49 29.00 7.04
CA ASN C 462 -34.00 27.70 6.74
C ASN C 462 -34.43 26.96 8.01
N THR C 463 -35.37 26.06 7.88
CA THR C 463 -35.74 25.24 9.03
C THR C 463 -35.58 23.77 8.63
N PRO C 464 -34.61 23.01 9.20
CA PRO C 464 -33.58 23.55 10.09
C PRO C 464 -32.52 24.41 9.41
N ALA C 465 -31.64 25.05 10.20
CA ALA C 465 -30.54 25.84 9.67
C ALA C 465 -29.69 24.88 8.84
N ALA C 466 -29.29 25.32 7.63
CA ALA C 466 -28.66 24.37 6.70
C ALA C 466 -27.83 25.03 5.60
N GLY C 467 -27.99 26.35 5.33
CA GLY C 467 -27.47 26.92 4.10
C GLY C 467 -25.99 27.22 4.18
N GLY C 468 -25.42 27.52 2.99
CA GLY C 468 -24.06 28.00 2.91
C GLY C 468 -23.67 28.32 1.48
N ALA C 469 -22.46 28.85 1.28
CA ALA C 469 -21.99 29.30 -0.02
C ALA C 469 -20.49 29.19 -0.08
N LEU C 470 -20.00 28.90 -1.30
CA LEU C 470 -18.58 28.90 -1.65
C LEU C 470 -18.37 29.85 -2.82
N ILE C 471 -17.29 30.66 -2.72
CA ILE C 471 -16.92 31.53 -3.82
C ILE C 471 -15.41 31.39 -4.04
N ALA C 472 -14.93 31.32 -5.29
CA ALA C 472 -13.52 31.38 -5.60
C ALA C 472 -13.31 32.47 -6.63
N GLN C 473 -12.23 33.25 -6.50
CA GLN C 473 -11.94 34.26 -7.51
C GLN C 473 -11.17 33.67 -8.68
N LEU C 474 -11.66 33.92 -9.89
CA LEU C 474 -11.00 33.46 -11.10
C LEU C 474 -10.19 34.61 -11.71
N ASP C 475 -10.73 35.83 -11.65
CA ASP C 475 -10.05 37.01 -12.19
C ASP C 475 -10.66 38.20 -11.47
N ASP C 476 -10.22 39.42 -11.81
CA ASP C 476 -10.64 40.60 -11.10
C ASP C 476 -12.17 40.76 -11.05
N ASN C 477 -12.84 40.30 -12.14
CA ASN C 477 -14.28 40.52 -12.21
C ASN C 477 -15.02 39.18 -12.36
N GLU C 478 -14.38 38.06 -12.08
CA GLU C 478 -14.98 36.77 -12.38
C GLU C 478 -14.80 35.80 -11.21
N TYR C 479 -15.88 35.12 -10.84
CA TYR C 479 -15.91 34.26 -9.67
C TYR C 479 -16.61 32.93 -10.01
N LEU C 480 -16.17 31.88 -9.34
CA LEU C 480 -16.82 30.60 -9.32
C LEU C 480 -17.69 30.62 -8.07
N VAL C 481 -18.96 30.22 -8.23
CA VAL C 481 -19.91 30.26 -7.13
C VAL C 481 -20.74 28.98 -7.11
N THR C 482 -20.91 28.42 -5.90
CA THR C 482 -21.94 27.40 -5.67
C THR C 482 -22.46 27.62 -4.27
N ALA C 483 -23.75 27.36 -4.07
CA ALA C 483 -24.34 27.61 -2.75
C ALA C 483 -25.53 26.68 -2.56
N TYR C 484 -26.16 26.76 -1.37
CA TYR C 484 -27.06 25.73 -0.89
C TYR C 484 -28.06 26.45 0.03
N LYS C 485 -29.31 26.41 -0.36
CA LYS C 485 -30.41 26.97 0.43
C LYS C 485 -30.06 28.39 0.84
N ALA C 486 -29.70 29.20 -0.15
CA ALA C 486 -29.22 30.53 0.09
C ALA C 486 -29.35 31.36 -1.18
N ARG C 487 -29.28 32.70 -1.00
CA ARG C 487 -29.13 33.64 -2.09
C ARG C 487 -27.79 34.32 -1.98
N VAL C 488 -27.13 34.50 -3.13
CA VAL C 488 -25.88 35.22 -3.26
C VAL C 488 -26.11 36.39 -4.21
N GLU C 489 -25.83 37.61 -3.69
CA GLU C 489 -26.00 38.80 -4.52
C GLU C 489 -24.66 39.54 -4.60
N PHE C 490 -24.32 40.02 -5.80
CA PHE C 490 -23.08 40.75 -6.03
C PHE C 490 -23.34 42.26 -6.14
N LYS C 491 -22.32 43.02 -5.74
CA LYS C 491 -22.35 44.48 -5.85
C LYS C 491 -20.94 45.03 -5.83
N PRO C 492 -20.74 46.31 -6.24
CA PRO C 492 -19.45 46.96 -6.14
C PRO C 492 -19.00 47.09 -4.70
N SER C 493 -17.69 46.89 -4.52
CA SER C 493 -17.09 46.95 -3.19
C SER C 493 -16.85 48.40 -2.78
N GLN C 494 -16.59 49.25 -3.79
CA GLN C 494 -16.35 50.68 -3.61
C GLN C 494 -17.36 51.49 -4.44
N GLU C 495 -17.72 52.70 -3.97
CA GLU C 495 -18.61 53.60 -4.70
C GLU C 495 -18.03 53.85 -6.10
N LEU C 496 -18.87 53.99 -7.14
CA LEU C 496 -18.39 53.92 -8.52
C LEU C 496 -18.25 55.31 -9.19
N ALA C 497 -19.21 56.22 -8.96
CA ALA C 497 -19.18 57.60 -9.46
C ALA C 497 -19.03 57.69 -10.99
N GLY C 498 -20.13 57.89 -11.73
CA GLY C 498 -20.11 58.02 -13.18
C GLY C 498 -20.39 56.69 -13.90
N LYS C 499 -20.40 55.63 -13.08
CA LYS C 499 -20.54 54.27 -13.59
C LYS C 499 -21.73 53.57 -12.93
N LYS C 500 -22.32 52.63 -13.69
CA LYS C 500 -23.30 51.72 -13.13
C LYS C 500 -22.65 50.34 -13.13
N PHE C 501 -23.39 49.32 -12.66
CA PHE C 501 -22.83 47.97 -12.67
C PHE C 501 -23.94 46.98 -13.01
N MET C 502 -23.54 45.84 -13.53
CA MET C 502 -24.47 44.74 -13.70
C MET C 502 -23.69 43.44 -13.63
N ILE C 503 -24.42 42.34 -13.50
CA ILE C 503 -23.92 41.05 -13.94
C ILE C 503 -23.71 41.15 -15.43
N GLU C 504 -22.52 40.79 -15.90
CA GLU C 504 -22.28 40.69 -17.32
C GLU C 504 -22.78 39.33 -17.85
N ARG C 505 -22.39 38.26 -17.16
N ARG C 505 -22.46 38.25 -17.11
CA ARG C 505 -22.80 36.91 -17.55
CA ARG C 505 -22.73 36.90 -17.62
C ARG C 505 -22.72 36.01 -16.32
C ARG C 505 -22.59 35.83 -16.51
N VAL C 506 -23.67 35.07 -16.26
CA VAL C 506 -23.62 33.94 -15.35
C VAL C 506 -23.79 32.68 -16.18
N GLU C 507 -22.81 31.77 -16.09
CA GLU C 507 -22.87 30.50 -16.79
C GLU C 507 -22.96 29.40 -15.75
N GLU C 508 -23.87 28.45 -15.95
CA GLU C 508 -23.84 27.21 -15.21
C GLU C 508 -23.08 26.19 -16.03
N GLY C 509 -22.21 25.41 -15.38
CA GLY C 509 -21.48 24.41 -16.14
C GLY C 509 -20.67 23.48 -15.25
N ARG C 510 -19.64 22.90 -15.86
CA ARG C 510 -18.83 21.92 -15.15
C ARG C 510 -17.44 21.92 -15.77
N PHE C 511 -16.50 21.29 -15.06
CA PHE C 511 -15.17 21.09 -15.58
C PHE C 511 -15.05 19.69 -16.15
N GLU C 512 -14.45 19.58 -17.34
CA GLU C 512 -14.13 18.30 -17.95
C GLU C 512 -12.71 18.40 -18.48
N LYS C 513 -11.82 17.54 -17.95
CA LYS C 513 -10.40 17.55 -18.29
C LYS C 513 -9.85 18.93 -17.96
N GLY C 514 -10.30 19.49 -16.84
CA GLY C 514 -9.87 20.79 -16.35
C GLY C 514 -10.40 22.00 -17.12
N LYS C 515 -11.17 21.80 -18.23
CA LYS C 515 -11.71 22.90 -19.03
C LYS C 515 -13.17 23.13 -18.62
N TRP C 516 -13.54 24.40 -18.50
CA TRP C 516 -14.93 24.80 -18.30
C TRP C 516 -15.78 24.48 -19.54
N VAL C 517 -16.93 23.86 -19.28
CA VAL C 517 -17.93 23.53 -20.29
C VAL C 517 -19.24 24.16 -19.83
N MET C 518 -19.79 25.09 -20.64
N MET C 518 -19.80 25.05 -20.66
CA MET C 518 -21.02 25.80 -20.30
CA MET C 518 -21.02 25.76 -20.33
C MET C 518 -22.21 24.89 -20.61
C MET C 518 -22.20 24.83 -20.60
N GLU C 519 -23.17 24.82 -19.67
CA GLU C 519 -24.42 24.13 -19.91
C GLU C 519 -25.51 25.12 -20.29
N ARG C 520 -25.61 26.22 -19.56
CA ARG C 520 -26.63 27.23 -19.85
C ARG C 520 -26.22 28.54 -19.23
N VAL C 521 -26.84 29.61 -19.68
CA VAL C 521 -26.68 30.94 -19.11
C VAL C 521 -27.85 31.20 -18.18
N TRP C 522 -27.55 31.61 -16.94
CA TRP C 522 -28.58 32.14 -16.06
C TRP C 522 -28.82 33.60 -16.39
N ASN C 523 -30.07 33.97 -16.55
CA ASN C 523 -30.41 35.35 -16.86
C ASN C 523 -31.87 35.57 -16.51
N GLY C 524 -32.36 36.81 -16.69
CA GLY C 524 -33.77 37.07 -16.42
C GLY C 524 -34.07 36.86 -14.95
N ASP C 525 -35.16 36.15 -14.67
CA ASP C 525 -35.58 35.85 -13.33
C ASP C 525 -34.46 35.21 -12.51
N GLN C 526 -33.61 34.42 -13.15
CA GLN C 526 -32.59 33.69 -12.42
C GLN C 526 -31.45 34.58 -11.92
N THR C 527 -31.35 35.83 -12.38
CA THR C 527 -30.30 36.73 -11.95
C THR C 527 -30.86 38.07 -11.50
N ASP C 528 -32.16 38.32 -11.66
CA ASP C 528 -32.76 39.58 -11.19
C ASP C 528 -32.76 39.78 -9.68
N TRP C 529 -32.79 38.69 -8.90
CA TRP C 529 -33.04 38.68 -7.47
C TRP C 529 -31.89 37.94 -6.78
N GLY C 530 -30.67 38.27 -7.20
CA GLY C 530 -29.50 37.50 -6.80
C GLY C 530 -29.51 36.12 -7.46
N LEU C 531 -28.64 35.28 -6.91
CA LEU C 531 -28.45 33.92 -7.40
C LEU C 531 -28.96 33.02 -6.29
N ASN C 532 -30.06 32.34 -6.62
CA ASN C 532 -30.84 31.58 -5.66
C ASN C 532 -30.59 30.08 -5.81
N PHE C 533 -30.22 29.45 -4.69
CA PHE C 533 -29.86 28.03 -4.65
C PHE C 533 -30.79 27.28 -3.69
N THR C 534 -31.24 26.09 -4.09
CA THR C 534 -32.04 25.21 -3.24
C THR C 534 -31.10 24.12 -2.71
N ASP C 535 -31.60 22.89 -2.69
CA ASP C 535 -30.79 21.74 -2.31
C ASP C 535 -30.06 21.13 -3.50
N ARG C 536 -30.33 21.53 -4.73
CA ARG C 536 -29.75 20.88 -5.89
C ARG C 536 -28.47 21.60 -6.28
N PRO C 537 -27.48 20.87 -6.80
CA PRO C 537 -26.18 21.42 -7.13
C PRO C 537 -26.17 22.20 -8.45
N HIS C 538 -25.59 23.41 -8.40
CA HIS C 538 -25.30 24.23 -9.57
C HIS C 538 -23.97 24.94 -9.37
N LEU C 539 -23.05 24.78 -10.31
CA LEU C 539 -21.76 25.49 -10.30
C LEU C 539 -21.82 26.59 -11.34
N LEU C 540 -21.59 27.81 -10.87
CA LEU C 540 -21.68 28.98 -11.71
C LEU C 540 -20.32 29.68 -11.84
N ARG C 541 -20.14 30.25 -13.04
CA ARG C 541 -19.11 31.27 -13.25
C ARG C 541 -19.82 32.60 -13.45
N VAL C 542 -19.47 33.57 -12.63
CA VAL C 542 -20.16 34.82 -12.51
C VAL C 542 -19.22 35.94 -12.91
N LYS C 543 -19.55 36.65 -13.99
CA LYS C 543 -18.71 37.77 -14.47
C LYS C 543 -19.47 39.08 -14.23
N MET C 544 -18.86 40.01 -13.47
CA MET C 544 -19.44 41.28 -13.13
C MET C 544 -18.79 42.36 -14.00
N ALA C 545 -19.54 43.46 -14.26
CA ALA C 545 -19.01 44.58 -15.06
C ALA C 545 -19.52 45.89 -14.48
N SER C 546 -18.60 46.87 -14.43
CA SER C 546 -18.99 48.27 -14.28
C SER C 546 -18.92 48.89 -15.67
N TYR C 547 -19.80 49.86 -15.91
CA TYR C 547 -19.90 50.50 -17.22
C TYR C 547 -20.28 51.96 -17.06
N SER C 548 -19.75 52.77 -17.99
CA SER C 548 -19.98 54.20 -18.01
C SER C 548 -21.38 54.49 -18.58
N VAL C 549 -21.98 55.52 -17.98
CA VAL C 549 -23.18 56.09 -18.54
C VAL C 549 -22.95 57.56 -18.92
N GLN C 550 -21.67 57.93 -19.04
CA GLN C 550 -21.27 59.27 -19.40
C GLN C 550 -21.59 59.43 -20.89
N ALA D 11 19.08 -37.67 -36.93
CA ALA D 11 18.36 -38.73 -36.18
C ALA D 11 17.68 -38.15 -34.95
N ALA D 12 18.29 -37.14 -34.31
CA ALA D 12 17.87 -36.65 -32.99
C ALA D 12 16.39 -36.23 -32.98
N PRO D 13 15.59 -36.65 -31.98
CA PRO D 13 14.18 -36.31 -31.95
C PRO D 13 14.10 -34.80 -31.68
N LEU D 14 13.02 -34.19 -32.18
CA LEU D 14 12.74 -32.79 -31.89
C LEU D 14 12.64 -32.56 -30.39
N PRO D 15 13.16 -31.42 -29.88
CA PRO D 15 12.76 -31.02 -28.55
C PRO D 15 11.26 -30.85 -28.43
N GLU D 16 10.71 -31.11 -27.24
CA GLU D 16 9.30 -31.07 -26.96
C GLU D 16 9.05 -30.77 -25.50
N LEU D 17 8.05 -29.96 -25.22
CA LEU D 17 7.56 -29.79 -23.88
C LEU D 17 6.46 -30.82 -23.60
N LEU D 18 6.69 -31.66 -22.58
CA LEU D 18 5.72 -32.66 -22.12
C LEU D 18 5.04 -32.16 -20.85
N SER D 19 3.75 -32.46 -20.70
CA SER D 19 2.98 -32.13 -19.53
C SER D 19 2.10 -33.34 -19.23
N ASN D 20 2.29 -33.94 -18.04
CA ASN D 20 1.46 -35.06 -17.62
C ASN D 20 1.36 -35.07 -16.09
N ASN D 21 0.16 -35.41 -15.59
CA ASN D 21 0.01 -35.66 -14.16
C ASN D 21 0.36 -34.39 -13.37
N GLY D 22 0.12 -33.22 -13.97
CA GLY D 22 0.44 -31.94 -13.34
C GLY D 22 1.95 -31.64 -13.34
N LYS D 23 2.77 -32.43 -14.01
CA LYS D 23 4.20 -32.16 -14.06
C LYS D 23 4.61 -31.89 -15.51
N HIS D 24 5.86 -31.47 -15.71
CA HIS D 24 6.33 -31.00 -17.00
C HIS D 24 7.79 -31.38 -17.18
N ALA D 25 8.23 -31.48 -18.45
CA ALA D 25 9.61 -31.70 -18.81
C ALA D 25 9.87 -31.10 -20.17
N LEU D 26 11.00 -30.42 -20.29
CA LEU D 26 11.54 -30.07 -21.58
C LEU D 26 12.41 -31.22 -22.06
N MET D 27 11.98 -31.91 -23.11
CA MET D 27 12.75 -32.99 -23.66
C MET D 27 13.69 -32.44 -24.70
N VAL D 28 14.96 -32.76 -24.54
CA VAL D 28 16.01 -32.41 -25.47
C VAL D 28 16.79 -33.70 -25.74
N ASP D 29 16.91 -34.04 -27.02
CA ASP D 29 17.57 -35.27 -27.45
C ASP D 29 16.94 -36.49 -26.77
N GLY D 30 15.62 -36.45 -26.52
CA GLY D 30 14.80 -37.57 -26.07
C GLY D 30 14.79 -37.82 -24.56
N ALA D 31 15.25 -36.84 -23.75
CA ALA D 31 15.22 -36.99 -22.31
C ALA D 31 15.05 -35.60 -21.67
N PRO D 32 14.51 -35.53 -20.45
CA PRO D 32 14.36 -34.25 -19.77
C PRO D 32 15.69 -33.52 -19.66
N TYR D 33 15.58 -32.20 -19.77
CA TYR D 33 16.70 -31.26 -19.80
C TYR D 33 16.36 -30.03 -18.95
N ILE D 34 17.41 -29.45 -18.33
CA ILE D 34 17.27 -28.19 -17.58
C ILE D 34 18.12 -27.16 -18.29
N ILE D 35 17.45 -26.04 -18.65
CA ILE D 35 18.17 -24.89 -19.15
C ILE D 35 18.85 -24.14 -17.97
N LEU D 36 20.17 -24.26 -17.92
CA LEU D 36 21.04 -23.49 -17.04
C LEU D 36 21.59 -22.41 -17.94
N GLY D 37 20.87 -21.28 -17.97
CA GLY D 37 20.94 -20.43 -19.13
C GLY D 37 21.75 -19.17 -18.88
N SER D 38 21.79 -18.35 -19.93
N SER D 38 22.31 -18.59 -19.96
CA SER D 38 22.57 -17.13 -19.98
CA SER D 38 22.63 -17.15 -19.91
C SER D 38 21.93 -16.34 -21.11
C SER D 38 21.82 -16.43 -21.00
N GLN D 39 21.52 -15.12 -20.83
CA GLN D 39 20.88 -14.33 -21.88
C GLN D 39 21.74 -13.11 -22.13
N THR D 40 21.91 -12.73 -23.40
CA THR D 40 22.71 -11.58 -23.76
C THR D 40 21.97 -10.27 -23.47
N ASN D 41 22.72 -9.16 -23.49
CA ASN D 41 22.15 -7.83 -23.61
C ASN D 41 21.43 -7.71 -24.97
N ASN D 42 20.67 -6.64 -25.13
CA ASN D 42 19.74 -6.54 -26.28
C ASN D 42 20.41 -6.17 -27.61
N SER D 43 21.68 -5.78 -27.62
CA SER D 43 22.37 -5.37 -28.85
C SER D 43 23.55 -6.30 -29.18
N SER D 44 23.48 -7.55 -28.72
CA SER D 44 24.54 -8.53 -28.93
C SER D 44 24.23 -9.51 -30.04
N ASN D 45 23.17 -9.29 -30.82
CA ASN D 45 22.66 -10.19 -31.82
C ASN D 45 23.33 -9.98 -33.19
N TYR D 46 24.66 -9.81 -33.20
CA TYR D 46 25.41 -9.62 -34.43
C TYR D 46 26.69 -10.42 -34.36
N PRO D 47 27.24 -10.86 -35.53
CA PRO D 47 28.44 -11.69 -35.50
C PRO D 47 29.57 -11.07 -34.67
N ASP D 48 29.80 -9.77 -34.81
CA ASP D 48 30.96 -9.15 -34.19
C ASP D 48 30.83 -9.12 -32.66
N ALA D 49 29.61 -9.21 -32.13
CA ALA D 49 29.40 -9.15 -30.71
C ALA D 49 29.59 -10.49 -30.01
N LEU D 50 29.57 -11.60 -30.75
CA LEU D 50 29.59 -12.90 -30.11
C LEU D 50 30.88 -13.15 -29.34
N LYS D 51 31.99 -12.55 -29.75
CA LYS D 51 33.22 -12.74 -29.00
C LYS D 51 33.10 -12.19 -27.58
N ASP D 52 32.12 -11.31 -27.32
CA ASP D 52 31.91 -10.69 -26.02
C ASP D 52 30.84 -11.45 -25.23
N VAL D 53 30.28 -12.50 -25.82
CA VAL D 53 29.24 -13.33 -25.21
C VAL D 53 29.81 -14.66 -24.72
N TRP D 54 30.54 -15.38 -25.60
CA TRP D 54 30.98 -16.72 -25.25
C TRP D 54 31.82 -16.79 -23.98
N PRO D 55 32.77 -15.87 -23.71
CA PRO D 55 33.60 -16.04 -22.50
C PRO D 55 32.76 -16.08 -21.23
N SER D 56 31.76 -15.22 -21.13
CA SER D 56 30.88 -15.17 -19.98
C SER D 56 30.16 -16.49 -19.83
N MET D 57 29.67 -17.05 -20.94
CA MET D 57 28.88 -18.24 -20.86
C MET D 57 29.73 -19.39 -20.30
N GLU D 58 31.00 -19.45 -20.73
CA GLU D 58 31.95 -20.46 -20.30
C GLU D 58 32.30 -20.29 -18.82
N LYS D 59 32.51 -19.04 -18.38
CA LYS D 59 32.78 -18.81 -16.97
C LYS D 59 31.58 -19.16 -16.11
N MET D 60 30.36 -19.00 -16.62
CA MET D 60 29.16 -19.26 -15.87
C MET D 60 28.84 -20.74 -15.78
N GLY D 61 29.37 -21.52 -16.73
CA GLY D 61 28.97 -22.91 -16.91
C GLY D 61 27.55 -23.09 -17.42
N ALA D 62 27.04 -22.14 -18.21
CA ALA D 62 25.71 -22.26 -18.78
C ALA D 62 25.71 -23.32 -19.87
N ASN D 63 24.56 -23.97 -20.07
CA ASN D 63 24.41 -24.98 -21.12
C ASN D 63 23.58 -24.44 -22.29
N THR D 64 22.95 -23.27 -22.16
CA THR D 64 22.01 -22.77 -23.14
C THR D 64 22.11 -21.23 -23.15
N LEU D 65 22.21 -20.65 -24.35
CA LEU D 65 22.27 -19.22 -24.52
C LEU D 65 20.97 -18.71 -25.14
N SER D 66 20.35 -17.71 -24.51
CA SER D 66 19.20 -17.02 -25.06
C SER D 66 19.69 -15.72 -25.68
N ILE D 67 19.32 -15.51 -26.96
CA ILE D 67 19.86 -14.40 -27.73
C ILE D 67 18.83 -13.97 -28.75
N PRO D 68 18.68 -12.65 -28.98
CA PRO D 68 17.72 -12.22 -29.99
C PRO D 68 18.06 -12.60 -31.41
N VAL D 69 16.96 -12.82 -32.17
CA VAL D 69 17.00 -12.69 -33.63
C VAL D 69 15.92 -11.68 -33.98
N ALA D 70 16.31 -10.57 -34.63
CA ALA D 70 15.41 -9.43 -34.82
C ALA D 70 14.80 -9.46 -36.22
N TRP D 71 13.53 -9.13 -36.31
CA TRP D 71 12.85 -8.97 -37.59
C TRP D 71 13.64 -8.00 -38.46
N GLU D 72 14.07 -6.87 -37.89
CA GLU D 72 14.83 -5.88 -38.66
C GLU D 72 16.05 -6.49 -39.34
N GLN D 73 16.76 -7.41 -38.70
CA GLN D 73 17.99 -7.95 -39.28
C GLN D 73 17.73 -9.04 -40.30
N ILE D 74 16.66 -9.83 -40.16
CA ILE D 74 16.42 -10.90 -41.11
C ILE D 74 15.62 -10.40 -42.33
N GLU D 75 14.88 -9.30 -42.20
CA GLU D 75 14.07 -8.80 -43.35
C GLU D 75 14.25 -7.30 -43.46
N PRO D 76 15.48 -6.80 -43.71
CA PRO D 76 15.72 -5.35 -43.67
C PRO D 76 15.01 -4.56 -44.78
N VAL D 77 14.72 -5.28 -45.85
CA VAL D 77 13.92 -4.78 -46.96
C VAL D 77 12.90 -5.88 -47.21
N GLU D 78 11.65 -5.49 -47.48
CA GLU D 78 10.56 -6.45 -47.55
C GLU D 78 10.88 -7.49 -48.62
N GLY D 79 10.74 -8.75 -48.21
CA GLY D 79 11.00 -9.92 -49.02
C GLY D 79 12.45 -10.26 -49.31
N GLN D 80 13.42 -9.53 -48.74
CA GLN D 80 14.85 -9.76 -48.97
C GLN D 80 15.46 -10.24 -47.65
N PHE D 81 15.47 -11.55 -47.47
CA PHE D 81 15.83 -12.16 -46.19
C PHE D 81 17.34 -12.30 -46.08
N ASP D 82 17.84 -12.18 -44.84
CA ASP D 82 19.25 -12.23 -44.52
C ASP D 82 19.42 -13.03 -43.23
N PHE D 83 19.91 -14.27 -43.35
CA PHE D 83 20.16 -15.13 -42.19
C PHE D 83 21.64 -15.25 -41.83
N SER D 84 22.45 -14.29 -42.24
CA SER D 84 23.88 -14.33 -41.99
C SER D 84 24.19 -14.42 -40.48
N PHE D 85 23.45 -13.70 -39.63
CA PHE D 85 23.73 -13.80 -38.21
C PHE D 85 23.40 -15.19 -37.68
N VAL D 86 22.27 -15.76 -38.10
CA VAL D 86 21.82 -17.03 -37.60
C VAL D 86 22.81 -18.12 -38.01
N ASP D 87 23.35 -17.96 -39.21
CA ASP D 87 24.39 -18.88 -39.67
C ASP D 87 25.58 -18.96 -38.69
N VAL D 88 26.17 -17.80 -38.41
CA VAL D 88 27.35 -17.65 -37.58
C VAL D 88 27.02 -18.18 -36.18
N LEU D 89 25.86 -17.77 -35.67
CA LEU D 89 25.48 -18.16 -34.31
C LEU D 89 25.43 -19.68 -34.16
N LEU D 90 24.71 -20.33 -35.08
CA LEU D 90 24.57 -21.79 -35.08
C LEU D 90 25.94 -22.44 -35.06
N LYS D 91 26.81 -22.00 -35.97
CA LYS D 91 28.13 -22.61 -36.06
C LYS D 91 28.97 -22.41 -34.81
N GLU D 92 28.92 -21.19 -34.25
CA GLU D 92 29.73 -20.90 -33.05
C GLU D 92 29.17 -21.60 -31.81
N ALA D 93 27.86 -21.77 -31.71
CA ALA D 93 27.24 -22.53 -30.63
C ALA D 93 27.64 -24.00 -30.67
N ARG D 94 27.61 -24.56 -31.86
CA ARG D 94 28.00 -25.96 -32.06
C ARG D 94 29.47 -26.17 -31.70
N GLN D 95 30.34 -25.24 -32.06
CA GLN D 95 31.75 -25.36 -31.73
C GLN D 95 31.91 -25.47 -30.21
N ARG D 96 31.08 -24.73 -29.48
CA ARG D 96 31.18 -24.73 -28.02
C ARG D 96 30.31 -25.75 -27.33
N LYS D 97 29.59 -26.57 -28.09
CA LYS D 97 28.70 -27.59 -27.59
C LYS D 97 27.70 -27.02 -26.56
N VAL D 98 27.03 -25.92 -26.95
CA VAL D 98 25.93 -25.39 -26.16
C VAL D 98 24.68 -25.34 -27.04
N ARG D 99 23.53 -25.15 -26.38
CA ARG D 99 22.27 -25.03 -27.10
C ARG D 99 21.75 -23.59 -27.03
N LEU D 100 20.76 -23.32 -27.90
CA LEU D 100 20.25 -21.96 -28.11
C LEU D 100 18.76 -21.87 -27.91
N VAL D 101 18.30 -20.74 -27.34
CA VAL D 101 16.94 -20.31 -27.31
C VAL D 101 16.94 -19.00 -28.11
N LEU D 102 16.26 -18.97 -29.26
CA LEU D 102 16.22 -17.73 -30.01
C LEU D 102 15.02 -16.87 -29.59
N LEU D 103 15.25 -15.56 -29.44
CA LEU D 103 14.20 -14.65 -29.01
C LEU D 103 13.74 -13.82 -30.21
N TRP D 104 12.55 -14.09 -30.71
CA TRP D 104 12.02 -13.37 -31.88
C TRP D 104 11.53 -11.99 -31.48
N PHE D 105 12.34 -10.98 -31.81
CA PHE D 105 12.05 -9.58 -31.51
C PHE D 105 11.39 -8.98 -32.74
N ALA D 106 10.08 -8.75 -32.67
CA ALA D 106 9.33 -8.46 -33.90
C ALA D 106 8.29 -7.40 -33.66
N THR D 107 6.99 -7.75 -33.69
CA THR D 107 5.91 -6.80 -33.44
C THR D 107 6.03 -6.14 -32.08
N TRP D 108 6.35 -6.91 -31.03
CA TRP D 108 6.62 -6.36 -29.72
C TRP D 108 8.00 -6.78 -29.24
N LYS D 109 8.71 -5.77 -28.71
CA LYS D 109 9.87 -5.95 -27.81
C LYS D 109 9.62 -4.90 -26.73
N ASN D 110 9.29 -5.34 -25.51
CA ASN D 110 8.96 -4.44 -24.40
C ASN D 110 7.91 -3.43 -24.84
N ASN D 111 6.82 -3.96 -25.40
CA ASN D 111 5.64 -3.17 -25.80
C ASN D 111 5.76 -2.49 -27.16
N ALA D 112 6.96 -2.35 -27.73
CA ALA D 112 7.20 -1.43 -28.84
C ALA D 112 7.77 -2.13 -30.06
N PRO D 113 7.71 -1.47 -31.22
CA PRO D 113 8.17 -2.05 -32.47
C PRO D 113 9.56 -1.70 -32.92
N HIS D 114 10.48 -1.38 -31.97
CA HIS D 114 11.76 -0.87 -32.39
C HIS D 114 12.58 -1.88 -33.19
N TYR D 115 12.35 -3.20 -32.99
CA TYR D 115 13.06 -4.25 -33.72
C TYR D 115 12.37 -4.72 -35.01
N ALA D 116 11.23 -4.09 -35.29
CA ALA D 116 10.61 -4.30 -36.61
C ALA D 116 11.41 -3.53 -37.64
N PRO D 117 11.47 -4.00 -38.90
CA PRO D 117 12.18 -3.30 -39.98
C PRO D 117 11.64 -1.87 -40.16
N ALA D 118 12.45 -0.97 -40.72
CA ALA D 118 11.99 0.40 -40.93
C ALA D 118 10.72 0.47 -41.76
N TRP D 119 10.58 -0.44 -42.72
CA TRP D 119 9.42 -0.45 -43.64
C TRP D 119 8.15 -0.86 -42.89
N VAL D 120 8.32 -1.38 -41.65
CA VAL D 120 7.22 -1.69 -40.79
C VAL D 120 7.03 -0.55 -39.82
N LYS D 121 8.00 -0.26 -38.90
CA LYS D 121 7.78 0.67 -37.80
C LYS D 121 7.59 2.13 -38.23
N LEU D 122 7.96 2.50 -39.45
CA LEU D 122 7.77 3.86 -39.93
C LEU D 122 6.52 3.98 -40.79
N ASP D 123 5.72 2.91 -41.01
CA ASP D 123 4.51 2.97 -41.85
C ASP D 123 3.28 2.64 -41.03
N ASN D 124 2.78 3.62 -40.32
CA ASN D 124 1.65 3.45 -39.44
C ASN D 124 0.33 3.23 -40.20
N ALA D 125 0.24 3.74 -41.44
CA ALA D 125 -0.97 3.49 -42.21
C ALA D 125 -1.14 2.00 -42.49
N ARG D 126 -0.06 1.30 -42.82
CA ARG D 126 -0.11 -0.12 -43.11
C ARG D 126 -0.14 -0.96 -41.83
N PHE D 127 0.64 -0.52 -40.84
CA PHE D 127 0.92 -1.26 -39.61
C PHE D 127 0.59 -0.42 -38.41
N PRO D 128 -0.68 -0.38 -37.98
CA PRO D 128 -1.14 0.65 -37.09
C PRO D 128 -0.84 0.48 -35.61
N ARG D 129 -0.58 1.59 -34.93
CA ARG D 129 -0.41 1.68 -33.51
C ARG D 129 -1.72 1.77 -32.71
N VAL D 130 -1.63 1.31 -31.48
CA VAL D 130 -2.60 1.53 -30.41
C VAL D 130 -2.94 3.02 -30.31
N VAL D 131 -4.25 3.33 -30.34
CA VAL D 131 -4.74 4.68 -30.10
C VAL D 131 -5.40 4.72 -28.73
N LYS D 132 -5.06 5.72 -27.93
CA LYS D 132 -5.65 5.93 -26.62
C LYS D 132 -7.10 6.44 -26.72
N GLU D 133 -7.80 6.36 -25.58
CA GLU D 133 -9.17 6.85 -25.45
C GLU D 133 -9.25 8.32 -25.87
N ASP D 134 -8.22 9.12 -25.54
CA ASP D 134 -8.21 10.55 -25.84
C ASP D 134 -7.78 10.84 -27.28
N GLY D 135 -7.47 9.81 -28.08
CA GLY D 135 -7.13 10.01 -29.47
C GLY D 135 -5.63 10.11 -29.77
N ASP D 136 -4.77 10.18 -28.75
CA ASP D 136 -3.34 10.24 -28.98
C ASP D 136 -2.85 8.82 -29.29
N THR D 137 -1.69 8.71 -29.93
CA THR D 137 -1.16 7.44 -30.41
C THR D 137 0.03 7.05 -29.53
N LEU D 138 0.11 5.76 -29.17
CA LEU D 138 1.29 5.23 -28.47
C LEU D 138 2.15 4.43 -29.45
N ASN D 139 3.45 4.33 -29.12
CA ASN D 139 4.35 3.54 -29.94
C ASN D 139 4.32 2.07 -29.52
N SER D 140 3.18 1.43 -29.85
CA SER D 140 2.87 0.04 -29.51
C SER D 140 1.93 -0.41 -30.59
N LEU D 141 2.33 -1.41 -31.37
CA LEU D 141 1.53 -1.84 -32.51
C LEU D 141 0.28 -2.57 -32.04
N SER D 142 -0.85 -2.21 -32.69
CA SER D 142 -2.12 -2.84 -32.32
C SER D 142 -2.19 -4.29 -32.73
N PRO D 143 -2.67 -5.18 -31.85
CA PRO D 143 -2.82 -6.58 -32.23
C PRO D 143 -3.95 -6.81 -33.22
N LEU D 144 -4.72 -5.77 -33.53
N LEU D 144 -4.72 -5.77 -33.53
CA LEU D 144 -5.78 -5.91 -34.51
CA LEU D 144 -5.79 -5.92 -34.51
C LEU D 144 -5.34 -5.52 -35.91
C LEU D 144 -5.35 -5.44 -35.90
N GLY D 145 -4.07 -5.09 -36.06
CA GLY D 145 -3.55 -4.78 -37.37
C GLY D 145 -3.28 -6.05 -38.18
N GLN D 146 -4.16 -6.37 -39.14
CA GLN D 146 -4.03 -7.63 -39.87
C GLN D 146 -2.83 -7.66 -40.80
N ASN D 147 -2.38 -6.51 -41.31
CA ASN D 147 -1.19 -6.48 -42.16
C ASN D 147 0.06 -6.78 -41.29
N THR D 148 0.03 -6.29 -40.07
CA THR D 148 1.20 -6.50 -39.18
C THR D 148 1.34 -7.99 -38.87
N LEU D 149 0.19 -8.62 -38.54
CA LEU D 149 0.17 -10.04 -38.25
C LEU D 149 0.70 -10.84 -39.45
N ALA D 150 0.17 -10.58 -40.67
CA ALA D 150 0.64 -11.29 -41.83
C ALA D 150 2.12 -11.13 -42.10
N ALA D 151 2.67 -9.93 -41.87
CA ALA D 151 4.07 -9.65 -42.15
C ALA D 151 4.98 -10.32 -41.10
N ASP D 152 4.58 -10.27 -39.84
CA ASP D 152 5.35 -10.89 -38.74
C ASP D 152 5.40 -12.40 -39.02
N LYS D 153 4.20 -12.98 -39.19
CA LYS D 153 4.12 -14.39 -39.52
C LYS D 153 5.00 -14.78 -40.69
N LYS D 154 4.96 -14.04 -41.81
CA LYS D 154 5.74 -14.39 -42.97
C LYS D 154 7.23 -14.47 -42.64
N ALA D 155 7.74 -13.49 -41.88
CA ALA D 155 9.14 -13.45 -41.53
C ALA D 155 9.48 -14.57 -40.53
N PHE D 156 8.61 -14.81 -39.58
CA PHE D 156 8.87 -15.87 -38.59
C PHE D 156 8.92 -17.22 -39.26
N VAL D 157 8.01 -17.40 -40.22
CA VAL D 157 8.02 -18.63 -41.00
C VAL D 157 9.32 -18.78 -41.74
N GLU D 158 9.87 -17.69 -42.31
CA GLU D 158 11.15 -17.80 -43.01
C GLU D 158 12.28 -18.18 -42.02
N LEU D 159 12.25 -17.65 -40.79
CA LEU D 159 13.24 -18.03 -39.75
C LEU D 159 13.12 -19.51 -39.43
N MET D 160 11.88 -19.99 -39.26
CA MET D 160 11.68 -21.40 -38.98
C MET D 160 12.09 -22.27 -40.17
N LYS D 161 11.88 -21.80 -41.41
CA LYS D 161 12.37 -22.53 -42.58
C LYS D 161 13.87 -22.68 -42.54
N TYR D 162 14.57 -21.62 -42.14
CA TYR D 162 16.02 -21.65 -42.08
C TYR D 162 16.46 -22.69 -41.03
N LEU D 163 15.77 -22.77 -39.88
CA LEU D 163 16.14 -23.78 -38.90
C LEU D 163 15.80 -25.19 -39.42
N ALA D 164 14.69 -25.33 -40.14
CA ALA D 164 14.31 -26.67 -40.62
C ALA D 164 15.39 -27.19 -41.57
N LYS D 165 15.95 -26.31 -42.40
CA LYS D 165 16.91 -26.69 -43.42
C LYS D 165 18.33 -26.76 -42.87
N ARG D 166 18.69 -25.90 -41.90
CA ARG D 166 20.06 -25.68 -41.51
C ARG D 166 20.34 -26.09 -40.06
N ASP D 167 19.38 -26.62 -39.32
CA ASP D 167 19.62 -26.99 -37.91
C ASP D 167 18.97 -28.30 -37.55
N LYS D 168 19.33 -29.34 -38.30
CA LYS D 168 18.71 -30.64 -38.23
C LYS D 168 19.02 -31.35 -36.91
N ASP D 169 20.12 -30.97 -36.24
CA ASP D 169 20.46 -31.57 -34.95
C ASP D 169 19.89 -30.73 -33.80
N HIS D 170 19.15 -29.68 -34.14
CA HIS D 170 18.40 -28.92 -33.13
C HIS D 170 19.32 -28.24 -32.10
N THR D 171 20.28 -27.52 -32.58
CA THR D 171 21.11 -26.63 -31.78
C THR D 171 20.17 -25.69 -31.05
N VAL D 172 19.18 -25.15 -31.81
CA VAL D 172 18.11 -24.34 -31.22
C VAL D 172 17.05 -25.25 -30.66
N ILE D 173 16.76 -25.15 -29.34
CA ILE D 173 15.87 -26.07 -28.69
C ILE D 173 14.49 -25.47 -28.42
N MET D 174 14.38 -24.11 -28.40
CA MET D 174 13.13 -23.45 -28.12
C MET D 174 13.20 -22.05 -28.74
N VAL D 175 12.02 -21.46 -29.03
CA VAL D 175 11.91 -20.13 -29.58
C VAL D 175 10.89 -19.35 -28.75
N GLN D 176 11.33 -18.14 -28.40
CA GLN D 176 10.46 -17.16 -27.73
C GLN D 176 9.81 -16.29 -28.80
N VAL D 177 8.48 -16.23 -28.79
CA VAL D 177 7.73 -15.50 -29.82
C VAL D 177 7.40 -14.13 -29.26
N GLN D 178 8.00 -13.08 -29.85
CA GLN D 178 7.98 -11.69 -29.34
C GLN D 178 8.80 -11.60 -28.08
N ASN D 179 8.84 -10.40 -27.46
CA ASN D 179 9.53 -10.23 -26.18
C ASN D 179 8.72 -9.24 -25.36
N GLU D 180 8.12 -9.66 -24.26
CA GLU D 180 7.35 -8.75 -23.39
C GLU D 180 6.30 -7.95 -24.18
N VAL D 181 5.30 -8.68 -24.69
CA VAL D 181 4.19 -8.05 -25.40
C VAL D 181 3.37 -7.17 -24.43
N GLY D 182 2.51 -6.34 -25.03
CA GLY D 182 1.57 -5.53 -24.27
C GLY D 182 1.76 -4.06 -24.63
N THR D 183 1.08 -3.23 -23.84
CA THR D 183 1.09 -1.81 -24.02
C THR D 183 1.21 -1.08 -22.69
N TYR D 184 2.18 -0.15 -22.63
CA TYR D 184 2.29 0.84 -21.55
C TYR D 184 1.51 2.08 -21.94
N GLY D 185 0.75 2.65 -20.99
CA GLY D 185 0.12 3.94 -21.19
C GLY D 185 -1.34 3.93 -21.63
N ALA D 186 -1.85 2.74 -21.98
CA ALA D 186 -3.27 2.51 -22.26
C ALA D 186 -3.58 1.05 -21.92
N VAL D 187 -4.85 0.73 -21.70
CA VAL D 187 -5.24 -0.65 -21.43
C VAL D 187 -5.40 -1.45 -22.71
N ARG D 188 -5.87 -0.80 -23.79
CA ARG D 188 -6.10 -1.48 -25.06
C ARG D 188 -6.05 -0.47 -26.21
N ASP D 189 -6.23 -0.95 -27.43
CA ASP D 189 -6.45 -0.11 -28.60
C ASP D 189 -7.88 0.42 -28.57
N TYR D 190 -8.02 1.74 -28.72
CA TYR D 190 -9.34 2.41 -28.81
C TYR D 190 -9.58 3.00 -30.18
N SER D 191 -8.81 2.57 -31.19
CA SER D 191 -8.99 3.01 -32.55
C SER D 191 -10.38 2.61 -33.01
N PRO D 192 -10.94 3.31 -34.03
CA PRO D 192 -12.21 2.85 -34.59
C PRO D 192 -12.21 1.38 -34.97
N MET D 193 -11.09 0.91 -35.56
CA MET D 193 -10.96 -0.49 -35.96
C MET D 193 -11.10 -1.39 -34.74
N ALA D 194 -10.41 -1.05 -33.62
CA ALA D 194 -10.48 -1.89 -32.45
C ALA D 194 -11.81 -1.79 -31.72
N GLN D 195 -12.40 -0.59 -31.69
CA GLN D 195 -13.68 -0.38 -31.05
C GLN D 195 -14.74 -1.23 -31.75
N ALA D 196 -14.66 -1.38 -33.09
CA ALA D 196 -15.63 -2.20 -33.80
C ALA D 196 -15.61 -3.65 -33.34
N VAL D 197 -14.41 -4.17 -33.01
CA VAL D 197 -14.33 -5.55 -32.56
C VAL D 197 -14.75 -5.64 -31.08
N PHE D 198 -14.41 -4.64 -30.27
CA PHE D 198 -14.76 -4.59 -28.88
C PHE D 198 -16.29 -4.50 -28.70
N ASN D 199 -16.95 -3.74 -29.59
CA ASN D 199 -18.41 -3.61 -29.54
C ASN D 199 -19.11 -4.88 -30.01
N ALA D 200 -18.39 -5.77 -30.69
CA ALA D 200 -18.95 -7.00 -31.23
C ALA D 200 -18.97 -8.13 -30.20
N ALA D 201 -19.66 -9.20 -30.57
CA ALA D 201 -19.70 -10.38 -29.73
C ALA D 201 -18.28 -10.85 -29.39
N VAL D 202 -18.16 -11.34 -28.17
CA VAL D 202 -16.99 -12.13 -27.79
C VAL D 202 -17.01 -13.42 -28.61
N PRO D 203 -15.89 -13.82 -29.25
CA PRO D 203 -15.81 -15.09 -29.96
C PRO D 203 -16.29 -16.27 -29.12
N ASP D 204 -17.07 -17.15 -29.78
CA ASP D 204 -17.72 -18.23 -29.05
C ASP D 204 -16.70 -19.20 -28.44
N ASP D 205 -15.52 -19.42 -29.08
CA ASP D 205 -14.55 -20.36 -28.54
C ASP D 205 -14.11 -19.90 -27.15
N LEU D 206 -13.90 -18.60 -26.96
CA LEU D 206 -13.54 -18.11 -25.63
C LEU D 206 -14.68 -18.31 -24.64
N ILE D 207 -15.89 -17.93 -25.07
CA ILE D 207 -17.07 -18.04 -24.19
C ILE D 207 -17.20 -19.50 -23.72
N GLN D 208 -17.04 -20.47 -24.65
CA GLN D 208 -17.17 -21.88 -24.31
C GLN D 208 -16.03 -22.33 -23.39
N LYS D 209 -14.78 -21.94 -23.68
CA LYS D 209 -13.70 -22.43 -22.83
C LYS D 209 -13.81 -21.90 -21.41
N LEU D 210 -14.27 -20.65 -21.26
CA LEU D 210 -14.39 -20.08 -19.93
C LEU D 210 -15.76 -20.37 -19.32
N GLN D 211 -16.65 -21.03 -20.07
CA GLN D 211 -18.00 -21.36 -19.61
C GLN D 211 -18.76 -20.11 -19.15
N LEU D 212 -18.85 -19.10 -20.01
CA LEU D 212 -19.54 -17.87 -19.69
C LEU D 212 -20.79 -17.79 -20.57
N LYS D 213 -21.61 -16.77 -20.35
CA LYS D 213 -22.78 -16.52 -21.18
C LYS D 213 -22.35 -15.61 -22.32
N PRO D 214 -22.85 -15.84 -23.56
CA PRO D 214 -22.51 -14.99 -24.69
C PRO D 214 -22.85 -13.52 -24.46
N GLY D 215 -22.17 -12.64 -25.22
CA GLY D 215 -22.42 -11.22 -25.13
C GLY D 215 -21.23 -10.48 -25.76
N THR D 216 -21.30 -9.16 -25.72
CA THR D 216 -20.21 -8.32 -26.22
C THR D 216 -19.15 -8.29 -25.14
N TRP D 217 -17.98 -7.71 -25.44
CA TRP D 217 -16.93 -7.66 -24.44
C TRP D 217 -17.37 -7.01 -23.12
N SER D 218 -18.04 -5.85 -23.19
CA SER D 218 -18.43 -5.13 -21.98
C SER D 218 -19.49 -5.92 -21.19
N GLN D 219 -20.38 -6.61 -21.90
CA GLN D 219 -21.43 -7.34 -21.22
C GLN D 219 -20.84 -8.52 -20.46
N VAL D 220 -19.91 -9.21 -21.10
CA VAL D 220 -19.37 -10.43 -20.54
C VAL D 220 -18.39 -10.14 -19.40
N PHE D 221 -17.49 -9.16 -19.58
CA PHE D 221 -16.33 -9.03 -18.71
C PHE D 221 -16.38 -7.80 -17.82
N GLY D 222 -17.30 -6.88 -18.07
CA GLY D 222 -17.51 -5.77 -17.17
C GLY D 222 -16.29 -4.87 -17.04
N ARG D 223 -15.85 -4.65 -15.79
CA ARG D 223 -14.77 -3.73 -15.51
C ARG D 223 -13.46 -4.31 -16.06
N ASP D 224 -13.44 -5.62 -16.33
CA ASP D 224 -12.22 -6.24 -16.87
C ASP D 224 -12.21 -6.29 -18.40
N ALA D 225 -13.26 -5.81 -19.09
CA ALA D 225 -13.36 -5.94 -20.52
C ALA D 225 -12.18 -5.33 -21.30
N ASP D 226 -11.76 -4.12 -20.99
CA ASP D 226 -10.69 -3.51 -21.77
C ASP D 226 -9.43 -4.37 -21.72
N GLU D 227 -9.03 -4.77 -20.53
CA GLU D 227 -7.75 -5.48 -20.36
C GLU D 227 -7.85 -6.87 -20.91
N PHE D 228 -8.97 -7.56 -20.69
CA PHE D 228 -9.11 -8.90 -21.21
C PHE D 228 -9.16 -8.90 -22.74
N PHE D 229 -9.77 -7.88 -23.35
CA PHE D 229 -9.80 -7.70 -24.79
C PHE D 229 -8.37 -7.59 -25.32
N HIS D 230 -7.56 -6.71 -24.70
CA HIS D 230 -6.21 -6.56 -25.23
C HIS D 230 -5.41 -7.87 -25.06
N ALA D 231 -5.58 -8.53 -23.93
CA ALA D 231 -4.88 -9.80 -23.69
C ALA D 231 -5.30 -10.82 -24.75
N TYR D 232 -6.63 -10.92 -25.01
CA TYR D 232 -7.10 -11.91 -25.96
C TYR D 232 -6.54 -11.64 -27.35
N GLN D 233 -6.59 -10.36 -27.75
CA GLN D 233 -6.18 -10.03 -29.11
C GLN D 233 -4.68 -10.29 -29.28
N ILE D 234 -3.88 -9.97 -28.27
CA ILE D 234 -2.44 -10.23 -28.40
C ILE D 234 -2.17 -11.74 -28.37
N ALA D 235 -2.87 -12.45 -27.48
CA ALA D 235 -2.69 -13.90 -27.40
C ALA D 235 -3.01 -14.57 -28.74
N ARG D 236 -4.12 -14.16 -29.37
CA ARG D 236 -4.47 -14.66 -30.67
C ARG D 236 -3.40 -14.35 -31.72
N TYR D 237 -2.85 -13.15 -31.69
CA TYR D 237 -1.81 -12.76 -32.62
C TYR D 237 -0.59 -13.68 -32.44
N CYS D 238 -0.15 -13.81 -31.17
CA CYS D 238 1.01 -14.63 -30.89
C CYS D 238 0.77 -16.10 -31.21
N ASP D 239 -0.47 -16.59 -30.97
CA ASP D 239 -0.78 -17.98 -31.29
C ASP D 239 -0.74 -18.21 -32.80
N GLU D 240 -1.26 -17.27 -33.60
CA GLU D 240 -1.21 -17.43 -35.05
C GLU D 240 0.21 -17.45 -35.56
N VAL D 241 1.11 -16.59 -35.03
CA VAL D 241 2.50 -16.65 -35.46
C VAL D 241 3.12 -17.99 -35.07
N THR D 242 2.86 -18.43 -33.84
CA THR D 242 3.36 -19.69 -33.33
C THR D 242 2.96 -20.89 -34.18
N VAL D 243 1.66 -20.98 -34.51
CA VAL D 243 1.14 -22.09 -35.32
C VAL D 243 1.83 -22.13 -36.68
N ALA D 244 1.98 -20.98 -37.31
CA ALA D 244 2.57 -20.89 -38.63
C ALA D 244 4.01 -21.37 -38.56
N GLY D 245 4.75 -20.95 -37.52
CA GLY D 245 6.13 -21.40 -37.42
C GLY D 245 6.26 -22.89 -37.09
N LYS D 246 5.41 -23.38 -36.19
CA LYS D 246 5.44 -24.79 -35.81
CA LYS D 246 5.44 -24.79 -35.81
C LYS D 246 5.08 -25.70 -36.98
N ALA D 247 4.28 -25.18 -37.92
CA ALA D 247 3.95 -25.97 -39.10
C ALA D 247 5.19 -26.24 -39.93
N ILE D 248 6.23 -25.40 -39.84
CA ILE D 248 7.50 -25.59 -40.52
C ILE D 248 8.42 -26.50 -39.71
N LYS D 249 8.59 -26.17 -38.42
CA LYS D 249 9.40 -26.97 -37.52
C LYS D 249 8.79 -26.88 -36.13
N ASN D 250 8.37 -28.01 -35.56
CA ASN D 250 7.55 -27.98 -34.37
C ASN D 250 8.37 -27.91 -33.08
N LEU D 251 9.16 -26.85 -32.94
CA LEU D 251 9.93 -26.66 -31.72
C LEU D 251 9.00 -26.13 -30.65
N PRO D 252 9.32 -26.32 -29.35
CA PRO D 252 8.65 -25.60 -28.27
C PRO D 252 8.80 -24.09 -28.48
N MET D 253 7.70 -23.39 -28.20
CA MET D 253 7.65 -21.94 -28.29
C MET D 253 6.91 -21.41 -27.08
N TYR D 254 7.33 -20.22 -26.65
CA TYR D 254 6.81 -19.63 -25.44
C TYR D 254 6.82 -18.12 -25.52
N VAL D 255 6.07 -17.50 -24.63
CA VAL D 255 6.07 -16.05 -24.47
C VAL D 255 6.55 -15.69 -23.07
N ASN D 256 7.20 -14.51 -22.93
CA ASN D 256 7.73 -14.02 -21.68
C ASN D 256 7.05 -12.73 -21.22
N VAL D 257 6.78 -12.70 -19.93
CA VAL D 257 5.89 -11.67 -19.39
C VAL D 257 6.64 -10.59 -18.64
N ALA D 258 6.32 -9.32 -18.99
CA ALA D 258 6.63 -8.16 -18.17
C ALA D 258 5.63 -8.16 -16.99
N LEU D 259 6.08 -8.61 -15.83
CA LEU D 259 5.19 -8.96 -14.73
C LEU D 259 4.60 -7.71 -14.10
N ARG D 260 3.38 -7.83 -13.63
CA ARG D 260 2.90 -6.88 -12.65
C ARG D 260 3.30 -7.40 -11.28
N ASN D 261 3.38 -6.49 -10.31
CA ASN D 261 3.67 -6.89 -8.95
C ASN D 261 2.49 -7.67 -8.41
N PRO D 262 2.66 -8.91 -7.96
CA PRO D 262 1.50 -9.74 -7.63
C PRO D 262 0.77 -9.26 -6.38
N PHE D 263 1.46 -8.54 -5.51
CA PHE D 263 0.88 -8.12 -4.23
C PHE D 263 0.36 -6.69 -4.32
N ASN D 264 0.79 -5.90 -5.32
CA ASN D 264 0.49 -4.47 -5.43
C ASN D 264 0.61 -4.06 -6.90
N PRO D 265 -0.27 -4.57 -7.79
CA PRO D 265 -0.05 -4.45 -9.23
C PRO D 265 -0.18 -3.05 -9.81
N GLY D 266 -0.99 -2.22 -9.16
CA GLY D 266 -1.46 -1.04 -9.84
C GLY D 266 -2.40 -1.37 -10.98
N LEU D 267 -2.55 -0.44 -11.92
CA LEU D 267 -3.54 -0.56 -12.98
C LEU D 267 -2.92 -0.97 -14.31
N PRO D 268 -3.66 -1.69 -15.17
CA PRO D 268 -3.14 -2.01 -16.51
C PRO D 268 -2.86 -0.72 -17.26
N GLY D 269 -1.70 -0.71 -17.96
CA GLY D 269 -1.13 0.43 -18.63
C GLY D 269 -0.01 1.05 -17.79
N GLN D 270 -0.11 0.95 -16.46
CA GLN D 270 1.01 1.23 -15.56
C GLN D 270 1.98 0.06 -15.72
N TYR D 271 1.49 -1.14 -15.46
CA TYR D 271 2.16 -2.33 -16.01
C TYR D 271 1.79 -2.56 -17.45
N SER D 272 2.48 -3.47 -18.18
CA SER D 272 2.27 -3.69 -19.59
C SER D 272 0.95 -4.43 -19.81
N SER D 273 -0.11 -3.72 -20.20
CA SER D 273 -1.42 -4.35 -20.38
C SER D 273 -1.39 -5.33 -21.54
N GLY D 274 -2.03 -6.48 -21.34
CA GLY D 274 -2.28 -7.42 -22.41
C GLY D 274 -1.30 -8.58 -22.43
N GLY D 275 -0.14 -8.39 -21.74
CA GLY D 275 0.80 -9.49 -21.59
C GLY D 275 0.21 -10.56 -20.65
N GLY D 276 0.91 -11.70 -20.49
CA GLY D 276 0.41 -12.78 -19.66
C GLY D 276 0.56 -12.62 -18.14
N THR D 277 0.04 -11.49 -17.64
CA THR D 277 0.05 -11.16 -16.24
C THR D 277 -0.89 -12.09 -15.48
N ASP D 278 -0.69 -12.21 -14.18
CA ASP D 278 -1.29 -13.32 -13.43
C ASP D 278 -2.82 -13.28 -13.51
N ASN D 279 -3.41 -12.09 -13.71
CA ASN D 279 -4.85 -11.92 -13.78
C ASN D 279 -5.47 -12.30 -15.13
N VAL D 280 -4.65 -12.54 -16.17
CA VAL D 280 -5.16 -12.87 -17.49
C VAL D 280 -4.58 -14.18 -18.00
N LEU D 281 -3.96 -14.99 -17.15
CA LEU D 281 -3.44 -16.27 -17.62
C LEU D 281 -4.57 -17.14 -18.16
N HIS D 282 -5.78 -17.03 -17.59
CA HIS D 282 -6.90 -17.83 -18.08
C HIS D 282 -7.28 -17.43 -19.51
N ILE D 283 -7.17 -16.13 -19.84
CA ILE D 283 -7.46 -15.65 -21.17
C ILE D 283 -6.41 -16.20 -22.12
N TRP D 284 -5.12 -16.00 -21.74
CA TRP D 284 -4.03 -16.49 -22.57
C TRP D 284 -4.12 -17.99 -22.84
N LYS D 285 -4.43 -18.81 -21.81
CA LYS D 285 -4.49 -20.25 -22.01
C LYS D 285 -5.67 -20.64 -22.92
N ALA D 286 -6.75 -19.90 -22.83
CA ALA D 286 -7.92 -20.20 -23.67
C ALA D 286 -7.69 -19.74 -25.10
N ALA D 287 -7.03 -18.58 -25.27
CA ALA D 287 -6.87 -17.98 -26.58
C ALA D 287 -5.71 -18.57 -27.37
N ALA D 288 -4.65 -19.04 -26.67
CA ALA D 288 -3.41 -19.39 -27.36
C ALA D 288 -3.02 -20.82 -26.99
N PRO D 289 -3.79 -21.83 -27.46
CA PRO D 289 -3.48 -23.21 -27.09
C PRO D 289 -2.20 -23.77 -27.70
N ASN D 290 -1.64 -23.13 -28.70
CA ASN D 290 -0.46 -23.63 -29.37
C ASN D 290 0.85 -23.11 -28.70
N ILE D 291 0.74 -22.07 -27.86
CA ILE D 291 1.93 -21.59 -27.15
C ILE D 291 2.20 -22.54 -25.97
N ASP D 292 3.44 -23.02 -25.86
CA ASP D 292 3.69 -24.11 -24.92
C ASP D 292 3.63 -23.69 -23.46
N LEU D 293 4.23 -22.52 -23.13
CA LEU D 293 4.19 -22.02 -21.80
C LEU D 293 4.32 -20.48 -21.79
N ILE D 294 3.95 -19.91 -20.67
CA ILE D 294 4.04 -18.47 -20.37
C ILE D 294 5.06 -18.33 -19.25
N ALA D 295 6.14 -17.61 -19.54
CA ALA D 295 7.34 -17.56 -18.70
C ALA D 295 7.42 -16.21 -17.99
N PRO D 296 7.60 -16.19 -16.67
CA PRO D 296 7.79 -14.91 -16.01
C PRO D 296 9.18 -14.34 -16.17
N ASP D 297 9.26 -13.04 -16.31
CA ASP D 297 10.51 -12.27 -16.28
C ASP D 297 10.65 -11.57 -14.94
N ILE D 298 11.66 -11.95 -14.17
CA ILE D 298 11.74 -11.55 -12.78
C ILE D 298 12.87 -10.54 -12.52
N TYR D 299 12.49 -9.32 -12.14
CA TYR D 299 13.46 -8.35 -11.65
C TYR D 299 13.16 -7.88 -10.21
N PHE D 300 12.13 -8.43 -9.58
CA PHE D 300 11.90 -8.24 -8.16
C PHE D 300 13.01 -8.96 -7.42
N ARG D 301 13.59 -8.32 -6.39
CA ARG D 301 14.74 -8.89 -5.69
C ARG D 301 14.33 -9.68 -4.46
N ASP D 302 13.21 -9.26 -3.87
CA ASP D 302 12.84 -9.71 -2.53
C ASP D 302 12.16 -11.07 -2.56
N TYR D 303 12.55 -11.88 -1.59
CA TYR D 303 12.14 -13.28 -1.52
C TYR D 303 10.63 -13.46 -1.57
N LYS D 304 9.84 -12.66 -0.82
CA LYS D 304 8.42 -12.89 -0.79
C LYS D 304 7.76 -12.68 -2.14
N THR D 305 8.21 -11.66 -2.89
CA THR D 305 7.58 -11.35 -4.15
C THR D 305 8.01 -12.41 -5.22
N VAL D 306 9.30 -12.70 -5.23
CA VAL D 306 9.81 -13.73 -6.12
C VAL D 306 9.10 -15.07 -5.89
N SER D 307 9.02 -15.50 -4.62
CA SER D 307 8.36 -16.74 -4.30
C SER D 307 6.92 -16.73 -4.82
N LYS D 308 6.21 -15.60 -4.65
CA LYS D 308 4.84 -15.51 -5.12
C LYS D 308 4.71 -15.62 -6.63
N VAL D 309 5.64 -15.00 -7.37
CA VAL D 309 5.66 -15.16 -8.81
C VAL D 309 5.87 -16.63 -9.25
N LEU D 310 6.81 -17.32 -8.59
CA LEU D 310 7.09 -18.70 -8.94
C LEU D 310 5.83 -19.52 -8.67
N GLU D 311 5.13 -19.26 -7.56
CA GLU D 311 3.89 -19.96 -7.27
C GLU D 311 2.81 -19.73 -8.34
N LEU D 312 2.60 -18.49 -8.75
CA LEU D 312 1.54 -18.16 -9.68
C LEU D 312 1.80 -18.71 -11.08
N TYR D 313 3.07 -18.86 -11.50
CA TYR D 313 3.39 -19.29 -12.85
C TYR D 313 3.60 -20.80 -12.94
N THR D 314 3.69 -21.51 -11.80
CA THR D 314 3.83 -22.97 -11.84
C THR D 314 2.44 -23.56 -11.65
N ARG D 315 1.89 -24.12 -12.73
CA ARG D 315 0.50 -24.60 -12.78
C ARG D 315 0.47 -25.93 -13.48
N PRO D 316 -0.58 -26.75 -13.24
CA PRO D 316 -0.72 -27.96 -14.05
C PRO D 316 -0.70 -27.72 -15.55
N ASP D 317 -1.24 -26.55 -16.00
CA ASP D 317 -1.24 -26.20 -17.41
C ASP D 317 -0.05 -25.30 -17.78
N ASN D 318 0.96 -25.09 -16.91
CA ASN D 318 2.03 -24.14 -17.25
C ASN D 318 3.34 -24.60 -16.61
N ALA D 319 4.27 -25.05 -17.43
CA ALA D 319 5.61 -25.34 -17.00
C ALA D 319 6.29 -24.04 -16.61
N LEU D 320 7.10 -24.13 -15.57
CA LEU D 320 7.84 -22.94 -15.10
C LEU D 320 9.20 -22.83 -15.78
N PHE D 321 9.40 -21.66 -16.44
CA PHE D 321 10.66 -21.30 -17.06
C PHE D 321 10.90 -19.84 -16.67
N VAL D 322 11.98 -19.59 -15.96
CA VAL D 322 12.34 -18.21 -15.58
C VAL D 322 13.18 -17.66 -16.73
N ALA D 323 12.48 -17.04 -17.70
CA ALA D 323 13.05 -16.66 -18.97
C ALA D 323 13.97 -15.45 -18.91
N GLU D 324 13.83 -14.70 -17.85
CA GLU D 324 14.66 -13.51 -17.57
C GLU D 324 14.73 -13.39 -16.05
N ILE D 325 15.92 -13.13 -15.53
CA ILE D 325 16.08 -12.81 -14.14
C ILE D 325 17.30 -11.93 -14.03
N GLY D 326 17.33 -11.05 -13.03
CA GLY D 326 18.46 -10.20 -12.81
C GLY D 326 19.77 -10.92 -12.55
N ASN D 327 20.90 -10.25 -12.88
CA ASN D 327 22.21 -10.84 -12.71
C ASN D 327 22.97 -10.32 -11.49
N ASP D 328 22.29 -9.55 -10.62
CA ASP D 328 22.93 -9.16 -9.38
C ASP D 328 22.89 -10.33 -8.41
N GLN D 329 23.81 -10.29 -7.45
CA GLN D 329 24.03 -11.38 -6.52
C GLN D 329 22.77 -11.94 -5.88
N PRO D 330 21.79 -11.14 -5.43
CA PRO D 330 20.61 -11.68 -4.73
C PRO D 330 19.79 -12.69 -5.54
N PHE D 331 19.90 -12.62 -6.88
CA PHE D 331 19.02 -13.42 -7.74
C PHE D 331 19.51 -14.86 -7.90
N ALA D 332 20.79 -15.14 -7.66
CA ALA D 332 21.33 -16.46 -7.96
C ALA D 332 20.59 -17.53 -7.17
N ARG D 333 20.25 -17.28 -5.92
CA ARG D 333 19.70 -18.33 -5.08
C ARG D 333 18.34 -18.76 -5.56
N TYR D 334 17.65 -17.96 -6.39
CA TYR D 334 16.33 -18.33 -6.88
C TYR D 334 16.36 -19.50 -7.86
N LEU D 335 17.53 -19.90 -8.26
CA LEU D 335 17.63 -21.16 -9.02
C LEU D 335 17.02 -22.29 -8.19
N PHE D 336 17.29 -22.32 -6.90
CA PHE D 336 16.88 -23.46 -6.08
C PHE D 336 15.39 -23.65 -6.01
N PRO D 337 14.56 -22.66 -5.65
CA PRO D 337 13.12 -22.85 -5.66
C PRO D 337 12.57 -23.01 -7.08
N THR D 338 13.21 -22.44 -8.09
CA THR D 338 12.74 -22.63 -9.47
C THR D 338 12.84 -24.12 -9.85
N LEU D 339 13.98 -24.74 -9.55
CA LEU D 339 14.12 -26.16 -9.86
C LEU D 339 13.24 -26.99 -8.91
N GLY D 340 13.08 -26.55 -7.66
CA GLY D 340 12.24 -27.26 -6.69
C GLY D 340 10.79 -27.38 -7.11
N LYS D 341 10.29 -26.39 -7.85
CA LYS D 341 8.93 -26.37 -8.34
C LYS D 341 8.80 -27.22 -9.58
N GLY D 342 9.88 -27.83 -10.05
CA GLY D 342 9.85 -28.57 -11.30
C GLY D 342 10.16 -27.74 -12.53
N GLY D 343 10.75 -26.55 -12.29
CA GLY D 343 11.08 -25.65 -13.37
C GLY D 343 11.99 -26.32 -14.40
N ILE D 344 11.89 -25.87 -15.65
CA ILE D 344 12.67 -26.45 -16.72
C ILE D 344 13.88 -25.58 -17.04
N GLY D 345 14.00 -24.38 -16.46
CA GLY D 345 15.15 -23.56 -16.69
C GLY D 345 15.07 -22.18 -16.04
N PHE D 346 16.19 -21.48 -16.23
CA PHE D 346 16.53 -20.29 -15.47
C PHE D 346 17.54 -19.53 -16.34
N SER D 347 17.29 -18.23 -16.63
CA SER D 347 18.05 -17.50 -17.62
C SER D 347 18.39 -16.08 -17.16
N PRO D 348 19.51 -15.89 -16.43
CA PRO D 348 19.91 -14.54 -16.00
C PRO D 348 20.25 -13.67 -17.21
N PHE D 349 19.82 -12.40 -17.10
CA PHE D 349 19.90 -11.44 -18.20
C PHE D 349 21.18 -10.60 -18.12
N GLY D 350 21.75 -10.28 -19.28
CA GLY D 350 22.86 -9.35 -19.33
C GLY D 350 24.21 -9.99 -19.07
N MET D 351 24.38 -11.22 -19.50
CA MET D 351 25.60 -11.97 -19.25
C MET D 351 26.52 -11.86 -20.47
N ASP D 352 27.00 -10.66 -20.70
CA ASP D 352 27.99 -10.44 -21.74
C ASP D 352 28.82 -9.22 -21.37
N ASP D 353 29.92 -9.00 -22.10
CA ASP D 353 30.87 -7.92 -21.88
C ASP D 353 30.75 -6.88 -22.99
N THR D 354 29.52 -6.45 -23.28
CA THR D 354 29.30 -5.49 -24.37
C THR D 354 29.13 -4.08 -23.83
N ASP D 355 29.66 -3.79 -22.65
CA ASP D 355 29.72 -2.46 -22.06
C ASP D 355 28.32 -1.87 -21.84
N TYR D 356 27.48 -2.65 -21.17
CA TYR D 356 26.19 -2.12 -20.78
C TYR D 356 25.80 -2.75 -19.45
N THR D 357 25.16 -1.99 -18.59
CA THR D 357 24.50 -2.59 -17.46
C THR D 357 23.16 -1.87 -17.29
N ASN D 358 22.10 -2.65 -16.97
CA ASN D 358 20.80 -2.07 -16.69
C ASN D 358 20.61 -1.74 -15.20
N TYR D 359 21.70 -1.71 -14.44
CA TYR D 359 21.64 -1.19 -13.08
C TYR D 359 20.80 0.06 -13.06
N PRO D 360 19.80 0.24 -12.17
CA PRO D 360 19.63 -0.55 -10.94
C PRO D 360 18.84 -1.86 -10.98
N LEU D 361 18.40 -2.29 -12.15
CA LEU D 361 17.74 -3.61 -12.29
C LEU D 361 18.74 -4.74 -12.00
N GLY D 362 19.86 -4.78 -12.71
CA GLY D 362 20.89 -5.78 -12.57
C GLY D 362 22.12 -5.27 -11.83
N ALA D 363 23.25 -5.97 -11.99
CA ALA D 363 24.49 -5.66 -11.31
C ALA D 363 25.09 -4.33 -11.76
N LYS D 364 25.57 -3.54 -10.79
CA LYS D 364 26.18 -2.26 -11.12
C LYS D 364 27.47 -2.47 -11.89
N VAL D 365 28.24 -3.48 -11.48
CA VAL D 365 29.50 -3.76 -12.12
C VAL D 365 29.45 -5.20 -12.64
N TYR D 366 29.72 -5.34 -13.94
CA TYR D 366 29.79 -6.65 -14.56
C TYR D 366 31.23 -7.09 -14.65
N ASN D 367 31.60 -8.10 -13.87
CA ASN D 367 32.93 -8.66 -13.85
C ASN D 367 32.89 -10.13 -13.46
N ASP D 368 34.06 -10.71 -13.27
CA ASP D 368 34.14 -12.13 -13.01
C ASP D 368 33.40 -12.47 -11.72
N GLU D 369 33.40 -11.61 -10.69
CA GLU D 369 32.68 -11.88 -9.45
C GLU D 369 31.17 -11.94 -9.71
N THR D 370 30.62 -11.06 -10.56
CA THR D 370 29.22 -11.10 -10.94
C THR D 370 28.87 -12.50 -11.47
N ILE D 371 29.68 -12.96 -12.40
CA ILE D 371 29.41 -14.24 -13.08
C ILE D 371 29.54 -15.40 -12.08
N GLU D 372 30.54 -15.33 -11.22
CA GLU D 372 30.84 -16.40 -10.28
C GLU D 372 29.69 -16.68 -9.33
N GLN D 373 28.83 -15.69 -9.06
CA GLN D 373 27.73 -15.97 -8.14
C GLN D 373 26.79 -17.01 -8.78
N PHE D 374 26.59 -16.90 -10.10
CA PHE D 374 25.79 -17.90 -10.80
C PHE D 374 26.59 -19.18 -11.11
N ALA D 375 27.88 -19.06 -11.43
CA ALA D 375 28.68 -20.24 -11.68
C ALA D 375 28.63 -21.16 -10.46
N GLN D 376 28.61 -20.61 -9.26
CA GLN D 376 28.68 -21.46 -8.07
C GLN D 376 27.38 -22.24 -7.89
N VAL D 377 26.24 -21.69 -8.24
CA VAL D 377 24.99 -22.46 -8.12
C VAL D 377 24.82 -23.42 -9.29
N TYR D 378 25.22 -23.04 -10.53
CA TYR D 378 25.14 -23.94 -11.66
C TYR D 378 26.06 -25.14 -11.49
N ARG D 379 27.16 -25.01 -10.73
CA ARG D 379 28.06 -26.14 -10.47
C ARG D 379 27.43 -27.20 -9.59
N LEU D 380 26.35 -26.89 -8.85
CA LEU D 380 25.63 -27.88 -8.07
C LEU D 380 24.80 -28.75 -9.01
N VAL D 381 24.28 -28.19 -10.12
CA VAL D 381 23.29 -28.87 -10.97
C VAL D 381 23.94 -29.54 -12.16
N ASN D 382 24.90 -28.86 -12.79
CA ASN D 382 25.54 -29.41 -13.98
C ASN D 382 25.92 -30.86 -13.81
N PRO D 383 26.60 -31.29 -12.71
CA PRO D 383 27.10 -32.67 -12.69
C PRO D 383 25.97 -33.69 -12.65
N MET D 384 24.73 -33.28 -12.32
CA MET D 384 23.58 -34.17 -12.27
C MET D 384 22.41 -33.71 -13.15
N MET D 385 22.71 -32.92 -14.18
CA MET D 385 21.59 -32.22 -14.83
C MET D 385 20.52 -33.18 -15.38
N ARG D 386 20.97 -34.24 -16.06
CA ARG D 386 20.01 -35.14 -16.70
C ARG D 386 19.25 -35.95 -15.65
N GLU D 387 19.96 -36.38 -14.60
CA GLU D 387 19.34 -37.14 -13.55
C GLU D 387 18.30 -36.32 -12.78
N TRP D 388 18.67 -35.07 -12.43
CA TRP D 388 17.77 -34.15 -11.82
C TRP D 388 16.53 -33.93 -12.70
N ALA D 389 16.77 -33.67 -13.97
CA ALA D 389 15.66 -33.35 -14.87
C ALA D 389 14.65 -34.51 -14.90
N ARG D 390 15.19 -35.73 -14.90
CA ARG D 390 14.30 -36.89 -14.91
C ARG D 390 13.55 -36.99 -13.59
N LEU D 391 14.23 -36.84 -12.44
CA LEU D 391 13.53 -36.90 -11.18
C LEU D 391 12.50 -35.81 -10.99
N SER D 392 12.77 -34.65 -11.57
N SER D 392 12.73 -34.65 -11.62
CA SER D 392 11.80 -33.58 -11.48
CA SER D 392 11.79 -33.54 -11.46
C SER D 392 10.51 -34.02 -12.17
C SER D 392 10.50 -33.78 -12.29
N TYR D 393 10.62 -34.44 -13.43
CA TYR D 393 9.45 -34.87 -14.21
C TYR D 393 8.73 -36.09 -13.60
N GLN D 394 9.51 -37.14 -13.30
CA GLN D 394 9.00 -38.49 -13.00
C GLN D 394 8.74 -38.66 -11.51
N GLY D 395 9.38 -37.87 -10.67
CA GLY D 395 9.30 -38.13 -9.25
C GLY D 395 9.12 -36.85 -8.41
N GLN D 396 9.80 -36.88 -7.26
CA GLN D 396 9.55 -35.89 -6.28
C GLN D 396 10.88 -35.16 -6.02
N VAL D 397 10.75 -33.84 -6.20
CA VAL D 397 11.82 -32.90 -5.88
C VAL D 397 11.32 -31.76 -5.03
N TRP D 398 12.31 -31.11 -4.37
CA TRP D 398 12.09 -29.97 -3.52
C TRP D 398 13.28 -29.02 -3.72
N GLY D 399 13.02 -27.74 -3.49
CA GLY D 399 14.10 -26.77 -3.55
C GLY D 399 13.72 -25.50 -2.79
N VAL D 400 14.70 -24.98 -2.04
CA VAL D 400 14.44 -23.80 -1.20
C VAL D 400 15.61 -22.83 -1.36
N ALA D 401 15.33 -21.53 -1.16
CA ALA D 401 16.34 -20.47 -1.03
C ALA D 401 16.18 -19.78 0.34
N GLU D 402 17.28 -19.15 0.73
CA GLU D 402 17.40 -18.42 1.97
C GLU D 402 16.32 -17.35 2.03
N PRO D 403 15.40 -17.39 3.02
CA PRO D 403 14.16 -16.64 2.94
C PRO D 403 14.17 -15.24 3.54
N LEU D 404 15.30 -14.79 4.07
CA LEU D 404 15.41 -13.40 4.42
C LEU D 404 16.36 -12.74 3.43
N ASP D 405 16.00 -11.55 2.99
CA ASP D 405 16.86 -10.76 2.14
C ASP D 405 17.98 -10.15 3.01
N SER D 406 19.07 -9.74 2.39
CA SER D 406 20.19 -9.13 3.11
C SER D 406 19.69 -7.96 3.95
N THR D 407 20.28 -7.85 5.14
CA THR D 407 19.96 -6.77 6.07
C THR D 407 20.37 -5.44 5.48
N THR D 408 19.47 -4.43 5.58
CA THR D 408 19.62 -3.11 4.98
C THR D 408 20.64 -2.27 5.75
N THR D 410 20.33 0.54 7.28
CA THR D 410 19.13 1.21 7.85
C THR D 410 18.55 0.36 8.97
N GLN D 411 18.42 -0.96 8.72
CA GLN D 411 18.10 -1.92 9.76
C GLN D 411 19.37 -2.24 10.55
N LYS D 412 20.54 -2.01 9.95
CA LYS D 412 21.82 -2.08 10.65
C LYS D 412 21.88 -0.93 11.66
N ILE D 413 21.32 0.24 11.30
CA ILE D 413 21.19 1.38 12.21
C ILE D 413 20.34 0.98 13.42
N TRP D 414 19.13 0.46 13.20
CA TRP D 414 18.26 0.07 14.30
C TRP D 414 18.89 -0.99 15.19
N ASN D 415 19.70 -1.90 14.61
CA ASN D 415 20.19 -3.07 15.32
C ASN D 415 21.19 -2.67 16.39
N ALA D 416 22.18 -1.84 16.01
CA ALA D 416 23.25 -1.45 16.90
C ALA D 416 22.67 -0.74 18.13
N GLU D 417 21.74 0.20 17.89
CA GLU D 417 21.28 1.10 18.93
C GLU D 417 20.10 0.49 19.72
N ALA D 418 19.83 -0.80 19.55
CA ALA D 418 18.75 -1.45 20.29
C ALA D 418 19.28 -1.97 21.63
N THR D 419 18.36 -2.27 22.56
CA THR D 419 18.69 -2.89 23.84
C THR D 419 19.21 -4.30 23.67
N PRO D 420 19.96 -4.85 24.65
CA PRO D 420 20.44 -6.24 24.57
C PRO D 420 19.33 -7.28 24.73
N GLU D 421 18.21 -6.87 25.35
CA GLU D 421 17.02 -7.71 25.41
C GLU D 421 16.35 -7.75 24.03
N GLU D 422 16.34 -6.59 23.36
CA GLU D 422 15.77 -6.44 22.03
C GLU D 422 16.62 -7.22 21.03
N LYS D 423 17.92 -6.89 20.97
CA LYS D 423 18.91 -7.62 20.17
C LYS D 423 18.66 -9.12 20.26
N GLU D 424 18.54 -9.65 21.48
CA GLU D 424 18.47 -11.09 21.69
C GLU D 424 17.16 -11.68 21.16
N GLN D 425 16.07 -10.91 21.20
CA GLN D 425 14.80 -11.39 20.69
C GLN D 425 14.81 -11.30 19.15
N HIS D 426 15.54 -10.34 18.61
CA HIS D 426 15.64 -10.16 17.17
C HIS D 426 16.39 -11.35 16.58
N LYS D 427 17.45 -11.80 17.25
CA LYS D 427 18.19 -12.98 16.84
C LYS D 427 17.31 -14.23 16.88
N LYS D 428 16.43 -14.37 17.89
CA LYS D 428 15.56 -15.55 17.96
C LYS D 428 14.54 -15.52 16.83
N ASP D 429 14.03 -14.32 16.51
CA ASP D 429 13.03 -14.17 15.48
C ASP D 429 13.67 -14.47 14.11
N ARG D 430 14.89 -13.97 13.88
CA ARG D 430 15.60 -14.24 12.64
C ARG D 430 15.93 -15.73 12.51
N ALA D 431 16.31 -16.37 13.62
CA ALA D 431 16.63 -17.79 13.57
C ALA D 431 15.44 -18.60 13.08
N SER D 432 14.25 -18.35 13.64
CA SER D 432 13.06 -19.06 13.24
C SER D 432 12.72 -18.79 11.77
N ALA D 433 12.94 -17.55 11.30
CA ALA D 433 12.65 -17.18 9.92
C ALA D 433 13.62 -17.91 8.98
N LEU D 434 14.83 -18.21 9.44
CA LEU D 434 15.87 -18.82 8.63
C LEU D 434 15.91 -20.34 8.77
N THR D 435 14.81 -20.92 9.25
CA THR D 435 14.61 -22.36 9.38
C THR D 435 13.40 -22.74 8.52
N GLN D 436 13.57 -23.64 7.52
CA GLN D 436 12.53 -24.12 6.63
C GLN D 436 12.29 -25.61 6.82
N GLN D 437 11.04 -26.03 6.81
N GLN D 437 11.04 -26.05 6.77
CA GLN D 437 10.65 -27.43 6.89
CA GLN D 437 10.70 -27.45 6.99
C GLN D 437 10.21 -27.92 5.52
C GLN D 437 10.08 -28.01 5.71
N LEU D 438 10.63 -29.15 5.22
CA LEU D 438 10.19 -29.84 4.02
C LEU D 438 9.69 -31.24 4.41
N ASP D 439 8.52 -31.60 3.89
CA ASP D 439 7.86 -32.89 4.12
C ASP D 439 8.21 -33.84 2.97
N LEU D 440 9.12 -34.78 3.27
CA LEU D 440 9.66 -35.67 2.27
C LEU D 440 9.05 -37.06 2.35
N GLY D 441 7.86 -37.18 2.95
CA GLY D 441 7.14 -38.45 3.02
C GLY D 441 7.29 -39.06 4.42
N LEU D 442 8.13 -40.09 4.57
CA LEU D 442 8.43 -40.69 5.88
C LEU D 442 9.40 -39.86 6.72
N TRP D 443 10.16 -38.98 6.02
CA TRP D 443 11.22 -38.13 6.59
C TRP D 443 10.93 -36.69 6.22
N ASP D 444 11.36 -35.79 7.11
CA ASP D 444 11.36 -34.35 6.88
C ASP D 444 12.80 -33.85 6.86
N ALA D 445 13.03 -32.76 6.14
CA ALA D 445 14.30 -32.05 6.25
C ALA D 445 14.03 -30.68 6.82
N GLU D 446 14.98 -30.20 7.60
CA GLU D 446 15.03 -28.84 8.13
C GLU D 446 16.25 -28.16 7.50
N VAL D 447 16.00 -27.06 6.79
CA VAL D 447 17.09 -26.31 6.19
C VAL D 447 17.29 -24.99 6.93
N THR D 448 18.54 -24.72 7.29
CA THR D 448 18.90 -23.53 8.05
C THR D 448 20.09 -22.84 7.40
N TYR D 449 20.23 -21.53 7.67
CA TYR D 449 21.18 -20.76 6.89
C TYR D 449 22.08 -19.90 7.78
N GLY D 450 23.37 -20.01 7.55
CA GLY D 450 24.36 -19.13 8.16
C GLY D 450 24.64 -19.55 9.61
N ARG D 451 25.33 -20.68 9.70
CA ARG D 451 25.73 -21.22 10.99
C ARG D 451 26.98 -22.08 10.82
N PRO D 452 27.74 -22.32 11.93
CA PRO D 452 28.91 -23.16 11.84
C PRO D 452 28.54 -24.55 11.34
N MET D 453 29.60 -25.27 10.98
CA MET D 453 29.48 -26.66 10.49
C MET D 453 29.49 -27.67 11.65
N PHE D 454 29.52 -27.16 12.89
CA PHE D 454 29.70 -27.93 14.12
C PHE D 454 28.83 -27.33 15.21
N TRP D 455 28.18 -28.19 16.02
CA TRP D 455 27.36 -27.76 17.15
C TRP D 455 26.06 -27.10 16.65
N VAL D 456 25.28 -26.47 17.55
CA VAL D 456 23.89 -26.15 17.25
C VAL D 456 23.54 -24.69 17.51
N THR D 457 24.52 -23.80 17.44
CA THR D 457 24.25 -22.37 17.53
C THR D 457 23.20 -21.99 16.51
N PRO D 458 22.17 -21.21 16.87
CA PRO D 458 21.13 -20.85 15.93
C PRO D 458 21.66 -20.13 14.68
N PRO D 459 20.94 -20.34 13.55
CA PRO D 459 21.30 -19.68 12.29
C PRO D 459 21.13 -18.18 12.37
N GLU D 460 22.05 -17.50 11.70
CA GLU D 460 22.05 -16.03 11.65
C GLU D 460 21.98 -15.50 10.22
N GLY D 461 21.94 -16.39 9.24
CA GLY D 461 21.91 -15.93 7.85
C GLY D 461 23.30 -15.71 7.31
N ASN D 462 23.40 -15.84 5.97
CA ASN D 462 24.59 -15.49 5.24
C ASN D 462 24.55 -13.99 4.91
N THR D 463 25.75 -13.43 4.75
N THR D 463 25.72 -13.38 4.85
CA THR D 463 25.94 -12.02 4.46
CA THR D 463 25.79 -11.99 4.41
C THR D 463 26.72 -11.88 3.16
C THR D 463 26.67 -11.91 3.17
N PRO D 464 26.12 -11.61 1.97
CA PRO D 464 24.69 -11.39 1.76
C PRO D 464 23.87 -12.69 1.74
N ALA D 465 22.55 -12.55 1.74
CA ALA D 465 21.66 -13.73 1.65
C ALA D 465 22.08 -14.48 0.38
N ALA D 466 22.14 -15.84 0.39
CA ALA D 466 22.71 -16.55 -0.77
C ALA D 466 22.38 -18.05 -0.78
N GLY D 467 21.96 -18.63 0.35
CA GLY D 467 21.91 -20.08 0.46
C GLY D 467 20.69 -20.69 -0.18
N GLY D 468 20.78 -22.02 -0.32
CA GLY D 468 19.64 -22.79 -0.76
C GLY D 468 20.00 -24.28 -0.81
N ALA D 469 18.97 -25.08 -1.14
CA ALA D 469 19.09 -26.54 -1.13
C ALA D 469 18.16 -27.15 -2.15
N LEU D 470 18.63 -28.29 -2.70
CA LEU D 470 17.86 -29.16 -3.58
C LEU D 470 17.83 -30.56 -2.99
N ILE D 471 16.64 -31.19 -3.07
CA ILE D 471 16.44 -32.58 -2.64
C ILE D 471 15.59 -33.29 -3.66
N ALA D 472 16.00 -34.53 -4.02
CA ALA D 472 15.16 -35.41 -4.83
C ALA D 472 15.00 -36.74 -4.10
N GLN D 473 13.81 -37.31 -4.21
CA GLN D 473 13.53 -38.56 -3.50
C GLN D 473 13.86 -39.73 -4.42
N LEU D 474 14.70 -40.64 -3.95
CA LEU D 474 15.12 -41.81 -4.72
C LEU D 474 14.30 -43.05 -4.36
N ASP D 475 13.93 -43.17 -3.10
CA ASP D 475 13.10 -44.28 -2.59
C ASP D 475 12.48 -43.82 -1.28
N ASP D 476 11.72 -44.67 -0.56
CA ASP D 476 11.05 -44.26 0.65
C ASP D 476 12.01 -43.61 1.68
N ASN D 477 13.23 -44.13 1.78
CA ASN D 477 14.14 -43.74 2.83
C ASN D 477 15.41 -43.16 2.26
N GLU D 478 15.42 -42.76 0.99
CA GLU D 478 16.67 -42.37 0.39
C GLU D 478 16.47 -41.16 -0.50
N TYR D 479 17.42 -40.19 -0.35
CA TYR D 479 17.30 -38.87 -1.00
C TYR D 479 18.63 -38.45 -1.62
N LEU D 480 18.54 -37.72 -2.73
N LEU D 480 18.57 -37.80 -2.79
CA LEU D 480 19.67 -37.04 -3.31
CA LEU D 480 19.68 -37.02 -3.32
C LEU D 480 19.61 -35.59 -2.81
C LEU D 480 19.60 -35.62 -2.70
N VAL D 481 20.75 -35.07 -2.33
CA VAL D 481 20.78 -33.78 -1.62
C VAL D 481 22.01 -33.02 -2.13
N THR D 482 21.81 -31.74 -2.49
CA THR D 482 22.96 -30.83 -2.68
C THR D 482 22.47 -29.47 -2.16
N ALA D 483 23.34 -28.70 -1.52
CA ALA D 483 22.95 -27.41 -0.96
C ALA D 483 24.17 -26.48 -0.98
N TYR D 484 23.92 -25.26 -0.53
CA TYR D 484 24.78 -24.15 -0.73
C TYR D 484 24.62 -23.18 0.44
N LYS D 485 25.71 -23.01 1.21
CA LYS D 485 25.75 -22.09 2.35
C LYS D 485 24.56 -22.32 3.27
N ALA D 486 24.40 -23.59 3.66
CA ALA D 486 23.24 -24.00 4.44
C ALA D 486 23.55 -25.31 5.16
N ARG D 487 22.68 -25.61 6.14
CA ARG D 487 22.64 -26.91 6.81
C ARG D 487 21.32 -27.58 6.48
N VAL D 488 21.41 -28.89 6.17
CA VAL D 488 20.23 -29.73 5.94
C VAL D 488 20.22 -30.85 6.98
N GLU D 489 19.14 -30.93 7.75
CA GLU D 489 19.03 -31.97 8.79
C GLU D 489 17.77 -32.81 8.59
N PHE D 490 17.94 -34.12 8.65
CA PHE D 490 16.81 -35.01 8.45
C PHE D 490 16.23 -35.54 9.76
N LYS D 491 14.91 -35.77 9.78
CA LYS D 491 14.24 -36.27 10.96
C LYS D 491 13.01 -37.03 10.48
N PRO D 492 12.36 -37.82 11.33
CA PRO D 492 11.11 -38.45 10.95
C PRO D 492 10.03 -37.42 10.71
N SER D 493 9.14 -37.77 9.77
CA SER D 493 8.01 -36.93 9.41
C SER D 493 6.82 -37.14 10.34
N GLN D 494 6.84 -38.28 11.02
CA GLN D 494 5.74 -38.63 11.90
C GLN D 494 6.34 -39.38 13.08
N GLU D 495 5.54 -39.53 14.16
CA GLU D 495 5.98 -40.28 15.32
C GLU D 495 6.29 -41.72 14.90
N LEU D 496 7.32 -42.27 15.56
CA LEU D 496 7.86 -43.56 15.24
C LEU D 496 7.36 -44.69 16.14
N ALA D 497 6.45 -44.38 17.05
CA ALA D 497 5.78 -45.41 17.86
C ALA D 497 6.78 -46.30 18.59
N GLY D 498 7.82 -45.69 19.15
CA GLY D 498 8.77 -46.39 20.01
C GLY D 498 10.12 -46.71 19.37
N LYS D 499 10.20 -46.60 18.05
CA LYS D 499 11.48 -46.77 17.32
C LYS D 499 12.33 -45.51 17.48
N LYS D 500 13.63 -45.72 17.31
CA LYS D 500 14.61 -44.65 17.19
C LYS D 500 14.91 -44.45 15.71
N PHE D 501 15.72 -43.40 15.39
CA PHE D 501 16.12 -43.23 14.00
C PHE D 501 17.55 -42.73 13.95
N MET D 502 18.17 -43.01 12.78
CA MET D 502 19.47 -42.43 12.49
C MET D 502 19.63 -42.29 11.00
N ILE D 503 20.68 -41.55 10.62
CA ILE D 503 21.24 -41.68 9.29
C ILE D 503 21.82 -43.07 9.16
N GLU D 504 21.41 -43.80 8.14
CA GLU D 504 22.02 -45.08 7.85
C GLU D 504 23.35 -44.85 7.15
N ARG D 505 23.30 -44.17 6.00
N ARG D 505 23.35 -43.95 6.17
CA ARG D 505 24.49 -43.83 5.23
CA ARG D 505 24.55 -43.79 5.36
C ARG D 505 24.29 -42.46 4.59
C ARG D 505 24.40 -42.60 4.43
N VAL D 506 25.40 -41.70 4.51
CA VAL D 506 25.56 -40.58 3.58
C VAL D 506 26.75 -40.86 2.68
N GLU D 507 26.57 -40.83 1.37
CA GLU D 507 27.64 -40.97 0.40
C GLU D 507 27.74 -39.69 -0.41
N GLU D 508 28.96 -39.18 -0.57
CA GLU D 508 29.19 -38.17 -1.59
C GLU D 508 29.68 -38.86 -2.88
N GLY D 509 29.21 -38.36 -4.04
CA GLY D 509 29.64 -38.96 -5.28
C GLY D 509 29.08 -38.22 -6.48
N ARG D 510 28.98 -38.95 -7.59
CA ARG D 510 28.64 -38.39 -8.88
C ARG D 510 28.02 -39.44 -9.77
N PHE D 511 27.33 -38.97 -10.81
CA PHE D 511 26.84 -39.88 -11.85
C PHE D 511 27.84 -39.97 -12.99
N GLU D 512 28.15 -41.20 -13.42
N GLU D 512 28.15 -41.22 -13.38
CA GLU D 512 28.97 -41.43 -14.61
CA GLU D 512 28.94 -41.51 -14.58
C GLU D 512 28.20 -42.42 -15.48
C GLU D 512 28.08 -42.41 -15.45
N LYS D 513 27.79 -41.96 -16.68
CA LYS D 513 27.04 -42.78 -17.60
C LYS D 513 25.75 -43.22 -16.92
N GLY D 514 25.11 -42.33 -16.14
CA GLY D 514 23.85 -42.62 -15.49
C GLY D 514 23.93 -43.45 -14.21
N LYS D 515 25.14 -43.90 -13.84
CA LYS D 515 25.37 -44.77 -12.69
C LYS D 515 26.04 -43.96 -11.57
N TRP D 516 25.54 -44.14 -10.36
CA TRP D 516 26.15 -43.53 -9.16
C TRP D 516 27.51 -44.12 -8.88
N VAL D 517 28.50 -43.24 -8.67
CA VAL D 517 29.85 -43.60 -8.25
C VAL D 517 30.12 -42.93 -6.92
N MET D 518 30.40 -43.75 -5.90
N MET D 518 30.35 -43.72 -5.86
CA MET D 518 30.77 -43.24 -4.60
CA MET D 518 30.66 -43.18 -4.55
C MET D 518 32.20 -42.69 -4.63
C MET D 518 32.12 -42.76 -4.47
N GLU D 519 32.35 -41.51 -4.01
CA GLU D 519 33.68 -40.98 -3.72
C GLU D 519 34.06 -41.21 -2.26
N ARG D 520 33.16 -40.87 -1.30
CA ARG D 520 33.47 -41.07 0.09
C ARG D 520 32.16 -41.14 0.86
N VAL D 521 32.24 -41.64 2.07
CA VAL D 521 31.17 -41.64 3.04
C VAL D 521 31.33 -40.44 3.96
N TRP D 522 30.31 -39.59 4.11
CA TRP D 522 30.25 -38.59 5.18
C TRP D 522 29.78 -39.28 6.45
N ASN D 523 30.56 -39.10 7.52
CA ASN D 523 30.19 -39.68 8.81
C ASN D 523 30.82 -38.83 9.92
N GLY D 524 30.60 -39.24 11.18
CA GLY D 524 31.24 -38.54 12.26
C GLY D 524 30.84 -37.06 12.30
N ASP D 525 31.84 -36.17 12.46
CA ASP D 525 31.58 -34.75 12.51
C ASP D 525 30.73 -34.30 11.29
N GLN D 526 30.92 -34.91 10.14
CA GLN D 526 30.25 -34.44 8.91
C GLN D 526 28.76 -34.79 8.89
N THR D 527 28.27 -35.60 9.85
CA THR D 527 26.84 -35.94 9.90
C THR D 527 26.25 -35.73 11.30
N ASP D 528 27.07 -35.39 12.29
CA ASP D 528 26.58 -35.21 13.66
C ASP D 528 25.69 -33.98 13.82
N TRP D 529 25.93 -32.96 12.97
CA TRP D 529 25.36 -31.65 13.15
C TRP D 529 24.65 -31.27 11.85
N GLY D 530 23.88 -32.20 11.28
CA GLY D 530 23.27 -31.98 9.97
C GLY D 530 24.32 -32.16 8.87
N LEU D 531 23.92 -31.80 7.65
CA LEU D 531 24.77 -31.88 6.48
C LEU D 531 25.06 -30.44 6.11
N ASN D 532 26.31 -30.02 6.31
CA ASN D 532 26.71 -28.62 6.21
C ASN D 532 27.45 -28.38 4.91
N PHE D 533 26.93 -27.42 4.12
CA PHE D 533 27.46 -27.05 2.81
C PHE D 533 27.97 -25.61 2.86
N THR D 534 29.05 -25.38 2.13
CA THR D 534 29.65 -24.07 1.94
C THR D 534 29.39 -23.61 0.52
N ASP D 535 30.37 -23.02 -0.15
CA ASP D 535 30.20 -22.58 -1.52
C ASP D 535 30.61 -23.67 -2.50
N ARG D 536 31.19 -24.77 -2.03
CA ARG D 536 31.75 -25.80 -2.87
C ARG D 536 30.71 -26.89 -3.16
N PRO D 537 30.72 -27.51 -4.34
CA PRO D 537 29.71 -28.48 -4.73
C PRO D 537 29.95 -29.86 -4.08
N HIS D 538 28.88 -30.45 -3.51
CA HIS D 538 28.89 -31.81 -3.03
C HIS D 538 27.50 -32.37 -3.32
N LEU D 539 27.49 -33.54 -3.97
CA LEU D 539 26.23 -34.20 -4.21
C LEU D 539 26.21 -35.45 -3.32
N LEU D 540 25.16 -35.54 -2.51
CA LEU D 540 25.03 -36.60 -1.51
C LEU D 540 23.83 -37.51 -1.79
N ARG D 541 24.00 -38.81 -1.44
CA ARG D 541 22.88 -39.74 -1.35
C ARG D 541 22.73 -40.07 0.13
N VAL D 542 21.58 -39.74 0.71
CA VAL D 542 21.25 -39.85 2.11
C VAL D 542 20.22 -40.96 2.31
N LYS D 543 20.57 -41.93 3.14
CA LYS D 543 19.69 -43.04 3.46
C LYS D 543 19.40 -42.98 4.93
N MET D 544 18.12 -42.89 5.28
CA MET D 544 17.68 -42.77 6.66
C MET D 544 17.09 -44.13 7.11
N ALA D 545 17.12 -44.38 8.43
CA ALA D 545 16.55 -45.65 8.94
C ALA D 545 15.88 -45.40 10.29
N SER D 546 14.70 -46.03 10.49
CA SER D 546 14.16 -46.23 11.82
C SER D 546 14.59 -47.63 12.29
N TYR D 547 14.76 -47.78 13.59
CA TYR D 547 15.23 -49.05 14.15
C TYR D 547 14.65 -49.28 15.54
N SER D 548 14.39 -50.57 15.79
CA SER D 548 13.83 -51.01 17.05
C SER D 548 14.87 -50.99 18.16
N VAL D 549 14.44 -50.60 19.38
CA VAL D 549 15.24 -50.79 20.58
C VAL D 549 14.52 -51.60 21.70
N GLN D 550 13.53 -52.38 21.27
CA GLN D 550 12.69 -53.11 22.23
C GLN D 550 13.27 -54.51 22.44
N ALA E 11 56.83 13.25 -53.36
CA ALA E 11 55.47 12.72 -53.58
C ALA E 11 54.47 13.48 -52.71
N ALA E 12 54.65 13.40 -51.39
CA ALA E 12 53.65 13.91 -50.45
C ALA E 12 53.62 15.44 -50.53
N PRO E 13 52.43 16.06 -50.60
CA PRO E 13 52.33 17.51 -50.59
C PRO E 13 52.70 18.05 -49.20
N LEU E 14 53.15 19.30 -49.19
CA LEU E 14 53.48 19.98 -47.96
C LEU E 14 52.22 20.09 -47.11
N PRO E 15 52.39 19.93 -45.79
CA PRO E 15 51.37 20.35 -44.85
C PRO E 15 51.03 21.81 -45.06
N GLU E 16 49.78 22.16 -44.72
N GLU E 16 49.75 22.16 -44.88
CA GLU E 16 49.23 23.46 -45.01
CA GLU E 16 49.33 23.55 -44.97
C GLU E 16 48.01 23.77 -44.17
C GLU E 16 48.16 23.73 -44.02
N LEU E 17 47.96 24.97 -43.61
CA LEU E 17 46.77 25.38 -42.90
C LEU E 17 45.86 26.08 -43.89
N LEU E 18 44.65 25.54 -44.11
CA LEU E 18 43.65 26.14 -44.98
C LEU E 18 42.61 26.88 -44.15
N SER E 19 42.11 28.02 -44.63
CA SER E 19 41.07 28.80 -43.98
C SER E 19 40.06 29.27 -45.03
N ASN E 20 38.78 28.85 -44.91
CA ASN E 20 37.75 29.19 -45.88
C ASN E 20 36.37 29.16 -45.21
N ASN E 21 35.54 30.17 -45.49
CA ASN E 21 34.14 30.17 -45.06
C ASN E 21 34.08 30.20 -43.51
N GLY E 22 35.03 30.85 -42.84
CA GLY E 22 35.08 30.89 -41.39
C GLY E 22 35.58 29.59 -40.72
N LYS E 23 36.01 28.61 -41.51
CA LYS E 23 36.45 27.31 -41.03
C LYS E 23 37.90 27.05 -41.45
N HIS E 24 38.49 26.02 -40.85
CA HIS E 24 39.92 25.81 -40.93
C HIS E 24 40.23 24.33 -40.93
N ALA E 25 41.33 23.97 -41.57
CA ALA E 25 41.88 22.65 -41.53
C ALA E 25 43.39 22.67 -41.59
N LEU E 26 44.03 21.78 -40.83
CA LEU E 26 45.43 21.45 -41.04
C LEU E 26 45.50 20.27 -41.96
N MET E 27 46.00 20.57 -43.18
CA MET E 27 46.22 19.50 -44.15
C MET E 27 47.56 18.83 -43.93
N VAL E 28 47.54 17.53 -43.89
CA VAL E 28 48.70 16.68 -43.78
C VAL E 28 48.51 15.57 -44.79
N ASP E 29 49.46 15.46 -45.74
CA ASP E 29 49.43 14.41 -46.75
C ASP E 29 48.20 14.62 -47.64
N GLY E 30 47.75 15.84 -47.78
CA GLY E 30 46.72 16.19 -48.75
C GLY E 30 45.29 16.06 -48.20
N ALA E 31 45.12 15.84 -46.89
CA ALA E 31 43.79 15.80 -46.29
C ALA E 31 43.79 16.40 -44.88
N PRO E 32 42.64 16.88 -44.37
CA PRO E 32 42.58 17.34 -42.98
C PRO E 32 43.05 16.30 -41.96
N TYR E 33 43.74 16.82 -40.92
CA TYR E 33 44.38 16.06 -39.88
C TYR E 33 44.08 16.71 -38.53
N ILE E 34 43.99 15.87 -37.48
CA ILE E 34 43.89 16.34 -36.12
C ILE E 34 45.12 15.94 -35.32
N ILE E 35 45.81 16.91 -34.72
CA ILE E 35 46.88 16.64 -33.80
C ILE E 35 46.33 16.11 -32.48
N LEU E 36 46.49 14.82 -32.25
CA LEU E 36 46.22 14.22 -30.94
C LEU E 36 47.59 14.09 -30.28
N GLY E 37 47.97 15.16 -29.62
CA GLY E 37 49.37 15.43 -29.34
C GLY E 37 49.87 14.97 -27.99
N SER E 38 51.18 14.74 -27.86
N SER E 38 51.17 15.22 -27.80
CA SER E 38 51.86 14.90 -26.57
CA SER E 38 51.91 14.91 -26.60
C SER E 38 52.95 15.97 -26.70
C SER E 38 53.09 15.86 -26.66
N GLN E 39 53.34 16.60 -25.58
CA GLN E 39 54.46 17.51 -25.56
C GLN E 39 55.39 17.10 -24.45
N THR E 40 56.71 17.16 -24.67
CA THR E 40 57.72 16.82 -23.69
C THR E 40 57.86 17.89 -22.62
N ASN E 41 58.50 17.50 -21.52
CA ASN E 41 59.11 18.47 -20.63
C ASN E 41 60.20 19.24 -21.36
N ASN E 42 60.62 20.34 -20.77
CA ASN E 42 61.51 21.34 -21.38
C ASN E 42 62.98 20.87 -21.57
N SER E 43 63.42 19.78 -20.93
CA SER E 43 64.79 19.33 -20.99
C SER E 43 64.91 17.96 -21.63
N SER E 44 63.97 17.62 -22.49
CA SER E 44 63.91 16.31 -23.10
C SER E 44 64.43 16.34 -24.54
N ASN E 45 64.98 17.46 -25.00
CA ASN E 45 65.36 17.68 -26.39
C ASN E 45 66.79 17.19 -26.71
N TYR E 46 67.12 16.00 -26.18
CA TYR E 46 68.45 15.43 -26.42
C TYR E 46 68.29 13.97 -26.79
N PRO E 47 69.24 13.39 -27.56
CA PRO E 47 69.09 11.99 -27.91
C PRO E 47 68.87 11.05 -26.74
N ASP E 48 69.61 11.20 -25.66
CA ASP E 48 69.54 10.30 -24.53
C ASP E 48 68.17 10.33 -23.81
N ALA E 49 67.46 11.43 -23.93
CA ALA E 49 66.18 11.57 -23.24
C ALA E 49 65.02 10.95 -24.01
N LEU E 50 65.17 10.70 -25.30
CA LEU E 50 64.06 10.19 -26.10
C LEU E 50 63.52 8.86 -25.59
N LYS E 51 64.36 8.02 -24.98
CA LYS E 51 63.85 6.74 -24.52
C LYS E 51 62.82 6.95 -23.42
N ASP E 52 62.83 8.12 -22.76
CA ASP E 52 61.89 8.47 -21.70
C ASP E 52 60.65 9.18 -22.25
N VAL E 53 60.61 9.44 -23.55
CA VAL E 53 59.54 10.11 -24.24
C VAL E 53 58.63 9.13 -24.97
N TRP E 54 59.21 8.17 -25.76
CA TRP E 54 58.38 7.40 -26.65
C TRP E 54 57.40 6.49 -25.91
N PRO E 55 57.77 5.79 -24.81
CA PRO E 55 56.80 4.89 -24.17
C PRO E 55 55.50 5.63 -23.78
N SER E 56 55.60 6.87 -23.27
CA SER E 56 54.42 7.64 -22.91
C SER E 56 53.56 7.88 -24.12
N MET E 57 54.21 8.23 -25.25
CA MET E 57 53.47 8.59 -26.44
C MET E 57 52.64 7.37 -26.87
N GLU E 58 53.24 6.20 -26.78
CA GLU E 58 52.61 4.95 -27.16
C GLU E 58 51.42 4.64 -26.25
N LYS E 59 51.64 4.71 -24.95
CA LYS E 59 50.56 4.54 -23.98
C LYS E 59 49.42 5.51 -24.22
N MET E 60 49.74 6.76 -24.59
CA MET E 60 48.71 7.80 -24.76
C MET E 60 47.95 7.60 -26.05
N GLY E 61 48.55 6.93 -27.06
CA GLY E 61 47.94 6.89 -28.37
C GLY E 61 48.05 8.17 -29.17
N ALA E 62 49.07 8.98 -28.89
CA ALA E 62 49.22 10.27 -29.54
C ALA E 62 49.72 10.03 -30.98
N ASN E 63 49.35 10.89 -31.89
CA ASN E 63 49.84 10.77 -33.27
C ASN E 63 50.90 11.80 -33.60
N THR E 64 51.19 12.74 -32.69
CA THR E 64 52.10 13.84 -32.96
C THR E 64 52.82 14.21 -31.68
N LEU E 65 54.12 14.44 -31.74
CA LEU E 65 54.97 14.82 -30.64
C LEU E 65 55.41 16.26 -30.85
N SER E 66 55.16 17.12 -29.86
CA SER E 66 55.70 18.45 -29.78
C SER E 66 56.93 18.43 -28.89
N ILE E 67 58.10 18.91 -29.39
CA ILE E 67 59.35 18.79 -28.68
C ILE E 67 60.25 19.98 -29.06
N PRO E 68 61.04 20.53 -28.12
CA PRO E 68 61.89 21.66 -28.48
C PRO E 68 63.04 21.28 -29.38
N VAL E 69 63.39 22.27 -30.25
CA VAL E 69 64.73 22.35 -30.82
C VAL E 69 65.28 23.71 -30.42
N ALA E 70 66.38 23.74 -29.66
CA ALA E 70 66.90 24.94 -29.03
C ALA E 70 67.97 25.60 -29.88
N TRP E 71 67.92 26.90 -29.96
CA TRP E 71 69.01 27.64 -30.65
C TRP E 71 70.34 27.27 -30.04
N GLU E 72 70.46 27.15 -28.69
CA GLU E 72 71.72 26.82 -28.05
C GLU E 72 72.28 25.49 -28.55
N GLN E 73 71.46 24.50 -28.90
CA GLN E 73 71.92 23.18 -29.28
C GLN E 73 72.32 23.18 -30.75
N ILE E 74 71.61 23.93 -31.60
CA ILE E 74 71.95 23.86 -33.02
C ILE E 74 73.08 24.83 -33.38
N GLU E 75 73.33 25.88 -32.61
CA GLU E 75 74.40 26.86 -32.94
C GLU E 75 75.18 27.19 -31.68
N PRO E 76 75.86 26.22 -31.07
CA PRO E 76 76.49 26.41 -29.76
C PRO E 76 77.62 27.42 -29.82
N VAL E 77 78.24 27.50 -31.03
CA VAL E 77 79.27 28.48 -31.34
C VAL E 77 78.84 29.12 -32.66
N GLU E 78 78.98 30.45 -32.77
CA GLU E 78 78.39 31.18 -33.89
C GLU E 78 78.94 30.64 -35.21
N GLY E 79 78.03 30.26 -36.09
CA GLY E 79 78.38 29.73 -37.40
C GLY E 79 78.68 28.24 -37.46
N GLN E 80 78.65 27.55 -36.30
CA GLN E 80 79.03 26.15 -36.22
C GLN E 80 77.76 25.35 -35.87
N PHE E 81 77.07 24.86 -36.88
CA PHE E 81 75.74 24.25 -36.71
C PHE E 81 75.84 22.77 -36.39
N ASP E 82 74.91 22.30 -35.55
CA ASP E 82 74.87 20.93 -35.09
C ASP E 82 73.43 20.46 -35.13
N PHE E 83 73.11 19.56 -36.08
CA PHE E 83 71.76 19.02 -36.22
C PHE E 83 71.71 17.57 -35.77
N SER E 84 72.66 17.13 -34.95
CA SER E 84 72.69 15.74 -34.50
C SER E 84 71.39 15.33 -33.75
N PHE E 85 70.82 16.22 -32.95
CA PHE E 85 69.57 15.86 -32.28
C PHE E 85 68.42 15.73 -33.25
N VAL E 86 68.31 16.67 -34.18
CA VAL E 86 67.23 16.65 -35.16
C VAL E 86 67.30 15.34 -35.97
N ASP E 87 68.49 14.93 -36.42
CA ASP E 87 68.70 13.66 -37.11
C ASP E 87 68.08 12.49 -36.37
N VAL E 88 68.50 12.29 -35.11
N VAL E 88 68.47 12.29 -35.10
CA VAL E 88 68.01 11.20 -34.29
CA VAL E 88 68.00 11.12 -34.37
C VAL E 88 66.49 11.29 -34.15
C VAL E 88 66.49 11.26 -34.08
N LEU E 89 66.02 12.48 -33.82
CA LEU E 89 64.61 12.67 -33.55
C LEU E 89 63.77 12.27 -34.76
N LEU E 90 64.20 12.71 -35.96
CA LEU E 90 63.43 12.42 -37.15
C LEU E 90 63.40 10.89 -37.34
N LYS E 91 64.56 10.25 -37.23
CA LYS E 91 64.62 8.82 -37.50
C LYS E 91 63.74 8.04 -36.51
N GLU E 92 63.79 8.41 -35.23
CA GLU E 92 63.08 7.68 -34.21
C GLU E 92 61.60 7.93 -34.37
N ALA E 93 61.19 9.17 -34.67
CA ALA E 93 59.79 9.44 -34.91
C ALA E 93 59.23 8.58 -36.04
N ARG E 94 60.00 8.46 -37.13
CA ARG E 94 59.55 7.66 -38.26
C ARG E 94 59.44 6.20 -37.89
N GLN E 95 60.36 5.70 -37.08
CA GLN E 95 60.30 4.31 -36.65
C GLN E 95 58.98 4.05 -35.93
N ARG E 96 58.54 5.04 -35.15
CA ARG E 96 57.32 4.88 -34.36
CA ARG E 96 57.33 4.89 -34.34
C ARG E 96 56.07 5.35 -35.08
N LYS E 97 56.20 5.74 -36.34
CA LYS E 97 55.14 6.20 -37.22
C LYS E 97 54.31 7.29 -36.54
N VAL E 98 55.03 8.29 -36.00
CA VAL E 98 54.37 9.50 -35.53
C VAL E 98 54.96 10.72 -36.23
N ARG E 99 54.21 11.82 -36.11
CA ARG E 99 54.60 13.09 -36.70
C ARG E 99 55.13 14.04 -35.62
N LEU E 100 55.75 15.14 -36.02
CA LEU E 100 56.44 16.05 -35.11
C LEU E 100 55.95 17.46 -35.32
N VAL E 101 55.89 18.21 -34.20
CA VAL E 101 55.83 19.65 -34.18
C VAL E 101 57.09 20.10 -33.45
N LEU E 102 57.98 20.84 -34.17
CA LEU E 102 59.18 21.32 -33.53
C LEU E 102 58.90 22.69 -32.91
N LEU E 103 59.44 22.88 -31.68
CA LEU E 103 59.26 24.14 -30.95
C LEU E 103 60.60 24.89 -30.91
N TRP E 104 60.69 25.95 -31.72
CA TRP E 104 61.92 26.73 -31.84
C TRP E 104 62.07 27.63 -30.64
N PHE E 105 62.96 27.19 -29.72
CA PHE E 105 63.24 27.89 -28.50
C PHE E 105 64.47 28.77 -28.77
N ALA E 106 64.26 30.08 -28.83
CA ALA E 106 65.30 30.96 -29.37
C ALA E 106 65.32 32.27 -28.60
N THR E 107 64.92 33.36 -29.27
CA THR E 107 64.91 34.67 -28.64
C THR E 107 64.04 34.72 -27.38
N TRP E 108 62.85 34.11 -27.46
CA TRP E 108 61.98 33.97 -26.30
C TRP E 108 61.64 32.51 -26.05
N LYS E 109 61.77 32.13 -24.76
CA LYS E 109 61.13 30.95 -24.20
C LYS E 109 60.61 31.45 -22.85
N ASN E 110 59.27 31.51 -22.70
CA ASN E 110 58.63 32.05 -21.52
C ASN E 110 59.25 33.41 -21.11
N ASN E 111 59.33 34.30 -22.12
CA ASN E 111 59.76 35.69 -22.03
C ASN E 111 61.29 35.87 -22.03
N ALA E 112 62.07 34.76 -21.94
CA ALA E 112 63.50 34.88 -21.59
C ALA E 112 64.38 34.21 -22.63
N PRO E 113 65.68 34.59 -22.64
CA PRO E 113 66.61 34.06 -23.62
C PRO E 113 67.42 32.87 -23.15
N HIS E 114 66.92 32.04 -22.24
CA HIS E 114 67.77 31.00 -21.66
C HIS E 114 68.19 29.93 -22.67
N TYR E 115 67.40 29.73 -23.75
CA TYR E 115 67.73 28.75 -24.76
C TYR E 115 68.50 29.34 -25.95
N ALA E 116 68.79 30.63 -25.90
CA ALA E 116 69.73 31.22 -26.86
C ALA E 116 71.14 30.78 -26.46
N PRO E 117 72.04 30.64 -27.48
CA PRO E 117 73.41 30.26 -27.16
C PRO E 117 74.07 31.24 -26.21
N ALA E 118 75.12 30.75 -25.54
CA ALA E 118 75.83 31.62 -24.61
C ALA E 118 76.37 32.90 -25.27
N TRP E 119 76.84 32.80 -26.52
CA TRP E 119 77.35 33.96 -27.23
C TRP E 119 76.26 34.99 -27.55
N VAL E 120 74.97 34.57 -27.44
CA VAL E 120 73.86 35.50 -27.53
C VAL E 120 73.49 36.01 -26.15
N LYS E 121 73.06 35.12 -25.23
CA LYS E 121 72.43 35.56 -23.99
C LYS E 121 73.39 36.22 -23.00
N LEU E 122 74.70 36.09 -23.18
CA LEU E 122 75.67 36.74 -22.30
C LEU E 122 76.23 38.03 -22.94
N ASP E 123 75.75 38.44 -24.13
CA ASP E 123 76.29 39.65 -24.82
C ASP E 123 75.17 40.66 -25.02
N ASN E 124 74.88 41.43 -23.97
CA ASN E 124 73.82 42.38 -23.97
C ASN E 124 74.08 43.52 -24.94
N ALA E 125 75.34 43.94 -25.08
CA ALA E 125 75.60 45.06 -25.96
C ALA E 125 75.19 44.76 -27.39
N ARG E 126 75.43 43.54 -27.84
CA ARG E 126 75.08 43.12 -29.17
C ARG E 126 73.59 42.79 -29.28
N PHE E 127 73.07 42.13 -28.23
CA PHE E 127 71.75 41.52 -28.18
C PHE E 127 71.01 42.06 -26.98
N PRO E 128 70.43 43.27 -27.04
CA PRO E 128 69.96 43.95 -25.85
C PRO E 128 68.62 43.54 -25.25
N ARG E 129 68.59 43.60 -23.92
CA ARG E 129 67.41 43.40 -23.12
C ARG E 129 66.50 44.62 -23.08
N VAL E 130 65.25 44.29 -22.79
CA VAL E 130 64.24 45.25 -22.33
C VAL E 130 64.76 46.01 -21.13
N VAL E 131 64.61 47.37 -21.23
CA VAL E 131 64.89 48.25 -20.11
C VAL E 131 63.58 48.83 -19.61
N LYS E 132 63.41 48.76 -18.29
CA LYS E 132 62.24 49.26 -17.59
C LYS E 132 62.24 50.80 -17.58
N GLU E 133 61.05 51.35 -17.35
CA GLU E 133 60.93 52.81 -17.39
C GLU E 133 61.85 53.42 -16.35
N ASP E 134 62.11 52.69 -15.26
CA ASP E 134 62.97 53.15 -14.16
C ASP E 134 64.46 52.96 -14.41
N GLY E 135 64.83 52.35 -15.53
CA GLY E 135 66.21 52.18 -15.95
C GLY E 135 66.82 50.79 -15.66
N ASP E 136 66.19 49.97 -14.83
CA ASP E 136 66.66 48.60 -14.57
C ASP E 136 66.34 47.73 -15.79
N THR E 137 67.11 46.64 -15.89
CA THR E 137 67.07 45.77 -17.06
C THR E 137 66.41 44.45 -16.68
N LEU E 138 65.53 43.96 -17.56
CA LEU E 138 64.90 42.66 -17.36
C LEU E 138 65.55 41.62 -18.26
N ASN E 139 65.51 40.34 -17.85
CA ASN E 139 66.08 39.27 -18.67
C ASN E 139 65.08 38.79 -19.73
N SER E 140 64.84 39.65 -20.72
CA SER E 140 63.87 39.49 -21.79
C SER E 140 64.43 40.30 -22.97
N LEU E 141 64.74 39.67 -24.08
CA LEU E 141 65.42 40.38 -25.17
C LEU E 141 64.44 41.31 -25.85
N SER E 142 64.93 42.52 -26.15
CA SER E 142 64.10 43.51 -26.83
C SER E 142 63.82 43.12 -28.27
N PRO E 143 62.53 43.22 -28.73
CA PRO E 143 62.20 43.00 -30.10
C PRO E 143 62.75 44.04 -31.08
N LEU E 144 63.34 45.12 -30.57
CA LEU E 144 63.93 46.13 -31.46
CA LEU E 144 63.94 46.16 -31.42
C LEU E 144 65.43 45.93 -31.58
N GLY E 145 65.99 44.81 -31.06
CA GLY E 145 67.36 44.50 -31.32
C GLY E 145 67.56 43.91 -32.71
N GLN E 146 68.16 44.69 -33.62
CA GLN E 146 68.29 44.22 -34.98
C GLN E 146 69.30 43.10 -35.12
N ASN E 147 70.36 43.09 -34.28
CA ASN E 147 71.32 42.00 -34.39
C ASN E 147 70.68 40.68 -33.93
N THR E 148 69.82 40.79 -32.92
CA THR E 148 69.15 39.59 -32.39
C THR E 148 68.24 38.93 -33.42
N LEU E 149 67.45 39.79 -34.07
CA LEU E 149 66.59 39.35 -35.16
C LEU E 149 67.38 38.68 -36.26
N ALA E 150 68.50 39.33 -36.70
CA ALA E 150 69.25 38.72 -37.77
C ALA E 150 69.84 37.38 -37.40
N ALA E 151 70.30 37.25 -36.12
CA ALA E 151 70.93 36.03 -35.66
C ALA E 151 69.91 34.88 -35.48
N ASP E 152 68.74 35.20 -34.92
CA ASP E 152 67.69 34.18 -34.77
C ASP E 152 67.26 33.68 -36.13
N LYS E 153 66.98 34.63 -37.04
CA LYS E 153 66.58 34.33 -38.40
C LYS E 153 67.60 33.40 -39.05
N LYS E 154 68.90 33.74 -38.95
CA LYS E 154 69.93 32.95 -39.60
C LYS E 154 69.89 31.50 -39.15
N ALA E 155 69.77 31.30 -37.82
CA ALA E 155 69.78 29.94 -37.29
C ALA E 155 68.49 29.20 -37.65
N PHE E 156 67.36 29.88 -37.61
CA PHE E 156 66.08 29.29 -37.99
C PHE E 156 66.10 28.84 -39.46
N VAL E 157 66.74 29.65 -40.32
CA VAL E 157 66.87 29.28 -41.71
C VAL E 157 67.72 28.03 -41.85
N GLU E 158 68.79 27.89 -41.05
CA GLU E 158 69.60 26.68 -41.12
C GLU E 158 68.80 25.45 -40.69
N LEU E 159 67.95 25.61 -39.65
CA LEU E 159 67.10 24.49 -39.28
C LEU E 159 66.15 24.11 -40.40
N MET E 160 65.52 25.08 -41.06
CA MET E 160 64.59 24.80 -42.13
C MET E 160 65.32 24.19 -43.33
N LYS E 161 66.58 24.61 -43.55
CA LYS E 161 67.34 23.97 -44.60
C LYS E 161 67.60 22.51 -44.29
N TYR E 162 67.82 22.19 -43.01
CA TYR E 162 68.03 20.81 -42.64
C TYR E 162 66.78 20.01 -42.98
N LEU E 163 65.61 20.53 -42.59
CA LEU E 163 64.36 19.82 -42.87
C LEU E 163 64.12 19.71 -44.38
N ALA E 164 64.51 20.73 -45.14
CA ALA E 164 64.28 20.69 -46.58
C ALA E 164 65.10 19.57 -47.21
N LYS E 165 66.31 19.31 -46.71
CA LYS E 165 67.16 18.28 -47.31
C LYS E 165 66.96 16.90 -46.68
N ARG E 166 66.45 16.79 -45.43
CA ARG E 166 66.43 15.53 -44.73
C ARG E 166 65.02 15.10 -44.29
N ASP E 167 63.99 15.84 -44.64
CA ASP E 167 62.63 15.50 -44.21
C ASP E 167 61.64 15.65 -45.35
N LYS E 168 61.90 14.94 -46.47
CA LYS E 168 61.09 15.07 -47.66
C LYS E 168 59.66 14.54 -47.55
N ASP E 169 59.40 13.69 -46.57
CA ASP E 169 58.07 13.14 -46.38
C ASP E 169 57.35 13.94 -45.29
N HIS E 170 57.99 14.99 -44.75
CA HIS E 170 57.35 15.92 -43.81
C HIS E 170 56.94 15.16 -42.53
N THR E 171 57.88 14.48 -41.95
CA THR E 171 57.67 13.97 -40.60
C THR E 171 57.29 15.14 -39.71
N VAL E 172 58.03 16.25 -39.86
CA VAL E 172 57.68 17.50 -39.19
C VAL E 172 56.59 18.16 -39.97
N ILE E 173 55.42 18.38 -39.35
CA ILE E 173 54.24 18.92 -40.00
C ILE E 173 54.02 20.40 -39.69
N MET E 174 54.66 20.93 -38.63
CA MET E 174 54.42 22.31 -38.20
C MET E 174 55.60 22.71 -37.32
N VAL E 175 55.88 24.02 -37.26
CA VAL E 175 56.92 24.58 -36.41
C VAL E 175 56.36 25.74 -35.63
N GLN E 176 56.59 25.72 -34.29
CA GLN E 176 56.27 26.83 -33.41
C GLN E 176 57.48 27.76 -33.39
N VAL E 177 57.22 29.03 -33.68
CA VAL E 177 58.28 30.04 -33.73
C VAL E 177 58.33 30.74 -32.38
N GLN E 178 59.42 30.52 -31.61
CA GLN E 178 59.58 30.96 -30.25
C GLN E 178 58.64 30.17 -29.35
N ASN E 179 58.71 30.42 -28.06
CA ASN E 179 57.79 29.79 -27.11
C ASN E 179 57.36 30.82 -26.08
N GLU E 180 56.08 31.18 -26.07
CA GLU E 180 55.55 32.15 -25.10
C GLU E 180 56.38 33.44 -25.05
N VAL E 181 56.28 34.22 -26.12
CA VAL E 181 56.98 35.48 -26.22
C VAL E 181 56.37 36.48 -25.27
N GLY E 182 57.08 37.56 -25.08
CA GLY E 182 56.61 38.69 -24.29
C GLY E 182 57.57 39.05 -23.19
N THR E 183 57.11 39.88 -22.24
CA THR E 183 57.90 40.35 -21.12
C THR E 183 57.09 40.38 -19.84
N TYR E 184 57.64 39.75 -18.82
CA TYR E 184 57.16 39.88 -17.46
C TYR E 184 57.93 41.01 -16.76
N GLY E 185 57.18 41.86 -16.07
CA GLY E 185 57.81 42.89 -15.23
C GLY E 185 57.83 44.29 -15.83
N ALA E 186 57.46 44.43 -17.10
CA ALA E 186 57.41 45.72 -17.78
C ALA E 186 56.45 45.55 -18.95
N VAL E 187 55.88 46.66 -19.46
CA VAL E 187 54.91 46.60 -20.55
C VAL E 187 55.60 46.53 -21.90
N ARG E 188 56.75 47.22 -22.02
CA ARG E 188 57.52 47.31 -23.24
C ARG E 188 58.98 47.63 -22.92
N ASP E 189 59.80 47.75 -23.96
CA ASP E 189 61.18 48.25 -23.87
C ASP E 189 61.08 49.78 -23.78
N TYR E 190 61.71 50.33 -22.74
CA TYR E 190 61.82 51.79 -22.58
C TYR E 190 63.27 52.26 -22.80
N SER E 191 64.10 51.43 -23.44
CA SER E 191 65.46 51.83 -23.78
C SER E 191 65.41 53.06 -24.70
N PRO E 192 66.48 53.89 -24.74
CA PRO E 192 66.58 54.93 -25.76
C PRO E 192 66.28 54.50 -27.19
N MET E 193 66.74 53.33 -27.59
CA MET E 193 66.47 52.78 -28.91
C MET E 193 64.97 52.55 -29.13
N ALA E 194 64.32 51.92 -28.17
CA ALA E 194 62.88 51.69 -28.28
C ALA E 194 62.08 52.97 -28.21
N GLN E 195 62.44 53.88 -27.28
CA GLN E 195 61.71 55.15 -27.10
C GLN E 195 61.73 55.94 -28.41
N ALA E 196 62.83 55.89 -29.17
CA ALA E 196 62.91 56.56 -30.46
C ALA E 196 61.87 56.02 -31.43
N VAL E 197 61.65 54.70 -31.44
CA VAL E 197 60.63 54.13 -32.30
C VAL E 197 59.22 54.43 -31.76
N PHE E 198 59.01 54.41 -30.45
CA PHE E 198 57.73 54.71 -29.86
C PHE E 198 57.31 56.15 -30.23
N ASN E 199 58.29 57.05 -30.19
CA ASN E 199 57.96 58.48 -30.37
C ASN E 199 57.69 58.77 -31.83
N ALA E 200 58.04 57.86 -32.74
CA ALA E 200 57.86 58.01 -34.17
C ALA E 200 56.47 57.60 -34.62
N ALA E 201 56.22 57.82 -35.92
CA ALA E 201 54.94 57.50 -36.52
C ALA E 201 54.67 56.00 -36.36
N VAL E 202 53.40 55.67 -36.12
CA VAL E 202 52.96 54.29 -36.23
C VAL E 202 53.10 53.93 -37.70
N PRO E 203 53.69 52.77 -38.08
CA PRO E 203 53.79 52.36 -39.47
C PRO E 203 52.46 52.39 -40.21
N ASP E 204 52.52 52.85 -41.46
CA ASP E 204 51.35 53.06 -42.32
C ASP E 204 50.57 51.76 -42.50
N ASP E 205 51.27 50.63 -42.62
CA ASP E 205 50.56 49.38 -42.92
C ASP E 205 49.59 49.07 -41.78
N LEU E 206 50.01 49.32 -40.53
CA LEU E 206 49.17 49.00 -39.39
C LEU E 206 48.00 49.98 -39.28
N ILE E 207 48.27 51.25 -39.57
CA ILE E 207 47.23 52.26 -39.58
C ILE E 207 46.17 51.89 -40.61
N GLN E 208 46.57 51.45 -41.81
CA GLN E 208 45.65 51.12 -42.91
C GLN E 208 44.83 49.86 -42.57
N LYS E 209 45.48 48.81 -42.05
CA LYS E 209 44.77 47.60 -41.70
C LYS E 209 43.75 47.80 -40.58
N LEU E 210 44.07 48.64 -39.61
CA LEU E 210 43.19 48.89 -38.48
C LEU E 210 42.22 50.06 -38.77
N GLN E 211 42.35 50.68 -39.95
CA GLN E 211 41.47 51.79 -40.34
C GLN E 211 41.50 52.90 -39.31
N LEU E 212 42.71 53.35 -38.94
CA LEU E 212 42.92 54.38 -37.93
C LEU E 212 43.45 55.62 -38.66
N LYS E 213 43.55 56.68 -37.87
CA LYS E 213 44.11 57.94 -38.29
C LYS E 213 45.60 57.94 -37.95
N PRO E 214 46.46 58.43 -38.86
CA PRO E 214 47.90 58.44 -38.63
C PRO E 214 48.29 59.24 -37.39
N GLY E 215 49.46 58.88 -36.84
CA GLY E 215 49.96 59.51 -35.63
C GLY E 215 51.13 58.68 -35.06
N THR E 216 51.71 59.19 -33.99
CA THR E 216 52.68 58.45 -33.19
C THR E 216 51.93 57.41 -32.37
N TRP E 217 52.67 56.47 -31.77
CA TRP E 217 52.06 55.45 -30.93
C TRP E 217 51.16 56.07 -29.87
N SER E 218 51.64 57.06 -29.13
CA SER E 218 50.84 57.60 -28.05
C SER E 218 49.59 58.28 -28.63
N GLN E 219 49.74 58.97 -29.77
CA GLN E 219 48.57 59.67 -30.31
C GLN E 219 47.51 58.67 -30.77
N VAL E 220 47.95 57.59 -31.43
CA VAL E 220 47.01 56.66 -32.04
C VAL E 220 46.35 55.78 -31.00
N PHE E 221 47.10 55.33 -29.97
CA PHE E 221 46.60 54.25 -29.14
C PHE E 221 46.38 54.64 -27.68
N GLY E 222 46.80 55.84 -27.25
CA GLY E 222 46.47 56.29 -25.90
C GLY E 222 47.00 55.39 -24.79
N ARG E 223 46.12 55.00 -23.87
CA ARG E 223 46.40 54.17 -22.72
C ARG E 223 46.88 52.80 -23.18
N ASP E 224 46.63 52.39 -24.43
CA ASP E 224 47.07 51.08 -24.88
C ASP E 224 48.39 51.17 -25.64
N ALA E 225 49.00 52.35 -25.73
CA ALA E 225 50.15 52.50 -26.61
C ALA E 225 51.34 51.60 -26.19
N ASP E 226 51.69 51.55 -24.92
CA ASP E 226 52.88 50.80 -24.49
C ASP E 226 52.71 49.32 -24.84
N GLU E 227 51.55 48.76 -24.48
CA GLU E 227 51.31 47.33 -24.69
C GLU E 227 51.15 47.01 -26.17
N PHE E 228 50.41 47.83 -26.93
CA PHE E 228 50.26 47.54 -28.33
C PHE E 228 51.57 47.66 -29.11
N PHE E 229 52.41 48.62 -28.71
CA PHE E 229 53.74 48.75 -29.29
C PHE E 229 54.59 47.48 -29.10
N HIS E 230 54.62 46.98 -27.87
CA HIS E 230 55.41 45.78 -27.61
C HIS E 230 54.86 44.62 -28.42
N ALA E 231 53.54 44.45 -28.46
CA ALA E 231 52.95 43.38 -29.24
C ALA E 231 53.28 43.52 -30.70
N TYR E 232 53.17 44.76 -31.25
CA TYR E 232 53.51 44.97 -32.63
C TYR E 232 54.98 44.63 -32.94
N GLN E 233 55.88 45.11 -32.08
CA GLN E 233 57.30 44.87 -32.35
C GLN E 233 57.66 43.38 -32.25
N ILE E 234 57.05 42.67 -31.29
CA ILE E 234 57.31 41.23 -31.22
C ILE E 234 56.70 40.49 -32.40
N ALA E 235 55.45 40.82 -32.76
CA ALA E 235 54.80 40.23 -33.91
C ALA E 235 55.61 40.41 -35.19
N ARG E 236 56.17 41.60 -35.39
CA ARG E 236 56.98 41.83 -36.58
C ARG E 236 58.24 40.94 -36.56
N TYR E 237 58.85 40.83 -35.37
CA TYR E 237 60.06 40.02 -35.23
C TYR E 237 59.76 38.59 -35.61
N CYS E 238 58.68 38.07 -35.00
CA CYS E 238 58.26 36.69 -35.23
C CYS E 238 57.85 36.42 -36.69
N ASP E 239 57.20 37.41 -37.30
CA ASP E 239 56.79 37.31 -38.70
C ASP E 239 58.01 37.29 -39.63
N GLU E 240 59.05 38.07 -39.32
CA GLU E 240 60.27 38.08 -40.14
C GLU E 240 60.99 36.75 -40.06
N VAL E 241 61.08 36.18 -38.84
CA VAL E 241 61.69 34.84 -38.71
C VAL E 241 60.90 33.83 -39.53
N THR E 242 59.56 33.85 -39.38
CA THR E 242 58.64 32.93 -40.05
C THR E 242 58.83 33.01 -41.58
N VAL E 243 58.82 34.23 -42.12
CA VAL E 243 58.99 34.42 -43.57
C VAL E 243 60.30 33.82 -44.05
N ALA E 244 61.38 34.09 -43.32
CA ALA E 244 62.68 33.59 -43.71
C ALA E 244 62.67 32.08 -43.78
N GLY E 245 62.10 31.41 -42.73
CA GLY E 245 62.10 29.99 -42.74
C GLY E 245 61.17 29.41 -43.80
N LYS E 246 60.00 30.02 -44.02
CA LYS E 246 59.06 29.54 -44.99
C LYS E 246 59.64 29.60 -46.42
N ALA E 247 60.52 30.58 -46.65
CA ALA E 247 61.17 30.69 -47.95
C ALA E 247 62.03 29.46 -48.25
N ILE E 248 62.54 28.80 -47.21
CA ILE E 248 63.28 27.59 -47.34
C ILE E 248 62.31 26.41 -47.51
N LYS E 249 61.42 26.23 -46.53
CA LYS E 249 60.41 25.17 -46.59
C LYS E 249 59.11 25.71 -46.00
N ASN E 250 58.05 25.75 -46.82
CA ASN E 250 56.82 26.44 -46.47
C ASN E 250 55.90 25.57 -45.61
N LEU E 251 56.39 25.17 -44.44
CA LEU E 251 55.55 24.48 -43.43
C LEU E 251 54.63 25.50 -42.79
N PRO E 252 53.49 25.06 -42.21
CA PRO E 252 52.72 25.88 -41.30
C PRO E 252 53.55 26.21 -40.05
N MET E 253 53.37 27.45 -39.58
CA MET E 253 54.13 27.95 -38.45
C MET E 253 53.21 28.79 -37.57
N TYR E 254 53.39 28.66 -36.26
CA TYR E 254 52.48 29.31 -35.33
C TYR E 254 53.23 29.84 -34.10
N VAL E 255 52.52 30.63 -33.28
CA VAL E 255 53.01 31.12 -32.01
C VAL E 255 52.06 30.72 -30.90
N ASN E 256 52.59 30.43 -29.73
CA ASN E 256 51.83 29.98 -28.55
C ASN E 256 51.82 31.06 -27.45
N VAL E 257 50.66 31.23 -26.81
CA VAL E 257 50.45 32.39 -25.95
C VAL E 257 50.38 31.99 -24.47
N ALA E 258 51.23 32.67 -23.66
CA ALA E 258 51.07 32.71 -22.21
C ALA E 258 49.86 33.61 -21.91
N LEU E 259 48.73 32.99 -21.60
CA LEU E 259 47.45 33.67 -21.57
C LEU E 259 47.37 34.59 -20.36
N ARG E 260 46.63 35.69 -20.56
CA ARG E 260 46.06 36.42 -19.45
C ARG E 260 44.71 35.80 -19.13
N ASN E 261 44.31 35.93 -17.86
CA ASN E 261 43.01 35.49 -17.42
C ASN E 261 41.96 36.30 -18.14
N PRO E 262 41.01 35.69 -18.87
CA PRO E 262 40.12 36.48 -19.70
C PRO E 262 39.14 37.31 -18.85
N PHE E 263 38.83 36.85 -17.67
CA PHE E 263 37.86 37.52 -16.82
C PHE E 263 38.47 38.57 -15.87
N ASN E 264 39.76 38.45 -15.56
CA ASN E 264 40.40 39.24 -14.51
C ASN E 264 41.89 39.27 -14.84
N PRO E 265 42.29 39.91 -15.94
CA PRO E 265 43.66 39.78 -16.49
C PRO E 265 44.79 40.37 -15.67
N GLY E 266 44.48 41.39 -14.87
CA GLY E 266 45.52 42.24 -14.34
C GLY E 266 46.17 43.05 -15.44
N LEU E 267 47.34 43.60 -15.13
CA LEU E 267 48.02 44.52 -16.03
C LEU E 267 49.06 43.79 -16.86
N PRO E 268 49.35 44.30 -18.07
CA PRO E 268 50.47 43.79 -18.85
C PRO E 268 51.76 43.97 -18.07
N GLY E 269 52.57 42.90 -18.09
CA GLY E 269 53.75 42.78 -17.28
C GLY E 269 53.55 41.92 -16.04
N GLN E 270 52.31 41.89 -15.49
CA GLN E 270 51.90 40.83 -14.60
C GLN E 270 51.68 39.56 -15.41
N TYR E 271 50.85 39.65 -16.48
CA TYR E 271 50.90 38.65 -17.53
C TYR E 271 52.01 39.05 -18.50
N SER E 272 52.33 38.15 -19.41
CA SER E 272 53.42 38.35 -20.36
C SER E 272 53.03 39.35 -21.43
N SER E 273 53.50 40.60 -21.26
CA SER E 273 53.13 41.69 -22.17
C SER E 273 53.67 41.43 -23.58
N GLY E 274 52.88 41.64 -24.63
CA GLY E 274 53.32 41.64 -26.00
C GLY E 274 53.04 40.31 -26.71
N GLY E 275 52.77 39.25 -25.93
CA GLY E 275 52.30 38.03 -26.56
C GLY E 275 50.91 38.20 -27.13
N GLY E 276 50.39 37.17 -27.80
CA GLY E 276 49.09 37.26 -28.45
C GLY E 276 47.90 37.06 -27.48
N THR E 277 47.85 37.91 -26.48
CA THR E 277 46.76 37.91 -25.53
C THR E 277 45.50 38.50 -26.21
N ASP E 278 44.35 38.21 -25.61
CA ASP E 278 43.09 38.37 -26.34
C ASP E 278 42.88 39.83 -26.75
N ASN E 279 43.45 40.76 -26.00
CA ASN E 279 43.29 42.19 -26.26
C ASN E 279 44.20 42.71 -27.38
N VAL E 280 45.15 41.89 -27.90
CA VAL E 280 46.10 42.32 -28.94
C VAL E 280 46.09 41.37 -30.11
N LEU E 281 45.10 40.49 -30.23
CA LEU E 281 44.99 39.62 -31.38
C LEU E 281 44.88 40.44 -32.64
N HIS E 282 44.19 41.60 -32.57
CA HIS E 282 44.06 42.39 -33.79
C HIS E 282 45.39 42.98 -34.23
N ILE E 283 46.24 43.34 -33.28
CA ILE E 283 47.58 43.83 -33.57
C ILE E 283 48.39 42.72 -34.21
N TRP E 284 48.41 41.53 -33.55
CA TRP E 284 49.12 40.40 -34.12
C TRP E 284 48.68 40.01 -35.52
N LYS E 285 47.36 40.01 -35.79
CA LYS E 285 46.91 39.56 -37.09
C LYS E 285 47.28 40.59 -38.17
N ALA E 286 47.30 41.86 -37.80
CA ALA E 286 47.67 42.92 -38.73
C ALA E 286 49.19 42.90 -38.99
N ALA E 287 49.99 42.67 -37.93
CA ALA E 287 51.44 42.82 -38.01
C ALA E 287 52.11 41.58 -38.60
N ALA E 288 51.51 40.38 -38.42
CA ALA E 288 52.19 39.15 -38.74
C ALA E 288 51.32 38.31 -39.65
N PRO E 289 51.12 38.73 -40.92
CA PRO E 289 50.27 37.94 -41.80
C PRO E 289 50.85 36.60 -42.23
N ASN E 290 52.15 36.35 -41.99
CA ASN E 290 52.76 35.10 -42.41
C ASN E 290 52.67 34.02 -41.32
N ILE E 291 52.25 34.40 -40.12
CA ILE E 291 52.08 33.41 -39.04
C ILE E 291 50.68 32.80 -39.23
N ASP E 292 50.62 31.46 -39.25
CA ASP E 292 49.40 30.78 -39.63
C ASP E 292 48.31 30.93 -38.56
N LEU E 293 48.66 30.75 -37.30
CA LEU E 293 47.66 30.86 -36.24
C LEU E 293 48.33 31.22 -34.91
N ILE E 294 47.54 31.70 -33.94
CA ILE E 294 47.96 32.06 -32.60
C ILE E 294 47.27 31.11 -31.66
N ALA E 295 48.05 30.31 -30.94
CA ALA E 295 47.55 29.16 -30.19
C ALA E 295 47.53 29.42 -28.71
N PRO E 296 46.41 29.21 -28.00
CA PRO E 296 46.42 29.36 -26.56
C PRO E 296 47.05 28.20 -25.80
N ASP E 297 47.80 28.56 -24.77
CA ASP E 297 48.42 27.65 -23.82
C ASP E 297 47.57 27.65 -22.57
N ILE E 298 46.91 26.55 -22.21
CA ILE E 298 45.86 26.58 -21.19
C ILE E 298 46.26 25.79 -19.92
N TYR E 299 46.42 26.50 -18.80
CA TYR E 299 46.63 25.87 -17.50
C TYR E 299 45.52 26.25 -16.51
N PHE E 300 44.49 26.97 -16.98
CA PHE E 300 43.25 27.11 -16.21
C PHE E 300 42.55 25.75 -16.19
N ARG E 301 42.05 25.35 -15.02
N ARG E 301 42.09 25.31 -15.01
CA ARG E 301 41.45 24.04 -14.82
CA ARG E 301 41.45 24.00 -14.85
C ARG E 301 39.92 24.07 -14.93
C ARG E 301 39.93 24.07 -14.96
N ASP E 302 39.35 25.25 -14.69
CA ASP E 302 37.91 25.35 -14.49
C ASP E 302 37.20 25.59 -15.82
N TYR E 303 36.06 24.90 -15.95
CA TYR E 303 35.32 24.87 -17.18
C TYR E 303 34.98 26.27 -17.70
N LYS E 304 34.53 27.19 -16.85
CA LYS E 304 34.11 28.47 -17.35
C LYS E 304 35.26 29.25 -18.03
N THR E 305 36.42 29.21 -17.38
CA THR E 305 37.55 29.97 -17.90
C THR E 305 38.13 29.30 -19.15
N VAL E 306 38.25 27.97 -19.12
CA VAL E 306 38.72 27.26 -20.31
C VAL E 306 37.79 27.52 -21.47
N SER E 307 36.46 27.41 -21.24
CA SER E 307 35.50 27.64 -22.31
C SER E 307 35.66 29.00 -22.94
N LYS E 308 35.86 30.02 -22.10
CA LYS E 308 36.04 31.37 -22.59
C LYS E 308 37.29 31.52 -23.44
N VAL E 309 38.39 30.93 -22.99
CA VAL E 309 39.59 30.93 -23.83
C VAL E 309 39.35 30.29 -25.19
N LEU E 310 38.68 29.13 -25.23
CA LEU E 310 38.43 28.50 -26.50
C LEU E 310 37.58 29.41 -27.38
N GLU E 311 36.64 30.13 -26.81
CA GLU E 311 35.78 31.03 -27.57
C GLU E 311 36.58 32.18 -28.17
N LEU E 312 37.47 32.78 -27.36
CA LEU E 312 38.24 33.94 -27.80
C LEU E 312 39.25 33.58 -28.88
N TYR E 313 39.83 32.39 -28.84
CA TYR E 313 40.88 32.05 -29.78
C TYR E 313 40.32 31.40 -31.03
N THR E 314 39.03 31.02 -31.05
CA THR E 314 38.43 30.43 -32.23
C THR E 314 37.77 31.55 -33.03
N ARG E 315 38.34 31.91 -34.18
CA ARG E 315 37.87 33.09 -34.93
C ARG E 315 37.87 32.75 -36.40
N PRO E 316 37.09 33.48 -37.24
CA PRO E 316 37.22 33.26 -38.68
C PRO E 316 38.64 33.44 -39.22
N ASP E 317 39.44 34.27 -38.53
CA ASP E 317 40.83 34.46 -38.95
C ASP E 317 41.83 33.70 -38.08
N ASN E 318 41.35 32.77 -37.23
CA ASN E 318 42.29 32.05 -36.35
C ASN E 318 41.83 30.62 -36.10
N ALA E 319 42.53 29.65 -36.67
CA ALA E 319 42.27 28.26 -36.38
C ALA E 319 42.59 28.00 -34.91
N LEU E 320 41.86 27.11 -34.27
CA LEU E 320 42.10 26.73 -32.87
C LEU E 320 43.05 25.55 -32.78
N PHE E 321 44.15 25.77 -32.06
CA PHE E 321 45.10 24.72 -31.71
C PHE E 321 45.47 24.91 -30.26
N VAL E 322 45.13 23.97 -29.38
CA VAL E 322 45.53 24.04 -27.99
C VAL E 322 46.96 23.49 -27.89
N ALA E 323 47.92 24.40 -27.92
CA ALA E 323 49.31 24.03 -28.11
C ALA E 323 49.96 23.57 -26.81
N GLU E 324 49.31 23.86 -25.69
CA GLU E 324 49.81 23.37 -24.41
C GLU E 324 48.57 23.28 -23.56
N ILE E 325 48.43 22.19 -22.80
CA ILE E 325 47.42 22.11 -21.77
C ILE E 325 47.96 21.24 -20.67
N GLY E 326 47.42 21.39 -19.48
CA GLY E 326 47.90 20.58 -18.36
C GLY E 326 47.58 19.09 -18.55
N ASN E 327 48.34 18.26 -17.82
CA ASN E 327 48.22 16.83 -17.90
C ASN E 327 47.56 16.19 -16.69
N ASP E 328 46.98 16.97 -15.82
CA ASP E 328 46.16 16.44 -14.75
C ASP E 328 44.80 16.04 -15.30
N GLN E 329 44.13 15.20 -14.54
CA GLN E 329 42.90 14.53 -14.99
C GLN E 329 41.85 15.53 -15.49
N PRO E 330 41.61 16.68 -14.83
CA PRO E 330 40.52 17.54 -15.26
C PRO E 330 40.65 18.07 -16.69
N PHE E 331 41.88 18.12 -17.20
CA PHE E 331 42.09 18.72 -18.51
C PHE E 331 41.70 17.84 -19.69
N ALA E 332 41.63 16.53 -19.50
CA ALA E 332 41.41 15.59 -20.60
C ALA E 332 40.12 15.87 -21.36
N ARG E 333 39.05 16.20 -20.63
CA ARG E 333 37.76 16.36 -21.27
C ARG E 333 37.71 17.58 -22.17
N TYR E 334 38.65 18.54 -22.03
CA TYR E 334 38.62 19.71 -22.89
C TYR E 334 39.01 19.38 -24.33
N LEU E 335 39.41 18.14 -24.61
CA LEU E 335 39.53 17.72 -26.00
C LEU E 335 38.20 17.86 -26.74
N PHE E 336 37.09 17.57 -26.06
CA PHE E 336 35.81 17.51 -26.78
C PHE E 336 35.39 18.88 -27.27
N PRO E 337 35.34 19.95 -26.43
CA PRO E 337 34.98 21.25 -26.96
C PRO E 337 36.01 21.81 -27.93
N THR E 338 37.29 21.46 -27.72
CA THR E 338 38.33 21.85 -28.67
C THR E 338 37.97 21.36 -30.06
N LEU E 339 37.67 20.07 -30.19
CA LEU E 339 37.33 19.48 -31.49
C LEU E 339 35.98 19.99 -31.96
N GLY E 340 35.03 20.22 -31.04
CA GLY E 340 33.73 20.75 -31.40
C GLY E 340 33.75 22.13 -32.02
N LYS E 341 34.76 22.94 -31.68
CA LYS E 341 34.92 24.27 -32.24
C LYS E 341 35.62 24.20 -33.59
N GLY E 342 35.97 23.05 -34.05
CA GLY E 342 36.73 22.90 -35.29
C GLY E 342 38.23 22.99 -35.06
N GLY E 343 38.65 22.71 -33.84
CA GLY E 343 40.08 22.75 -33.52
C GLY E 343 40.89 21.71 -34.28
N ILE E 344 42.14 22.08 -34.60
CA ILE E 344 43.00 21.23 -35.36
C ILE E 344 43.89 20.35 -34.48
N GLY E 345 43.87 20.55 -33.15
CA GLY E 345 44.76 19.79 -32.30
C GLY E 345 44.74 20.21 -30.85
N PHE E 346 45.44 19.39 -30.06
CA PHE E 346 45.40 19.40 -28.59
C PHE E 346 46.68 18.76 -28.11
N SER E 347 47.46 19.41 -27.24
CA SER E 347 48.78 18.94 -26.90
C SER E 347 49.07 19.08 -25.41
N PRO E 348 48.73 18.05 -24.61
CA PRO E 348 49.03 18.02 -23.19
C PRO E 348 50.55 18.06 -22.95
N PHE E 349 50.94 18.84 -21.96
CA PHE E 349 52.32 19.09 -21.61
C PHE E 349 52.86 18.14 -20.56
N GLY E 350 54.14 17.82 -20.68
CA GLY E 350 54.83 17.08 -19.63
C GLY E 350 54.62 15.58 -19.77
N MET E 351 54.40 15.08 -20.98
CA MET E 351 54.14 13.67 -21.18
C MET E 351 55.44 12.86 -21.39
N ASP E 352 56.29 12.85 -20.36
CA ASP E 352 57.49 12.05 -20.44
C ASP E 352 57.93 11.64 -19.04
N ASP E 353 58.85 10.68 -18.97
CA ASP E 353 59.29 10.10 -17.71
C ASP E 353 60.68 10.59 -17.33
N THR E 354 60.94 11.88 -17.52
CA THR E 354 62.25 12.46 -17.25
C THR E 354 62.38 13.05 -15.82
N ASP E 355 61.52 12.65 -14.92
CA ASP E 355 61.64 12.93 -13.51
C ASP E 355 61.43 14.41 -13.23
N TYR E 356 60.32 14.93 -13.74
CA TYR E 356 59.92 16.28 -13.44
C TYR E 356 58.41 16.36 -13.52
N THR E 357 57.81 17.12 -12.57
N THR E 357 57.81 17.13 -12.58
CA THR E 357 56.41 17.50 -12.62
CA THR E 357 56.42 17.54 -12.73
C THR E 357 56.30 18.98 -12.33
C THR E 357 56.31 18.99 -12.35
N ASN E 358 55.49 19.71 -13.12
CA ASN E 358 55.23 21.12 -12.85
C ASN E 358 54.01 21.30 -11.95
N TYR E 359 53.57 20.23 -11.28
CA TYR E 359 52.61 20.44 -10.21
C TYR E 359 53.02 21.62 -9.36
N PRO E 360 52.12 22.56 -8.95
CA PRO E 360 50.67 22.45 -9.10
C PRO E 360 49.98 22.77 -10.43
N LEU E 361 50.72 23.07 -11.48
CA LEU E 361 50.10 23.26 -12.79
C LEU E 361 49.54 21.95 -13.33
N GLY E 362 50.38 20.91 -13.46
CA GLY E 362 49.97 19.61 -13.93
C GLY E 362 49.86 18.57 -12.84
N ALA E 363 49.92 17.30 -13.25
CA ALA E 363 49.67 16.21 -12.33
C ALA E 363 50.77 16.12 -11.27
N LYS E 364 50.37 15.79 -10.06
CA LYS E 364 51.30 15.60 -8.96
C LYS E 364 52.20 14.38 -9.20
N VAL E 365 51.57 13.27 -9.61
CA VAL E 365 52.28 12.02 -9.92
C VAL E 365 52.10 11.70 -11.40
N TYR E 366 53.22 11.47 -12.10
CA TYR E 366 53.19 11.07 -13.48
C TYR E 366 53.37 9.57 -13.54
N ASN E 367 52.28 8.87 -13.82
CA ASN E 367 52.32 7.43 -13.94
C ASN E 367 51.35 6.96 -15.03
N ASP E 368 51.18 5.64 -15.16
CA ASP E 368 50.33 5.07 -16.16
C ASP E 368 48.91 5.62 -16.05
N GLU E 369 48.41 5.86 -14.83
CA GLU E 369 47.06 6.35 -14.69
C GLU E 369 46.93 7.78 -15.22
N THR E 370 47.95 8.61 -15.01
CA THR E 370 47.97 9.96 -15.56
C THR E 370 47.79 9.91 -17.07
N ILE E 371 48.58 9.05 -17.74
CA ILE E 371 48.49 8.97 -19.19
C ILE E 371 47.17 8.40 -19.66
N GLU E 372 46.63 7.45 -18.90
CA GLU E 372 45.42 6.76 -19.30
C GLU E 372 44.23 7.74 -19.39
N GLN E 373 44.20 8.82 -18.59
CA GLN E 373 43.09 9.74 -18.70
C GLN E 373 42.98 10.31 -20.13
N PHE E 374 44.16 10.57 -20.73
CA PHE E 374 44.20 11.10 -22.07
C PHE E 374 44.04 9.98 -23.08
N ALA E 375 44.65 8.83 -22.83
CA ALA E 375 44.47 7.71 -23.71
C ALA E 375 43.01 7.38 -23.96
N GLN E 376 42.20 7.46 -22.91
CA GLN E 376 40.81 7.06 -23.06
C GLN E 376 40.05 8.02 -23.96
N VAL E 377 40.36 9.33 -23.95
CA VAL E 377 39.66 10.23 -24.84
C VAL E 377 40.27 10.22 -26.25
N TYR E 378 41.59 9.97 -26.38
CA TYR E 378 42.16 9.87 -27.72
C TYR E 378 41.65 8.61 -28.48
N ARG E 379 41.29 7.57 -27.75
CA ARG E 379 40.74 6.34 -28.33
C ARG E 379 39.39 6.56 -28.99
N LEU E 380 38.66 7.60 -28.62
CA LEU E 380 37.40 7.94 -29.28
C LEU E 380 37.65 8.51 -30.68
N VAL E 381 38.77 9.24 -30.83
CA VAL E 381 39.01 10.03 -32.03
C VAL E 381 39.92 9.30 -33.00
N ASN E 382 40.98 8.71 -32.51
CA ASN E 382 41.91 7.97 -33.38
C ASN E 382 41.24 7.10 -34.45
N PRO E 383 40.22 6.29 -34.15
CA PRO E 383 39.67 5.39 -35.17
C PRO E 383 38.95 6.13 -36.29
N MET E 384 38.58 7.41 -36.10
CA MET E 384 37.90 8.19 -37.12
C MET E 384 38.63 9.49 -37.44
N MET E 385 39.93 9.55 -37.13
CA MET E 385 40.60 10.86 -37.15
C MET E 385 40.43 11.60 -38.49
N ARG E 386 40.70 10.88 -39.60
CA ARG E 386 40.64 11.54 -40.89
C ARG E 386 39.21 11.92 -41.26
N GLU E 387 38.24 11.04 -40.93
CA GLU E 387 36.86 11.34 -41.24
C GLU E 387 36.35 12.53 -40.43
N TRP E 388 36.63 12.55 -39.10
CA TRP E 388 36.28 13.68 -38.25
C TRP E 388 36.94 14.96 -38.77
N ALA E 389 38.21 14.88 -39.16
CA ALA E 389 38.92 16.09 -39.59
C ALA E 389 38.25 16.74 -40.82
N ARG E 390 37.76 15.88 -41.68
CA ARG E 390 37.10 16.33 -42.91
C ARG E 390 35.74 16.94 -42.59
N LEU E 391 34.97 16.28 -41.71
CA LEU E 391 33.67 16.79 -41.32
C LEU E 391 33.78 18.12 -40.59
N SER E 392 34.79 18.25 -39.73
N SER E 392 34.89 18.26 -39.81
CA SER E 392 34.98 19.52 -39.07
CA SER E 392 35.21 19.43 -39.00
C SER E 392 35.22 20.64 -40.09
C SER E 392 35.76 20.61 -39.81
N TYR E 393 36.06 20.39 -41.09
CA TYR E 393 36.39 21.48 -42.02
C TYR E 393 35.19 21.82 -42.93
N GLN E 394 34.55 20.75 -43.45
CA GLN E 394 33.65 20.72 -44.61
C GLN E 394 32.21 20.82 -44.16
N GLY E 395 31.95 20.34 -42.94
CA GLY E 395 30.59 20.19 -42.46
C GLY E 395 30.35 20.77 -41.07
N GLN E 396 29.43 20.08 -40.36
CA GLN E 396 28.98 20.56 -39.09
C GLN E 396 29.36 19.49 -38.07
N VAL E 397 30.11 20.01 -37.12
CA VAL E 397 30.47 19.28 -35.89
C VAL E 397 30.12 20.08 -34.66
N TRP E 398 30.00 19.32 -33.53
CA TRP E 398 29.74 19.84 -32.20
C TRP E 398 30.58 19.01 -31.20
N GLY E 399 30.89 19.62 -30.08
CA GLY E 399 31.61 18.94 -29.02
C GLY E 399 31.39 19.64 -27.70
N VAL E 400 31.16 18.86 -26.63
CA VAL E 400 30.89 19.43 -25.32
C VAL E 400 31.66 18.62 -24.25
N ALA E 401 32.01 19.28 -23.15
CA ALA E 401 32.58 18.67 -21.97
C ALA E 401 31.61 18.87 -20.79
N GLU E 402 31.78 18.00 -19.81
CA GLU E 402 31.05 18.07 -18.54
C GLU E 402 31.27 19.44 -17.91
N PRO E 403 30.20 20.23 -17.68
CA PRO E 403 30.34 21.64 -17.40
C PRO E 403 30.45 22.04 -15.94
N LEU E 404 30.40 21.12 -15.02
CA LEU E 404 30.74 21.41 -13.64
C LEU E 404 32.06 20.74 -13.34
N ASP E 405 32.88 21.46 -12.58
CA ASP E 405 34.13 20.89 -12.13
C ASP E 405 33.86 19.98 -10.93
N SER E 406 34.85 19.19 -10.56
CA SER E 406 34.68 18.27 -9.43
C SER E 406 34.32 19.08 -8.17
N THR E 407 33.45 18.48 -7.37
CA THR E 407 33.02 19.07 -6.10
C THR E 407 34.22 19.17 -5.16
N THR E 408 34.46 20.37 -4.62
CA THR E 408 35.58 20.66 -3.75
C THR E 408 35.29 20.18 -2.31
N GLU E 409 36.38 20.14 -1.49
CA GLU E 409 36.30 19.78 -0.07
C GLU E 409 35.40 20.79 0.67
N THR E 410 35.59 22.08 0.33
CA THR E 410 34.74 23.19 0.76
C THR E 410 33.27 22.85 0.55
N GLN E 411 32.88 22.38 -0.66
CA GLN E 411 31.48 22.10 -0.99
C GLN E 411 31.02 20.75 -0.41
N LYS E 412 31.92 19.77 -0.24
CA LYS E 412 31.55 18.54 0.46
C LYS E 412 30.98 18.90 1.84
N ILE E 413 31.54 19.94 2.49
CA ILE E 413 31.18 20.29 3.86
C ILE E 413 29.78 20.92 3.87
N TRP E 414 29.51 21.87 2.98
CA TRP E 414 28.16 22.42 2.85
C TRP E 414 27.12 21.32 2.63
N ASN E 415 27.44 20.34 1.78
CA ASN E 415 26.43 19.36 1.42
C ASN E 415 25.97 18.61 2.66
N ALA E 416 26.89 18.39 3.61
CA ALA E 416 26.61 17.57 4.78
C ALA E 416 25.93 18.39 5.88
N GLU E 417 25.89 19.72 5.71
CA GLU E 417 25.28 20.60 6.69
C GLU E 417 23.87 20.96 6.21
N ALA E 418 23.69 20.99 4.89
CA ALA E 418 22.47 21.47 4.29
C ALA E 418 21.23 20.83 4.93
N THR E 419 20.12 21.59 4.94
CA THR E 419 18.80 21.07 5.31
C THR E 419 18.32 20.11 4.22
N PRO E 420 17.32 19.24 4.50
CA PRO E 420 16.75 18.37 3.45
C PRO E 420 16.23 19.09 2.20
N GLU E 421 15.62 20.27 2.37
CA GLU E 421 15.05 21.01 1.24
C GLU E 421 16.17 21.67 0.44
N GLU E 422 17.24 22.07 1.12
CA GLU E 422 18.36 22.71 0.45
C GLU E 422 19.11 21.68 -0.41
N LYS E 423 19.16 20.43 0.07
CA LYS E 423 19.91 19.37 -0.60
C LYS E 423 19.18 19.00 -1.89
N GLU E 424 17.85 18.91 -1.83
CA GLU E 424 17.05 18.57 -2.99
C GLU E 424 17.16 19.70 -4.02
N GLN E 425 17.21 20.96 -3.57
CA GLN E 425 17.29 22.08 -4.50
C GLN E 425 18.67 22.08 -5.17
N HIS E 426 19.71 21.82 -4.38
CA HIS E 426 21.06 21.73 -4.88
C HIS E 426 21.15 20.61 -5.94
N LYS E 427 20.52 19.46 -5.69
CA LYS E 427 20.59 18.35 -6.63
C LYS E 427 19.89 18.72 -7.95
N LYS E 428 18.73 19.38 -7.82
CA LYS E 428 17.96 19.87 -8.94
C LYS E 428 18.81 20.83 -9.77
N ASP E 429 19.51 21.76 -9.09
CA ASP E 429 20.26 22.78 -9.75
C ASP E 429 21.45 22.13 -10.45
N ARG E 430 22.11 21.18 -9.79
CA ARG E 430 23.22 20.49 -10.46
C ARG E 430 22.73 19.71 -11.69
N ALA E 431 21.58 19.04 -11.60
CA ALA E 431 21.05 18.24 -12.70
C ALA E 431 20.81 19.15 -13.91
N SER E 432 20.25 20.35 -13.73
CA SER E 432 20.03 21.25 -14.85
C SER E 432 21.38 21.71 -15.44
N ALA E 433 22.35 21.99 -14.57
CA ALA E 433 23.64 22.49 -15.06
C ALA E 433 24.39 21.38 -15.82
N LEU E 434 24.07 20.13 -15.51
CA LEU E 434 24.74 18.97 -16.12
C LEU E 434 23.94 18.46 -17.32
N THR E 435 23.03 19.28 -17.86
CA THR E 435 22.24 19.01 -19.04
C THR E 435 22.56 20.05 -20.10
N GLN E 436 23.13 19.65 -21.24
CA GLN E 436 23.49 20.53 -22.31
C GLN E 436 22.61 20.26 -23.54
N GLN E 437 22.21 21.34 -24.24
CA GLN E 437 21.38 21.21 -25.44
C GLN E 437 22.18 21.63 -26.67
N LEU E 438 22.12 20.84 -27.72
CA LEU E 438 22.78 21.15 -28.99
C LEU E 438 21.72 21.17 -30.10
N ASP E 439 21.74 22.21 -30.93
CA ASP E 439 20.84 22.38 -32.08
C ASP E 439 21.50 21.83 -33.33
N LEU E 440 21.01 20.67 -33.75
CA LEU E 440 21.61 19.93 -34.83
C LEU E 440 20.81 20.06 -36.14
N GLY E 441 20.00 21.10 -36.26
CA GLY E 441 19.23 21.31 -37.47
C GLY E 441 17.76 20.92 -37.25
N LEU E 442 17.35 19.77 -37.81
CA LEU E 442 15.98 19.28 -37.63
C LEU E 442 15.83 18.55 -36.30
N TRP E 443 16.99 18.20 -35.71
CA TRP E 443 17.07 17.40 -34.47
C TRP E 443 17.98 18.13 -33.51
N ASP E 444 17.71 17.93 -32.20
CA ASP E 444 18.55 18.42 -31.13
C ASP E 444 19.09 17.21 -30.36
N ALA E 445 20.24 17.41 -29.73
CA ALA E 445 20.76 16.43 -28.80
C ALA E 445 20.74 17.07 -27.41
N GLU E 446 20.50 16.23 -26.39
CA GLU E 446 20.66 16.61 -25.01
C GLU E 446 21.75 15.70 -24.43
N VAL E 447 22.80 16.32 -23.91
CA VAL E 447 23.91 15.57 -23.29
C VAL E 447 23.83 15.73 -21.79
N THR E 448 23.89 14.61 -21.05
CA THR E 448 23.82 14.60 -19.59
C THR E 448 24.95 13.77 -19.02
N TYR E 449 25.33 14.04 -17.79
CA TYR E 449 26.52 13.44 -17.22
C TYR E 449 26.27 12.80 -15.86
N GLY E 450 26.67 11.57 -15.72
CA GLY E 450 26.76 10.89 -14.43
C GLY E 450 25.39 10.35 -14.03
N ARG E 451 24.93 9.34 -14.77
CA ARG E 451 23.65 8.73 -14.51
C ARG E 451 23.70 7.30 -14.95
N PRO E 452 22.79 6.44 -14.45
CA PRO E 452 22.73 5.10 -14.96
C PRO E 452 22.50 5.01 -16.46
N MET E 453 22.69 3.81 -17.00
CA MET E 453 22.49 3.53 -18.43
C MET E 453 21.05 3.07 -18.73
N PHE E 454 20.19 3.04 -17.69
CA PHE E 454 18.80 2.56 -17.73
C PHE E 454 17.92 3.54 -16.93
N TRP E 455 16.72 3.82 -17.45
CA TRP E 455 15.74 4.68 -16.80
C TRP E 455 16.24 6.13 -16.79
N VAL E 456 15.57 7.02 -16.04
CA VAL E 456 15.64 8.45 -16.23
C VAL E 456 15.94 9.22 -14.94
N THR E 457 16.62 8.58 -13.98
CA THR E 457 17.16 9.26 -12.82
C THR E 457 18.00 10.44 -13.24
N PRO E 458 17.79 11.64 -12.67
CA PRO E 458 18.53 12.80 -13.13
C PRO E 458 20.05 12.67 -12.95
N PRO E 459 20.80 13.34 -13.85
CA PRO E 459 22.26 13.34 -13.74
C PRO E 459 22.81 13.98 -12.46
N GLU E 460 23.86 13.39 -11.93
CA GLU E 460 24.58 13.85 -10.76
C GLU E 460 26.05 14.15 -10.98
N GLY E 461 26.52 14.00 -12.21
CA GLY E 461 27.90 14.28 -12.50
C GLY E 461 28.81 13.06 -12.29
N ASN E 462 29.93 12.99 -13.02
CA ASN E 462 30.97 12.02 -12.73
C ASN E 462 31.89 12.56 -11.64
N THR E 463 32.46 11.62 -10.86
CA THR E 463 33.47 11.95 -9.85
C THR E 463 34.76 11.22 -10.18
N PRO E 464 35.83 11.93 -10.66
CA PRO E 464 35.84 13.38 -10.90
C PRO E 464 35.11 13.74 -12.22
N ALA E 465 34.89 15.02 -12.44
CA ALA E 465 34.26 15.50 -13.67
C ALA E 465 35.14 15.02 -14.85
N ALA E 466 34.52 14.50 -15.90
CA ALA E 466 35.34 13.83 -16.93
C ALA E 466 34.61 13.64 -18.27
N GLY E 467 33.31 13.79 -18.33
CA GLY E 467 32.56 13.41 -19.50
C GLY E 467 32.69 14.38 -20.69
N GLY E 468 32.20 13.91 -21.82
CA GLY E 468 32.04 14.75 -23.00
C GLY E 468 31.44 13.98 -24.15
N ALA E 469 31.20 14.73 -25.26
CA ALA E 469 30.56 14.16 -26.44
C ALA E 469 31.04 14.88 -27.71
N LEU E 470 31.11 14.11 -28.79
CA LEU E 470 31.33 14.62 -30.13
C LEU E 470 30.18 14.21 -31.06
N ILE E 471 29.72 15.14 -31.90
CA ILE E 471 28.66 14.85 -32.88
C ILE E 471 29.07 15.47 -34.21
N ALA E 472 28.94 14.75 -35.30
CA ALA E 472 29.10 15.32 -36.64
C ALA E 472 27.82 15.03 -37.40
N GLN E 473 27.39 15.97 -38.25
CA GLN E 473 26.20 15.76 -39.07
C GLN E 473 26.60 15.14 -40.39
N LEU E 474 25.96 14.03 -40.74
CA LEU E 474 26.23 13.35 -42.01
C LEU E 474 25.17 13.71 -43.06
N ASP E 475 23.93 13.94 -42.62
CA ASP E 475 22.82 14.29 -43.54
C ASP E 475 21.75 14.94 -42.65
N ASP E 476 20.61 15.31 -43.23
CA ASP E 476 19.58 16.02 -42.51
C ASP E 476 19.12 15.25 -41.26
N ASN E 477 19.10 13.92 -41.33
CA ASN E 477 18.54 13.13 -40.24
C ASN E 477 19.57 12.13 -39.72
N GLU E 478 20.85 12.30 -40.03
CA GLU E 478 21.83 11.30 -39.67
C GLU E 478 23.08 11.96 -39.10
N TYR E 479 23.60 11.35 -38.03
CA TYR E 479 24.69 11.93 -37.24
C TYR E 479 25.69 10.87 -36.81
N LEU E 480 26.96 11.25 -36.72
CA LEU E 480 28.02 10.43 -36.17
C LEU E 480 28.18 10.87 -34.74
N VAL E 481 28.23 9.91 -33.79
CA VAL E 481 28.23 10.26 -32.37
C VAL E 481 29.21 9.37 -31.59
N THR E 482 30.09 9.96 -30.80
CA THR E 482 30.86 9.21 -29.83
C THR E 482 30.91 10.07 -28.56
N ALA E 483 30.84 9.42 -27.40
CA ALA E 483 30.83 10.17 -26.14
C ALA E 483 31.52 9.32 -25.07
N TYR E 484 31.61 9.93 -23.90
CA TYR E 484 32.48 9.45 -22.83
C TYR E 484 31.83 9.83 -21.52
N LYS E 485 31.46 8.81 -20.72
CA LYS E 485 30.88 8.98 -19.40
C LYS E 485 29.72 9.97 -19.46
N ALA E 486 28.80 9.67 -20.38
CA ALA E 486 27.70 10.58 -20.68
C ALA E 486 26.56 9.84 -21.35
N ARG E 487 25.40 10.49 -21.36
CA ARG E 487 24.24 10.05 -22.13
C ARG E 487 23.96 11.13 -23.20
N VAL E 488 23.66 10.67 -24.42
CA VAL E 488 23.25 11.55 -25.50
C VAL E 488 21.85 11.12 -25.93
N GLU E 489 20.89 12.05 -25.89
CA GLU E 489 19.53 11.79 -26.33
C GLU E 489 19.10 12.72 -27.47
N PHE E 490 18.49 12.16 -28.49
CA PHE E 490 17.98 12.92 -29.64
C PHE E 490 16.49 13.25 -29.47
N LYS E 491 16.09 14.43 -29.97
CA LYS E 491 14.69 14.84 -30.00
C LYS E 491 14.53 15.79 -31.20
N PRO E 492 13.29 16.06 -31.66
CA PRO E 492 13.09 17.08 -32.68
C PRO E 492 13.54 18.45 -32.19
N SER E 493 14.09 19.24 -33.15
CA SER E 493 14.49 20.61 -32.89
C SER E 493 13.30 21.57 -32.89
N GLN E 494 12.20 21.14 -33.47
CA GLN E 494 11.02 22.00 -33.62
C GLN E 494 9.77 21.13 -33.62
N GLU E 495 8.57 21.75 -33.41
CA GLU E 495 7.30 21.05 -33.40
C GLU E 495 7.14 20.27 -34.72
N LEU E 496 6.56 19.07 -34.63
CA LEU E 496 6.41 18.19 -35.77
C LEU E 496 5.02 18.24 -36.39
N ALA E 497 4.15 19.13 -35.93
CA ALA E 497 2.86 19.35 -36.56
C ALA E 497 2.03 18.06 -36.64
N GLY E 498 2.05 17.27 -35.57
CA GLY E 498 1.20 16.09 -35.49
C GLY E 498 1.91 14.76 -35.81
N LYS E 499 3.19 14.80 -36.25
CA LYS E 499 3.93 13.56 -36.42
C LYS E 499 4.56 13.17 -35.08
N LYS E 500 4.92 11.89 -35.03
CA LYS E 500 5.72 11.31 -33.97
CA LYS E 500 5.72 11.36 -33.93
C LYS E 500 7.16 11.21 -34.46
N PHE E 501 8.08 10.84 -33.55
CA PHE E 501 9.45 10.61 -33.97
C PHE E 501 10.02 9.42 -33.20
N MET E 502 11.02 8.81 -33.83
CA MET E 502 11.81 7.79 -33.13
C MET E 502 13.21 7.79 -33.71
N ILE E 503 14.11 7.08 -33.02
CA ILE E 503 15.30 6.56 -33.67
C ILE E 503 14.91 5.59 -34.75
N GLU E 504 15.40 5.81 -35.96
CA GLU E 504 15.21 4.84 -37.00
C GLU E 504 16.23 3.71 -36.85
N ARG E 505 17.52 4.07 -36.81
N ARG E 505 17.51 4.05 -36.64
CA ARG E 505 18.58 3.08 -36.64
CA ARG E 505 18.54 3.02 -36.62
C ARG E 505 19.76 3.72 -35.90
C ARG E 505 19.85 3.59 -36.08
N VAL E 506 20.39 2.93 -35.03
CA VAL E 506 21.71 3.27 -34.46
C VAL E 506 22.61 2.08 -34.79
N GLU E 507 23.73 2.38 -35.45
CA GLU E 507 24.75 1.39 -35.79
C GLU E 507 26.04 1.76 -35.08
N GLU E 508 26.70 0.76 -34.47
CA GLU E 508 28.09 0.94 -34.01
C GLU E 508 28.99 0.38 -35.10
N GLY E 509 30.12 1.07 -35.34
CA GLY E 509 30.99 0.56 -36.39
C GLY E 509 32.30 1.32 -36.44
N ARG E 510 32.91 1.30 -37.63
CA ARG E 510 34.22 1.94 -37.79
C ARG E 510 34.40 2.25 -39.26
N PHE E 511 35.38 3.11 -39.57
CA PHE E 511 35.79 3.40 -40.95
C PHE E 511 36.98 2.52 -41.37
N GLU E 512 36.86 1.86 -42.51
CA GLU E 512 37.98 1.12 -43.13
C GLU E 512 38.11 1.61 -44.57
N LYS E 513 39.28 2.19 -44.88
CA LYS E 513 39.49 2.78 -46.20
C LYS E 513 38.46 3.86 -46.48
N GLY E 514 38.04 4.59 -45.43
CA GLY E 514 37.09 5.68 -45.58
C GLY E 514 35.63 5.24 -45.75
N LYS E 515 35.39 3.92 -45.65
CA LYS E 515 34.06 3.34 -45.76
C LYS E 515 33.62 2.83 -44.38
N TRP E 516 32.35 3.08 -44.12
CA TRP E 516 31.71 2.67 -42.89
C TRP E 516 31.52 1.15 -42.93
N VAL E 517 31.92 0.51 -41.84
CA VAL E 517 31.69 -0.90 -41.62
C VAL E 517 30.87 -1.05 -40.32
N MET E 518 29.67 -1.63 -40.47
N MET E 518 29.68 -1.65 -40.44
CA MET E 518 28.81 -1.86 -39.31
CA MET E 518 28.78 -1.80 -39.30
C MET E 518 29.38 -3.04 -38.52
C MET E 518 29.16 -3.07 -38.53
N GLU E 519 29.31 -2.93 -37.19
CA GLU E 519 29.63 -4.02 -36.29
C GLU E 519 28.37 -4.55 -35.64
N ARG E 520 27.49 -3.65 -35.17
CA ARG E 520 26.23 -4.12 -34.58
C ARG E 520 25.22 -2.98 -34.57
N VAL E 521 23.95 -3.32 -34.39
CA VAL E 521 22.90 -2.33 -34.19
C VAL E 521 22.62 -2.19 -32.71
N TRP E 522 22.65 -0.94 -32.21
CA TRP E 522 22.16 -0.68 -30.88
C TRP E 522 20.65 -0.57 -30.96
N ASN E 523 19.99 -1.24 -30.03
CA ASN E 523 18.52 -1.18 -30.03
C ASN E 523 18.08 -1.64 -28.65
N GLY E 524 16.74 -1.66 -28.45
CA GLY E 524 16.21 -2.09 -27.14
C GLY E 524 16.78 -1.24 -25.99
N ASP E 525 17.22 -1.90 -24.89
CA ASP E 525 17.78 -1.23 -23.75
C ASP E 525 18.82 -0.21 -24.16
N GLN E 526 19.62 -0.52 -25.21
CA GLN E 526 20.73 0.38 -25.57
C GLN E 526 20.25 1.69 -26.19
N THR E 527 18.99 1.77 -26.66
CA THR E 527 18.46 3.02 -27.22
C THR E 527 17.21 3.52 -26.53
N ASP E 528 16.66 2.83 -25.57
CA ASP E 528 15.45 3.25 -24.86
C ASP E 528 15.65 4.47 -23.97
N TRP E 529 16.86 4.63 -23.44
CA TRP E 529 17.19 5.60 -22.37
C TRP E 529 18.32 6.51 -22.85
N GLY E 530 18.20 7.03 -24.07
CA GLY E 530 19.32 7.70 -24.74
C GLY E 530 20.46 6.73 -25.06
N LEU E 531 21.60 7.30 -25.46
CA LEU E 531 22.76 6.54 -25.91
C LEU E 531 23.79 6.76 -24.81
N ASN E 532 24.07 5.72 -24.04
CA ASN E 532 24.87 5.75 -22.85
C ASN E 532 26.27 5.22 -23.12
N PHE E 533 27.24 6.02 -22.72
CA PHE E 533 28.66 5.77 -22.92
C PHE E 533 29.37 5.71 -21.55
N THR E 534 30.33 4.81 -21.44
CA THR E 534 31.15 4.72 -20.24
C THR E 534 32.55 5.22 -20.60
N ASP E 535 33.60 4.43 -20.23
CA ASP E 535 34.95 4.85 -20.56
C ASP E 535 35.44 4.19 -21.83
N ARG E 536 34.69 3.27 -22.43
CA ARG E 536 35.16 2.53 -23.57
C ARG E 536 34.65 3.19 -24.86
N PRO E 537 35.41 3.05 -25.94
CA PRO E 537 35.09 3.70 -27.18
C PRO E 537 33.99 2.99 -27.95
N HIS E 538 33.04 3.79 -28.46
CA HIS E 538 31.99 3.34 -29.35
C HIS E 538 31.69 4.46 -30.33
N LEU E 539 31.74 4.20 -31.64
CA LEU E 539 31.38 5.18 -32.64
C LEU E 539 30.07 4.78 -33.28
N LEU E 540 29.08 5.67 -33.23
CA LEU E 540 27.75 5.37 -33.68
C LEU E 540 27.38 6.22 -34.89
N ARG E 541 26.57 5.64 -35.75
CA ARG E 541 25.81 6.38 -36.76
C ARG E 541 24.34 6.31 -36.35
N VAL E 542 23.72 7.46 -36.13
CA VAL E 542 22.40 7.62 -35.58
C VAL E 542 21.50 8.23 -36.65
N LYS E 543 20.49 7.48 -37.06
CA LYS E 543 19.49 7.98 -38.02
C LYS E 543 18.18 8.21 -37.28
N MET E 544 17.61 9.43 -37.42
CA MET E 544 16.37 9.79 -36.78
C MET E 544 15.25 9.88 -37.84
N ALA E 545 14.00 9.64 -37.42
CA ALA E 545 12.86 9.82 -38.32
C ALA E 545 11.66 10.39 -37.61
N SER E 546 10.95 11.28 -38.34
CA SER E 546 9.59 11.63 -38.01
C SER E 546 8.66 10.79 -38.87
N TYR E 547 7.51 10.44 -38.29
CA TYR E 547 6.56 9.57 -38.98
C TYR E 547 5.13 9.98 -38.64
N SER E 548 4.26 9.80 -39.67
CA SER E 548 2.84 10.08 -39.51
C SER E 548 2.12 9.01 -38.73
N VAL E 549 1.14 9.45 -37.94
CA VAL E 549 0.20 8.55 -37.27
C VAL E 549 -1.25 8.92 -37.62
N GLN E 550 -1.43 9.70 -38.68
CA GLN E 550 -2.77 10.15 -39.09
C GLN E 550 -3.54 8.95 -39.64
N ALA F 12 62.53 -54.75 9.63
CA ALA F 12 62.72 -53.73 10.69
C ALA F 12 62.08 -54.23 11.99
N PRO F 13 62.60 -53.79 13.15
CA PRO F 13 62.01 -54.13 14.43
C PRO F 13 60.63 -53.48 14.52
N LEU F 14 59.72 -54.18 15.21
CA LEU F 14 58.41 -53.66 15.52
C LEU F 14 58.59 -52.35 16.28
N PRO F 15 57.70 -51.37 15.98
CA PRO F 15 57.52 -50.29 16.92
C PRO F 15 57.11 -50.77 18.28
N GLU F 16 57.56 -50.07 19.33
CA GLU F 16 57.17 -50.39 20.68
C GLU F 16 57.15 -49.18 21.60
N LEU F 17 56.30 -49.19 22.62
CA LEU F 17 56.36 -48.16 23.64
C LEU F 17 57.16 -48.67 24.82
N LEU F 18 58.29 -48.01 25.11
CA LEU F 18 59.14 -48.38 26.25
C LEU F 18 58.83 -47.44 27.42
N SER F 19 58.93 -47.96 28.65
CA SER F 19 58.76 -47.20 29.87
C SER F 19 59.87 -47.62 30.83
N ASN F 20 60.62 -46.65 31.36
CA ASN F 20 61.75 -46.95 32.25
C ASN F 20 62.09 -45.68 33.02
N ASN F 21 62.33 -45.84 34.35
CA ASN F 21 62.71 -44.72 35.21
C ASN F 21 61.69 -43.57 35.13
N GLY F 22 60.40 -43.92 35.10
CA GLY F 22 59.30 -42.95 35.06
C GLY F 22 59.19 -42.20 33.72
N LYS F 23 59.99 -42.57 32.72
CA LYS F 23 59.99 -41.91 31.42
C LYS F 23 59.60 -42.93 30.33
N HIS F 24 59.38 -42.39 29.14
CA HIS F 24 58.81 -43.17 28.04
C HIS F 24 59.40 -42.81 26.70
N ALA F 25 59.36 -43.77 25.81
CA ALA F 25 59.74 -43.57 24.43
C ALA F 25 58.92 -44.45 23.47
N LEU F 26 58.47 -43.85 22.38
CA LEU F 26 57.97 -44.59 21.27
C LEU F 26 59.15 -44.96 20.39
N MET F 27 59.48 -46.27 20.36
CA MET F 27 60.51 -46.75 19.47
C MET F 27 59.96 -47.04 18.10
N VAL F 28 60.58 -46.47 17.09
CA VAL F 28 60.29 -46.67 15.69
C VAL F 28 61.62 -46.96 15.00
N ASP F 29 61.65 -48.11 14.31
CA ASP F 29 62.86 -48.55 13.62
C ASP F 29 64.05 -48.64 14.56
N GLY F 30 63.81 -48.99 15.81
CA GLY F 30 64.82 -49.33 16.80
C GLY F 30 65.38 -48.12 17.54
N ALA F 31 64.70 -46.95 17.44
CA ALA F 31 65.14 -45.81 18.26
C ALA F 31 63.96 -44.93 18.63
N PRO F 32 64.10 -44.09 19.65
CA PRO F 32 63.03 -43.16 20.03
C PRO F 32 62.64 -42.26 18.86
N TYR F 33 61.33 -41.97 18.83
CA TYR F 33 60.70 -41.24 17.72
C TYR F 33 59.64 -40.29 18.32
N ILE F 34 59.46 -39.11 17.69
CA ILE F 34 58.44 -38.13 18.05
C ILE F 34 57.46 -38.06 16.89
N ILE F 35 56.17 -38.30 17.21
CA ILE F 35 55.12 -38.03 16.23
C ILE F 35 54.87 -36.51 16.15
N LEU F 36 55.27 -35.95 15.02
CA LEU F 36 54.90 -34.58 14.62
C LEU F 36 53.78 -34.76 13.60
N GLY F 37 52.58 -34.81 14.15
CA GLY F 37 51.44 -35.42 13.45
C GLY F 37 50.54 -34.43 12.73
N SER F 38 49.82 -34.95 11.76
N SER F 38 49.59 -35.06 12.07
CA SER F 38 48.56 -34.35 11.36
CA SER F 38 48.55 -34.41 11.32
C SER F 38 47.47 -35.41 11.51
C SER F 38 47.41 -35.41 11.31
N GLN F 39 46.22 -34.97 11.70
CA GLN F 39 45.07 -35.88 11.68
C GLN F 39 44.01 -35.32 10.73
N THR F 40 43.43 -36.20 9.91
CA THR F 40 42.40 -35.83 8.96
C THR F 40 41.07 -35.46 9.66
N ASN F 41 40.17 -34.79 8.91
CA ASN F 41 38.75 -34.78 9.23
C ASN F 41 38.22 -36.20 9.12
N ASN F 42 37.00 -36.37 9.69
CA ASN F 42 36.37 -37.67 9.92
C ASN F 42 35.85 -38.37 8.69
N SER F 43 35.77 -37.72 7.53
CA SER F 43 35.22 -38.34 6.32
C SER F 43 36.28 -38.37 5.22
N SER F 44 37.57 -38.39 5.63
CA SER F 44 38.65 -38.41 4.66
C SER F 44 39.28 -39.77 4.46
N ASN F 45 38.63 -40.81 5.02
CA ASN F 45 39.12 -42.17 5.03
C ASN F 45 38.75 -42.94 3.77
N TYR F 46 38.86 -42.33 2.57
CA TYR F 46 38.52 -42.99 1.30
C TYR F 46 39.56 -42.60 0.27
N PRO F 47 39.86 -43.50 -0.69
CA PRO F 47 40.90 -43.22 -1.69
C PRO F 47 40.76 -41.86 -2.36
N ASP F 48 39.56 -41.43 -2.69
CA ASP F 48 39.33 -40.19 -3.45
C ASP F 48 39.66 -38.96 -2.59
N ALA F 49 39.64 -39.07 -1.24
CA ALA F 49 39.84 -37.94 -0.36
C ALA F 49 41.33 -37.70 -0.13
N LEU F 50 42.19 -38.69 -0.39
CA LEU F 50 43.57 -38.56 0.05
C LEU F 50 44.28 -37.43 -0.69
N LYS F 51 43.83 -37.07 -1.89
N LYS F 51 43.85 -37.04 -1.88
CA LYS F 51 44.43 -36.00 -2.67
CA LYS F 51 44.56 -35.98 -2.59
C LYS F 51 44.30 -34.68 -1.90
C LYS F 51 44.30 -34.64 -1.90
N ASP F 52 43.30 -34.61 -1.01
CA ASP F 52 43.02 -33.42 -0.21
C ASP F 52 43.65 -33.47 1.19
N VAL F 53 44.40 -34.50 1.47
CA VAL F 53 45.12 -34.74 2.71
C VAL F 53 46.62 -34.50 2.56
N TRP F 54 47.24 -35.08 1.53
CA TRP F 54 48.68 -35.05 1.50
C TRP F 54 49.26 -33.65 1.35
N PRO F 55 48.67 -32.74 0.56
CA PRO F 55 49.27 -31.39 0.46
C PRO F 55 49.39 -30.65 1.79
N SER F 56 48.38 -30.74 2.65
CA SER F 56 48.43 -30.15 3.97
C SER F 56 49.55 -30.74 4.80
N MET F 57 49.72 -32.07 4.70
CA MET F 57 50.72 -32.76 5.50
C MET F 57 52.14 -32.31 5.09
N GLU F 58 52.33 -32.05 3.78
CA GLU F 58 53.60 -31.61 3.21
C GLU F 58 53.89 -30.18 3.68
N LYS F 59 52.87 -29.34 3.60
CA LYS F 59 53.03 -27.95 4.05
C LYS F 59 53.32 -27.85 5.54
N MET F 60 52.72 -28.75 6.34
CA MET F 60 52.89 -28.77 7.76
C MET F 60 54.27 -29.27 8.17
N GLY F 61 54.91 -30.12 7.31
CA GLY F 61 56.09 -30.85 7.70
C GLY F 61 55.88 -31.96 8.72
N ALA F 62 54.68 -32.55 8.72
CA ALA F 62 54.39 -33.63 9.64
C ALA F 62 55.09 -34.92 9.18
N ASN F 63 55.41 -35.77 10.17
CA ASN F 63 56.08 -37.03 9.85
C ASN F 63 55.10 -38.19 9.93
N THR F 64 53.90 -37.97 10.49
CA THR F 64 53.00 -39.10 10.72
C THR F 64 51.58 -38.63 10.50
N LEU F 65 50.75 -39.40 9.82
CA LEU F 65 49.34 -39.10 9.55
C LEU F 65 48.47 -40.00 10.41
N SER F 66 47.56 -39.42 11.16
CA SER F 66 46.51 -40.17 11.85
C SER F 66 45.23 -40.06 11.01
N ILE F 67 44.62 -41.24 10.69
CA ILE F 67 43.51 -41.27 9.76
C ILE F 67 42.62 -42.44 10.20
N PRO F 68 41.27 -42.32 10.08
CA PRO F 68 40.41 -43.46 10.43
C PRO F 68 40.48 -44.61 9.44
N VAL F 69 40.29 -45.80 10.04
CA VAL F 69 39.86 -46.98 9.33
C VAL F 69 38.59 -47.45 10.01
N ALA F 70 37.48 -47.43 9.26
CA ALA F 70 36.16 -47.67 9.83
C ALA F 70 35.73 -49.12 9.69
N TRP F 71 35.08 -49.61 10.74
CA TRP F 71 34.52 -50.96 10.65
C TRP F 71 33.54 -51.07 9.49
N GLU F 72 32.72 -50.03 9.29
CA GLU F 72 31.74 -50.02 8.23
C GLU F 72 32.39 -50.19 6.85
N GLN F 73 33.63 -49.71 6.65
CA GLN F 73 34.25 -49.80 5.37
C GLN F 73 34.97 -51.13 5.16
N ILE F 74 35.51 -51.70 6.21
CA ILE F 74 36.23 -52.96 6.07
C ILE F 74 35.30 -54.18 6.14
N GLU F 75 34.13 -54.04 6.74
CA GLU F 75 33.22 -55.21 6.86
C GLU F 75 31.80 -54.77 6.50
N PRO F 76 31.55 -54.30 5.28
CA PRO F 76 30.25 -53.72 4.94
C PRO F 76 29.08 -54.70 5.03
N VAL F 77 29.43 -55.95 4.81
CA VAL F 77 28.52 -57.09 4.94
C VAL F 77 29.27 -58.11 5.80
N GLU F 78 28.60 -58.77 6.76
CA GLU F 78 29.30 -59.58 7.72
C GLU F 78 30.08 -60.69 7.01
N GLY F 79 31.36 -60.82 7.35
CA GLY F 79 32.25 -61.83 6.82
C GLY F 79 32.85 -61.48 5.45
N GLN F 80 32.45 -60.33 4.86
CA GLN F 80 32.95 -59.91 3.58
C GLN F 80 33.88 -58.68 3.73
N PHE F 81 35.18 -58.97 3.86
CA PHE F 81 36.12 -57.91 4.18
C PHE F 81 36.59 -57.19 2.93
N ASP F 82 36.90 -55.89 3.10
CA ASP F 82 37.35 -55.02 2.03
C ASP F 82 38.46 -54.11 2.59
N PHE F 83 39.70 -54.36 2.18
CA PHE F 83 40.85 -53.56 2.63
C PHE F 83 41.38 -52.66 1.51
N SER F 84 40.56 -52.37 0.52
CA SER F 84 41.00 -51.57 -0.63
C SER F 84 41.48 -50.18 -0.19
N PHE F 85 40.83 -49.58 0.80
CA PHE F 85 41.29 -48.27 1.27
C PHE F 85 42.65 -48.40 1.92
N VAL F 86 42.83 -49.39 2.80
CA VAL F 86 44.10 -49.57 3.49
C VAL F 86 45.23 -49.81 2.49
N ASP F 87 44.93 -50.54 1.41
CA ASP F 87 45.92 -50.76 0.35
C ASP F 87 46.42 -49.44 -0.24
N VAL F 88 45.49 -48.56 -0.65
CA VAL F 88 45.83 -47.28 -1.27
C VAL F 88 46.58 -46.42 -0.25
N LEU F 89 46.03 -46.36 0.98
CA LEU F 89 46.64 -45.53 2.01
C LEU F 89 48.09 -45.91 2.23
N LEU F 90 48.37 -47.22 2.41
CA LEU F 90 49.74 -47.65 2.65
C LEU F 90 50.66 -47.24 1.50
N LYS F 91 50.21 -47.49 0.27
CA LYS F 91 51.02 -47.18 -0.91
C LYS F 91 51.33 -45.68 -0.92
N GLU F 92 50.30 -44.84 -0.75
CA GLU F 92 50.50 -43.41 -0.85
C GLU F 92 51.36 -42.87 0.28
N ALA F 93 51.25 -43.38 1.52
CA ALA F 93 52.08 -42.99 2.61
C ALA F 93 53.54 -43.30 2.30
N ARG F 94 53.77 -44.52 1.79
CA ARG F 94 55.15 -44.93 1.53
C ARG F 94 55.78 -44.07 0.45
N GLN F 95 54.98 -43.65 -0.52
N GLN F 95 55.00 -43.71 -0.58
CA GLN F 95 55.46 -42.81 -1.63
CA GLN F 95 55.48 -42.82 -1.62
C GLN F 95 55.94 -41.47 -1.10
C GLN F 95 56.09 -41.59 -0.94
N ARG F 96 55.33 -41.04 0.02
CA ARG F 96 55.69 -39.79 0.66
C ARG F 96 56.63 -39.92 1.84
N LYS F 97 57.08 -41.13 2.18
CA LYS F 97 57.97 -41.44 3.26
C LYS F 97 57.45 -40.86 4.57
N VAL F 98 56.17 -41.10 4.87
CA VAL F 98 55.61 -40.75 6.15
C VAL F 98 55.04 -42.01 6.78
N ARG F 99 54.78 -41.92 8.07
CA ARG F 99 54.25 -43.05 8.79
C ARG F 99 52.77 -42.79 9.11
N LEU F 100 52.10 -43.86 9.60
CA LEU F 100 50.66 -43.77 9.87
C LEU F 100 50.33 -44.20 11.28
N VAL F 101 49.28 -43.59 11.83
CA VAL F 101 48.57 -44.12 12.98
C VAL F 101 47.15 -44.34 12.44
N LEU F 102 46.67 -45.58 12.50
CA LEU F 102 45.30 -45.84 12.10
C LEU F 102 44.36 -45.73 13.30
N LEU F 103 43.18 -45.12 13.07
CA LEU F 103 42.21 -44.92 14.12
C LEU F 103 41.04 -45.88 13.87
N TRP F 104 40.89 -46.87 14.74
CA TRP F 104 39.85 -47.90 14.54
C TRP F 104 38.53 -47.35 15.06
N PHE F 105 37.67 -46.91 14.11
CA PHE F 105 36.36 -46.38 14.42
C PHE F 105 35.35 -47.54 14.31
N ALA F 106 34.85 -47.99 15.46
CA ALA F 106 34.14 -49.28 15.49
C ALA F 106 32.97 -49.20 16.48
N THR F 107 33.07 -49.86 17.65
CA THR F 107 31.97 -49.85 18.61
C THR F 107 31.66 -48.46 19.09
N TRP F 108 32.71 -47.64 19.33
CA TRP F 108 32.54 -46.25 19.74
C TRP F 108 33.38 -45.32 18.86
N LYS F 109 32.68 -44.27 18.39
CA LYS F 109 33.33 -43.08 17.82
C LYS F 109 32.55 -41.94 18.46
N ASN F 110 33.16 -41.22 19.37
CA ASN F 110 32.55 -40.10 20.09
C ASN F 110 31.24 -40.62 20.72
N ASN F 111 31.40 -41.75 21.40
CA ASN F 111 30.33 -42.37 22.22
C ASN F 111 29.36 -43.22 21.41
N ALA F 112 29.35 -43.13 20.09
CA ALA F 112 28.27 -43.67 19.27
C ALA F 112 28.71 -44.68 18.23
N PRO F 113 27.80 -45.49 17.66
CA PRO F 113 28.16 -46.55 16.74
C PRO F 113 28.00 -46.22 15.27
N HIS F 114 28.13 -44.94 14.90
CA HIS F 114 27.88 -44.54 13.52
C HIS F 114 28.80 -45.16 12.48
N TYR F 115 30.05 -45.49 12.91
CA TYR F 115 30.99 -46.13 12.03
C TYR F 115 30.98 -47.66 12.06
N ALA F 116 30.08 -48.22 12.86
CA ALA F 116 29.84 -49.66 12.77
C ALA F 116 29.05 -49.95 11.50
N PRO F 117 29.19 -51.15 10.89
CA PRO F 117 28.40 -51.50 9.71
C PRO F 117 26.89 -51.44 9.98
N ALA F 118 26.11 -51.25 8.90
CA ALA F 118 24.67 -51.21 9.07
C ALA F 118 24.10 -52.46 9.77
N TRP F 119 24.68 -53.63 9.51
CA TRP F 119 24.23 -54.89 10.12
C TRP F 119 24.53 -54.92 11.61
N VAL F 120 25.39 -54.00 12.07
CA VAL F 120 25.63 -53.85 13.47
C VAL F 120 24.74 -52.76 14.06
N LYS F 121 24.87 -51.50 13.62
CA LYS F 121 24.23 -50.39 14.28
C LYS F 121 22.70 -50.35 14.12
N LEU F 122 22.15 -51.12 13.18
CA LEU F 122 20.69 -51.17 13.03
C LEU F 122 20.10 -52.41 13.70
N ASP F 123 20.93 -53.27 14.32
CA ASP F 123 20.43 -54.52 14.96
C ASP F 123 20.65 -54.46 16.46
N ASN F 124 19.79 -53.74 17.15
CA ASN F 124 19.88 -53.56 18.58
C ASN F 124 19.62 -54.83 19.41
N ALA F 125 18.81 -55.75 18.89
CA ALA F 125 18.61 -57.04 19.56
C ALA F 125 19.93 -57.78 19.71
N ARG F 126 20.76 -57.78 18.65
CA ARG F 126 22.02 -58.48 18.62
C ARG F 126 23.11 -57.68 19.34
N PHE F 127 23.08 -56.35 19.18
CA PHE F 127 24.18 -55.47 19.54
C PHE F 127 23.59 -54.34 20.37
N PRO F 128 23.36 -54.55 21.66
CA PRO F 128 22.52 -53.65 22.43
C PRO F 128 23.09 -52.33 22.86
N ARG F 129 22.22 -51.33 22.87
CA ARG F 129 22.50 -50.00 23.37
C ARG F 129 22.33 -49.88 24.87
N VAL F 130 23.06 -48.93 25.43
CA VAL F 130 22.89 -48.41 26.76
C VAL F 130 21.42 -48.01 26.99
N VAL F 131 20.86 -48.45 28.14
CA VAL F 131 19.52 -48.07 28.57
C VAL F 131 19.69 -47.22 29.81
N LYS F 132 19.01 -46.10 29.80
CA LYS F 132 18.98 -45.15 30.91
C LYS F 132 18.18 -45.76 32.08
N GLU F 133 18.34 -45.15 33.24
CA GLU F 133 17.62 -45.60 34.43
C GLU F 133 16.11 -45.45 34.21
N ASP F 134 15.69 -44.48 33.39
CA ASP F 134 14.28 -44.19 33.15
C ASP F 134 13.69 -45.09 32.05
N GLY F 135 14.52 -45.96 31.49
CA GLY F 135 14.14 -46.96 30.52
C GLY F 135 14.31 -46.53 29.06
N ASP F 136 14.61 -45.26 28.81
CA ASP F 136 14.88 -44.80 27.44
C ASP F 136 16.25 -45.30 26.97
N THR F 137 16.41 -45.40 25.65
CA THR F 137 17.65 -45.95 25.12
C THR F 137 18.51 -44.84 24.51
N LEU F 138 19.83 -44.89 24.74
CA LEU F 138 20.76 -43.95 24.08
C LEU F 138 21.47 -44.62 22.91
N ASN F 139 21.95 -43.80 21.93
CA ASN F 139 22.67 -44.36 20.79
C ASN F 139 24.16 -44.49 21.12
N SER F 140 24.41 -45.34 22.10
CA SER F 140 25.74 -45.67 22.62
C SER F 140 25.74 -47.17 22.89
N LEU F 141 26.60 -47.99 22.24
CA LEU F 141 26.57 -49.43 22.46
C LEU F 141 27.04 -49.78 23.87
N SER F 142 26.31 -50.70 24.53
CA SER F 142 26.72 -51.17 25.83
C SER F 142 27.98 -52.00 25.81
N PRO F 143 28.93 -51.74 26.71
CA PRO F 143 30.12 -52.57 26.80
C PRO F 143 29.87 -53.97 27.35
N LEU F 144 28.62 -54.25 27.75
CA LEU F 144 28.31 -55.61 28.20
C LEU F 144 27.67 -56.45 27.11
N GLY F 145 27.49 -55.92 25.87
CA GLY F 145 27.04 -56.75 24.77
C GLY F 145 28.13 -57.66 24.29
N GLN F 146 28.00 -58.95 24.59
CA GLN F 146 29.01 -59.92 24.21
C GLN F 146 29.10 -60.14 22.72
N ASN F 147 27.97 -60.04 22.00
CA ASN F 147 28.02 -60.22 20.57
C ASN F 147 28.78 -59.04 19.94
N THR F 148 28.63 -57.89 20.55
CA THR F 148 29.26 -56.69 19.97
C THR F 148 30.78 -56.84 20.08
N LEU F 149 31.22 -57.22 21.29
CA LEU F 149 32.64 -57.42 21.54
C LEU F 149 33.22 -58.45 20.56
N ALA F 150 32.56 -59.60 20.41
CA ALA F 150 33.08 -60.62 19.52
C ALA F 150 33.22 -60.10 18.10
N ALA F 151 32.17 -59.38 17.62
CA ALA F 151 32.18 -58.89 16.25
C ALA F 151 33.28 -57.82 16.00
N ASP F 152 33.37 -56.88 16.91
CA ASP F 152 34.42 -55.82 16.81
C ASP F 152 35.80 -56.49 16.79
N LYS F 153 35.99 -57.37 17.76
N LYS F 153 36.07 -57.33 17.80
CA LYS F 153 37.26 -58.06 17.90
CA LYS F 153 37.28 -58.13 17.87
C LYS F 153 37.59 -58.88 16.65
C LYS F 153 37.59 -58.83 16.54
N LYS F 154 36.60 -59.55 16.01
CA LYS F 154 36.82 -60.30 14.81
C LYS F 154 37.31 -59.42 13.67
N ALA F 155 36.64 -58.28 13.49
CA ALA F 155 37.03 -57.37 12.43
C ALA F 155 38.39 -56.74 12.69
N PHE F 156 38.63 -56.33 13.92
CA PHE F 156 39.94 -55.74 14.27
C PHE F 156 41.07 -56.73 14.00
N VAL F 157 40.81 -58.01 14.31
CA VAL F 157 41.78 -59.05 14.03
C VAL F 157 42.05 -59.15 12.54
N GLU F 158 41.00 -59.04 11.69
CA GLU F 158 41.22 -59.08 10.24
C GLU F 158 42.08 -57.89 9.78
N LEU F 159 41.86 -56.70 10.38
CA LEU F 159 42.69 -55.54 10.02
C LEU F 159 44.15 -55.80 10.41
N MET F 160 44.37 -56.33 11.60
CA MET F 160 45.74 -56.60 12.05
C MET F 160 46.36 -57.71 11.21
N LYS F 161 45.59 -58.69 10.78
CA LYS F 161 46.15 -59.67 9.88
C LYS F 161 46.56 -59.04 8.55
N TYR F 162 45.79 -58.07 8.06
CA TYR F 162 46.14 -57.38 6.84
C TYR F 162 47.50 -56.67 7.06
N LEU F 163 47.68 -55.98 8.19
CA LEU F 163 48.93 -55.27 8.43
C LEU F 163 50.08 -56.26 8.62
N ALA F 164 49.80 -57.40 9.26
CA ALA F 164 50.83 -58.43 9.43
C ALA F 164 51.36 -58.90 8.08
N LYS F 165 50.50 -59.09 7.08
CA LYS F 165 50.91 -59.66 5.81
C LYS F 165 51.40 -58.58 4.85
N ARG F 166 50.86 -57.34 4.95
CA ARG F 166 51.05 -56.34 3.90
C ARG F 166 51.81 -55.10 4.41
N ASP F 167 52.25 -55.08 5.64
CA ASP F 167 53.00 -53.91 6.14
C ASP F 167 54.20 -54.33 6.98
N LYS F 168 55.10 -55.16 6.42
CA LYS F 168 56.13 -55.74 7.25
C LYS F 168 57.27 -54.79 7.61
N ASP F 169 57.32 -53.62 7.00
CA ASP F 169 58.25 -52.58 7.42
C ASP F 169 57.57 -51.54 8.31
N HIS F 170 56.31 -51.78 8.68
CA HIS F 170 55.65 -50.99 9.73
C HIS F 170 55.41 -49.52 9.33
N THR F 171 54.93 -49.28 8.15
CA THR F 171 54.45 -47.95 7.78
C THR F 171 53.50 -47.50 8.88
N VAL F 172 52.58 -48.39 9.30
CA VAL F 172 51.72 -48.13 10.43
C VAL F 172 52.45 -48.42 11.73
N ILE F 173 52.64 -47.41 12.57
CA ILE F 173 53.44 -47.48 13.78
C ILE F 173 52.64 -47.65 15.07
N MET F 174 51.36 -47.27 15.06
CA MET F 174 50.51 -47.36 16.23
C MET F 174 49.06 -47.45 15.74
N VAL F 175 48.20 -48.05 16.56
CA VAL F 175 46.77 -48.11 16.26
C VAL F 175 45.99 -47.59 17.46
N GLN F 176 45.04 -46.72 17.19
CA GLN F 176 44.10 -46.26 18.20
C GLN F 176 42.89 -47.21 18.17
N VAL F 177 42.55 -47.74 19.32
CA VAL F 177 41.44 -48.69 19.45
C VAL F 177 40.19 -47.94 19.91
N GLN F 178 39.19 -47.83 18.98
CA GLN F 178 38.00 -46.98 19.16
C GLN F 178 38.40 -45.52 19.11
N ASN F 179 37.42 -44.63 19.25
CA ASN F 179 37.68 -43.19 19.23
C ASN F 179 36.74 -42.56 20.24
N GLU F 180 37.28 -41.98 21.33
CA GLU F 180 36.50 -41.32 22.38
C GLU F 180 35.32 -42.16 22.85
N VAL F 181 35.67 -43.25 23.53
CA VAL F 181 34.65 -44.14 24.08
C VAL F 181 33.90 -43.44 25.17
N GLY F 182 32.80 -44.08 25.56
CA GLY F 182 31.98 -43.57 26.63
C GLY F 182 30.53 -43.36 26.19
N THR F 183 29.78 -42.71 27.09
CA THR F 183 28.38 -42.42 26.88
C THR F 183 28.05 -41.02 27.34
N TYR F 184 27.37 -40.27 26.46
CA TYR F 184 26.72 -39.02 26.83
C TYR F 184 25.28 -39.32 27.21
N GLY F 185 24.82 -38.62 28.25
CA GLY F 185 23.41 -38.69 28.64
C GLY F 185 23.03 -39.72 29.70
N ALA F 186 23.94 -40.62 30.07
CA ALA F 186 23.77 -41.49 31.22
C ALA F 186 25.14 -41.81 31.77
N VAL F 187 25.21 -42.35 33.00
CA VAL F 187 26.48 -42.65 33.63
C VAL F 187 26.95 -44.05 33.23
N ARG F 188 26.02 -44.99 33.03
CA ARG F 188 26.29 -46.39 32.68
C ARG F 188 25.07 -47.01 32.01
N ASP F 189 25.19 -48.29 31.65
CA ASP F 189 24.09 -49.09 31.17
C ASP F 189 23.30 -49.55 32.40
N TYR F 190 21.97 -49.33 32.35
CA TYR F 190 21.05 -49.73 33.43
C TYR F 190 20.08 -50.78 32.92
N SER F 191 20.36 -51.33 31.74
CA SER F 191 19.63 -52.48 31.24
C SER F 191 19.60 -53.60 32.29
N PRO F 192 18.57 -54.49 32.23
CA PRO F 192 18.61 -55.70 33.08
C PRO F 192 19.91 -56.50 32.94
N MET F 193 20.46 -56.65 31.73
CA MET F 193 21.71 -57.39 31.60
C MET F 193 22.82 -56.68 32.37
N ALA F 194 22.85 -55.34 32.34
CA ALA F 194 23.98 -54.65 32.97
C ALA F 194 23.81 -54.64 34.50
N GLN F 195 22.56 -54.49 34.93
CA GLN F 195 22.23 -54.43 36.35
C GLN F 195 22.57 -55.74 37.05
N ALA F 196 22.46 -56.88 36.35
CA ALA F 196 22.83 -58.18 36.91
C ALA F 196 24.33 -58.23 37.22
N VAL F 197 25.15 -57.54 36.41
CA VAL F 197 26.59 -57.52 36.63
C VAL F 197 26.92 -56.51 37.72
N PHE F 198 26.22 -55.37 37.73
CA PHE F 198 26.46 -54.32 38.70
C PHE F 198 26.13 -54.78 40.13
N ASN F 199 25.04 -55.53 40.24
CA ASN F 199 24.58 -56.06 41.52
C ASN F 199 25.54 -57.12 42.06
N ALA F 200 26.37 -57.71 41.19
CA ALA F 200 27.24 -58.82 41.54
C ALA F 200 28.57 -58.30 42.07
N ALA F 201 29.44 -59.23 42.50
CA ALA F 201 30.72 -58.86 43.11
C ALA F 201 31.61 -58.18 42.07
N VAL F 202 32.35 -57.18 42.52
CA VAL F 202 33.46 -56.64 41.76
C VAL F 202 34.42 -57.76 41.47
N PRO F 203 34.88 -57.95 40.22
CA PRO F 203 35.88 -58.95 39.90
C PRO F 203 37.12 -58.83 40.80
N ASP F 204 37.73 -59.98 41.14
CA ASP F 204 38.78 -60.06 42.15
C ASP F 204 40.06 -59.35 41.69
N ASP F 205 40.34 -59.45 40.39
CA ASP F 205 41.55 -58.87 39.84
C ASP F 205 41.58 -57.36 40.06
N LEU F 206 40.42 -56.69 39.95
CA LEU F 206 40.36 -55.25 40.17
C LEU F 206 40.53 -54.94 41.66
N ILE F 207 39.77 -55.66 42.53
CA ILE F 207 39.88 -55.51 43.97
C ILE F 207 41.35 -55.64 44.42
N GLN F 208 42.04 -56.67 43.90
CA GLN F 208 43.42 -56.94 44.31
C GLN F 208 44.34 -55.81 43.85
N LYS F 209 44.18 -55.31 42.61
CA LYS F 209 45.08 -54.27 42.11
C LYS F 209 44.85 -52.95 42.84
N LEU F 210 43.62 -52.63 43.19
CA LEU F 210 43.33 -51.37 43.86
C LEU F 210 43.50 -51.50 45.39
N GLN F 211 43.77 -52.73 45.87
CA GLN F 211 43.96 -53.01 47.30
C GLN F 211 42.74 -52.54 48.10
N LEU F 212 41.56 -53.09 47.76
CA LEU F 212 40.29 -52.71 48.36
C LEU F 212 39.64 -53.94 49.00
N LYS F 213 38.52 -53.74 49.68
CA LYS F 213 37.80 -54.82 50.35
C LYS F 213 36.84 -55.47 49.35
N PRO F 214 36.81 -56.81 49.23
CA PRO F 214 35.81 -57.47 48.39
C PRO F 214 34.40 -56.93 48.63
N GLY F 215 33.55 -57.01 47.59
CA GLY F 215 32.21 -56.46 47.67
C GLY F 215 31.57 -56.37 46.28
N THR F 216 30.30 -55.90 46.27
CA THR F 216 29.59 -55.56 45.06
C THR F 216 30.04 -54.16 44.63
N TRP F 217 29.68 -53.76 43.40
CA TRP F 217 30.05 -52.44 42.91
C TRP F 217 29.60 -51.33 43.87
N SER F 218 28.34 -51.37 44.31
CA SER F 218 27.84 -50.32 45.17
C SER F 218 28.53 -50.38 46.55
N GLN F 219 28.79 -51.58 47.06
CA GLN F 219 29.47 -51.68 48.35
C GLN F 219 30.90 -51.13 48.27
N VAL F 220 31.63 -51.51 47.20
CA VAL F 220 33.04 -51.12 47.11
C VAL F 220 33.22 -49.64 46.79
N PHE F 221 32.42 -49.06 45.86
CA PHE F 221 32.76 -47.77 45.29
C PHE F 221 31.79 -46.67 45.64
N GLY F 222 30.66 -47.02 46.28
CA GLY F 222 29.78 -46.01 46.84
C GLY F 222 29.23 -45.13 45.72
N ARG F 223 29.42 -43.82 45.87
CA ARG F 223 28.78 -42.88 44.97
C ARG F 223 29.47 -42.91 43.60
N ASP F 224 30.67 -43.51 43.53
CA ASP F 224 31.36 -43.65 42.26
C ASP F 224 31.04 -44.96 41.54
N ALA F 225 30.19 -45.83 42.10
CA ALA F 225 29.97 -47.14 41.50
C ALA F 225 29.53 -47.08 40.03
N ASP F 226 28.54 -46.27 39.74
CA ASP F 226 27.97 -46.23 38.40
C ASP F 226 29.04 -45.85 37.39
N GLU F 227 29.75 -44.77 37.68
CA GLU F 227 30.78 -44.33 36.72
C GLU F 227 31.97 -45.29 36.63
N PHE F 228 32.46 -45.78 37.78
CA PHE F 228 33.57 -46.71 37.77
C PHE F 228 33.19 -48.02 37.09
N PHE F 229 31.93 -48.49 37.26
CA PHE F 229 31.42 -49.67 36.56
C PHE F 229 31.51 -49.47 35.04
N HIS F 230 31.00 -48.35 34.54
CA HIS F 230 31.04 -48.12 33.08
C HIS F 230 32.49 -48.07 32.56
N ALA F 231 33.35 -47.38 33.27
CA ALA F 231 34.75 -47.27 32.94
C ALA F 231 35.43 -48.63 32.90
N TYR F 232 35.15 -49.46 33.94
CA TYR F 232 35.71 -50.79 33.93
C TYR F 232 35.25 -51.65 32.77
N GLN F 233 33.92 -51.70 32.52
CA GLN F 233 33.38 -52.53 31.48
C GLN F 233 33.91 -52.06 30.10
N ILE F 234 34.05 -50.76 29.91
CA ILE F 234 34.58 -50.26 28.63
C ILE F 234 36.07 -50.55 28.50
N ALA F 235 36.81 -50.39 29.60
CA ALA F 235 38.22 -50.71 29.59
C ALA F 235 38.50 -52.17 29.27
N ARG F 236 37.69 -53.08 29.89
CA ARG F 236 37.79 -54.48 29.57
C ARG F 236 37.49 -54.80 28.11
N TYR F 237 36.44 -54.18 27.55
CA TYR F 237 36.10 -54.36 26.16
C TYR F 237 37.27 -53.95 25.27
N CYS F 238 37.80 -52.77 25.54
CA CYS F 238 38.92 -52.26 24.75
C CYS F 238 40.20 -53.09 24.90
N ASP F 239 40.45 -53.59 26.12
CA ASP F 239 41.62 -54.44 26.38
C ASP F 239 41.47 -55.76 25.62
N GLU F 240 40.24 -56.35 25.57
CA GLU F 240 40.05 -57.60 24.83
C GLU F 240 40.30 -57.43 23.34
N VAL F 241 39.78 -56.34 22.75
CA VAL F 241 40.03 -56.07 21.36
C VAL F 241 41.53 -55.87 21.12
N THR F 242 42.16 -55.12 22.03
CA THR F 242 43.59 -54.82 21.92
C THR F 242 44.44 -56.12 21.93
N VAL F 243 44.17 -56.98 22.89
CA VAL F 243 44.94 -58.24 23.02
C VAL F 243 44.80 -59.09 21.79
N ALA F 244 43.56 -59.21 21.29
CA ALA F 244 43.28 -60.05 20.15
C ALA F 244 44.08 -59.52 18.98
N GLY F 245 44.09 -58.20 18.80
CA GLY F 245 44.84 -57.66 17.67
C GLY F 245 46.35 -57.79 17.84
N LYS F 246 46.82 -57.60 19.06
N LYS F 246 46.85 -57.57 19.03
CA LYS F 246 48.25 -57.67 19.39
CA LYS F 246 48.29 -57.67 19.22
C LYS F 246 48.80 -59.09 19.28
C LYS F 246 48.76 -59.10 18.98
N ALA F 247 47.90 -60.07 19.32
CA ALA F 247 48.29 -61.46 19.12
C ALA F 247 48.62 -61.69 17.65
N ILE F 248 48.02 -60.91 16.72
CA ILE F 248 48.33 -60.98 15.31
C ILE F 248 49.59 -60.19 15.01
N LYS F 249 49.62 -58.90 15.42
CA LYS F 249 50.81 -58.09 15.27
C LYS F 249 50.90 -57.13 16.44
N ASN F 250 51.99 -57.20 17.21
CA ASN F 250 52.09 -56.53 18.48
C ASN F 250 52.54 -55.06 18.34
N LEU F 251 51.76 -54.27 17.60
CA LEU F 251 52.01 -52.84 17.49
C LEU F 251 51.58 -52.20 18.80
N PRO F 252 52.12 -51.02 19.15
CA PRO F 252 51.57 -50.21 20.23
C PRO F 252 50.14 -49.77 19.88
N MET F 253 49.31 -49.75 20.92
CA MET F 253 47.89 -49.45 20.73
C MET F 253 47.47 -48.58 21.89
N TYR F 254 46.58 -47.63 21.65
CA TYR F 254 46.19 -46.70 22.69
C TYR F 254 44.71 -46.31 22.55
N VAL F 255 44.20 -45.62 23.57
CA VAL F 255 42.85 -45.06 23.52
C VAL F 255 42.95 -43.55 23.72
N ASN F 256 42.03 -42.81 23.09
CA ASN F 256 41.97 -41.36 23.21
C ASN F 256 40.73 -40.86 23.95
N VAL F 257 40.92 -39.87 24.78
CA VAL F 257 39.90 -39.50 25.75
C VAL F 257 39.19 -38.18 25.39
N ALA F 258 37.84 -38.24 25.37
CA ALA F 258 37.01 -37.07 25.45
C ALA F 258 37.08 -36.53 26.88
N LEU F 259 37.85 -35.50 27.08
CA LEU F 259 38.24 -35.08 28.39
C LEU F 259 37.06 -34.46 29.11
N ARG F 260 37.08 -34.65 30.42
CA ARG F 260 36.30 -33.73 31.22
C ARG F 260 37.17 -32.53 31.61
N ASN F 261 36.53 -31.42 31.96
CA ASN F 261 37.30 -30.28 32.38
C ASN F 261 38.03 -30.61 33.67
N PRO F 262 39.35 -30.40 33.79
CA PRO F 262 40.10 -30.88 34.95
C PRO F 262 39.79 -30.07 36.20
N PHE F 263 39.31 -28.83 36.05
CA PHE F 263 39.04 -28.00 37.22
C PHE F 263 37.57 -27.96 37.61
N ASN F 264 36.67 -28.13 36.61
CA ASN F 264 35.24 -27.89 36.78
C ASN F 264 34.50 -28.88 35.87
N PRO F 265 34.60 -30.17 36.18
CA PRO F 265 34.15 -31.26 35.27
C PRO F 265 32.67 -31.33 35.03
N GLY F 266 31.88 -30.90 36.01
CA GLY F 266 30.47 -31.29 35.95
C GLY F 266 30.30 -32.79 36.17
N LEU F 267 29.15 -33.33 35.71
CA LEU F 267 28.80 -34.69 36.08
C LEU F 267 29.03 -35.68 34.94
N PRO F 268 29.30 -36.97 35.25
CA PRO F 268 29.42 -37.98 34.21
C PRO F 268 28.10 -38.16 33.47
N GLY F 269 28.18 -38.18 32.14
CA GLY F 269 27.00 -38.13 31.28
C GLY F 269 26.89 -36.77 30.59
N GLN F 270 27.26 -35.70 31.31
CA GLN F 270 27.47 -34.40 30.71
C GLN F 270 28.79 -34.43 29.93
N TYR F 271 29.86 -34.85 30.62
CA TYR F 271 31.01 -35.36 29.89
C TYR F 271 30.78 -36.83 29.57
N SER F 272 31.62 -37.37 28.68
CA SER F 272 31.54 -38.74 28.22
C SER F 272 31.94 -39.69 29.34
N SER F 273 30.94 -40.33 29.94
CA SER F 273 31.17 -41.24 31.05
C SER F 273 31.82 -42.52 30.57
N GLY F 274 32.82 -42.99 31.33
CA GLY F 274 33.38 -44.30 31.08
C GLY F 274 34.73 -44.24 30.37
N GLY F 275 34.95 -43.10 29.65
CA GLY F 275 36.23 -42.97 28.99
C GLY F 275 37.32 -42.72 30.03
N GLY F 276 38.59 -42.62 29.59
CA GLY F 276 39.72 -42.48 30.49
C GLY F 276 39.91 -41.09 31.09
N THR F 277 38.83 -40.54 31.66
CA THR F 277 38.86 -39.26 32.29
C THR F 277 39.74 -39.33 33.54
N ASP F 278 40.15 -38.17 34.06
CA ASP F 278 41.26 -38.16 35.03
C ASP F 278 40.90 -38.91 36.30
N ASN F 279 39.61 -38.98 36.64
CA ASN F 279 39.15 -39.62 37.86
C ASN F 279 39.05 -41.15 37.73
N VAL F 280 39.16 -41.72 36.53
CA VAL F 280 39.04 -43.16 36.32
C VAL F 280 40.31 -43.72 35.70
N LEU F 281 41.41 -42.95 35.67
CA LEU F 281 42.65 -43.48 35.10
C LEU F 281 43.17 -44.72 35.89
N HIS F 282 42.94 -44.76 37.21
CA HIS F 282 43.30 -45.93 38.01
C HIS F 282 42.48 -47.16 37.65
N ILE F 283 41.16 -46.98 37.35
CA ILE F 283 40.33 -48.07 36.88
C ILE F 283 40.85 -48.59 35.55
N TRP F 284 41.11 -47.66 34.58
CA TRP F 284 41.58 -48.07 33.25
C TRP F 284 42.93 -48.77 33.29
N LYS F 285 43.85 -48.27 34.15
CA LYS F 285 45.15 -48.87 34.28
C LYS F 285 45.07 -50.31 34.87
N ALA F 286 44.15 -50.49 35.83
CA ALA F 286 43.96 -51.79 36.45
C ALA F 286 43.24 -52.77 35.51
N ALA F 287 42.27 -52.28 34.70
CA ALA F 287 41.42 -53.13 33.89
C ALA F 287 42.02 -53.50 32.54
N ALA F 288 42.92 -52.64 32.04
CA ALA F 288 43.31 -52.71 30.66
C ALA F 288 44.82 -52.69 30.58
N PRO F 289 45.50 -53.72 31.13
CA PRO F 289 46.97 -53.71 31.14
C PRO F 289 47.65 -53.84 29.77
N ASN F 290 46.93 -54.20 28.73
CA ASN F 290 47.48 -54.42 27.42
C ASN F 290 47.41 -53.14 26.58
N ILE F 291 46.66 -52.14 27.06
CA ILE F 291 46.59 -50.85 26.33
C ILE F 291 47.84 -50.05 26.73
N ASP F 292 48.60 -49.59 25.74
CA ASP F 292 49.91 -48.98 25.99
C ASP F 292 49.82 -47.65 26.71
N LEU F 293 48.90 -46.75 26.31
CA LEU F 293 48.74 -45.48 26.96
C LEU F 293 47.34 -44.93 26.70
N ILE F 294 46.98 -43.93 27.53
CA ILE F 294 45.71 -43.25 27.49
C ILE F 294 46.05 -41.81 27.11
N ALA F 295 45.51 -41.37 25.95
CA ALA F 295 45.92 -40.12 25.32
C ALA F 295 44.84 -39.06 25.48
N PRO F 296 45.17 -37.85 25.94
CA PRO F 296 44.21 -36.76 25.99
C PRO F 296 43.91 -36.13 24.62
N ASP F 297 42.61 -35.80 24.41
CA ASP F 297 42.18 -35.02 23.26
C ASP F 297 41.89 -33.61 23.74
N ILE F 298 42.64 -32.62 23.28
CA ILE F 298 42.62 -31.29 23.87
C ILE F 298 42.00 -30.27 22.90
N TYR F 299 40.85 -29.72 23.32
CA TYR F 299 40.26 -28.57 22.64
C TYR F 299 40.10 -27.37 23.57
N PHE F 300 40.60 -27.44 24.82
CA PHE F 300 40.71 -26.27 25.68
C PHE F 300 41.80 -25.38 25.09
N ARG F 301 41.54 -24.09 25.01
CA ARG F 301 42.45 -23.18 24.35
C ARG F 301 43.38 -22.53 25.37
N ASP F 302 42.95 -22.45 26.63
CA ASP F 302 43.59 -21.58 27.61
C ASP F 302 44.74 -22.33 28.29
N TYR F 303 45.83 -21.61 28.50
CA TYR F 303 47.08 -22.14 29.04
C TYR F 303 46.90 -22.91 30.33
N LYS F 304 46.18 -22.37 31.30
CA LYS F 304 46.09 -23.05 32.56
C LYS F 304 45.43 -24.42 32.44
N THR F 305 44.35 -24.48 31.65
CA THR F 305 43.62 -25.73 31.54
C THR F 305 44.45 -26.72 30.75
N VAL F 306 45.07 -26.29 29.65
CA VAL F 306 45.88 -27.22 28.88
C VAL F 306 47.01 -27.75 29.74
N SER F 307 47.66 -26.85 30.46
CA SER F 307 48.78 -27.23 31.32
C SER F 307 48.34 -28.27 32.33
N LYS F 308 47.15 -28.12 32.90
CA LYS F 308 46.66 -29.07 33.88
C LYS F 308 46.43 -30.44 33.23
N VAL F 309 45.86 -30.45 32.02
CA VAL F 309 45.67 -31.70 31.30
C VAL F 309 47.01 -32.41 31.10
N LEU F 310 48.04 -31.66 30.66
CA LEU F 310 49.30 -32.31 30.37
C LEU F 310 49.88 -32.91 31.65
N GLU F 311 49.72 -32.22 32.76
CA GLU F 311 50.17 -32.72 34.07
C GLU F 311 49.47 -34.03 34.43
N LEU F 312 48.14 -34.07 34.28
CA LEU F 312 47.36 -35.21 34.73
C LEU F 312 47.68 -36.45 33.89
N TYR F 313 47.92 -36.27 32.58
CA TYR F 313 48.10 -37.44 31.72
C TYR F 313 49.55 -37.87 31.57
N THR F 314 50.51 -37.09 32.10
CA THR F 314 51.91 -37.49 32.10
C THR F 314 52.19 -38.15 33.44
N ARG F 315 52.37 -39.47 33.40
CA ARG F 315 52.53 -40.27 34.62
C ARG F 315 53.64 -41.28 34.41
N PRO F 316 54.27 -41.79 35.53
CA PRO F 316 55.19 -42.90 35.38
C PRO F 316 54.61 -44.10 34.64
N ASP F 317 53.29 -44.31 34.77
CA ASP F 317 52.59 -45.41 34.13
C ASP F 317 51.84 -44.95 32.87
N ASN F 318 52.08 -43.73 32.36
CA ASN F 318 51.35 -43.28 31.18
C ASN F 318 52.21 -42.33 30.35
N ALA F 319 52.69 -42.78 29.20
CA ALA F 319 53.33 -41.91 28.23
C ALA F 319 52.33 -40.81 27.80
N LEU F 320 52.83 -39.62 27.57
CA LEU F 320 52.04 -38.51 27.05
C LEU F 320 52.03 -38.51 25.53
N PHE F 321 50.80 -38.59 24.96
CA PHE F 321 50.58 -38.45 23.52
C PHE F 321 49.37 -37.55 23.35
N VAL F 322 49.54 -36.38 22.72
CA VAL F 322 48.40 -35.50 22.49
C VAL F 322 47.78 -35.93 21.17
N ALA F 323 46.77 -36.80 21.28
CA ALA F 323 46.23 -37.55 20.15
C ALA F 323 45.26 -36.73 19.29
N GLU F 324 44.82 -35.59 19.85
CA GLU F 324 43.94 -34.67 19.14
C GLU F 324 44.17 -33.32 19.80
N ILE F 325 44.37 -32.30 18.98
CA ILE F 325 44.41 -30.95 19.51
C ILE F 325 43.85 -30.02 18.43
N GLY F 326 43.26 -28.90 18.84
CA GLY F 326 42.75 -27.98 17.83
C GLY F 326 43.81 -27.44 16.88
N ASN F 327 43.35 -26.97 15.72
CA ASN F 327 44.23 -26.47 14.69
C ASN F 327 44.21 -24.93 14.60
N ASP F 328 43.50 -24.25 15.48
CA ASP F 328 43.58 -22.81 15.51
C ASP F 328 44.93 -22.38 16.05
N GLN F 329 45.31 -21.12 15.77
CA GLN F 329 46.62 -20.61 16.08
C GLN F 329 47.02 -20.82 17.53
N PRO F 330 46.16 -20.58 18.58
CA PRO F 330 46.64 -20.65 19.97
C PRO F 330 47.19 -22.02 20.36
N PHE F 331 46.78 -23.09 19.66
CA PHE F 331 47.16 -24.43 20.03
C PHE F 331 48.60 -24.80 19.63
N ALA F 332 49.20 -24.09 18.68
CA ALA F 332 50.48 -24.56 18.15
C ALA F 332 51.56 -24.57 19.23
N ARG F 333 51.54 -23.55 20.12
CA ARG F 333 52.61 -23.42 21.09
C ARG F 333 52.58 -24.54 22.12
N TYR F 334 51.50 -25.30 22.21
CA TYR F 334 51.44 -26.39 23.19
C TYR F 334 52.31 -27.58 22.79
N LEU F 335 52.89 -27.56 21.60
CA LEU F 335 53.91 -28.55 21.24
C LEU F 335 55.06 -28.47 22.24
N PHE F 336 55.39 -27.25 22.71
CA PHE F 336 56.62 -27.13 23.46
C PHE F 336 56.49 -27.79 24.81
N PRO F 337 55.47 -27.52 25.65
CA PRO F 337 55.31 -28.22 26.90
C PRO F 337 55.01 -29.69 26.74
N THR F 338 54.34 -30.08 25.66
CA THR F 338 54.13 -31.50 25.39
C THR F 338 55.48 -32.22 25.31
N LEU F 339 56.39 -31.68 24.52
CA LEU F 339 57.70 -32.34 24.34
C LEU F 339 58.49 -32.20 25.63
N GLY F 340 58.39 -31.04 26.29
CA GLY F 340 59.10 -30.82 27.57
C GLY F 340 58.76 -31.84 28.64
N LYS F 341 57.54 -32.38 28.66
CA LYS F 341 57.09 -33.40 29.60
C LYS F 341 57.56 -34.79 29.19
N GLY F 342 58.28 -34.86 28.11
CA GLY F 342 58.72 -36.10 27.49
C GLY F 342 57.64 -36.76 26.64
N GLY F 343 56.70 -35.95 26.16
CA GLY F 343 55.68 -36.49 25.26
C GLY F 343 56.27 -37.16 24.01
N ILE F 344 55.56 -38.16 23.49
CA ILE F 344 55.97 -38.90 22.35
C ILE F 344 55.34 -38.37 21.07
N GLY F 345 54.38 -37.43 21.16
CA GLY F 345 53.73 -36.99 19.94
C GLY F 345 52.67 -35.93 20.19
N PHE F 346 52.18 -35.37 19.09
CA PHE F 346 51.29 -34.21 19.02
C PHE F 346 50.59 -34.26 17.67
N SER F 347 49.25 -34.20 17.63
CA SER F 347 48.51 -34.47 16.41
C SER F 347 47.29 -33.53 16.23
N PRO F 348 47.50 -32.36 15.63
CA PRO F 348 46.45 -31.39 15.38
C PRO F 348 45.38 -31.99 14.45
N PHE F 349 44.13 -31.65 14.74
CA PHE F 349 42.99 -32.25 14.07
C PHE F 349 42.52 -31.36 12.92
N GLY F 350 42.03 -32.00 11.90
CA GLY F 350 41.36 -31.35 10.80
C GLY F 350 42.34 -30.71 9.81
N MET F 351 43.47 -31.38 9.59
CA MET F 351 44.50 -30.89 8.67
C MET F 351 44.31 -31.43 7.26
N ASP F 352 43.16 -31.08 6.63
CA ASP F 352 42.94 -31.45 5.25
C ASP F 352 42.02 -30.44 4.57
N ASP F 353 41.94 -30.49 3.25
CA ASP F 353 41.16 -29.55 2.46
C ASP F 353 39.93 -30.22 1.92
N THR F 354 39.18 -30.87 2.80
CA THR F 354 37.95 -31.54 2.36
C THR F 354 36.69 -30.70 2.64
N ASP F 355 36.82 -29.39 2.84
CA ASP F 355 35.70 -28.46 2.91
C ASP F 355 34.92 -28.65 4.21
N TYR F 356 35.62 -28.71 5.33
CA TYR F 356 34.96 -28.75 6.62
C TYR F 356 35.84 -28.04 7.62
N THR F 357 35.18 -27.31 8.53
CA THR F 357 35.86 -26.89 9.74
C THR F 357 34.92 -27.08 10.94
N ASN F 358 35.51 -27.53 12.07
CA ASN F 358 34.79 -27.73 13.30
C ASN F 358 34.81 -26.47 14.15
N TYR F 359 35.18 -25.33 13.57
CA TYR F 359 34.94 -24.05 14.27
C TYR F 359 33.54 -24.03 14.89
N PRO F 360 33.36 -23.67 16.16
CA PRO F 360 34.34 -22.98 17.01
C PRO F 360 35.36 -23.80 17.79
N LEU F 361 35.47 -25.11 17.55
CA LEU F 361 36.58 -25.83 18.17
C LEU F 361 37.92 -25.43 17.53
N GLY F 362 38.05 -25.62 16.23
CA GLY F 362 39.25 -25.32 15.46
C GLY F 362 39.18 -24.00 14.72
N ALA F 363 40.01 -23.89 13.68
CA ALA F 363 40.16 -22.63 12.98
C ALA F 363 38.93 -22.33 12.13
N LYS F 364 38.50 -21.07 12.15
CA LYS F 364 37.35 -20.70 11.33
C LYS F 364 37.64 -20.83 9.84
N VAL F 365 38.83 -20.46 9.41
CA VAL F 365 39.23 -20.52 8.01
C VAL F 365 40.45 -21.44 7.93
N TYR F 366 40.34 -22.50 7.14
CA TYR F 366 41.45 -23.40 6.88
C TYR F 366 42.17 -23.01 5.59
N ASN F 367 43.38 -22.50 5.72
CA ASN F 367 44.17 -22.11 4.57
C ASN F 367 45.65 -22.22 4.89
N ASP F 368 46.51 -21.73 4.00
CA ASP F 368 47.93 -21.89 4.20
C ASP F 368 48.39 -21.24 5.50
N GLU F 369 47.79 -20.12 5.93
CA GLU F 369 48.23 -19.49 7.14
C GLU F 369 47.93 -20.41 8.32
N THR F 370 46.80 -21.11 8.30
CA THR F 370 46.45 -21.98 9.41
C THR F 370 47.52 -23.05 9.56
N ILE F 371 47.92 -23.62 8.43
CA ILE F 371 48.91 -24.69 8.42
C ILE F 371 50.25 -24.15 8.92
N GLU F 372 50.60 -22.94 8.47
CA GLU F 372 51.93 -22.39 8.73
C GLU F 372 52.17 -22.23 10.24
N GLN F 373 51.13 -21.99 11.06
CA GLN F 373 51.34 -21.81 12.48
C GLN F 373 51.97 -23.08 13.07
N PHE F 374 51.54 -24.24 12.56
CA PHE F 374 52.13 -25.52 12.99
C PHE F 374 53.44 -25.81 12.25
N ALA F 375 53.54 -25.46 10.98
CA ALA F 375 54.77 -25.71 10.23
C ALA F 375 55.93 -25.00 10.91
N GLN F 376 55.67 -23.84 11.51
CA GLN F 376 56.79 -23.07 12.06
C GLN F 376 57.33 -23.71 13.31
N VAL F 377 56.49 -24.34 14.13
CA VAL F 377 56.97 -25.00 15.32
C VAL F 377 57.53 -26.38 14.97
N TYR F 378 56.95 -27.09 14.02
CA TYR F 378 57.52 -28.38 13.61
C TYR F 378 58.92 -28.23 13.02
N ARG F 379 59.18 -27.08 12.38
CA ARG F 379 60.52 -26.84 11.77
C ARG F 379 61.58 -26.70 12.86
N LEU F 380 61.21 -26.46 14.12
CA LEU F 380 62.17 -26.38 15.23
C LEU F 380 62.63 -27.80 15.62
N VAL F 381 61.76 -28.81 15.38
CA VAL F 381 61.97 -30.12 15.98
C VAL F 381 62.43 -31.09 14.91
N ASN F 382 61.88 -30.97 13.69
CA ASN F 382 62.19 -31.91 12.60
C ASN F 382 63.70 -32.05 12.43
N PRO F 383 64.51 -30.99 12.46
CA PRO F 383 65.93 -31.17 12.16
C PRO F 383 66.69 -31.92 13.22
N MET F 384 66.13 -32.06 14.44
CA MET F 384 66.75 -32.80 15.51
C MET F 384 65.84 -33.92 16.07
N MET F 385 64.89 -34.40 15.27
CA MET F 385 63.84 -35.23 15.89
C MET F 385 64.38 -36.46 16.66
N ARG F 386 65.31 -37.18 16.02
CA ARG F 386 65.82 -38.40 16.64
C ARG F 386 66.68 -38.09 17.86
N GLU F 387 67.46 -36.99 17.77
CA GLU F 387 68.31 -36.63 18.86
C GLU F 387 67.51 -36.20 20.07
N TRP F 388 66.50 -35.35 19.79
CA TRP F 388 65.58 -34.92 20.83
C TRP F 388 64.85 -36.10 21.47
N ALA F 389 64.39 -37.00 20.60
CA ALA F 389 63.64 -38.18 21.08
C ALA F 389 64.48 -38.98 22.08
N ARG F 390 65.76 -39.15 21.71
N ARG F 390 65.77 -39.14 21.79
CA ARG F 390 66.74 -39.85 22.54
CA ARG F 390 66.60 -39.91 22.71
C ARG F 390 66.91 -39.15 23.89
C ARG F 390 66.86 -39.13 24.00
N LEU F 391 67.13 -37.80 23.87
CA LEU F 391 67.31 -37.03 25.08
C LEU F 391 66.12 -37.00 26.02
N SER F 392 64.94 -36.99 25.43
N SER F 392 64.92 -37.01 25.44
CA SER F 392 63.75 -36.96 26.24
CA SER F 392 63.71 -36.93 26.24
C SER F 392 63.65 -38.22 27.08
C SER F 392 63.49 -38.25 27.02
N TYR F 393 63.93 -39.36 26.43
CA TYR F 393 63.74 -40.66 27.09
C TYR F 393 64.85 -40.92 28.12
N GLN F 394 66.08 -40.70 27.66
CA GLN F 394 67.32 -41.15 28.30
C GLN F 394 67.99 -40.01 29.04
N GLY F 395 67.56 -38.77 28.82
CA GLY F 395 68.20 -37.65 29.51
C GLY F 395 67.20 -36.64 30.08
N GLN F 396 67.62 -35.38 30.05
CA GLN F 396 66.85 -34.38 30.68
C GLN F 396 66.46 -33.33 29.62
N VAL F 397 65.14 -33.09 29.59
CA VAL F 397 64.55 -32.08 28.72
C VAL F 397 63.59 -31.21 29.51
N TRP F 398 63.32 -30.04 28.88
CA TRP F 398 62.40 -29.05 29.41
C TRP F 398 61.71 -28.39 28.21
N GLY F 399 60.46 -27.91 28.42
CA GLY F 399 59.80 -27.18 27.37
C GLY F 399 58.71 -26.33 27.99
N VAL F 400 58.55 -25.12 27.46
CA VAL F 400 57.59 -24.17 27.98
C VAL F 400 56.91 -23.45 26.82
N ALA F 401 55.67 -22.96 27.09
CA ALA F 401 54.91 -22.15 26.18
C ALA F 401 54.60 -20.83 26.85
N GLU F 402 54.35 -19.83 26.00
CA GLU F 402 53.95 -18.50 26.47
C GLU F 402 52.71 -18.63 27.37
N PRO F 403 52.75 -18.22 28.65
CA PRO F 403 51.75 -18.59 29.65
C PRO F 403 50.57 -17.65 29.83
N LEU F 404 50.51 -16.55 29.07
CA LEU F 404 49.30 -15.75 29.00
C LEU F 404 48.67 -15.92 27.63
N ASP F 405 47.37 -16.14 27.63
CA ASP F 405 46.59 -16.17 26.43
C ASP F 405 46.49 -14.77 25.84
N SER F 406 46.14 -14.66 24.57
CA SER F 406 45.99 -13.37 23.92
C SER F 406 45.01 -12.50 24.68
N THR F 407 45.33 -11.21 24.75
CA THR F 407 44.50 -10.23 25.43
C THR F 407 43.16 -10.11 24.71
N THR F 408 42.07 -10.16 25.46
CA THR F 408 40.73 -10.11 24.87
C THR F 408 40.37 -8.64 24.57
N GLU F 409 39.37 -8.43 23.70
CA GLU F 409 38.82 -7.10 23.44
C GLU F 409 38.44 -6.42 24.75
N THR F 410 37.71 -7.17 25.60
CA THR F 410 37.31 -6.77 26.96
C THR F 410 38.45 -6.20 27.79
N GLN F 411 39.57 -6.94 27.88
CA GLN F 411 40.71 -6.54 28.71
C GLN F 411 41.37 -5.29 28.13
N LYS F 412 41.27 -5.10 26.80
CA LYS F 412 41.88 -3.94 26.15
C LYS F 412 41.12 -2.66 26.53
N ILE F 413 39.77 -2.76 26.51
CA ILE F 413 38.88 -1.71 27.01
C ILE F 413 39.23 -1.40 28.47
N TRP F 414 39.10 -2.40 29.36
CA TRP F 414 39.30 -2.22 30.79
C TRP F 414 40.78 -2.06 31.13
N ASN F 415 41.49 -1.23 30.33
CA ASN F 415 42.92 -1.03 30.45
C ASN F 415 43.28 0.26 29.72
N ALA F 416 42.47 0.60 28.72
CA ALA F 416 42.57 1.88 28.02
C ALA F 416 42.02 2.97 28.94
N GLU F 417 41.34 2.55 30.01
CA GLU F 417 40.64 3.45 30.91
C GLU F 417 41.44 3.61 32.20
N ALA F 418 42.41 2.71 32.39
CA ALA F 418 43.17 2.66 33.63
C ALA F 418 43.94 3.96 33.80
N THR F 419 44.24 4.30 35.05
CA THR F 419 45.08 5.46 35.32
C THR F 419 46.51 5.13 34.90
N PRO F 420 47.35 6.16 34.60
CA PRO F 420 48.79 5.95 34.47
C PRO F 420 49.42 4.96 35.45
N GLU F 421 49.19 5.10 36.76
CA GLU F 421 49.79 4.21 37.77
C GLU F 421 49.24 2.78 37.66
N GLU F 422 47.97 2.64 37.26
CA GLU F 422 47.36 1.32 37.14
C GLU F 422 47.94 0.59 35.92
N LYS F 423 48.07 1.31 34.79
CA LYS F 423 48.75 0.81 33.60
C LYS F 423 50.16 0.32 33.96
N GLU F 424 50.92 1.12 34.73
CA GLU F 424 52.30 0.74 35.01
C GLU F 424 52.28 -0.56 35.82
N GLN F 425 51.31 -0.68 36.75
CA GLN F 425 51.28 -1.84 37.61
C GLN F 425 50.92 -3.06 36.78
N HIS F 426 50.00 -2.85 35.82
CA HIS F 426 49.48 -3.93 35.00
C HIS F 426 50.63 -4.48 34.15
N LYS F 427 51.41 -3.58 33.55
CA LYS F 427 52.55 -3.95 32.73
C LYS F 427 53.59 -4.69 33.54
N LYS F 428 53.87 -4.25 34.76
CA LYS F 428 54.78 -4.94 35.65
C LYS F 428 54.28 -6.35 35.94
N ASP F 429 52.98 -6.50 36.25
CA ASP F 429 52.42 -7.80 36.56
C ASP F 429 52.46 -8.72 35.33
N ARG F 430 52.15 -8.18 34.15
N ARG F 430 52.12 -8.18 34.15
CA ARG F 430 52.21 -8.98 32.94
CA ARG F 430 52.21 -8.93 32.91
C ARG F 430 53.63 -9.40 32.63
C ARG F 430 53.64 -9.42 32.70
N ALA F 431 54.60 -8.50 32.88
CA ALA F 431 56.01 -8.88 32.67
C ALA F 431 56.45 -10.04 33.55
N SER F 432 56.07 -10.03 34.85
CA SER F 432 56.41 -11.11 35.75
C SER F 432 55.72 -12.40 35.29
N ALA F 433 54.48 -12.31 34.81
CA ALA F 433 53.77 -13.51 34.38
C ALA F 433 54.40 -14.10 33.12
N LEU F 434 54.97 -13.26 32.27
CA LEU F 434 55.61 -13.67 31.02
C LEU F 434 57.09 -13.99 31.21
N THR F 435 57.51 -14.32 32.43
CA THR F 435 58.87 -14.70 32.78
C THR F 435 58.80 -16.07 33.45
N GLN F 436 59.40 -17.08 32.86
CA GLN F 436 59.42 -18.45 33.38
C GLN F 436 60.83 -18.85 33.76
N GLN F 437 60.99 -19.48 34.91
CA GLN F 437 62.26 -19.98 35.34
C GLN F 437 62.33 -21.50 35.15
N LEU F 438 63.47 -22.01 34.73
CA LEU F 438 63.74 -23.43 34.60
C LEU F 438 65.05 -23.76 35.31
N ASP F 439 65.03 -24.74 36.20
CA ASP F 439 66.19 -25.17 36.98
C ASP F 439 66.88 -26.30 36.26
N LEU F 440 68.03 -25.98 35.67
CA LEU F 440 68.73 -26.88 34.80
C LEU F 440 69.99 -27.47 35.46
N GLY F 441 69.98 -27.56 36.78
CA GLY F 441 71.11 -28.13 37.53
C GLY F 441 71.96 -27.01 38.10
N LEU F 442 73.17 -26.86 37.54
CA LEU F 442 74.08 -25.79 37.95
C LEU F 442 73.72 -24.44 37.35
N TRP F 443 72.86 -24.48 36.32
CA TRP F 443 72.44 -23.29 35.57
C TRP F 443 70.91 -23.26 35.56
N ASP F 444 70.37 -22.05 35.54
CA ASP F 444 68.95 -21.85 35.29
C ASP F 444 68.78 -21.13 33.99
N ALA F 445 67.60 -21.31 33.38
CA ALA F 445 67.22 -20.45 32.27
C ALA F 445 66.00 -19.64 32.65
N GLU F 446 65.96 -18.43 32.11
CA GLU F 446 64.79 -17.55 32.25
C GLU F 446 64.25 -17.35 30.84
N VAL F 447 62.97 -17.70 30.63
CA VAL F 447 62.34 -17.56 29.33
C VAL F 447 61.33 -16.40 29.38
N THR F 448 61.44 -15.45 28.48
CA THR F 448 60.56 -14.30 28.42
C THR F 448 59.99 -14.13 27.01
N TYR F 449 58.83 -13.48 26.90
CA TYR F 449 58.09 -13.43 25.66
C TYR F 449 57.68 -12.01 25.26
N GLY F 450 57.99 -11.67 24.03
CA GLY F 450 57.51 -10.46 23.41
C GLY F 450 58.31 -9.27 23.83
N ARG F 451 59.56 -9.22 23.36
CA ARG F 451 60.44 -8.11 23.66
C ARG F 451 61.44 -7.96 22.54
N PRO F 452 62.14 -6.81 22.48
CA PRO F 452 63.15 -6.63 21.47
C PRO F 452 64.29 -7.64 21.64
N MET F 453 65.14 -7.68 20.60
CA MET F 453 66.29 -8.58 20.61
C MET F 453 67.55 -7.95 21.19
N PHE F 454 67.42 -6.71 21.63
CA PHE F 454 68.49 -5.87 22.13
C PHE F 454 68.02 -5.14 23.40
N TRP F 455 68.87 -4.95 24.40
CA TRP F 455 68.55 -4.29 25.64
C TRP F 455 67.55 -5.08 26.48
N VAL F 456 67.01 -4.48 27.57
CA VAL F 456 66.32 -5.23 28.60
C VAL F 456 64.92 -4.65 28.92
N THR F 457 64.28 -4.03 27.92
CA THR F 457 62.87 -3.62 28.02
C THR F 457 62.05 -4.84 28.47
N PRO F 458 61.18 -4.75 29.50
CA PRO F 458 60.44 -5.90 29.99
C PRO F 458 59.52 -6.48 28.91
N PRO F 459 59.32 -7.82 28.98
CA PRO F 459 58.38 -8.48 28.05
C PRO F 459 56.93 -8.01 28.17
N GLU F 460 56.30 -7.96 27.00
CA GLU F 460 54.90 -7.53 26.86
C GLU F 460 54.03 -8.60 26.21
N GLY F 461 54.65 -9.71 25.79
CA GLY F 461 53.91 -10.80 25.17
C GLY F 461 53.87 -10.65 23.66
N ASN F 462 53.70 -11.79 22.95
CA ASN F 462 53.43 -11.77 21.55
C ASN F 462 51.92 -11.54 21.33
N THR F 463 51.62 -10.93 20.17
CA THR F 463 50.22 -10.76 19.75
C THR F 463 50.03 -11.45 18.42
N PRO F 464 49.35 -12.61 18.34
CA PRO F 464 48.74 -13.33 19.47
C PRO F 464 49.77 -14.14 20.26
N ALA F 465 49.39 -14.66 21.42
CA ALA F 465 50.29 -15.49 22.19
C ALA F 465 50.77 -16.64 21.32
N ALA F 466 52.09 -16.97 21.37
CA ALA F 466 52.63 -17.90 20.37
C ALA F 466 53.97 -18.53 20.78
N GLY F 467 54.66 -17.96 21.74
CA GLY F 467 56.07 -18.33 21.91
C GLY F 467 56.25 -19.62 22.71
N GLY F 468 57.50 -20.11 22.64
CA GLY F 468 57.89 -21.21 23.50
C GLY F 468 59.38 -21.51 23.37
N ALA F 469 59.81 -22.51 24.15
CA ALA F 469 61.21 -22.92 24.13
C ALA F 469 61.35 -24.39 24.49
N LEU F 470 62.39 -25.01 23.94
CA LEU F 470 62.86 -26.38 24.24
C LEU F 470 64.31 -26.32 24.72
N ILE F 471 64.62 -27.05 25.81
CA ILE F 471 65.99 -27.16 26.31
C ILE F 471 66.28 -28.65 26.56
N ALA F 472 67.46 -29.14 26.16
CA ALA F 472 67.93 -30.47 26.56
C ALA F 472 69.31 -30.34 27.18
N GLN F 473 69.56 -31.11 28.25
CA GLN F 473 70.84 -31.04 28.93
C GLN F 473 71.79 -32.02 28.23
N LEU F 474 72.96 -31.52 27.81
CA LEU F 474 74.00 -32.36 27.19
C LEU F 474 75.06 -32.78 28.20
N ASP F 475 75.37 -31.94 29.17
CA ASP F 475 76.44 -32.15 30.16
C ASP F 475 76.19 -31.13 31.28
N ASP F 476 77.02 -31.11 32.34
CA ASP F 476 76.86 -30.28 33.49
C ASP F 476 76.65 -28.81 33.08
N ASN F 477 77.40 -28.39 32.04
CA ASN F 477 77.43 -26.98 31.68
C ASN F 477 77.00 -26.75 30.23
N GLU F 478 76.34 -27.70 29.58
CA GLU F 478 76.08 -27.60 28.17
C GLU F 478 74.67 -28.05 27.87
N TYR F 479 73.99 -27.25 27.03
CA TYR F 479 72.59 -27.43 26.70
C TYR F 479 72.33 -27.24 25.23
N LEU F 480 71.31 -27.94 24.71
CA LEU F 480 70.74 -27.76 23.39
C LEU F 480 69.50 -26.89 23.61
N VAL F 481 69.34 -25.86 22.78
CA VAL F 481 68.30 -24.85 22.98
C VAL F 481 67.72 -24.50 21.62
N THR F 482 66.40 -24.56 21.47
CA THR F 482 65.71 -23.88 20.37
C THR F 482 64.45 -23.24 20.92
N ALA F 483 64.05 -22.09 20.38
CA ALA F 483 62.90 -21.39 20.91
C ALA F 483 62.28 -20.59 19.76
N TYR F 484 61.18 -19.92 20.12
CA TYR F 484 60.25 -19.37 19.14
C TYR F 484 59.58 -18.15 19.75
N LYS F 485 59.84 -16.96 19.17
CA LYS F 485 59.23 -15.71 19.62
C LYS F 485 59.41 -15.50 21.11
N ALA F 486 60.68 -15.63 21.51
CA ALA F 486 61.05 -15.66 22.92
C ALA F 486 62.53 -15.32 23.07
N ARG F 487 62.85 -14.92 24.30
CA ARG F 487 64.22 -14.79 24.76
C ARG F 487 64.51 -15.82 25.84
N VAL F 488 65.71 -16.46 25.72
CA VAL F 488 66.20 -17.40 26.70
C VAL F 488 67.50 -16.85 27.29
N GLU F 489 67.55 -16.69 28.61
CA GLU F 489 68.74 -16.20 29.28
C GLU F 489 69.20 -17.21 30.31
N PHE F 490 70.50 -17.52 30.32
CA PHE F 490 71.10 -18.43 31.27
C PHE F 490 71.78 -17.68 32.42
N LYS F 491 71.71 -18.27 33.62
CA LYS F 491 72.33 -17.70 34.81
C LYS F 491 72.68 -18.82 35.77
N PRO F 492 73.55 -18.60 36.76
CA PRO F 492 73.79 -19.65 37.77
C PRO F 492 72.52 -20.03 38.49
N SER F 493 72.42 -21.32 38.83
CA SER F 493 71.33 -21.85 39.65
C SER F 493 71.55 -21.60 41.14
N GLN F 494 72.78 -21.29 41.53
CA GLN F 494 73.15 -21.11 42.93
C GLN F 494 74.28 -20.11 43.01
N GLU F 495 74.50 -19.58 44.22
CA GLU F 495 75.54 -18.58 44.39
C GLU F 495 76.90 -19.20 44.09
N LEU F 496 77.79 -18.38 43.50
CA LEU F 496 79.07 -18.90 43.01
C LEU F 496 80.25 -18.59 43.91
N ALA F 497 80.00 -18.16 45.15
CA ALA F 497 81.07 -18.12 46.17
C ALA F 497 82.27 -17.33 45.70
N GLY F 498 82.04 -16.21 44.98
CA GLY F 498 83.14 -15.36 44.61
C GLY F 498 83.59 -15.49 43.15
N LYS F 499 83.13 -16.51 42.43
N LYS F 499 83.14 -16.53 42.44
CA LYS F 499 83.40 -16.58 41.00
CA LYS F 499 83.39 -16.63 41.00
C LYS F 499 82.39 -15.73 40.21
C LYS F 499 82.40 -15.73 40.23
N LYS F 500 82.79 -15.41 39.00
CA LYS F 500 81.92 -14.82 38.00
C LYS F 500 81.44 -15.89 37.03
N PHE F 501 80.50 -15.52 36.13
CA PHE F 501 80.08 -16.46 35.09
C PHE F 501 79.90 -15.70 33.77
N MET F 502 79.99 -16.51 32.74
CA MET F 502 79.67 -16.03 31.38
C MET F 502 79.20 -17.19 30.54
N ILE F 503 78.59 -16.83 29.40
CA ILE F 503 78.53 -17.79 28.31
C ILE F 503 79.93 -18.08 27.80
N GLU F 504 80.32 -19.35 27.77
CA GLU F 504 81.58 -19.76 27.17
C GLU F 504 81.48 -19.75 25.65
N ARG F 505 80.47 -20.43 25.06
N ARG F 505 80.38 -20.29 25.13
CA ARG F 505 80.31 -20.50 23.62
CA ARG F 505 80.23 -20.47 23.72
C ARG F 505 78.88 -20.92 23.28
C ARG F 505 78.77 -20.80 23.41
N VAL F 506 78.28 -20.18 22.34
CA VAL F 506 77.01 -20.54 21.71
C VAL F 506 77.27 -20.83 20.26
N GLU F 507 76.90 -22.03 19.77
CA GLU F 507 77.05 -22.39 18.39
C GLU F 507 75.67 -22.71 17.79
N GLU F 508 75.39 -22.22 16.63
CA GLU F 508 74.21 -22.63 15.90
C GLU F 508 74.66 -23.72 14.93
N GLY F 509 73.83 -24.73 14.74
CA GLY F 509 74.27 -25.88 13.96
C GLY F 509 73.12 -26.86 13.76
N ARG F 510 73.55 -28.07 13.37
CA ARG F 510 72.57 -29.09 13.01
C ARG F 510 73.21 -30.44 13.20
N PHE F 511 72.39 -31.50 13.19
CA PHE F 511 72.92 -32.86 13.27
C PHE F 511 72.93 -33.46 11.87
N GLU F 512 74.08 -34.05 11.49
CA GLU F 512 74.17 -34.91 10.32
C GLU F 512 74.81 -36.23 10.77
N LYS F 513 74.07 -37.32 10.52
CA LYS F 513 74.51 -38.64 10.90
C LYS F 513 74.72 -38.75 12.41
N GLY F 514 73.87 -38.06 13.21
CA GLY F 514 73.98 -38.03 14.66
C GLY F 514 75.12 -37.18 15.23
N LYS F 515 75.88 -36.49 14.34
CA LYS F 515 77.00 -35.64 14.67
C LYS F 515 76.61 -34.17 14.50
N TRP F 516 77.01 -33.42 15.52
CA TRP F 516 76.87 -31.96 15.52
C TRP F 516 77.78 -31.31 14.51
N VAL F 517 77.22 -30.44 13.67
CA VAL F 517 77.94 -29.68 12.65
C VAL F 517 77.68 -28.20 12.99
N MET F 518 78.75 -27.45 13.20
N MET F 518 78.71 -27.46 13.37
CA MET F 518 78.62 -26.03 13.49
CA MET F 518 78.56 -26.03 13.68
C MET F 518 78.39 -25.29 12.18
C MET F 518 78.50 -25.23 12.38
N GLU F 519 77.50 -24.30 12.28
CA GLU F 519 77.30 -23.37 11.17
C GLU F 519 77.94 -22.03 11.52
N ARG F 520 77.67 -21.52 12.73
CA ARG F 520 78.28 -20.22 13.15
C ARG F 520 78.27 -20.16 14.67
N VAL F 521 79.04 -19.22 15.23
CA VAL F 521 79.05 -18.88 16.65
C VAL F 521 78.19 -17.64 16.82
N TRP F 522 77.23 -17.72 17.75
CA TRP F 522 76.51 -16.53 18.21
C TRP F 522 77.40 -15.87 19.24
N ASN F 523 77.58 -14.57 19.06
CA ASN F 523 78.39 -13.79 20.00
C ASN F 523 77.96 -12.34 19.92
N GLY F 524 78.63 -11.49 20.71
CA GLY F 524 78.36 -10.06 20.64
C GLY F 524 76.90 -9.74 20.87
N ASP F 525 76.28 -8.91 20.00
CA ASP F 525 74.89 -8.55 20.16
C ASP F 525 73.99 -9.80 20.31
N GLN F 526 74.33 -10.92 19.62
CA GLN F 526 73.44 -12.09 19.66
C GLN F 526 73.45 -12.81 21.00
N THR F 527 74.43 -12.54 21.86
CA THR F 527 74.43 -13.17 23.17
C THR F 527 74.46 -12.16 24.34
N ASP F 528 74.52 -10.87 24.11
CA ASP F 528 74.59 -9.83 25.16
C ASP F 528 73.26 -9.72 25.93
N TRP F 529 72.15 -10.01 25.26
CA TRP F 529 70.82 -9.71 25.75
C TRP F 529 70.02 -11.02 25.75
N GLY F 530 70.61 -12.11 26.26
CA GLY F 530 70.01 -13.43 26.10
C GLY F 530 70.12 -13.96 24.67
N LEU F 531 69.38 -15.02 24.42
CA LEU F 531 69.34 -15.68 23.12
C LEU F 531 67.92 -15.44 22.60
N ASN F 532 67.83 -14.63 21.53
CA ASN F 532 66.58 -14.08 21.04
C ASN F 532 66.18 -14.83 19.77
N PHE F 533 64.95 -15.37 19.76
CA PHE F 533 64.39 -16.16 18.68
C PHE F 533 63.15 -15.47 18.12
N THR F 534 63.01 -15.48 16.81
CA THR F 534 61.83 -14.96 16.12
C THR F 534 60.97 -16.16 15.67
N ASP F 535 60.47 -16.08 14.46
CA ASP F 535 59.70 -17.19 13.90
C ASP F 535 60.58 -18.17 13.14
N ARG F 536 61.87 -17.90 12.95
CA ARG F 536 62.70 -18.74 12.14
C ARG F 536 63.46 -19.75 12.99
N PRO F 537 63.80 -20.93 12.46
CA PRO F 537 64.44 -21.96 13.27
C PRO F 537 65.95 -21.79 13.42
N HIS F 538 66.42 -21.95 14.67
CA HIS F 538 67.84 -21.95 15.01
C HIS F 538 68.00 -22.93 16.16
N LEU F 539 68.88 -23.93 15.93
CA LEU F 539 69.22 -24.85 16.99
C LEU F 539 70.59 -24.49 17.55
N LEU F 540 70.69 -24.30 18.85
CA LEU F 540 71.91 -23.82 19.49
C LEU F 540 72.44 -24.83 20.50
N ARG F 541 73.76 -24.89 20.60
CA ARG F 541 74.46 -25.57 21.69
C ARG F 541 75.08 -24.50 22.55
N VAL F 542 74.73 -24.44 23.82
CA VAL F 542 75.10 -23.39 24.73
C VAL F 542 75.97 -24.01 25.79
N LYS F 543 77.17 -23.48 25.96
CA LYS F 543 78.12 -23.90 26.99
C LYS F 543 78.34 -22.70 27.94
N MET F 544 78.07 -22.91 29.22
CA MET F 544 78.19 -21.89 30.26
C MET F 544 79.46 -22.18 31.10
N ALA F 545 80.04 -21.14 31.71
CA ALA F 545 81.22 -21.30 32.57
C ALA F 545 81.18 -20.36 33.75
N SER F 546 81.57 -20.88 34.93
CA SER F 546 81.96 -20.05 36.04
C SER F 546 83.48 -19.96 36.00
N TYR F 547 84.01 -18.81 36.39
CA TYR F 547 85.45 -18.58 36.36
C TYR F 547 85.92 -17.77 37.55
N SER F 548 87.13 -18.06 38.04
N SER F 548 87.14 -18.04 37.99
CA SER F 548 87.71 -17.34 39.16
CA SER F 548 87.77 -17.35 39.09
C SER F 548 88.20 -15.96 38.75
C SER F 548 88.19 -15.93 38.72
N VAL F 549 88.06 -14.99 39.68
CA VAL F 549 88.70 -13.70 39.54
C VAL F 549 89.61 -13.39 40.73
N GLN F 550 89.86 -14.38 41.58
CA GLN F 550 90.85 -14.20 42.63
C GLN F 550 92.09 -13.54 42.01
N ALA G 11 102.33 -5.58 -7.74
CA ALA G 11 101.54 -4.71 -8.63
C ALA G 11 100.88 -3.60 -7.82
N ALA G 12 99.61 -3.82 -7.44
CA ALA G 12 98.77 -2.79 -6.84
C ALA G 12 99.47 -2.12 -5.66
N PRO G 13 99.48 -0.76 -5.57
CA PRO G 13 100.04 -0.10 -4.41
C PRO G 13 99.16 -0.30 -3.16
N LEU G 14 99.82 -0.33 -2.03
CA LEU G 14 99.12 -0.45 -0.76
C LEU G 14 98.11 0.67 -0.59
N PRO G 15 96.93 0.35 -0.04
CA PRO G 15 96.10 1.42 0.50
C PRO G 15 96.83 2.22 1.56
N GLU G 16 96.47 3.51 1.66
CA GLU G 16 97.15 4.43 2.54
C GLU G 16 96.19 5.54 2.91
N LEU G 17 96.25 5.99 4.16
CA LEU G 17 95.56 7.21 4.57
C LEU G 17 96.51 8.39 4.48
N LEU G 18 96.18 9.33 3.58
CA LEU G 18 96.94 10.56 3.40
C LEU G 18 96.27 11.70 4.15
N SER G 19 97.10 12.61 4.62
CA SER G 19 96.67 13.81 5.31
C SER G 19 97.54 14.99 4.84
N ASN G 20 96.90 16.07 4.38
CA ASN G 20 97.62 17.22 3.85
C ASN G 20 96.69 18.42 3.85
N ASN G 21 97.20 19.57 4.35
CA ASN G 21 96.48 20.83 4.32
C ASN G 21 95.14 20.70 5.07
N GLY G 22 95.16 19.96 6.17
CA GLY G 22 93.97 19.77 7.01
C GLY G 22 92.91 18.86 6.39
N LYS G 23 93.24 18.21 5.26
N LYS G 23 93.25 18.21 5.27
CA LYS G 23 92.31 17.31 4.59
CA LYS G 23 92.35 17.33 4.54
C LYS G 23 92.94 15.91 4.52
C LYS G 23 92.96 15.93 4.48
N HIS G 24 92.12 14.98 4.03
CA HIS G 24 92.46 13.57 4.13
C HIS G 24 91.90 12.82 2.97
N ALA G 25 92.55 11.70 2.65
CA ALA G 25 92.12 10.80 1.63
C ALA G 25 92.51 9.38 2.03
N LEU G 26 91.58 8.47 1.82
CA LEU G 26 91.92 7.05 1.79
C LEU G 26 92.27 6.69 0.36
N MET G 27 93.57 6.37 0.14
CA MET G 27 94.02 5.93 -1.15
C MET G 27 93.84 4.44 -1.29
N VAL G 28 93.19 4.07 -2.33
CA VAL G 28 92.97 2.71 -2.74
C VAL G 28 93.37 2.61 -4.22
N ASP G 29 94.29 1.69 -4.48
CA ASP G 29 94.73 1.47 -5.86
C ASP G 29 95.31 2.76 -6.43
N GLY G 30 95.92 3.59 -5.57
CA GLY G 30 96.72 4.75 -5.95
C GLY G 30 95.87 6.00 -6.24
N ALA G 31 94.57 6.03 -5.80
CA ALA G 31 93.77 7.24 -5.92
C ALA G 31 92.77 7.31 -4.74
N PRO G 32 92.29 8.50 -4.38
CA PRO G 32 91.27 8.62 -3.33
C PRO G 32 90.06 7.74 -3.61
N TYR G 33 89.48 7.26 -2.48
CA TYR G 33 88.40 6.29 -2.48
C TYR G 33 87.40 6.64 -1.37
N ILE G 34 86.11 6.42 -1.67
CA ILE G 34 85.08 6.54 -0.62
C ILE G 34 84.51 5.16 -0.33
N ILE G 35 84.53 4.80 0.96
CA ILE G 35 83.81 3.63 1.45
C ILE G 35 82.30 3.90 1.51
N LEU G 36 81.58 3.30 0.59
CA LEU G 36 80.12 3.29 0.61
C LEU G 36 79.77 1.92 1.16
N GLY G 37 79.72 1.86 2.48
CA GLY G 37 79.89 0.58 3.18
C GLY G 37 78.62 -0.14 3.61
N SER G 38 78.67 -1.47 3.76
N SER G 38 78.88 -1.26 4.25
CA SER G 38 77.71 -2.16 4.65
CA SER G 38 77.85 -2.12 4.75
C SER G 38 78.49 -2.91 5.73
C SER G 38 78.60 -2.85 5.85
N GLN G 39 77.93 -3.08 6.95
CA GLN G 39 78.55 -3.86 8.01
C GLN G 39 77.59 -4.97 8.45
N THR G 40 78.12 -6.17 8.66
CA THR G 40 77.31 -7.30 9.11
C THR G 40 76.86 -7.11 10.56
N ASN G 41 75.86 -7.91 10.91
CA ASN G 41 75.62 -8.26 12.30
C ASN G 41 76.83 -8.99 12.89
N ASN G 42 76.85 -9.14 14.22
CA ASN G 42 78.00 -9.56 15.00
C ASN G 42 78.29 -11.07 14.83
N SER G 43 77.33 -11.86 14.37
CA SER G 43 77.47 -13.30 14.32
C SER G 43 77.45 -13.84 12.89
N SER G 44 77.92 -13.01 11.94
CA SER G 44 77.92 -13.33 10.54
C SER G 44 79.29 -13.70 9.99
N ASN G 45 80.28 -13.82 10.88
CA ASN G 45 81.67 -14.03 10.54
C ASN G 45 82.03 -15.50 10.38
N TYR G 46 81.17 -16.21 9.64
CA TYR G 46 81.40 -17.64 9.36
C TYR G 46 81.02 -17.92 7.92
N PRO G 47 81.68 -18.94 7.29
CA PRO G 47 81.37 -19.22 5.92
C PRO G 47 79.89 -19.45 5.59
N ASP G 48 79.14 -20.15 6.44
CA ASP G 48 77.74 -20.46 6.19
C ASP G 48 76.86 -19.20 6.22
N ALA G 49 77.30 -18.15 6.90
CA ALA G 49 76.48 -16.96 7.04
C ALA G 49 76.60 -16.02 5.85
N LEU G 50 77.67 -16.15 5.06
CA LEU G 50 77.94 -15.17 4.03
C LEU G 50 76.82 -15.13 2.99
N LYS G 51 76.12 -16.27 2.71
CA LYS G 51 75.01 -16.24 1.77
C LYS G 51 73.92 -15.27 2.19
N ASP G 52 73.87 -14.92 3.51
CA ASP G 52 72.86 -14.02 4.06
C ASP G 52 73.40 -12.58 4.12
N VAL G 53 74.61 -12.34 3.63
CA VAL G 53 75.28 -11.04 3.66
C VAL G 53 75.32 -10.46 2.25
N TRP G 54 75.78 -11.24 1.28
CA TRP G 54 76.02 -10.68 -0.02
C TRP G 54 74.76 -10.12 -0.70
N PRO G 55 73.56 -10.73 -0.59
CA PRO G 55 72.41 -10.17 -1.32
C PRO G 55 72.16 -8.72 -0.90
N SER G 56 72.19 -8.48 0.43
CA SER G 56 71.97 -7.12 0.94
C SER G 56 72.98 -6.15 0.35
N MET G 57 74.25 -6.59 0.27
CA MET G 57 75.29 -5.69 -0.20
C MET G 57 75.01 -5.27 -1.65
N GLU G 58 74.59 -6.25 -2.48
CA GLU G 58 74.24 -6.01 -3.86
C GLU G 58 73.04 -5.06 -3.99
N LYS G 59 71.99 -5.31 -3.22
CA LYS G 59 70.81 -4.43 -3.18
C LYS G 59 71.17 -3.01 -2.75
N MET G 60 72.13 -2.87 -1.82
CA MET G 60 72.48 -1.57 -1.27
C MET G 60 73.37 -0.79 -2.27
N GLY G 61 74.10 -1.51 -3.14
CA GLY G 61 75.10 -0.88 -3.98
C GLY G 61 76.35 -0.48 -3.20
N ALA G 62 76.65 -1.17 -2.11
CA ALA G 62 77.84 -0.91 -1.30
C ALA G 62 79.09 -1.36 -2.06
N ASN G 63 80.20 -0.67 -1.81
CA ASN G 63 81.45 -1.06 -2.48
C ASN G 63 82.44 -1.69 -1.50
N THR G 64 82.12 -1.75 -0.18
CA THR G 64 83.03 -2.22 0.85
C THR G 64 82.23 -2.84 1.99
N LEU G 65 82.63 -4.05 2.42
CA LEU G 65 81.96 -4.79 3.47
C LEU G 65 82.88 -4.76 4.68
N SER G 66 82.31 -4.33 5.81
CA SER G 66 82.97 -4.41 7.12
C SER G 66 82.40 -5.62 7.87
N ILE G 67 83.30 -6.51 8.32
CA ILE G 67 82.88 -7.82 8.84
C ILE G 67 83.88 -8.24 9.90
N PRO G 68 83.47 -8.84 11.04
CA PRO G 68 84.46 -9.26 12.04
C PRO G 68 85.39 -10.40 11.58
N VAL G 69 86.59 -10.39 12.15
CA VAL G 69 87.42 -11.56 12.24
C VAL G 69 87.78 -11.67 13.71
N ALA G 70 87.31 -12.75 14.36
CA ALA G 70 87.43 -12.92 15.78
C ALA G 70 88.68 -13.67 16.22
N TRP G 71 89.34 -13.18 17.27
CA TRP G 71 90.44 -13.92 17.87
C TRP G 71 90.03 -15.34 18.18
N GLU G 72 88.82 -15.57 18.73
CA GLU G 72 88.37 -16.91 19.08
C GLU G 72 88.35 -17.85 17.87
N GLN G 73 88.08 -17.36 16.67
CA GLN G 73 87.97 -18.24 15.51
C GLN G 73 89.32 -18.49 14.89
N ILE G 74 90.25 -17.53 14.96
CA ILE G 74 91.56 -17.73 14.31
C ILE G 74 92.53 -18.43 15.25
N GLU G 75 92.34 -18.40 16.55
CA GLU G 75 93.28 -19.07 17.48
C GLU G 75 92.48 -19.81 18.56
N PRO G 76 91.67 -20.81 18.18
CA PRO G 76 90.76 -21.44 19.15
C PRO G 76 91.46 -22.18 20.27
N VAL G 77 92.64 -22.68 19.95
CA VAL G 77 93.59 -23.30 20.89
C VAL G 77 94.90 -22.57 20.68
N GLU G 78 95.59 -22.25 21.77
CA GLU G 78 96.76 -21.39 21.70
C GLU G 78 97.79 -22.02 20.74
N GLY G 79 98.27 -21.19 19.83
CA GLY G 79 99.21 -21.57 18.79
C GLY G 79 98.68 -22.34 17.60
N GLN G 80 97.39 -22.71 17.56
CA GLN G 80 96.80 -23.48 16.48
C GLN G 80 95.89 -22.54 15.68
N PHE G 81 96.42 -21.95 14.63
CA PHE G 81 95.69 -20.93 13.88
C PHE G 81 94.81 -21.58 12.83
N ASP G 82 93.71 -20.89 12.52
CA ASP G 82 92.70 -21.34 11.60
C ASP G 82 92.22 -20.12 10.82
N PHE G 83 92.61 -19.98 9.55
CA PHE G 83 92.20 -18.91 8.68
C PHE G 83 91.16 -19.36 7.66
N SER G 84 90.46 -20.47 7.89
CA SER G 84 89.46 -20.96 6.98
C SER G 84 88.41 -19.91 6.63
N PHE G 85 87.95 -19.12 7.61
CA PHE G 85 86.92 -18.14 7.30
C PHE G 85 87.52 -17.05 6.41
N VAL G 86 88.70 -16.56 6.78
CA VAL G 86 89.34 -15.51 6.01
C VAL G 86 89.52 -15.93 4.55
N ASP G 87 89.90 -17.18 4.31
CA ASP G 87 90.02 -17.69 2.96
C ASP G 87 88.75 -17.59 2.12
N VAL G 88 87.62 -18.10 2.63
CA VAL G 88 86.34 -18.04 1.96
C VAL G 88 85.91 -16.58 1.76
N LEU G 89 86.09 -15.76 2.81
CA LEU G 89 85.65 -14.37 2.76
C LEU G 89 86.37 -13.63 1.62
N LEU G 90 87.71 -13.75 1.58
CA LEU G 90 88.47 -13.12 0.50
C LEU G 90 87.98 -13.58 -0.87
N LYS G 91 87.82 -14.91 -1.05
CA LYS G 91 87.42 -15.42 -2.34
C LYS G 91 86.05 -14.91 -2.77
N GLU G 92 85.11 -14.89 -1.82
CA GLU G 92 83.76 -14.46 -2.13
C GLU G 92 83.66 -12.96 -2.35
N ALA G 93 84.40 -12.17 -1.62
CA ALA G 93 84.43 -10.73 -1.83
C ALA G 93 84.94 -10.40 -3.24
N ARG G 94 85.98 -11.13 -3.63
CA ARG G 94 86.55 -10.88 -4.96
C ARG G 94 85.59 -11.29 -6.07
N GLN G 95 84.86 -12.38 -5.90
CA GLN G 95 83.85 -12.83 -6.85
C GLN G 95 82.81 -11.74 -7.10
N ARG G 96 82.53 -10.98 -6.03
CA ARG G 96 81.47 -9.96 -6.07
C ARG G 96 82.02 -8.58 -6.28
N LYS G 97 83.32 -8.49 -6.54
CA LYS G 97 84.06 -7.27 -6.85
C LYS G 97 83.76 -6.19 -5.81
N VAL G 98 83.93 -6.54 -4.52
CA VAL G 98 83.86 -5.58 -3.44
C VAL G 98 85.11 -5.69 -2.57
N ARG G 99 85.38 -4.64 -1.84
CA ARG G 99 86.52 -4.56 -0.93
C ARG G 99 86.05 -4.87 0.50
N LEU G 100 87.03 -5.09 1.38
CA LEU G 100 86.76 -5.46 2.77
C LEU G 100 87.44 -4.53 3.76
N VAL G 101 86.76 -4.30 4.90
CA VAL G 101 87.37 -3.83 6.08
C VAL G 101 87.20 -4.90 7.16
N LEU G 102 88.30 -5.47 7.67
CA LEU G 102 88.17 -6.48 8.70
C LEU G 102 88.14 -5.82 10.06
N LEU G 103 87.27 -6.35 10.95
CA LEU G 103 87.14 -5.81 12.29
C LEU G 103 87.76 -6.86 13.25
N TRP G 104 88.89 -6.50 13.86
CA TRP G 104 89.60 -7.43 14.76
C TRP G 104 88.93 -7.43 16.10
N PHE G 105 88.09 -8.44 16.39
CA PHE G 105 87.40 -8.58 17.65
C PHE G 105 88.26 -9.42 18.58
N ALA G 106 88.84 -8.77 19.57
CA ALA G 106 89.92 -9.44 20.33
C ALA G 106 89.86 -9.14 21.81
N THR G 107 90.81 -8.34 22.33
CA THR G 107 90.80 -7.97 23.74
C THR G 107 89.55 -7.22 24.17
N TRP G 108 89.05 -6.34 23.30
CA TRP G 108 87.80 -5.60 23.53
C TRP G 108 86.86 -5.73 22.35
N LYS G 109 85.61 -6.07 22.64
CA LYS G 109 84.47 -5.94 21.73
C LYS G 109 83.36 -5.37 22.61
N ASN G 110 83.04 -4.08 22.41
CA ASN G 110 82.06 -3.39 23.26
C ASN G 110 82.42 -3.59 24.74
N ASN G 111 83.70 -3.28 25.04
CA ASN G 111 84.26 -3.28 26.42
C ASN G 111 84.68 -4.63 26.95
N ALA G 112 84.30 -5.72 26.26
CA ALA G 112 84.32 -7.04 26.90
C ALA G 112 85.11 -8.03 26.06
N PRO G 113 85.60 -9.11 26.67
CA PRO G 113 86.42 -10.10 25.99
C PRO G 113 85.71 -11.31 25.46
N HIS G 114 84.44 -11.16 25.05
CA HIS G 114 83.67 -12.31 24.61
C HIS G 114 84.22 -12.98 23.36
N TYR G 115 84.89 -12.26 22.46
CA TYR G 115 85.44 -12.82 21.22
C TYR G 115 86.91 -13.24 21.37
N ALA G 116 87.46 -13.11 22.57
CA ALA G 116 88.75 -13.72 22.85
C ALA G 116 88.54 -15.22 23.02
N PRO G 117 89.55 -16.05 22.68
CA PRO G 117 89.40 -17.51 22.82
C PRO G 117 89.09 -17.88 24.27
N ALA G 118 88.58 -19.11 24.45
CA ALA G 118 88.26 -19.54 25.80
C ALA G 118 89.49 -19.59 26.70
N TRP G 119 90.64 -19.93 26.15
CA TRP G 119 91.86 -20.02 26.97
C TRP G 119 92.35 -18.63 27.40
N VAL G 120 91.80 -17.55 26.80
CA VAL G 120 92.06 -16.19 27.23
C VAL G 120 90.97 -15.76 28.19
N LYS G 121 89.70 -15.73 27.74
CA LYS G 121 88.67 -15.10 28.57
C LYS G 121 88.27 -15.88 29.83
N LEU G 122 88.64 -17.16 29.93
CA LEU G 122 88.38 -17.93 31.17
C LEU G 122 89.61 -18.00 32.08
N ASP G 123 90.71 -17.30 31.77
CA ASP G 123 91.94 -17.40 32.59
C ASP G 123 92.29 -16.01 33.09
N ASN G 124 91.64 -15.58 34.16
CA ASN G 124 91.82 -14.26 34.66
C ASN G 124 93.20 -14.04 35.28
N ALA G 125 93.78 -15.12 35.85
CA ALA G 125 95.09 -14.92 36.48
C ALA G 125 96.13 -14.52 35.43
N ARG G 126 96.07 -15.14 34.26
CA ARG G 126 96.96 -14.83 33.18
C ARG G 126 96.62 -13.51 32.48
N PHE G 127 95.32 -13.31 32.27
CA PHE G 127 94.78 -12.26 31.47
C PHE G 127 93.76 -11.49 32.32
N PRO G 128 94.21 -10.52 33.11
CA PRO G 128 93.37 -9.95 34.17
C PRO G 128 92.39 -8.87 33.76
N ARG G 129 91.25 -8.91 34.45
CA ARG G 129 90.21 -7.93 34.30
C ARG G 129 90.42 -6.69 35.16
N VAL G 130 89.76 -5.64 34.71
CA VAL G 130 89.56 -4.41 35.45
C VAL G 130 88.95 -4.70 36.83
N VAL G 131 89.55 -4.10 37.88
CA VAL G 131 89.03 -4.20 39.24
C VAL G 131 88.53 -2.82 39.65
N LYS G 132 87.32 -2.74 40.13
CA LYS G 132 86.74 -1.49 40.59
C LYS G 132 87.44 -1.03 41.88
N GLU G 133 87.14 0.22 42.26
CA GLU G 133 87.71 0.81 43.48
C GLU G 133 87.25 0.02 44.70
N ASP G 134 86.03 -0.55 44.64
CA ASP G 134 85.43 -1.32 45.73
C ASP G 134 85.93 -2.77 45.74
N GLY G 135 86.81 -3.15 44.79
CA GLY G 135 87.39 -4.48 44.74
C GLY G 135 86.58 -5.53 43.99
N ASP G 136 85.36 -5.20 43.48
CA ASP G 136 84.65 -6.14 42.61
C ASP G 136 85.27 -6.08 41.20
N THR G 137 85.08 -7.14 40.42
CA THR G 137 85.74 -7.27 39.13
C THR G 137 84.71 -7.11 38.02
N LEU G 138 85.10 -6.39 36.96
CA LEU G 138 84.26 -6.23 35.77
C LEU G 138 84.74 -7.14 34.64
N ASN G 139 83.82 -7.49 33.70
CA ASN G 139 84.23 -8.34 32.61
C ASN G 139 84.75 -7.49 31.45
N SER G 140 85.91 -6.87 31.70
CA SER G 140 86.58 -5.92 30.81
C SER G 140 88.06 -6.11 31.06
N LEU G 141 88.84 -6.55 30.07
CA LEU G 141 90.23 -6.85 30.33
C LEU G 141 91.05 -5.57 30.55
N SER G 142 91.98 -5.62 31.53
CA SER G 142 92.79 -4.48 31.88
C SER G 142 93.79 -4.23 30.76
N PRO G 143 94.00 -2.99 30.31
CA PRO G 143 95.04 -2.64 29.36
C PRO G 143 96.45 -2.69 29.96
N LEU G 144 96.56 -2.99 31.24
CA LEU G 144 97.89 -3.15 31.86
C LEU G 144 98.28 -4.63 31.95
N GLY G 145 97.45 -5.57 31.48
CA GLY G 145 97.80 -6.97 31.42
C GLY G 145 98.82 -7.24 30.32
N GLN G 146 100.09 -7.45 30.71
CA GLN G 146 101.10 -7.59 29.69
C GLN G 146 100.98 -8.91 28.95
N ASN G 147 100.49 -9.97 29.57
CA ASN G 147 100.30 -11.22 28.86
C ASN G 147 99.19 -11.04 27.79
N THR G 148 98.14 -10.31 28.16
CA THR G 148 97.00 -10.11 27.21
C THR G 148 97.53 -9.41 25.96
N LEU G 149 98.29 -8.34 26.16
CA LEU G 149 98.82 -7.58 25.05
C LEU G 149 99.69 -8.47 24.17
N ALA G 150 100.61 -9.22 24.80
CA ALA G 150 101.45 -10.09 23.97
C ALA G 150 100.67 -11.11 23.16
N ALA G 151 99.60 -11.66 23.77
CA ALA G 151 98.79 -12.68 23.12
C ALA G 151 97.94 -12.12 21.96
N ASP G 152 97.36 -10.95 22.19
CA ASP G 152 96.55 -10.28 21.16
C ASP G 152 97.46 -9.93 19.97
N LYS G 153 98.60 -9.30 20.31
CA LYS G 153 99.55 -8.90 19.28
C LYS G 153 99.99 -10.13 18.47
N LYS G 154 100.31 -11.25 19.13
CA LYS G 154 100.77 -12.42 18.40
C LYS G 154 99.74 -12.86 17.36
N ALA G 155 98.46 -12.96 17.77
CA ALA G 155 97.41 -13.44 16.89
C ALA G 155 97.16 -12.44 15.77
N PHE G 156 97.16 -11.15 16.12
CA PHE G 156 96.96 -10.11 15.10
C PHE G 156 98.07 -10.13 14.04
N VAL G 157 99.29 -10.38 14.50
CA VAL G 157 100.41 -10.56 13.57
C VAL G 157 100.19 -11.75 12.65
N GLU G 158 99.65 -12.87 13.15
CA GLU G 158 99.37 -14.01 12.30
C GLU G 158 98.31 -13.66 11.26
N LEU G 159 97.28 -12.91 11.68
CA LEU G 159 96.27 -12.47 10.71
C LEU G 159 96.91 -11.62 9.62
N MET G 160 97.78 -10.69 9.98
CA MET G 160 98.38 -9.83 8.97
C MET G 160 99.34 -10.61 8.07
N LYS G 161 100.01 -11.60 8.65
CA LYS G 161 100.85 -12.48 7.84
C LYS G 161 100.00 -13.19 6.79
N TYR G 162 98.81 -13.63 7.16
CA TYR G 162 97.90 -14.30 6.23
C TYR G 162 97.54 -13.35 5.09
N LEU G 163 97.20 -12.07 5.41
CA LEU G 163 96.89 -11.09 4.39
C LEU G 163 98.11 -10.81 3.51
N ALA G 164 99.28 -10.78 4.14
CA ALA G 164 100.47 -10.48 3.35
C ALA G 164 100.67 -11.56 2.29
N LYS G 165 100.42 -12.81 2.61
CA LYS G 165 100.70 -13.86 1.65
C LYS G 165 99.54 -14.15 0.70
N ARG G 166 98.28 -13.87 1.11
CA ARG G 166 97.12 -14.31 0.41
C ARG G 166 96.25 -13.15 -0.12
N ASP G 167 96.65 -11.89 0.11
CA ASP G 167 95.85 -10.77 -0.36
C ASP G 167 96.69 -9.70 -1.01
N LYS G 168 97.44 -10.10 -2.07
CA LYS G 168 98.38 -9.22 -2.71
C LYS G 168 97.74 -8.05 -3.48
N ASP G 169 96.48 -8.17 -3.86
CA ASP G 169 95.78 -7.11 -4.59
C ASP G 169 95.03 -6.24 -3.56
N HIS G 170 95.15 -6.52 -2.23
CA HIS G 170 94.55 -5.64 -1.19
C HIS G 170 93.01 -5.60 -1.27
N THR G 171 92.37 -6.75 -1.43
CA THR G 171 90.93 -6.88 -1.25
C THR G 171 90.59 -6.22 0.09
N VAL G 172 91.36 -6.52 1.15
CA VAL G 172 91.23 -5.85 2.45
C VAL G 172 91.95 -4.54 2.35
N ILE G 173 91.25 -3.42 2.51
CA ILE G 173 91.82 -2.09 2.38
C ILE G 173 92.09 -1.39 3.69
N MET G 174 91.50 -1.87 4.83
CA MET G 174 91.71 -1.28 6.14
C MET G 174 91.31 -2.32 7.20
N VAL G 175 91.93 -2.23 8.38
CA VAL G 175 91.64 -3.05 9.53
C VAL G 175 91.28 -2.17 10.70
N GLN G 176 90.21 -2.55 11.40
CA GLN G 176 89.83 -1.95 12.67
C GLN G 176 90.43 -2.77 13.81
N VAL G 177 91.20 -2.13 14.67
CA VAL G 177 91.90 -2.82 15.74
C VAL G 177 91.01 -2.75 16.98
N GLN G 178 90.48 -3.90 17.43
CA GLN G 178 89.48 -3.98 18.49
C GLN G 178 88.14 -3.46 17.99
N ASN G 179 87.14 -3.46 18.86
CA ASN G 179 85.85 -2.89 18.56
C ASN G 179 85.29 -2.21 19.79
N GLU G 180 85.13 -0.90 19.77
CA GLU G 180 84.59 -0.15 20.91
C GLU G 180 85.29 -0.56 22.22
N VAL G 181 86.56 -0.17 22.34
CA VAL G 181 87.33 -0.39 23.55
C VAL G 181 86.79 0.46 24.68
N GLY G 182 87.21 0.11 25.90
CA GLY G 182 86.86 0.88 27.08
C GLY G 182 86.30 -0.02 28.16
N THR G 183 85.72 0.60 29.17
CA THR G 183 85.06 -0.11 30.27
C THR G 183 83.79 0.59 30.69
N TYR G 184 82.72 -0.18 30.78
CA TYR G 184 81.50 0.20 31.47
C TYR G 184 81.56 -0.23 32.95
N GLY G 185 81.09 0.67 33.81
CA GLY G 185 80.94 0.38 35.24
C GLY G 185 82.10 0.84 36.13
N ALA G 186 83.19 1.34 35.56
CA ALA G 186 84.31 1.91 36.29
C ALA G 186 85.08 2.83 35.35
N VAL G 187 85.87 3.76 35.90
CA VAL G 187 86.59 4.71 35.09
C VAL G 187 87.90 4.12 34.58
N ARG G 188 88.55 3.27 35.39
CA ARG G 188 89.83 2.68 35.10
C ARG G 188 90.00 1.42 35.91
N ASP G 189 91.11 0.72 35.66
CA ASP G 189 91.54 -0.38 36.49
C ASP G 189 92.10 0.20 37.80
N TYR G 190 91.55 -0.30 38.91
CA TYR G 190 92.08 0.03 40.25
C TYR G 190 92.82 -1.12 40.90
N SER G 191 93.16 -2.20 40.16
CA SER G 191 93.92 -3.31 40.67
C SER G 191 95.24 -2.81 41.24
N PRO G 192 95.87 -3.58 42.15
CA PRO G 192 97.22 -3.19 42.60
C PRO G 192 98.24 -2.94 41.49
N MET G 193 98.24 -3.80 40.44
CA MET G 193 99.12 -3.63 39.29
C MET G 193 98.86 -2.25 38.64
N ALA G 194 97.59 -1.88 38.46
CA ALA G 194 97.27 -0.62 37.81
C ALA G 194 97.62 0.56 38.71
N GLN G 195 97.35 0.39 40.00
CA GLN G 195 97.52 1.51 40.92
C GLN G 195 99.00 1.86 41.00
N ALA G 196 99.87 0.87 40.87
CA ALA G 196 101.30 1.18 40.92
C ALA G 196 101.70 2.06 39.74
N VAL G 197 101.09 1.83 38.57
CA VAL G 197 101.44 2.61 37.41
C VAL G 197 100.80 3.99 37.53
N PHE G 198 99.57 4.03 38.06
CA PHE G 198 98.89 5.31 38.28
C PHE G 198 99.64 6.23 39.25
N ASN G 199 100.19 5.61 40.29
CA ASN G 199 100.98 6.31 41.31
C ASN G 199 102.34 6.73 40.79
N ALA G 200 102.83 6.15 39.69
CA ALA G 200 104.11 6.49 39.10
C ALA G 200 103.98 7.73 38.23
N ALA G 201 105.14 8.22 37.76
CA ALA G 201 105.21 9.36 36.88
C ALA G 201 104.43 9.11 35.58
N VAL G 202 103.80 10.18 35.11
CA VAL G 202 103.29 10.14 33.75
C VAL G 202 104.46 9.99 32.79
N PRO G 203 104.39 9.10 31.79
CA PRO G 203 105.46 8.96 30.80
C PRO G 203 105.82 10.28 30.13
N ASP G 204 107.15 10.46 29.92
CA ASP G 204 107.67 11.74 29.44
C ASP G 204 107.16 12.07 28.06
N ASP G 205 106.96 11.08 27.19
CA ASP G 205 106.51 11.36 25.84
C ASP G 205 105.13 12.04 25.86
N LEU G 206 104.25 11.64 26.78
CA LEU G 206 102.92 12.26 26.85
C LEU G 206 103.05 13.69 27.38
N ILE G 207 103.87 13.84 28.42
CA ILE G 207 104.10 15.14 29.02
C ILE G 207 104.59 16.13 27.97
N GLN G 208 105.58 15.71 27.16
CA GLN G 208 106.17 16.56 26.13
C GLN G 208 105.18 16.89 25.01
N LYS G 209 104.35 15.91 24.58
CA LYS G 209 103.43 16.19 23.49
C LYS G 209 102.33 17.13 23.93
N LEU G 210 101.92 17.07 25.19
CA LEU G 210 100.81 17.87 25.67
C LEU G 210 101.32 19.21 26.23
N GLN G 211 102.65 19.41 26.23
CA GLN G 211 103.29 20.61 26.76
C GLN G 211 102.84 20.85 28.21
N LEU G 212 103.00 19.83 29.07
CA LEU G 212 102.57 19.88 30.47
C LEU G 212 103.78 19.83 31.41
N LYS G 213 103.53 20.04 32.72
CA LYS G 213 104.55 19.91 33.77
C LYS G 213 104.66 18.47 34.23
N PRO G 214 105.87 17.88 34.34
CA PRO G 214 106.00 16.52 34.83
C PRO G 214 105.33 16.33 36.17
N GLY G 215 104.95 15.08 36.46
CA GLY G 215 104.27 14.72 37.70
C GLY G 215 103.71 13.31 37.63
N THR G 216 103.06 12.85 38.70
CA THR G 216 102.29 11.61 38.65
C THR G 216 100.93 11.91 38.01
N TRP G 217 100.18 10.85 37.71
CA TRP G 217 98.90 11.03 37.03
C TRP G 217 98.03 12.04 37.79
N SER G 218 97.84 11.84 39.09
CA SER G 218 96.96 12.70 39.88
C SER G 218 97.46 14.16 39.87
N GLN G 219 98.78 14.34 39.96
CA GLN G 219 99.35 15.67 40.02
C GLN G 219 99.11 16.41 38.70
N VAL G 220 99.27 15.72 37.57
CA VAL G 220 99.25 16.35 36.27
C VAL G 220 97.81 16.64 35.84
N PHE G 221 96.89 15.69 36.08
CA PHE G 221 95.59 15.71 35.43
C PHE G 221 94.45 15.95 36.42
N GLY G 222 94.71 15.84 37.72
CA GLY G 222 93.70 16.18 38.73
C GLY G 222 92.39 15.40 38.52
N ARG G 223 91.28 16.12 38.32
CA ARG G 223 89.96 15.50 38.28
C ARG G 223 89.85 14.56 37.08
N ASP G 224 90.69 14.73 36.06
CA ASP G 224 90.65 13.89 34.86
C ASP G 224 91.64 12.73 34.93
N ALA G 225 92.35 12.54 36.06
CA ALA G 225 93.44 11.58 36.07
C ALA G 225 92.92 10.19 35.78
N ASP G 226 91.87 9.73 36.47
CA ASP G 226 91.41 8.35 36.31
C ASP G 226 91.06 8.03 34.84
N GLU G 227 90.27 8.88 34.21
CA GLU G 227 89.78 8.61 32.86
C GLU G 227 90.91 8.76 31.84
N PHE G 228 91.77 9.80 32.00
CA PHE G 228 92.87 9.99 31.09
C PHE G 228 93.87 8.85 31.20
N PHE G 229 94.06 8.32 32.41
CA PHE G 229 94.93 7.17 32.61
C PHE G 229 94.42 5.98 31.81
N HIS G 230 93.12 5.67 31.94
CA HIS G 230 92.58 4.51 31.24
C HIS G 230 92.69 4.72 29.71
N ALA G 231 92.33 5.88 29.23
CA ALA G 231 92.45 6.24 27.83
C ALA G 231 93.85 6.05 27.33
N TYR G 232 94.83 6.55 28.13
CA TYR G 232 96.21 6.43 27.69
C TYR G 232 96.66 4.97 27.58
N GLN G 233 96.32 4.17 28.60
CA GLN G 233 96.79 2.79 28.68
C GLN G 233 96.10 1.97 27.56
N ILE G 234 94.84 2.25 27.25
CA ILE G 234 94.20 1.52 26.14
C ILE G 234 94.77 1.95 24.81
N ALA G 235 95.02 3.25 24.66
CA ALA G 235 95.60 3.77 23.43
C ALA G 235 96.99 3.16 23.19
N ARG G 236 97.81 3.04 24.27
CA ARG G 236 99.11 2.41 24.11
C ARG G 236 98.99 0.95 23.69
N TYR G 237 98.07 0.19 24.30
CA TYR G 237 97.81 -1.21 23.96
C TYR G 237 97.47 -1.32 22.47
N CYS G 238 96.50 -0.51 22.05
CA CYS G 238 96.02 -0.56 20.69
C CYS G 238 97.12 -0.15 19.70
N ASP G 239 97.94 0.85 20.09
CA ASP G 239 99.00 1.31 19.23
C ASP G 239 100.05 0.22 19.06
N GLU G 240 100.36 -0.52 20.12
CA GLU G 240 101.35 -1.59 20.07
C GLU G 240 100.89 -2.74 19.18
N VAL G 241 99.60 -3.10 19.27
CA VAL G 241 99.03 -4.10 18.37
C VAL G 241 99.12 -3.62 16.93
N THR G 242 98.73 -2.38 16.70
CA THR G 242 98.75 -1.74 15.38
C THR G 242 100.16 -1.79 14.79
N VAL G 243 101.16 -1.34 15.55
CA VAL G 243 102.53 -1.32 15.02
C VAL G 243 103.00 -2.72 14.63
N ALA G 244 102.71 -3.70 15.47
CA ALA G 244 103.11 -5.07 15.20
C ALA G 244 102.49 -5.56 13.91
N GLY G 245 101.20 -5.24 13.66
CA GLY G 245 100.58 -5.72 12.46
C GLY G 245 101.08 -4.99 11.23
N LYS G 246 101.25 -3.67 11.36
CA LYS G 246 101.71 -2.87 10.22
C LYS G 246 103.14 -3.27 9.81
N ALA G 247 103.91 -3.81 10.75
CA ALA G 247 105.27 -4.23 10.40
C ALA G 247 105.20 -5.40 9.44
N ILE G 248 104.13 -6.19 9.43
CA ILE G 248 103.90 -7.30 8.51
C ILE G 248 103.32 -6.77 7.21
N LYS G 249 102.23 -5.98 7.30
CA LYS G 249 101.61 -5.37 6.14
C LYS G 249 101.03 -4.03 6.56
N ASN G 250 101.53 -2.95 5.96
CA ASN G 250 101.25 -1.61 6.37
C ASN G 250 99.93 -1.08 5.81
N LEU G 251 98.82 -1.78 6.16
CA LEU G 251 97.50 -1.26 5.81
C LEU G 251 97.11 -0.14 6.76
N PRO G 252 96.18 0.72 6.31
CA PRO G 252 95.54 1.64 7.26
C PRO G 252 94.83 0.86 8.37
N MET G 253 94.86 1.41 9.56
CA MET G 253 94.23 0.78 10.71
C MET G 253 93.61 1.86 11.55
N TYR G 254 92.49 1.53 12.18
CA TYR G 254 91.75 2.56 12.92
C TYR G 254 91.04 1.97 14.14
N VAL G 255 90.54 2.82 15.02
CA VAL G 255 89.71 2.39 16.15
C VAL G 255 88.36 3.09 16.08
N ASN G 256 87.32 2.40 16.55
CA ASN G 256 85.95 2.92 16.53
C ASN G 256 85.39 3.16 17.95
N VAL G 257 84.72 4.26 18.11
CA VAL G 257 84.37 4.79 19.43
C VAL G 257 82.89 4.57 19.77
N ALA G 258 82.69 3.97 20.94
CA ALA G 258 81.41 4.00 21.60
C ALA G 258 81.22 5.41 22.19
N LEU G 259 80.49 6.23 21.49
CA LEU G 259 80.44 7.65 21.78
C LEU G 259 79.75 7.92 23.10
N ARG G 260 80.24 9.00 23.72
CA ARG G 260 79.44 9.66 24.73
C ARG G 260 78.59 10.73 24.07
N ASN G 261 77.50 11.09 24.71
CA ASN G 261 76.67 12.14 24.15
C ASN G 261 77.42 13.46 24.25
N PRO G 262 77.61 14.20 23.14
CA PRO G 262 78.50 15.35 23.17
C PRO G 262 77.93 16.55 23.92
N PHE G 263 76.63 16.59 24.14
CA PHE G 263 76.05 17.70 24.87
C PHE G 263 75.86 17.41 26.37
N ASN G 264 75.62 16.15 26.74
CA ASN G 264 75.26 15.75 28.11
C ASN G 264 75.79 14.33 28.31
N PRO G 265 77.12 14.19 28.43
CA PRO G 265 77.76 12.86 28.35
C PRO G 265 77.56 11.97 29.57
N GLY G 266 77.25 12.57 30.71
CA GLY G 266 77.33 11.83 31.96
C GLY G 266 78.78 11.51 32.32
N LEU G 267 78.96 10.47 33.19
CA LEU G 267 80.24 10.16 33.78
C LEU G 267 80.91 9.03 33.03
N PRO G 268 82.24 9.04 32.93
CA PRO G 268 82.99 7.88 32.43
C PRO G 268 82.63 6.66 33.26
N GLY G 269 82.32 5.56 32.56
CA GLY G 269 81.83 4.33 33.17
C GLY G 269 80.34 4.14 32.95
N GLN G 270 79.62 5.26 32.89
CA GLN G 270 78.26 5.27 32.34
C GLN G 270 78.37 5.14 30.81
N TYR G 271 79.13 6.05 30.19
CA TYR G 271 79.69 5.79 28.88
C TYR G 271 80.94 4.93 29.00
N SER G 272 81.41 4.39 27.88
CA SER G 272 82.55 3.50 27.88
C SER G 272 83.83 4.30 28.13
N SER G 273 84.39 4.13 29.33
CA SER G 273 85.53 4.95 29.75
C SER G 273 86.77 4.45 29.00
N GLY G 274 87.60 5.37 28.51
CA GLY G 274 88.88 5.01 27.96
C GLY G 274 88.93 4.93 26.44
N GLY G 275 87.77 4.74 25.76
CA GLY G 275 87.73 4.85 24.34
C GLY G 275 87.98 6.28 23.88
N GLY G 276 87.98 6.46 22.56
CA GLY G 276 88.32 7.76 21.95
C GLY G 276 87.18 8.79 21.98
N THR G 277 86.58 8.97 23.15
CA THR G 277 85.54 9.97 23.34
C THR G 277 86.10 11.38 23.15
N ASP G 278 85.20 12.35 22.96
CA ASP G 278 85.63 13.64 22.43
C ASP G 278 86.57 14.34 23.41
N ASN G 279 86.46 14.03 24.69
CA ASN G 279 87.28 14.67 25.72
C ASN G 279 88.66 14.05 25.91
N VAL G 280 88.97 12.90 25.27
CA VAL G 280 90.26 12.27 25.35
C VAL G 280 90.93 12.08 24.00
N LEU G 281 90.42 12.75 22.95
CA LEU G 281 91.02 12.67 21.63
C LEU G 281 92.47 13.12 21.70
N HIS G 282 92.74 14.18 22.46
CA HIS G 282 94.13 14.63 22.59
C HIS G 282 95.05 13.57 23.20
N ILE G 283 94.53 12.79 24.16
CA ILE G 283 95.29 11.72 24.81
C ILE G 283 95.59 10.65 23.77
N TRP G 284 94.52 10.20 23.06
CA TRP G 284 94.68 9.16 22.05
C TRP G 284 95.63 9.55 20.94
N LYS G 285 95.60 10.82 20.47
CA LYS G 285 96.47 11.26 19.39
C LYS G 285 97.93 11.32 19.86
N ALA G 286 98.17 11.68 21.12
CA ALA G 286 99.53 11.72 21.68
C ALA G 286 100.07 10.30 21.93
N ALA G 287 99.20 9.39 22.39
CA ALA G 287 99.58 8.07 22.83
C ALA G 287 99.71 7.06 21.71
N ALA G 288 98.93 7.24 20.65
CA ALA G 288 98.84 6.21 19.63
C ALA G 288 99.07 6.85 18.26
N PRO G 289 100.30 7.31 17.98
CA PRO G 289 100.58 7.87 16.69
C PRO G 289 100.57 6.95 15.48
N ASN G 290 100.52 5.63 15.68
CA ASN G 290 100.50 4.70 14.58
C ASN G 290 99.07 4.34 14.16
N ILE G 291 98.09 4.74 14.96
CA ILE G 291 96.70 4.49 14.57
C ILE G 291 96.31 5.61 13.60
N ASP G 292 95.75 5.24 12.45
CA ASP G 292 95.53 6.24 11.41
C ASP G 292 94.41 7.23 11.74
N LEU G 293 93.26 6.73 12.26
CA LEU G 293 92.16 7.65 12.60
C LEU G 293 91.33 7.00 13.72
N ILE G 294 90.52 7.86 14.35
CA ILE G 294 89.56 7.53 15.39
C ILE G 294 88.18 7.80 14.83
N ALA G 295 87.36 6.73 14.72
CA ALA G 295 86.11 6.76 13.97
C ALA G 295 84.92 6.79 14.92
N PRO G 296 83.98 7.69 14.75
CA PRO G 296 82.76 7.63 15.55
C PRO G 296 81.78 6.55 15.07
N ASP G 297 81.14 5.90 16.07
CA ASP G 297 80.01 4.99 15.87
C ASP G 297 78.73 5.74 16.26
N ILE G 298 77.82 5.94 15.30
CA ILE G 298 76.73 6.86 15.52
C ILE G 298 75.40 6.12 15.58
N TYR G 299 74.76 6.18 16.77
CA TYR G 299 73.38 5.68 16.88
C TYR G 299 72.41 6.78 17.36
N PHE G 300 72.90 8.02 17.49
CA PHE G 300 72.01 9.15 17.70
C PHE G 300 71.28 9.40 16.40
N ARG G 301 69.96 9.66 16.48
N ARG G 301 69.95 9.63 16.48
CA ARG G 301 69.16 9.76 15.26
CA ARG G 301 69.10 9.76 15.30
C ARG G 301 68.95 11.22 14.88
C ARG G 301 68.95 11.22 14.88
N ASP G 302 69.10 12.12 15.85
CA ASP G 302 68.67 13.50 15.66
C ASP G 302 69.77 14.33 15.01
N TYR G 303 69.33 15.19 14.12
CA TYR G 303 70.22 16.01 13.32
C TYR G 303 71.23 16.78 14.16
N LYS G 304 70.77 17.47 15.22
CA LYS G 304 71.67 18.32 15.98
C LYS G 304 72.80 17.55 16.66
N THR G 305 72.49 16.35 17.22
CA THR G 305 73.52 15.55 17.86
C THR G 305 74.46 14.91 16.82
N VAL G 306 73.90 14.40 15.73
CA VAL G 306 74.74 13.77 14.71
C VAL G 306 75.68 14.82 14.13
N SER G 307 75.16 16.04 13.87
CA SER G 307 75.98 17.10 13.32
C SER G 307 77.13 17.43 14.25
N LYS G 308 76.88 17.50 15.58
CA LYS G 308 77.87 17.80 16.56
C LYS G 308 78.97 16.73 16.57
N VAL G 309 78.60 15.44 16.51
CA VAL G 309 79.59 14.38 16.42
C VAL G 309 80.49 14.53 15.20
N LEU G 310 79.88 14.78 14.04
CA LEU G 310 80.67 14.94 12.83
C LEU G 310 81.63 16.09 12.99
N GLU G 311 81.20 17.19 13.61
CA GLU G 311 82.10 18.30 13.82
C GLU G 311 83.28 17.94 14.73
N LEU G 312 83.01 17.21 15.82
CA LEU G 312 84.04 16.87 16.78
C LEU G 312 85.07 15.92 16.24
N TYR G 313 84.66 14.98 15.38
CA TYR G 313 85.61 13.98 14.89
C TYR G 313 86.27 14.36 13.57
N THR G 314 85.85 15.45 12.94
CA THR G 314 86.52 15.93 11.73
C THR G 314 87.55 16.97 12.13
N ARG G 315 88.83 16.61 12.05
CA ARG G 315 89.90 17.45 12.63
C ARG G 315 91.05 17.44 11.64
N PRO G 316 91.92 18.49 11.68
CA PRO G 316 93.14 18.45 10.86
C PRO G 316 93.98 17.21 11.08
N ASP G 317 93.92 16.65 12.29
CA ASP G 317 94.65 15.43 12.65
C ASP G 317 93.78 14.15 12.62
N ASN G 318 92.55 14.23 12.11
CA ASN G 318 91.66 13.06 12.16
C ASN G 318 90.72 13.04 10.96
N ALA G 319 90.96 12.13 10.04
CA ALA G 319 90.06 11.84 8.92
C ALA G 319 88.73 11.37 9.49
N LEU G 320 87.64 11.78 8.88
CA LEU G 320 86.30 11.32 9.30
C LEU G 320 85.92 10.04 8.56
N PHE G 321 85.62 9.01 9.36
CA PHE G 321 85.06 7.76 8.90
C PHE G 321 83.93 7.39 9.86
N VAL G 322 82.73 7.27 9.31
CA VAL G 322 81.56 6.86 10.08
C VAL G 322 81.52 5.32 10.05
N ALA G 323 82.17 4.74 11.06
CA ALA G 323 82.49 3.31 11.08
C ALA G 323 81.30 2.45 11.49
N GLU G 324 80.29 3.06 12.04
CA GLU G 324 79.06 2.39 12.42
C GLU G 324 77.97 3.44 12.41
N ILE G 325 76.83 3.19 11.77
CA ILE G 325 75.69 4.07 11.93
C ILE G 325 74.45 3.17 11.83
N GLY G 326 73.35 3.62 12.42
CA GLY G 326 72.14 2.81 12.35
C GLY G 326 71.59 2.67 10.96
N ASN G 327 70.78 1.62 10.76
CA ASN G 327 70.23 1.28 9.46
C ASN G 327 68.77 1.67 9.30
N ASP G 328 68.21 2.39 10.28
CA ASP G 328 66.86 2.85 10.14
C ASP G 328 66.84 4.03 9.15
N GLN G 329 65.66 4.35 8.63
CA GLN G 329 65.53 5.34 7.56
C GLN G 329 66.16 6.70 7.94
N PRO G 330 66.04 7.26 9.16
CA PRO G 330 66.55 8.61 9.41
C PRO G 330 68.05 8.77 9.18
N PHE G 331 68.79 7.65 9.24
CA PHE G 331 70.24 7.72 9.25
C PHE G 331 70.83 7.90 7.85
N ALA G 332 70.07 7.56 6.81
CA ALA G 332 70.60 7.49 5.42
C ALA G 332 71.11 8.87 5.02
N ARG G 333 70.39 9.93 5.36
CA ARG G 333 70.75 11.24 4.83
C ARG G 333 72.05 11.74 5.42
N TYR G 334 72.54 11.17 6.53
CA TYR G 334 73.80 11.58 7.13
C TYR G 334 74.99 11.27 6.23
N LEU G 335 74.80 10.51 5.18
CA LEU G 335 75.87 10.35 4.18
C LEU G 335 76.28 11.71 3.62
N PHE G 336 75.31 12.60 3.42
CA PHE G 336 75.61 13.88 2.77
C PHE G 336 76.53 14.76 3.57
N PRO G 337 76.29 15.09 4.84
CA PRO G 337 77.22 15.86 5.62
C PRO G 337 78.54 15.13 5.88
N THR G 338 78.50 13.79 5.93
CA THR G 338 79.71 13.01 6.17
C THR G 338 80.69 13.27 5.01
N LEU G 339 80.16 13.17 3.80
CA LEU G 339 80.99 13.39 2.60
C LEU G 339 81.35 14.87 2.46
N GLY G 340 80.42 15.76 2.80
CA GLY G 340 80.66 17.21 2.77
C GLY G 340 81.82 17.68 3.65
N LYS G 341 82.10 16.98 4.74
N LYS G 341 82.05 16.98 4.77
CA LYS G 341 83.18 17.35 5.62
CA LYS G 341 83.14 17.24 5.71
C LYS G 341 84.47 16.68 5.17
C LYS G 341 84.46 16.72 5.16
N GLY G 342 84.43 16.02 4.02
CA GLY G 342 85.60 15.34 3.50
C GLY G 342 85.75 13.92 4.03
N GLY G 343 84.64 13.37 4.53
CA GLY G 343 84.74 12.02 5.08
C GLY G 343 85.15 10.99 4.02
N ILE G 344 85.81 9.93 4.48
CA ILE G 344 86.32 8.88 3.62
C ILE G 344 85.38 7.71 3.52
N GLY G 345 84.33 7.68 4.36
CA GLY G 345 83.40 6.56 4.29
C GLY G 345 82.31 6.58 5.37
N PHE G 346 81.42 5.60 5.18
CA PHE G 346 80.11 5.57 5.87
C PHE G 346 79.68 4.12 5.88
N SER G 347 79.36 3.55 7.06
CA SER G 347 79.14 2.12 7.20
C SER G 347 77.95 1.78 8.09
N PRO G 348 76.75 1.69 7.48
CA PRO G 348 75.53 1.29 8.17
C PRO G 348 75.71 -0.12 8.74
N PHE G 349 75.18 -0.30 9.92
CA PHE G 349 75.26 -1.54 10.70
C PHE G 349 74.05 -2.45 10.53
N GLY G 350 74.32 -3.75 10.45
CA GLY G 350 73.25 -4.74 10.49
C GLY G 350 72.65 -5.04 9.13
N MET G 351 73.46 -4.92 8.08
CA MET G 351 72.97 -5.04 6.72
C MET G 351 73.08 -6.50 6.26
N ASP G 352 72.37 -7.40 6.95
CA ASP G 352 72.35 -8.81 6.52
C ASP G 352 71.02 -9.43 6.94
N ASP G 353 70.77 -10.62 6.42
CA ASP G 353 69.50 -11.30 6.65
C ASP G 353 69.74 -12.50 7.55
N THR G 354 70.47 -12.30 8.65
CA THR G 354 70.72 -13.38 9.61
C THR G 354 69.76 -13.41 10.79
N ASP G 355 68.60 -12.80 10.65
CA ASP G 355 67.52 -12.94 11.62
C ASP G 355 67.88 -12.29 12.94
N TYR G 356 68.27 -11.01 12.87
CA TYR G 356 68.49 -10.25 14.08
C TYR G 356 68.26 -8.79 13.74
N THR G 357 67.65 -8.05 14.67
CA THR G 357 67.64 -6.60 14.57
C THR G 357 67.94 -6.07 15.95
N ASN G 358 68.78 -5.03 16.00
CA ASN G 358 69.08 -4.34 17.25
C ASN G 358 68.11 -3.18 17.51
N TYR G 359 66.94 -3.17 16.84
CA TYR G 359 65.91 -2.23 17.26
C TYR G 359 65.76 -2.31 18.76
N PRO G 360 65.67 -1.20 19.53
CA PRO G 360 65.39 0.14 19.00
C PRO G 360 66.56 0.97 18.48
N LEU G 361 67.76 0.42 18.43
CA LEU G 361 68.86 1.17 17.82
C LEU G 361 68.63 1.30 16.30
N GLY G 362 68.57 0.20 15.55
CA GLY G 362 68.31 0.28 14.12
C GLY G 362 66.88 -0.05 13.75
N ALA G 363 66.66 -0.50 12.51
CA ALA G 363 65.34 -0.71 11.93
C ALA G 363 64.61 -1.85 12.64
N LYS G 364 63.33 -1.63 12.94
CA LYS G 364 62.47 -2.67 13.50
C LYS G 364 62.34 -3.88 12.58
N VAL G 365 62.14 -3.63 11.27
CA VAL G 365 61.97 -4.67 10.25
C VAL G 365 63.07 -4.49 9.23
N TYR G 366 63.83 -5.56 9.01
CA TYR G 366 64.86 -5.57 7.99
C TYR G 366 64.34 -6.23 6.72
N ASN G 367 64.13 -5.41 5.69
CA ASN G 367 63.62 -5.91 4.44
C ASN G 367 64.17 -5.07 3.28
N ASP G 368 63.64 -5.29 2.08
CA ASP G 368 64.14 -4.59 0.90
C ASP G 368 63.98 -3.08 1.04
N GLU G 369 62.90 -2.59 1.67
N GLU G 369 62.89 -2.63 1.68
CA GLU G 369 62.70 -1.15 1.80
CA GLU G 369 62.61 -1.22 1.91
C GLU G 369 63.73 -0.57 2.77
C GLU G 369 63.72 -0.61 2.76
N THR G 370 64.14 -1.34 3.79
CA THR G 370 65.18 -0.88 4.68
C THR G 370 66.41 -0.55 3.85
N ILE G 371 66.81 -1.54 3.05
CA ILE G 371 68.02 -1.41 2.27
C ILE G 371 67.89 -0.30 1.24
N GLU G 372 66.72 -0.16 0.64
CA GLU G 372 66.52 0.84 -0.41
C GLU G 372 66.82 2.27 0.07
N GLN G 373 66.54 2.58 1.33
CA GLN G 373 66.76 3.93 1.85
C GLN G 373 68.24 4.30 1.67
N PHE G 374 69.15 3.34 1.85
CA PHE G 374 70.57 3.60 1.63
C PHE G 374 70.95 3.43 0.16
N ALA G 375 70.34 2.48 -0.53
CA ALA G 375 70.66 2.31 -1.96
C ALA G 375 70.38 3.62 -2.72
N GLN G 376 69.34 4.34 -2.35
CA GLN G 376 68.97 5.54 -3.09
C GLN G 376 70.00 6.64 -2.91
N VAL G 377 70.64 6.73 -1.74
CA VAL G 377 71.67 7.74 -1.57
C VAL G 377 73.01 7.27 -2.14
N TYR G 378 73.33 5.98 -2.00
CA TYR G 378 74.59 5.48 -2.59
C TYR G 378 74.57 5.65 -4.12
N ARG G 379 73.40 5.53 -4.76
CA ARG G 379 73.27 5.73 -6.21
C ARG G 379 73.65 7.13 -6.64
N LEU G 380 73.65 8.12 -5.75
CA LEU G 380 74.09 9.46 -6.10
C LEU G 380 75.60 9.50 -6.24
N VAL G 381 76.29 8.71 -5.41
CA VAL G 381 77.71 8.85 -5.23
C VAL G 381 78.48 7.82 -6.07
N ASN G 382 77.99 6.61 -6.20
CA ASN G 382 78.69 5.54 -6.94
C ASN G 382 79.09 6.00 -8.34
N PRO G 383 78.24 6.70 -9.10
CA PRO G 383 78.63 7.03 -10.47
C PRO G 383 79.76 8.04 -10.54
N MET G 384 80.10 8.76 -9.46
CA MET G 384 81.17 9.74 -9.44
C MET G 384 82.20 9.46 -8.34
N MET G 385 82.24 8.21 -7.86
CA MET G 385 82.95 7.96 -6.62
C MET G 385 84.40 8.46 -6.61
N ARG G 386 85.15 8.11 -7.65
CA ARG G 386 86.55 8.47 -7.70
C ARG G 386 86.74 9.97 -7.94
N GLU G 387 85.84 10.57 -8.77
CA GLU G 387 85.93 12.00 -8.99
C GLU G 387 85.61 12.81 -7.75
N TRP G 388 84.55 12.39 -7.00
CA TRP G 388 84.25 13.04 -5.75
C TRP G 388 85.41 12.89 -4.75
N ALA G 389 85.93 11.67 -4.66
CA ALA G 389 86.99 11.41 -3.68
C ALA G 389 88.20 12.31 -3.89
N ARG G 390 88.55 12.53 -5.17
N ARG G 390 88.53 12.48 -5.19
CA ARG G 390 89.65 13.45 -5.44
CA ARG G 390 89.59 13.40 -5.60
C ARG G 390 89.26 14.89 -5.13
C ARG G 390 89.25 14.82 -5.18
N LEU G 391 88.05 15.33 -5.53
CA LEU G 391 87.70 16.70 -5.19
C LEU G 391 87.66 16.95 -3.69
N SER G 392 87.19 15.94 -2.95
N SER G 392 87.23 15.90 -2.95
CA SER G 392 87.14 16.15 -1.52
CA SER G 392 87.10 15.99 -1.49
C SER G 392 88.55 16.38 -0.97
C SER G 392 88.47 16.16 -0.82
N TYR G 393 89.49 15.56 -1.42
CA TYR G 393 90.84 15.67 -0.85
C TYR G 393 91.56 16.97 -1.28
N GLN G 394 91.54 17.18 -2.60
CA GLN G 394 92.39 18.10 -3.37
C GLN G 394 91.65 19.39 -3.67
N GLY G 395 90.35 19.44 -3.41
CA GLY G 395 89.61 20.64 -3.75
C GLY G 395 88.56 20.99 -2.71
N GLN G 396 87.40 21.48 -3.19
N GLN G 396 87.43 21.54 -3.17
CA GLN G 396 86.41 22.07 -2.32
CA GLN G 396 86.43 21.98 -2.23
C GLN G 396 85.09 21.33 -2.54
C GLN G 396 85.12 21.27 -2.53
N VAL G 397 84.58 20.77 -1.43
CA VAL G 397 83.28 20.11 -1.42
C VAL G 397 82.45 20.62 -0.25
N TRP G 398 81.16 20.39 -0.44
CA TRP G 398 80.16 20.72 0.58
C TRP G 398 79.09 19.64 0.56
N GLY G 399 78.41 19.44 1.71
CA GLY G 399 77.34 18.47 1.77
C GLY G 399 76.41 18.81 2.95
N VAL G 400 75.10 18.68 2.74
CA VAL G 400 74.14 19.00 3.78
C VAL G 400 73.05 17.96 3.78
N ALA G 401 72.41 17.82 4.98
CA ALA G 401 71.24 16.98 5.14
C ALA G 401 70.10 17.87 5.68
N GLU G 402 68.91 17.35 5.42
CA GLU G 402 67.66 17.97 5.87
C GLU G 402 67.74 18.13 7.37
N PRO G 403 67.64 19.39 7.88
CA PRO G 403 68.06 19.68 9.25
C PRO G 403 66.96 19.63 10.33
N LEU G 404 65.75 19.32 9.94
CA LEU G 404 64.69 19.03 10.91
C LEU G 404 64.43 17.53 10.85
N ASP G 405 64.32 16.90 12.02
CA ASP G 405 63.90 15.52 12.11
C ASP G 405 62.41 15.38 11.83
N SER G 406 61.95 14.16 11.59
CA SER G 406 60.54 13.93 11.32
C SER G 406 59.69 14.45 12.48
N THR G 407 58.51 14.97 12.12
CA THR G 407 57.57 15.55 13.09
C THR G 407 57.13 14.44 14.04
N THR G 408 57.20 14.69 15.35
CA THR G 408 56.84 13.70 16.39
C THR G 408 55.33 13.65 16.65
N GLU G 409 54.92 12.80 17.63
CA GLU G 409 53.56 12.83 18.17
C GLU G 409 53.37 14.10 19.02
N THR G 410 54.28 14.34 19.96
CA THR G 410 54.31 15.57 20.74
C THR G 410 54.06 16.79 19.86
N GLN G 411 54.75 16.88 18.71
CA GLN G 411 54.61 18.01 17.80
C GLN G 411 53.28 17.98 17.05
N LYS G 412 52.78 16.79 16.71
CA LYS G 412 51.61 16.73 15.84
C LYS G 412 50.36 17.01 16.71
N ILE G 413 50.49 16.92 18.04
CA ILE G 413 49.43 17.32 18.95
C ILE G 413 49.32 18.85 18.92
N TRP G 414 50.46 19.53 19.16
CA TRP G 414 50.57 20.99 19.03
C TRP G 414 50.06 21.50 17.68
N ASN G 415 50.23 20.72 16.60
CA ASN G 415 49.77 21.10 15.27
C ASN G 415 48.26 20.92 15.18
N ALA G 416 47.68 20.18 16.13
CA ALA G 416 46.23 20.10 16.24
C ALA G 416 45.68 21.42 16.78
N GLU G 417 46.28 21.95 17.85
CA GLU G 417 45.57 22.81 18.80
C GLU G 417 46.15 24.22 18.86
N ALA G 418 46.88 24.64 17.82
CA ALA G 418 47.40 26.00 17.80
C ALA G 418 46.44 26.91 17.03
N THR G 419 46.50 28.22 17.32
CA THR G 419 45.71 29.20 16.60
C THR G 419 45.88 29.03 15.09
N PRO G 420 44.97 29.60 14.26
CA PRO G 420 45.26 29.78 12.84
C PRO G 420 46.55 30.59 12.61
N GLU G 421 46.77 31.56 13.50
CA GLU G 421 47.93 32.45 13.46
C GLU G 421 49.19 31.77 14.00
N GLU G 422 49.03 30.80 14.93
CA GLU G 422 50.18 30.19 15.58
C GLU G 422 50.86 29.27 14.56
N LYS G 423 49.99 28.62 13.78
CA LYS G 423 50.33 27.65 12.76
C LYS G 423 50.98 28.36 11.57
N GLU G 424 50.61 29.62 11.29
CA GLU G 424 51.30 30.37 10.24
C GLU G 424 52.73 30.69 10.68
N GLN G 425 52.92 31.11 11.94
CA GLN G 425 54.24 31.39 12.45
C GLN G 425 55.09 30.12 12.44
N HIS G 426 54.44 28.99 12.69
CA HIS G 426 55.18 27.73 12.79
C HIS G 426 55.59 27.27 11.38
N LYS G 427 54.72 27.43 10.37
CA LYS G 427 55.11 27.11 8.99
C LYS G 427 56.27 28.01 8.54
N LYS G 428 56.22 29.31 8.87
CA LYS G 428 57.30 30.23 8.60
C LYS G 428 58.62 29.79 9.24
N ASP G 429 58.55 29.39 10.52
CA ASP G 429 59.71 29.02 11.30
C ASP G 429 60.35 27.74 10.73
N ARG G 430 59.49 26.80 10.34
CA ARG G 430 59.96 25.54 9.75
C ARG G 430 60.61 25.89 8.42
N ALA G 431 59.97 26.72 7.60
CA ALA G 431 60.55 27.06 6.29
C ALA G 431 61.97 27.62 6.42
N SER G 432 62.16 28.57 7.33
N SER G 432 62.18 28.55 7.36
CA SER G 432 63.46 29.14 7.59
CA SER G 432 63.49 29.14 7.61
C SER G 432 64.45 28.05 8.00
C SER G 432 64.49 28.08 8.05
N ALA G 433 64.03 27.16 8.90
CA ALA G 433 64.93 26.12 9.38
C ALA G 433 65.28 25.15 8.24
N LEU G 434 64.40 25.00 7.26
CA LEU G 434 64.60 24.05 6.16
C LEU G 434 65.28 24.69 4.93
N THR G 435 65.92 25.83 5.17
CA THR G 435 66.66 26.59 4.15
C THR G 435 68.11 26.68 4.66
N GLN G 436 69.08 26.12 3.94
CA GLN G 436 70.48 26.19 4.29
C GLN G 436 71.26 26.97 3.25
N GLN G 437 72.22 27.78 3.70
CA GLN G 437 73.07 28.55 2.82
C GLN G 437 74.48 27.99 2.82
N LEU G 438 75.06 27.92 1.61
CA LEU G 438 76.43 27.48 1.43
C LEU G 438 77.18 28.56 0.63
N ASP G 439 78.33 28.92 1.16
CA ASP G 439 79.22 29.93 0.55
C ASP G 439 80.22 29.22 -0.34
N LEU G 440 80.04 29.37 -1.65
CA LEU G 440 80.79 28.60 -2.65
C LEU G 440 81.82 29.49 -3.35
N GLY G 441 82.20 30.60 -2.71
CA GLY G 441 83.17 31.53 -3.32
C GLY G 441 82.47 32.73 -3.94
N LEU G 442 82.48 32.83 -5.27
CA LEU G 442 81.75 33.88 -5.97
C LEU G 442 80.25 33.66 -5.97
N TRP G 443 79.84 32.41 -5.71
CA TRP G 443 78.44 32.01 -5.78
C TRP G 443 78.07 31.38 -4.44
N ASP G 444 76.81 31.48 -4.05
CA ASP G 444 76.24 30.75 -2.94
C ASP G 444 75.19 29.79 -3.48
N ALA G 445 74.91 28.73 -2.71
CA ALA G 445 73.77 27.89 -2.96
C ALA G 445 72.83 27.96 -1.76
N GLU G 446 71.56 27.87 -2.06
CA GLU G 446 70.51 27.73 -1.06
C GLU G 446 69.86 26.39 -1.31
N VAL G 447 69.87 25.56 -0.25
CA VAL G 447 69.27 24.24 -0.31
C VAL G 447 67.99 24.22 0.55
N THR G 448 66.88 23.78 -0.02
CA THR G 448 65.60 23.77 0.66
C THR G 448 64.98 22.40 0.50
N TYR G 449 64.11 21.99 1.45
CA TYR G 449 63.60 20.63 1.42
C TYR G 449 62.07 20.56 1.46
N GLY G 450 61.48 19.77 0.56
CA GLY G 450 60.06 19.46 0.69
C GLY G 450 59.20 20.54 0.08
N ARG G 451 59.33 20.73 -1.24
CA ARG G 451 58.58 21.70 -2.01
C ARG G 451 58.37 21.21 -3.43
N PRO G 452 57.39 21.78 -4.17
CA PRO G 452 57.17 21.44 -5.56
C PRO G 452 58.44 21.72 -6.38
N MET G 453 58.40 21.20 -7.59
CA MET G 453 59.50 21.41 -8.55
C MET G 453 59.29 22.65 -9.42
N PHE G 454 58.24 23.42 -9.10
CA PHE G 454 57.75 24.53 -9.91
C PHE G 454 57.26 25.60 -8.94
N TRP G 455 57.58 26.87 -9.18
CA TRP G 455 57.17 28.04 -8.41
C TRP G 455 57.91 28.05 -7.06
N VAL G 456 57.54 28.90 -6.10
CA VAL G 456 58.35 29.26 -4.94
C VAL G 456 57.59 29.16 -3.62
N THR G 457 56.59 28.28 -3.57
CA THR G 457 55.96 27.89 -2.32
C THR G 457 57.01 27.50 -1.30
N PRO G 458 56.98 28.02 -0.05
CA PRO G 458 58.01 27.73 0.92
C PRO G 458 58.12 26.24 1.26
N PRO G 459 59.36 25.79 1.55
CA PRO G 459 59.57 24.40 1.95
C PRO G 459 58.84 24.03 3.24
N GLU G 460 58.38 22.78 3.23
CA GLU G 460 57.65 22.19 4.35
C GLU G 460 58.32 20.94 4.90
N GLY G 461 59.40 20.49 4.24
CA GLY G 461 60.07 19.30 4.69
C GLY G 461 59.52 18.04 4.03
N ASN G 462 60.38 17.01 3.92
CA ASN G 462 59.97 15.70 3.49
C ASN G 462 59.41 14.93 4.68
N THR G 463 58.48 14.01 4.36
N THR G 463 58.46 14.03 4.41
CA THR G 463 57.87 13.10 5.34
CA THR G 463 57.97 13.14 5.46
C THR G 463 58.17 11.66 4.96
C THR G 463 58.16 11.70 5.01
N PRO G 464 59.10 10.94 5.64
CA PRO G 464 59.96 11.42 6.73
C PRO G 464 61.13 12.32 6.27
N ALA G 465 61.82 12.94 7.19
CA ALA G 465 62.97 13.77 6.84
C ALA G 465 63.95 12.87 6.10
N ALA G 466 64.51 13.34 4.93
CA ALA G 466 65.29 12.42 4.11
C ALA G 466 66.25 13.13 3.16
N GLY G 467 66.14 14.43 2.97
CA GLY G 467 66.85 15.06 1.85
C GLY G 467 68.29 15.41 2.17
N GLY G 468 69.01 15.73 1.06
CA GLY G 468 70.33 16.28 1.22
C GLY G 468 70.91 16.65 -0.15
N ALA G 469 72.14 17.22 -0.11
CA ALA G 469 72.78 17.69 -1.34
C ALA G 469 74.29 17.62 -1.16
N LEU G 470 74.96 17.35 -2.31
CA LEU G 470 76.43 17.40 -2.43
C LEU G 470 76.82 18.41 -3.51
N ILE G 471 77.85 19.21 -3.20
CA ILE G 471 78.38 20.16 -4.20
C ILE G 471 79.88 20.09 -4.18
N ALA G 472 80.51 20.07 -5.37
CA ALA G 472 81.95 20.22 -5.47
C ALA G 472 82.28 21.35 -6.42
N GLN G 473 83.33 22.10 -6.09
CA GLN G 473 83.74 23.20 -6.97
C GLN G 473 84.72 22.72 -8.04
N LEU G 474 84.40 22.98 -9.32
CA LEU G 474 85.26 22.63 -10.46
C LEU G 474 86.13 23.81 -10.87
N ASP G 475 85.64 25.03 -10.71
CA ASP G 475 86.34 26.24 -11.15
C ASP G 475 85.57 27.41 -10.53
N ASP G 476 86.04 28.65 -10.72
CA ASP G 476 85.46 29.82 -10.10
C ASP G 476 83.92 29.88 -10.26
N ASN G 477 83.40 29.49 -11.40
CA ASN G 477 81.97 29.65 -11.69
C ASN G 477 81.33 28.32 -12.03
N GLU G 478 81.96 27.18 -11.73
CA GLU G 478 81.42 25.90 -12.16
C GLU G 478 81.48 24.92 -10.99
N TYR G 479 80.38 24.14 -10.88
CA TYR G 479 80.16 23.22 -9.77
C TYR G 479 79.59 21.90 -10.28
N LEU G 480 79.89 20.81 -9.58
CA LEU G 480 79.19 19.56 -9.71
C LEU G 480 78.18 19.49 -8.57
N VAL G 481 76.95 19.05 -8.93
CA VAL G 481 75.86 19.05 -7.98
C VAL G 481 75.07 17.75 -8.13
N THR G 482 74.77 17.12 -6.98
CA THR G 482 73.75 16.09 -6.98
C THR G 482 73.02 16.19 -5.64
N ALA G 483 71.69 15.96 -5.67
CA ALA G 483 70.93 16.13 -4.42
C ALA G 483 69.77 15.17 -4.45
N TYR G 484 68.97 15.19 -3.37
CA TYR G 484 67.99 14.14 -3.10
C TYR G 484 66.87 14.79 -2.29
N LYS G 485 65.67 14.74 -2.86
CA LYS G 485 64.45 15.27 -2.23
C LYS G 485 64.71 16.67 -1.73
N ALA G 486 65.17 17.53 -2.66
CA ALA G 486 65.64 18.86 -2.29
C ALA G 486 65.68 19.73 -3.54
N ARG G 487 65.68 21.03 -3.28
CA ARG G 487 65.95 22.04 -4.30
C ARG G 487 67.27 22.73 -3.96
N VAL G 488 68.12 22.97 -5.00
CA VAL G 488 69.37 23.70 -4.88
C VAL G 488 69.27 24.92 -5.79
N GLU G 489 69.42 26.11 -5.21
CA GLU G 489 69.37 27.34 -6.01
C GLU G 489 70.65 28.15 -5.88
N PHE G 490 71.22 28.61 -7.00
CA PHE G 490 72.44 29.39 -7.01
C PHE G 490 72.15 30.87 -7.10
N LYS G 491 73.02 31.64 -6.46
CA LYS G 491 72.93 33.10 -6.48
C LYS G 491 74.34 33.66 -6.30
N PRO G 492 74.57 34.97 -6.58
CA PRO G 492 75.85 35.57 -6.24
C PRO G 492 76.10 35.60 -4.74
N SER G 493 77.39 35.44 -4.37
CA SER G 493 77.83 35.46 -2.98
C SER G 493 78.02 36.91 -2.49
N GLN G 494 78.18 37.81 -3.44
CA GLN G 494 78.43 39.21 -3.14
C GLN G 494 77.72 40.09 -4.17
N GLU G 495 77.55 41.38 -3.81
CA GLU G 495 76.86 42.29 -4.69
C GLU G 495 77.65 42.41 -5.99
N LEU G 496 76.93 42.58 -7.10
CA LEU G 496 77.54 42.53 -8.42
C LEU G 496 77.75 43.90 -9.06
N ALA G 497 77.61 44.99 -8.30
CA ALA G 497 78.10 46.30 -8.76
C ALA G 497 77.51 46.64 -10.12
N GLY G 498 76.22 46.38 -10.33
CA GLY G 498 75.55 46.76 -11.56
C GLY G 498 75.39 45.65 -12.62
N LYS G 499 76.05 44.50 -12.49
CA LYS G 499 75.82 43.39 -13.39
C LYS G 499 74.57 42.62 -12.96
N LYS G 500 74.09 41.80 -13.89
CA LYS G 500 73.05 40.80 -13.66
C LYS G 500 73.73 39.44 -13.61
N PHE G 501 72.98 38.39 -13.22
CA PHE G 501 73.53 37.05 -13.23
C PHE G 501 72.48 36.07 -13.74
N MET G 502 72.98 34.95 -14.25
CA MET G 502 72.12 33.85 -14.70
C MET G 502 72.91 32.54 -14.59
N ILE G 503 72.16 31.44 -14.60
CA ILE G 503 72.73 30.17 -14.99
C ILE G 503 73.19 30.29 -16.43
N GLU G 504 74.45 30.01 -16.66
CA GLU G 504 74.95 29.92 -18.01
C GLU G 504 74.56 28.58 -18.66
N ARG G 505 74.73 27.50 -17.90
N ARG G 505 74.86 27.45 -18.00
CA ARG G 505 74.48 26.18 -18.43
CA ARG G 505 74.50 26.13 -18.52
C ARG G 505 74.40 25.18 -17.28
C ARG G 505 74.45 25.13 -17.36
N VAL G 506 73.40 24.28 -17.35
CA VAL G 506 73.34 23.09 -16.52
C VAL G 506 73.34 21.87 -17.42
N GLU G 507 74.27 20.94 -17.19
CA GLU G 507 74.32 19.71 -17.92
C GLU G 507 74.10 18.54 -16.95
N GLU G 508 73.30 17.57 -17.36
CA GLU G 508 73.25 16.29 -16.65
C GLU G 508 74.14 15.31 -17.40
N GLY G 509 74.92 14.53 -16.66
CA GLY G 509 75.77 13.58 -17.35
C GLY G 509 76.45 12.63 -16.38
N ARG G 510 77.59 12.09 -16.87
CA ARG G 510 78.29 11.10 -16.07
C ARG G 510 79.75 11.15 -16.45
N PHE G 511 80.57 10.50 -15.65
CA PHE G 511 81.98 10.30 -16.00
C PHE G 511 82.23 8.92 -16.64
N GLU G 512 82.95 8.93 -17.77
N GLU G 512 82.97 8.92 -17.75
CA GLU G 512 83.42 7.72 -18.42
CA GLU G 512 83.41 7.71 -18.44
C GLU G 512 84.94 7.83 -18.57
C GLU G 512 84.91 7.79 -18.63
N LYS G 513 85.64 6.85 -18.00
CA LYS G 513 87.10 6.83 -17.99
C LYS G 513 87.60 8.20 -17.51
N GLY G 514 86.91 8.78 -16.51
CA GLY G 514 87.32 10.06 -15.95
C GLY G 514 86.96 11.32 -16.74
N LYS G 515 86.28 11.16 -17.88
CA LYS G 515 85.86 12.30 -18.67
C LYS G 515 84.34 12.48 -18.55
N TRP G 516 83.97 13.74 -18.51
CA TRP G 516 82.55 14.12 -18.47
C TRP G 516 81.88 13.83 -19.81
N VAL G 517 80.76 13.11 -19.77
CA VAL G 517 79.89 12.88 -20.90
C VAL G 517 78.52 13.53 -20.61
N MET G 518 78.10 14.40 -21.53
N MET G 518 78.14 14.54 -21.41
CA MET G 518 76.81 15.07 -21.40
CA MET G 518 76.85 15.19 -21.25
C MET G 518 75.73 14.13 -21.89
C MET G 518 75.74 14.36 -21.89
N GLU G 519 74.65 14.11 -21.12
CA GLU G 519 73.48 13.41 -21.55
C GLU G 519 72.41 14.37 -22.04
N ARG G 520 72.17 15.45 -21.27
CA ARG G 520 71.21 16.49 -21.69
C ARG G 520 71.51 17.77 -20.96
N VAL G 521 70.92 18.84 -21.49
CA VAL G 521 70.94 20.14 -20.85
C VAL G 521 69.64 20.35 -20.09
N TRP G 522 69.75 20.70 -18.83
CA TRP G 522 68.60 21.19 -18.03
C TRP G 522 68.39 22.64 -18.37
N ASN G 523 67.16 23.01 -18.72
CA ASN G 523 66.85 24.41 -19.02
C ASN G 523 65.36 24.62 -18.81
N GLY G 524 64.88 25.85 -19.06
CA GLY G 524 63.46 26.12 -19.00
C GLY G 524 62.90 25.83 -17.61
N ASP G 525 61.80 25.06 -17.56
CA ASP G 525 61.19 24.73 -16.27
C ASP G 525 62.22 24.10 -15.32
N GLN G 526 63.16 23.29 -15.86
CA GLN G 526 64.06 22.55 -15.00
C GLN G 526 65.13 23.43 -14.36
N THR G 527 65.26 24.69 -14.77
CA THR G 527 66.19 25.61 -14.13
C THR G 527 65.55 26.91 -13.66
N ASP G 528 64.29 27.12 -13.94
CA ASP G 528 63.64 28.37 -13.57
C ASP G 528 63.36 28.50 -12.06
N TRP G 529 63.27 27.39 -11.34
CA TRP G 529 62.82 27.32 -9.96
C TRP G 529 63.86 26.54 -9.18
N GLY G 530 65.14 26.90 -9.36
CA GLY G 530 66.19 26.09 -8.79
C GLY G 530 66.38 24.76 -9.54
N LEU G 531 67.19 23.92 -8.93
CA LEU G 531 67.46 22.58 -9.47
C LEU G 531 66.75 21.66 -8.49
N ASN G 532 65.74 20.95 -8.96
CA ASN G 532 64.86 20.15 -8.11
C ASN G 532 65.14 18.67 -8.32
N PHE G 533 65.38 17.97 -7.19
CA PHE G 533 65.72 16.57 -7.14
C PHE G 533 64.67 15.78 -6.37
N THR G 534 64.36 14.57 -6.86
CA THR G 534 63.45 13.66 -6.18
C THR G 534 64.28 12.53 -5.59
N ASP G 535 63.82 11.29 -5.75
CA ASP G 535 64.55 10.14 -5.28
C ASP G 535 65.49 9.55 -6.30
N ARG G 536 65.47 10.06 -7.53
CA ARG G 536 66.19 9.46 -8.62
C ARG G 536 67.51 10.21 -8.80
N PRO G 537 68.57 9.53 -9.24
CA PRO G 537 69.90 10.12 -9.32
C PRO G 537 70.07 10.99 -10.57
N HIS G 538 70.60 12.19 -10.36
CA HIS G 538 71.03 13.06 -11.46
C HIS G 538 72.30 13.75 -11.00
N LEU G 539 73.35 13.71 -11.83
CA LEU G 539 74.59 14.40 -11.57
C LEU G 539 74.71 15.55 -12.58
N LEU G 540 74.83 16.76 -12.03
CA LEU G 540 74.80 17.96 -12.86
C LEU G 540 76.12 18.70 -12.76
N ARG G 541 76.47 19.31 -13.90
CA ARG G 541 77.53 20.31 -13.92
C ARG G 541 76.87 21.67 -14.18
N VAL G 542 77.07 22.64 -13.29
CA VAL G 542 76.37 23.92 -13.22
C VAL G 542 77.41 25.03 -13.43
N LYS G 543 77.23 25.79 -14.51
CA LYS G 543 78.06 26.95 -14.80
C LYS G 543 77.21 28.22 -14.59
N MET G 544 77.70 29.13 -13.76
CA MET G 544 77.05 30.40 -13.46
C MET G 544 77.78 31.55 -14.17
N ALA G 545 77.07 32.68 -14.44
CA ALA G 545 77.70 33.82 -15.07
C ALA G 545 77.09 35.11 -14.56
N SER G 546 77.98 36.09 -14.30
CA SER G 546 77.56 37.47 -14.17
C SER G 546 77.76 38.14 -15.51
N TYR G 547 76.90 39.08 -15.88
CA TYR G 547 77.00 39.70 -17.20
C TYR G 547 76.60 41.16 -17.12
N SER G 548 77.22 41.97 -17.99
N SER G 548 77.22 41.96 -17.99
CA SER G 548 76.97 43.40 -18.04
CA SER G 548 76.98 43.40 -18.04
C SER G 548 75.66 43.70 -18.73
C SER G 548 75.66 43.70 -18.73
N VAL G 549 75.00 44.77 -18.25
CA VAL G 549 73.84 45.33 -18.94
C VAL G 549 74.05 46.82 -19.25
N GLN G 550 75.31 47.28 -19.19
CA GLN G 550 75.67 48.61 -19.64
C GLN G 550 75.33 48.68 -21.14
N HIS H 9 -29.69 -46.26 8.70
CA HIS H 9 -29.77 -44.85 8.24
C HIS H 9 -30.28 -43.96 9.38
N HIS H 10 -30.97 -44.53 10.38
CA HIS H 10 -31.56 -43.71 11.41
C HIS H 10 -30.70 -43.79 12.67
N ALA H 11 -29.66 -42.97 12.72
CA ALA H 11 -28.59 -43.17 13.69
C ALA H 11 -28.84 -42.37 14.97
N ALA H 12 -29.73 -41.37 14.90
CA ALA H 12 -29.86 -40.42 15.99
C ALA H 12 -30.48 -41.11 17.21
N PRO H 13 -29.95 -40.82 18.42
CA PRO H 13 -30.55 -41.38 19.62
C PRO H 13 -31.90 -40.70 19.87
N LEU H 14 -32.74 -41.40 20.63
CA LEU H 14 -34.01 -40.87 21.11
C LEU H 14 -33.74 -39.58 21.85
N PRO H 15 -34.61 -38.58 21.69
CA PRO H 15 -34.61 -37.45 22.61
C PRO H 15 -34.83 -37.94 24.04
N GLU H 16 -34.29 -37.22 25.01
CA GLU H 16 -34.49 -37.53 26.43
C GLU H 16 -34.31 -36.27 27.29
N LEU H 17 -34.98 -36.24 28.42
CA LEU H 17 -34.74 -35.19 29.40
C LEU H 17 -33.78 -35.68 30.46
N LEU H 18 -32.62 -35.02 30.57
CA LEU H 18 -31.58 -35.36 31.56
C LEU H 18 -31.71 -34.41 32.74
N SER H 19 -31.45 -34.89 33.95
CA SER H 19 -31.49 -34.07 35.15
C SER H 19 -30.30 -34.49 36.00
N ASN H 20 -29.42 -33.55 36.31
CA ASN H 20 -28.26 -33.88 37.13
C ASN H 20 -27.80 -32.59 37.79
N ASN H 21 -27.45 -32.69 39.08
CA ASN H 21 -26.83 -31.59 39.80
C ASN H 21 -27.78 -30.41 39.88
N GLY H 22 -29.07 -30.70 39.92
CA GLY H 22 -30.07 -29.66 40.05
C GLY H 22 -30.40 -28.96 38.72
N LYS H 23 -29.76 -29.40 37.63
CA LYS H 23 -29.90 -28.79 36.32
C LYS H 23 -30.47 -29.82 35.33
N HIS H 24 -30.85 -29.34 34.13
CA HIS H 24 -31.66 -30.14 33.24
C HIS H 24 -31.31 -29.83 31.79
N ALA H 25 -31.44 -30.85 30.93
CA ALA H 25 -31.25 -30.65 29.50
C ALA H 25 -32.28 -31.46 28.75
N LEU H 26 -32.83 -30.90 27.67
CA LEU H 26 -33.52 -31.70 26.68
C LEU H 26 -32.54 -32.11 25.61
N MET H 27 -32.18 -33.42 25.58
CA MET H 27 -31.28 -33.93 24.58
C MET H 27 -32.07 -34.21 23.31
N VAL H 28 -31.59 -33.67 22.22
CA VAL H 28 -32.11 -33.98 20.90
C VAL H 28 -30.92 -34.29 20.01
N ASP H 29 -30.98 -35.46 19.37
CA ASP H 29 -29.92 -35.93 18.50
C ASP H 29 -28.60 -35.99 19.27
N GLY H 30 -28.68 -36.29 20.56
CA GLY H 30 -27.49 -36.57 21.36
C GLY H 30 -26.83 -35.36 22.00
N ALA H 31 -27.47 -34.17 21.99
CA ALA H 31 -26.90 -33.01 22.66
C ALA H 31 -28.02 -32.12 23.16
N PRO H 32 -27.75 -31.26 24.15
CA PRO H 32 -28.77 -30.32 24.64
C PRO H 32 -29.36 -29.49 23.50
N TYR H 33 -30.67 -29.19 23.64
CA TYR H 33 -31.45 -28.46 22.63
C TYR H 33 -32.35 -27.47 23.38
N ILE H 34 -32.58 -26.30 22.74
CA ILE H 34 -33.61 -25.36 23.21
C ILE H 34 -34.78 -25.29 22.22
N ILE H 35 -36.01 -25.48 22.72
CA ILE H 35 -37.20 -25.25 21.93
C ILE H 35 -37.45 -23.73 21.84
N LEU H 36 -37.18 -23.17 20.65
CA LEU H 36 -37.59 -21.82 20.31
C LEU H 36 -38.88 -22.02 19.50
N GLY H 37 -39.99 -22.06 20.22
CA GLY H 37 -41.18 -22.70 19.75
C GLY H 37 -42.20 -21.77 19.13
N SER H 38 -43.11 -22.32 18.33
N SER H 38 -43.21 -22.42 18.57
CA SER H 38 -44.37 -21.69 18.00
CA SER H 38 -44.39 -21.79 18.00
C SER H 38 -45.45 -22.73 18.31
C SER H 38 -45.52 -22.77 18.21
N GLN H 39 -46.66 -22.29 18.71
CA GLN H 39 -47.79 -23.18 18.91
C GLN H 39 -48.99 -22.67 18.10
N THR H 40 -49.70 -23.57 17.44
CA THR H 40 -50.83 -23.19 16.60
C THR H 40 -52.02 -22.81 17.49
N ASN H 41 -53.02 -22.18 16.86
CA ASN H 41 -54.35 -22.15 17.43
C ASN H 41 -54.96 -23.56 17.44
N ASN H 42 -56.08 -23.71 18.16
CA ASN H 42 -56.65 -24.99 18.57
C ASN H 42 -57.31 -25.77 17.44
N SER H 43 -57.55 -25.13 16.30
CA SER H 43 -58.30 -25.71 15.19
C SER H 43 -57.43 -25.82 13.94
N SER H 44 -56.10 -25.89 14.13
CA SER H 44 -55.16 -25.89 13.01
C SER H 44 -54.61 -27.29 12.73
N ASN H 45 -55.09 -28.28 13.44
CA ASN H 45 -54.61 -29.67 13.41
C ASN H 45 -55.15 -30.46 12.24
N TYR H 46 -55.20 -29.86 11.03
CA TYR H 46 -55.68 -30.58 9.84
C TYR H 46 -54.82 -30.22 8.65
N PRO H 47 -54.65 -31.14 7.66
CA PRO H 47 -53.81 -30.87 6.49
C PRO H 47 -54.05 -29.52 5.86
N ASP H 48 -55.33 -29.14 5.67
CA ASP H 48 -55.65 -27.95 4.94
C ASP H 48 -55.21 -26.68 5.69
N ALA H 49 -55.11 -26.76 7.04
CA ALA H 49 -54.73 -25.60 7.82
C ALA H 49 -53.22 -25.33 7.87
N LEU H 50 -52.41 -26.34 7.46
CA LEU H 50 -50.97 -26.17 7.67
C LEU H 50 -50.34 -25.06 6.84
N LYS H 51 -50.92 -24.74 5.66
CA LYS H 51 -50.42 -23.65 4.85
C LYS H 51 -50.57 -22.32 5.59
N ASP H 52 -51.43 -22.30 6.62
CA ASP H 52 -51.64 -21.09 7.41
C ASP H 52 -50.76 -21.08 8.68
N VAL H 53 -49.94 -22.12 8.85
CA VAL H 53 -49.05 -22.28 9.99
C VAL H 53 -47.60 -22.04 9.62
N TRP H 54 -47.15 -22.64 8.49
CA TRP H 54 -45.73 -22.62 8.19
C TRP H 54 -45.19 -21.22 7.92
N PRO H 55 -45.91 -20.30 7.22
CA PRO H 55 -45.33 -18.98 7.00
C PRO H 55 -44.98 -18.22 8.28
N SER H 56 -45.83 -18.35 9.31
CA SER H 56 -45.59 -17.68 10.58
C SER H 56 -44.36 -18.27 11.24
N MET H 57 -44.22 -19.60 11.16
CA MET H 57 -43.10 -20.26 11.78
C MET H 57 -41.77 -19.80 11.15
N GLU H 58 -41.74 -19.59 9.83
CA GLU H 58 -40.59 -19.13 9.11
C GLU H 58 -40.27 -17.68 9.47
N LYS H 59 -41.29 -16.83 9.54
CA LYS H 59 -41.05 -15.44 9.90
C LYS H 59 -40.54 -15.33 11.35
N MET H 60 -41.03 -16.21 12.22
CA MET H 60 -40.64 -16.22 13.62
C MET H 60 -39.22 -16.73 13.85
N GLY H 61 -38.70 -17.56 12.92
CA GLY H 61 -37.45 -18.28 13.14
C GLY H 61 -37.55 -19.37 14.21
N ALA H 62 -38.75 -19.95 14.41
CA ALA H 62 -38.93 -21.00 15.39
C ALA H 62 -38.29 -22.30 14.86
N ASN H 63 -37.76 -23.09 15.80
CA ASN H 63 -37.16 -24.38 15.45
C ASN H 63 -38.08 -25.56 15.75
N THR H 64 -39.19 -25.33 16.48
CA THR H 64 -40.08 -26.39 16.92
C THR H 64 -41.52 -25.91 16.88
N LEU H 65 -42.40 -26.73 16.33
CA LEU H 65 -43.84 -26.46 16.24
C LEU H 65 -44.57 -27.33 17.24
N SER H 66 -45.40 -26.73 18.12
CA SER H 66 -46.34 -27.42 18.97
C SER H 66 -47.71 -27.38 18.32
N ILE H 67 -48.34 -28.55 18.13
CA ILE H 67 -49.59 -28.62 17.39
C ILE H 67 -50.40 -29.75 17.94
N PRO H 68 -51.73 -29.65 18.01
CA PRO H 68 -52.54 -30.75 18.54
C PRO H 68 -52.61 -31.96 17.61
N VAL H 69 -52.71 -33.14 18.23
CA VAL H 69 -53.24 -34.34 17.64
C VAL H 69 -54.39 -34.74 18.54
N ALA H 70 -55.59 -34.82 17.97
CA ALA H 70 -56.80 -34.98 18.77
C ALA H 70 -57.25 -36.44 18.71
N TRP H 71 -57.66 -36.95 19.85
CA TRP H 71 -58.27 -38.26 19.91
C TRP H 71 -59.41 -38.38 18.89
N GLU H 72 -60.31 -37.41 18.81
CA GLU H 72 -61.41 -37.44 17.84
C GLU H 72 -60.91 -37.66 16.39
N GLN H 73 -59.74 -37.17 16.00
CA GLN H 73 -59.34 -37.22 14.61
C GLN H 73 -58.66 -38.57 14.34
N ILE H 74 -58.00 -39.12 15.36
CA ILE H 74 -57.28 -40.36 15.10
C ILE H 74 -58.15 -41.58 15.32
N GLU H 75 -59.19 -41.50 16.16
CA GLU H 75 -60.09 -42.62 16.44
C GLU H 75 -61.56 -42.19 16.32
N PRO H 76 -62.00 -41.73 15.13
CA PRO H 76 -63.33 -41.16 14.99
C PRO H 76 -64.45 -42.15 15.25
N VAL H 77 -64.17 -43.42 14.94
CA VAL H 77 -65.03 -44.54 15.27
C VAL H 77 -64.18 -45.53 16.05
N GLU H 78 -64.73 -46.13 17.08
CA GLU H 78 -63.93 -46.93 17.99
C GLU H 78 -63.24 -48.07 17.19
N GLY H 79 -61.91 -48.16 17.32
CA GLY H 79 -61.12 -49.21 16.66
C GLY H 79 -60.69 -48.87 15.23
N GLN H 80 -61.16 -47.73 14.70
CA GLN H 80 -60.84 -47.36 13.33
C GLN H 80 -59.93 -46.15 13.35
N PHE H 81 -58.63 -46.40 13.23
CA PHE H 81 -57.62 -45.38 13.41
C PHE H 81 -57.32 -44.69 12.08
N ASP H 82 -57.02 -43.39 12.19
CA ASP H 82 -56.69 -42.55 11.05
C ASP H 82 -55.51 -41.65 11.41
N PHE H 83 -54.35 -41.88 10.79
CA PHE H 83 -53.16 -41.08 11.02
C PHE H 83 -52.83 -40.19 9.84
N SER H 84 -53.80 -39.94 8.93
CA SER H 84 -53.54 -39.14 7.74
C SER H 84 -52.98 -37.75 8.05
N PHE H 85 -53.47 -37.12 9.12
CA PHE H 85 -52.94 -35.81 9.50
C PHE H 85 -51.49 -35.93 9.95
N VAL H 86 -51.20 -36.91 10.80
CA VAL H 86 -49.85 -37.06 11.33
C VAL H 86 -48.86 -37.31 10.19
N ASP H 87 -49.29 -38.13 9.20
CA ASP H 87 -48.49 -38.38 8.00
C ASP H 87 -48.04 -37.09 7.31
N VAL H 88 -49.02 -36.26 6.93
CA VAL H 88 -48.76 -34.99 6.28
C VAL H 88 -47.88 -34.10 7.17
N LEU H 89 -48.24 -33.99 8.45
CA LEU H 89 -47.53 -33.10 9.35
C LEU H 89 -46.03 -33.47 9.43
N LEU H 90 -45.72 -34.76 9.54
CA LEU H 90 -44.33 -35.20 9.62
C LEU H 90 -43.56 -34.80 8.36
N LYS H 91 -44.18 -35.04 7.20
CA LYS H 91 -43.52 -34.77 5.93
C LYS H 91 -43.31 -33.29 5.77
N GLU H 92 -44.35 -32.48 6.07
CA GLU H 92 -44.19 -31.06 5.86
C GLU H 92 -43.19 -30.46 6.84
N ALA H 93 -43.14 -30.95 8.10
CA ALA H 93 -42.19 -30.42 9.08
C ALA H 93 -40.75 -30.69 8.61
N ARG H 94 -40.57 -31.90 8.06
CA ARG H 94 -39.23 -32.27 7.63
C ARG H 94 -38.79 -31.42 6.46
N GLN H 95 -39.70 -31.13 5.53
CA GLN H 95 -39.34 -30.30 4.39
C GLN H 95 -38.83 -28.96 4.87
N ARG H 96 -39.43 -28.47 5.96
CA ARG H 96 -39.07 -27.16 6.49
C ARG H 96 -37.97 -27.22 7.54
N LYS H 97 -37.48 -28.40 7.84
CA LYS H 97 -36.35 -28.58 8.74
C LYS H 97 -36.70 -28.01 10.12
N VAL H 98 -37.86 -28.41 10.64
CA VAL H 98 -38.25 -28.06 11.99
C VAL H 98 -38.67 -29.32 12.70
N ARG H 99 -38.69 -29.26 14.02
CA ARG H 99 -39.11 -30.37 14.85
C ARG H 99 -40.52 -30.12 15.38
N LEU H 100 -41.11 -31.15 15.99
CA LEU H 100 -42.48 -31.12 16.45
C LEU H 100 -42.62 -31.54 17.90
N VAL H 101 -43.58 -30.90 18.58
CA VAL H 101 -44.10 -31.36 19.87
C VAL H 101 -45.58 -31.62 19.61
N LEU H 102 -46.05 -32.86 19.74
CA LEU H 102 -47.45 -33.17 19.54
C LEU H 102 -48.22 -33.01 20.85
N LEU H 103 -49.38 -32.39 20.76
CA LEU H 103 -50.21 -32.15 21.93
C LEU H 103 -51.40 -33.08 21.94
N TRP H 104 -51.42 -34.07 22.83
CA TRP H 104 -52.44 -35.10 22.83
C TRP H 104 -53.66 -34.54 23.53
N PHE H 105 -54.65 -34.14 22.70
CA PHE H 105 -55.91 -33.61 23.20
C PHE H 105 -56.92 -34.75 23.28
N ALA H 106 -57.24 -35.19 24.49
CA ALA H 106 -57.96 -36.45 24.66
C ALA H 106 -58.93 -36.31 25.83
N THR H 107 -58.66 -36.98 26.96
CA THR H 107 -59.57 -36.95 28.09
C THR H 107 -59.80 -35.51 28.61
N TRP H 108 -58.72 -34.71 28.71
CA TRP H 108 -58.86 -33.30 29.07
C TRP H 108 -58.20 -32.40 28.02
N LYS H 109 -58.96 -31.36 27.64
CA LYS H 109 -58.43 -30.20 26.95
C LYS H 109 -59.11 -29.04 27.67
N ASN H 110 -58.34 -28.27 28.43
CA ASN H 110 -58.89 -27.17 29.21
C ASN H 110 -60.08 -27.65 30.07
N ASN H 111 -59.82 -28.76 30.76
CA ASN H 111 -60.68 -29.39 31.75
C ASN H 111 -61.73 -30.29 31.11
N ALA H 112 -61.95 -30.21 29.78
CA ALA H 112 -63.18 -30.74 29.18
C ALA H 112 -62.86 -31.80 28.13
N PRO H 113 -63.85 -32.62 27.76
CA PRO H 113 -63.59 -33.68 26.78
C PRO H 113 -63.98 -33.38 25.33
N HIS H 114 -63.94 -32.10 24.94
CA HIS H 114 -64.44 -31.75 23.61
C HIS H 114 -63.66 -32.43 22.45
N TYR H 115 -62.40 -32.80 22.67
CA TYR H 115 -61.56 -33.43 21.64
C TYR H 115 -61.60 -34.94 21.72
N ALA H 116 -62.33 -35.49 22.70
CA ALA H 116 -62.52 -36.94 22.70
C ALA H 116 -63.52 -37.22 21.58
N PRO H 117 -63.47 -38.43 21.02
CA PRO H 117 -64.44 -38.80 19.98
C PRO H 117 -65.87 -38.72 20.52
N ALA H 118 -66.83 -38.61 19.58
CA ALA H 118 -68.22 -38.53 19.92
C ALA H 118 -68.68 -39.74 20.73
N TRP H 119 -68.16 -40.94 20.37
CA TRP H 119 -68.51 -42.16 21.09
C TRP H 119 -67.92 -42.20 22.51
N VAL H 120 -67.01 -41.28 22.83
CA VAL H 120 -66.56 -41.10 24.21
C VAL H 120 -67.37 -39.99 24.89
N LYS H 121 -67.37 -38.78 24.30
CA LYS H 121 -67.88 -37.62 25.03
C LYS H 121 -69.40 -37.57 25.15
N LEU H 122 -70.14 -38.36 24.36
CA LEU H 122 -71.58 -38.43 24.48
C LEU H 122 -72.06 -39.69 25.20
N ASP H 123 -71.15 -40.47 25.81
CA ASP H 123 -71.52 -41.70 26.57
C ASP H 123 -71.04 -41.61 28.02
N ASN H 124 -71.80 -40.85 28.82
CA ASN H 124 -71.48 -40.61 30.21
C ASN H 124 -71.53 -41.90 31.03
N ALA H 125 -72.43 -42.83 30.65
CA ALA H 125 -72.51 -44.06 31.43
C ALA H 125 -71.20 -44.84 31.37
N ARG H 126 -70.54 -44.93 30.21
CA ARG H 126 -69.30 -45.64 30.03
C ARG H 126 -68.11 -44.78 30.52
N PHE H 127 -68.21 -43.47 30.30
CA PHE H 127 -67.10 -42.53 30.46
C PHE H 127 -67.56 -41.37 31.33
N PRO H 128 -67.56 -41.54 32.67
CA PRO H 128 -68.31 -40.65 33.56
C PRO H 128 -67.62 -39.31 33.85
N ARG H 129 -68.48 -38.31 33.94
CA ARG H 129 -68.09 -36.97 34.37
C ARG H 129 -68.00 -36.83 35.90
N VAL H 130 -67.18 -35.86 36.29
CA VAL H 130 -67.14 -35.31 37.62
C VAL H 130 -68.54 -34.90 38.06
N VAL H 131 -68.87 -35.36 39.28
CA VAL H 131 -70.10 -34.98 39.98
C VAL H 131 -69.77 -34.09 41.17
N LYS H 132 -70.49 -32.97 41.25
CA LYS H 132 -70.30 -32.00 42.30
C LYS H 132 -70.90 -32.50 43.61
N GLU H 133 -70.46 -31.88 44.70
CA GLU H 133 -71.04 -32.14 46.01
C GLU H 133 -72.56 -32.07 45.98
N ASP H 134 -73.15 -31.16 45.20
CA ASP H 134 -74.60 -30.98 45.21
C ASP H 134 -75.31 -31.92 44.24
N GLY H 135 -74.59 -32.86 43.62
CA GLY H 135 -75.22 -33.83 42.72
C GLY H 135 -75.26 -33.41 41.24
N ASP H 136 -74.99 -32.14 40.91
CA ASP H 136 -74.93 -31.71 39.52
C ASP H 136 -73.63 -32.22 38.87
N THR H 137 -73.68 -32.30 37.53
CA THR H 137 -72.61 -32.87 36.73
C THR H 137 -71.86 -31.77 35.97
N LEU H 138 -70.53 -31.82 35.98
CA LEU H 138 -69.74 -30.88 35.18
C LEU H 138 -69.26 -31.57 33.91
N ASN H 139 -69.00 -30.78 32.85
CA ASN H 139 -68.44 -31.38 31.64
C ASN H 139 -66.93 -31.49 31.76
N SER H 140 -66.46 -32.39 32.65
CA SER H 140 -65.08 -32.68 32.94
C SER H 140 -65.02 -34.18 33.27
N LEU H 141 -64.28 -34.99 32.53
CA LEU H 141 -64.30 -36.45 32.80
C LEU H 141 -63.58 -36.77 34.12
N SER H 142 -64.17 -37.70 34.89
CA SER H 142 -63.58 -38.13 36.14
C SER H 142 -62.32 -38.94 35.92
N PRO H 143 -61.21 -38.66 36.65
CA PRO H 143 -60.02 -39.48 36.51
C PRO H 143 -60.17 -40.86 37.14
N LEU H 144 -61.31 -41.07 37.83
N LEU H 144 -61.29 -41.11 37.80
CA LEU H 144 -61.65 -42.38 38.40
CA LEU H 144 -61.53 -42.47 38.31
C LEU H 144 -62.24 -43.32 37.35
C LEU H 144 -62.50 -43.24 37.43
N GLY H 145 -62.69 -42.78 36.19
CA GLY H 145 -63.31 -43.60 35.16
C GLY H 145 -62.34 -44.57 34.52
N GLN H 146 -62.47 -45.89 34.85
CA GLN H 146 -61.50 -46.85 34.38
C GLN H 146 -61.63 -47.14 32.88
N ASN H 147 -62.86 -47.03 32.36
CA ASN H 147 -63.07 -47.24 30.94
C ASN H 147 -62.43 -46.12 30.15
N THR H 148 -62.52 -44.90 30.71
CA THR H 148 -61.95 -43.73 30.03
C THR H 148 -60.45 -43.85 29.93
N LEU H 149 -59.80 -44.21 31.06
CA LEU H 149 -58.37 -44.44 31.07
C LEU H 149 -57.97 -45.51 30.07
N ALA H 150 -58.67 -46.66 30.03
CA ALA H 150 -58.29 -47.70 29.07
C ALA H 150 -58.39 -47.25 27.63
N ALA H 151 -59.44 -46.49 27.33
CA ALA H 151 -59.68 -46.04 25.97
C ALA H 151 -58.66 -44.96 25.54
N ASP H 152 -58.38 -43.99 26.43
CA ASP H 152 -57.31 -43.01 26.16
C ASP H 152 -56.01 -43.71 25.85
N LYS H 153 -55.57 -44.58 26.79
N LYS H 153 -55.60 -44.59 26.78
CA LYS H 153 -54.37 -45.38 26.65
CA LYS H 153 -54.36 -45.33 26.68
C LYS H 153 -54.29 -46.07 25.30
C LYS H 153 -54.29 -46.09 25.34
N LYS H 154 -55.36 -46.78 24.93
CA LYS H 154 -55.36 -47.56 23.69
C LYS H 154 -55.07 -46.66 22.49
N ALA H 155 -55.72 -45.48 22.45
CA ALA H 155 -55.54 -44.59 21.33
C ALA H 155 -54.16 -43.93 21.35
N PHE H 156 -53.66 -43.57 22.53
CA PHE H 156 -52.32 -42.97 22.68
C PHE H 156 -51.23 -43.98 22.27
N VAL H 157 -51.43 -45.25 22.64
CA VAL H 157 -50.54 -46.33 22.19
C VAL H 157 -50.50 -46.42 20.67
N GLU H 158 -51.67 -46.31 20.00
CA GLU H 158 -51.69 -46.36 18.54
C GLU H 158 -50.90 -45.21 17.94
N LEU H 159 -51.05 -44.00 18.53
CA LEU H 159 -50.30 -42.86 18.06
C LEU H 159 -48.80 -43.12 18.17
N MET H 160 -48.39 -43.60 19.33
CA MET H 160 -46.97 -43.82 19.51
C MET H 160 -46.47 -44.93 18.57
N LYS H 161 -47.30 -45.94 18.29
CA LYS H 161 -46.92 -46.97 17.31
C LYS H 161 -46.70 -46.35 15.95
N TYR H 162 -47.53 -45.38 15.61
CA TYR H 162 -47.37 -44.72 14.33
C TYR H 162 -46.02 -44.00 14.27
N LEU H 163 -45.66 -43.26 15.34
CA LEU H 163 -44.36 -42.59 15.34
C LEU H 163 -43.20 -43.61 15.31
N ALA H 164 -43.37 -44.74 15.99
CA ALA H 164 -42.33 -45.75 16.04
C ALA H 164 -42.08 -46.26 14.63
N LYS H 165 -43.15 -46.42 13.82
CA LYS H 165 -43.05 -46.97 12.47
C LYS H 165 -42.62 -45.92 11.44
N ARG H 166 -43.03 -44.64 11.62
N ARG H 166 -43.03 -44.64 11.60
CA ARG H 166 -42.91 -43.67 10.55
CA ARG H 166 -42.88 -43.69 10.52
C ARG H 166 -42.09 -42.43 10.92
C ARG H 166 -42.09 -42.43 10.92
N ASP H 167 -41.43 -42.41 12.07
CA ASP H 167 -40.65 -41.24 12.49
C ASP H 167 -39.36 -41.65 13.19
N LYS H 168 -38.56 -42.43 12.47
CA LYS H 168 -37.37 -43.02 13.03
C LYS H 168 -36.25 -42.04 13.32
N ASP H 169 -36.32 -40.82 12.77
CA ASP H 169 -35.36 -39.76 13.03
C ASP H 169 -35.89 -38.75 14.06
N HIS H 170 -37.03 -39.07 14.67
CA HIS H 170 -37.57 -38.30 15.80
C HIS H 170 -37.81 -36.85 15.40
N THR H 171 -38.48 -36.64 14.26
CA THR H 171 -39.05 -35.33 13.97
C THR H 171 -39.86 -34.82 15.16
N VAL H 172 -40.65 -35.70 15.73
CA VAL H 172 -41.38 -35.48 16.96
C VAL H 172 -40.41 -35.70 18.12
N ILE H 173 -40.11 -34.64 18.89
CA ILE H 173 -39.13 -34.72 19.97
C ILE H 173 -39.75 -34.92 21.33
N MET H 174 -41.04 -34.58 21.48
CA MET H 174 -41.68 -34.59 22.78
C MET H 174 -43.19 -34.62 22.56
N VAL H 175 -43.90 -35.20 23.53
CA VAL H 175 -45.34 -35.29 23.48
C VAL H 175 -45.94 -34.75 24.76
N GLN H 176 -46.91 -33.88 24.58
CA GLN H 176 -47.67 -33.40 25.72
C GLN H 176 -48.84 -34.32 25.94
N VAL H 177 -49.03 -34.80 27.16
CA VAL H 177 -50.12 -35.75 27.45
C VAL H 177 -51.30 -35.01 28.10
N GLN H 178 -52.41 -34.95 27.36
CA GLN H 178 -53.56 -34.11 27.64
C GLN H 178 -53.18 -32.62 27.45
N ASN H 179 -54.16 -31.75 27.70
CA ASN H 179 -53.88 -30.32 27.66
C ASN H 179 -54.65 -29.62 28.78
N GLU H 180 -53.92 -29.04 29.76
CA GLU H 180 -54.57 -28.29 30.85
C GLU H 180 -55.66 -29.15 31.51
N VAL H 181 -55.21 -30.21 32.16
CA VAL H 181 -56.10 -31.10 32.90
C VAL H 181 -56.68 -30.34 34.09
N GLY H 182 -57.71 -30.96 34.66
CA GLY H 182 -58.30 -30.48 35.90
C GLY H 182 -59.78 -30.25 35.71
N THR H 183 -60.39 -29.54 36.69
CA THR H 183 -61.80 -29.28 36.71
C THR H 183 -62.12 -27.85 37.16
N TYR H 184 -62.93 -27.14 36.37
CA TYR H 184 -63.54 -25.85 36.75
C TYR H 184 -64.91 -26.13 37.35
N GLY H 185 -65.23 -25.47 38.47
CA GLY H 185 -66.56 -25.60 39.05
C GLY H 185 -66.67 -26.58 40.22
N ALA H 186 -65.60 -27.33 40.53
CA ALA H 186 -65.54 -28.20 41.69
C ALA H 186 -64.11 -28.53 42.02
N VAL H 187 -63.86 -29.04 43.21
CA VAL H 187 -62.50 -29.29 43.63
C VAL H 187 -62.12 -30.67 43.17
N ARG H 188 -63.10 -31.61 43.18
CA ARG H 188 -62.85 -33.01 42.85
C ARG H 188 -64.16 -33.66 42.39
N ASP H 189 -64.07 -34.95 42.05
CA ASP H 189 -65.24 -35.77 41.81
C ASP H 189 -65.77 -36.20 43.18
N TYR H 190 -67.05 -35.97 43.38
CA TYR H 190 -67.80 -36.39 44.57
C TYR H 190 -68.84 -37.46 44.25
N SER H 191 -68.70 -38.13 43.10
CA SER H 191 -69.52 -39.28 42.73
C SER H 191 -69.36 -40.36 43.81
N PRO H 192 -70.33 -41.30 43.98
CA PRO H 192 -70.08 -42.49 44.82
C PRO H 192 -68.81 -43.25 44.56
N MET H 193 -68.46 -43.37 43.27
CA MET H 193 -67.25 -44.03 42.85
C MET H 193 -66.03 -43.33 43.48
N ALA H 194 -66.02 -41.99 43.40
CA ALA H 194 -64.87 -41.23 43.86
C ALA H 194 -64.80 -41.20 45.40
N GLN H 195 -65.97 -41.05 45.99
CA GLN H 195 -66.13 -41.02 47.43
C GLN H 195 -65.62 -42.31 48.07
N ALA H 196 -65.81 -43.48 47.44
CA ALA H 196 -65.28 -44.71 48.02
C ALA H 196 -63.76 -44.71 48.11
N VAL H 197 -63.09 -44.12 47.11
CA VAL H 197 -61.63 -44.11 47.09
C VAL H 197 -61.15 -43.06 48.09
N PHE H 198 -61.88 -41.96 48.18
CA PHE H 198 -61.49 -40.85 49.04
C PHE H 198 -61.56 -41.28 50.50
N ASN H 199 -62.50 -42.19 50.80
CA ASN H 199 -62.72 -42.59 52.18
C ASN H 199 -61.74 -43.66 52.65
N ALA H 200 -60.94 -44.21 51.73
CA ALA H 200 -60.00 -45.27 52.00
C ALA H 200 -58.61 -44.70 52.32
N ALA H 201 -57.68 -45.60 52.67
CA ALA H 201 -56.29 -45.21 52.87
C ALA H 201 -55.76 -44.50 51.63
N VAL H 202 -54.92 -43.49 51.87
CA VAL H 202 -54.02 -42.98 50.87
C VAL H 202 -53.08 -44.11 50.51
N PRO H 203 -52.84 -44.32 49.21
CA PRO H 203 -51.95 -45.38 48.73
C PRO H 203 -50.55 -45.32 49.34
N ASP H 204 -50.04 -46.51 49.71
CA ASP H 204 -48.76 -46.63 50.36
C ASP H 204 -47.67 -45.87 49.60
N ASP H 205 -47.69 -45.92 48.26
CA ASP H 205 -46.59 -45.38 47.48
C ASP H 205 -46.48 -43.87 47.72
N LEU H 206 -47.64 -43.20 47.77
CA LEU H 206 -47.68 -41.75 47.97
C LEU H 206 -47.17 -41.46 49.37
N ILE H 207 -47.63 -42.25 50.36
CA ILE H 207 -47.27 -42.04 51.75
C ILE H 207 -45.74 -42.19 51.90
N GLN H 208 -45.18 -43.22 51.28
CA GLN H 208 -43.73 -43.46 51.37
C GLN H 208 -42.93 -42.35 50.67
N LYS H 209 -43.35 -41.92 49.47
CA LYS H 209 -42.59 -40.91 48.73
C LYS H 209 -42.64 -39.56 49.45
N LEU H 210 -43.79 -39.26 50.06
CA LEU H 210 -43.96 -37.97 50.67
C LEU H 210 -43.47 -37.96 52.13
N GLN H 211 -43.20 -39.15 52.70
CA GLN H 211 -42.65 -39.26 54.05
C GLN H 211 -43.66 -38.72 55.06
N LEU H 212 -44.89 -39.22 54.97
CA LEU H 212 -45.99 -38.86 55.85
C LEU H 212 -46.42 -40.10 56.65
N LYS H 213 -47.23 -39.82 57.69
CA LYS H 213 -47.85 -40.83 58.54
C LYS H 213 -49.04 -41.39 57.74
N PRO H 214 -49.15 -42.75 57.57
CA PRO H 214 -50.32 -43.38 56.95
C PRO H 214 -51.66 -42.91 57.51
N GLY H 215 -52.70 -42.97 56.65
CA GLY H 215 -54.05 -42.58 57.03
C GLY H 215 -54.92 -42.49 55.78
N THR H 216 -56.18 -42.11 55.99
CA THR H 216 -57.08 -41.83 54.88
C THR H 216 -56.78 -40.44 54.35
N TRP H 217 -57.37 -40.11 53.18
CA TRP H 217 -57.15 -38.81 52.57
C TRP H 217 -57.41 -37.65 53.54
N SER H 218 -58.55 -37.67 54.23
N SER H 218 -58.56 -37.64 54.23
CA SER H 218 -58.91 -36.59 55.15
CA SER H 218 -58.86 -36.57 55.17
C SER H 218 -57.98 -36.53 56.37
C SER H 218 -57.87 -36.52 56.34
N GLN H 219 -57.54 -37.69 56.87
CA GLN H 219 -56.61 -37.75 57.99
C GLN H 219 -55.25 -37.21 57.56
N VAL H 220 -54.79 -37.60 56.36
CA VAL H 220 -53.43 -37.23 55.97
C VAL H 220 -53.36 -35.76 55.59
N PHE H 221 -54.36 -35.25 54.85
CA PHE H 221 -54.21 -33.96 54.17
C PHE H 221 -55.17 -32.91 54.70
N GLY H 222 -56.15 -33.31 55.52
CA GLY H 222 -56.99 -32.31 56.16
C GLY H 222 -57.66 -31.40 55.14
N ARG H 223 -57.55 -30.07 55.31
CA ARG H 223 -58.36 -29.15 54.50
C ARG H 223 -57.86 -29.19 53.05
N ASP H 224 -56.71 -29.82 52.76
CA ASP H 224 -56.26 -29.92 51.37
C ASP H 224 -56.64 -31.27 50.74
N ALA H 225 -57.35 -32.16 51.47
CA ALA H 225 -57.63 -33.50 50.98
C ALA H 225 -58.38 -33.52 49.65
N ASP H 226 -59.47 -32.77 49.50
CA ASP H 226 -60.24 -32.81 48.27
C ASP H 226 -59.37 -32.47 47.03
N GLU H 227 -58.57 -31.41 47.13
CA GLU H 227 -57.79 -30.92 45.98
C GLU H 227 -56.64 -31.88 45.74
N PHE H 228 -55.96 -32.34 46.79
CA PHE H 228 -54.81 -33.21 46.60
C PHE H 228 -55.29 -34.53 45.99
N PHE H 229 -56.47 -34.98 46.40
CA PHE H 229 -57.07 -36.22 45.88
C PHE H 229 -57.29 -36.14 44.37
N HIS H 230 -57.83 -35.03 43.91
CA HIS H 230 -58.09 -34.79 42.49
C HIS H 230 -56.76 -34.71 41.76
N ALA H 231 -55.79 -33.92 42.28
CA ALA H 231 -54.48 -33.93 41.67
C ALA H 231 -53.89 -35.33 41.56
N TYR H 232 -53.90 -36.10 42.69
CA TYR H 232 -53.34 -37.45 42.68
C TYR H 232 -54.01 -38.37 41.64
N GLN H 233 -55.31 -38.29 41.56
CA GLN H 233 -56.06 -39.16 40.65
C GLN H 233 -55.77 -38.78 39.19
N ILE H 234 -55.70 -37.48 38.89
CA ILE H 234 -55.36 -37.08 37.53
C ILE H 234 -53.93 -37.43 37.23
N ALA H 235 -53.02 -37.18 38.18
CA ALA H 235 -51.64 -37.49 37.92
C ALA H 235 -51.47 -38.99 37.60
N ARG H 236 -52.12 -39.86 38.38
CA ARG H 236 -52.02 -41.31 38.16
C ARG H 236 -52.58 -41.71 36.79
N TYR H 237 -53.67 -41.06 36.38
CA TYR H 237 -54.25 -41.24 35.03
C TYR H 237 -53.25 -40.87 33.95
N CYS H 238 -52.69 -39.65 34.09
CA CYS H 238 -51.72 -39.20 33.11
C CYS H 238 -50.46 -40.06 33.09
N ASP H 239 -50.00 -40.49 34.26
CA ASP H 239 -48.81 -41.33 34.34
C ASP H 239 -49.03 -42.70 33.66
N GLU H 240 -50.24 -43.23 33.79
CA GLU H 240 -50.60 -44.49 33.15
C GLU H 240 -50.65 -44.40 31.62
N VAL H 241 -51.19 -43.30 31.09
CA VAL H 241 -51.17 -43.07 29.66
C VAL H 241 -49.71 -42.91 29.21
N THR H 242 -48.94 -42.10 29.98
CA THR H 242 -47.54 -41.86 29.65
C THR H 242 -46.76 -43.18 29.56
N VAL H 243 -46.94 -44.06 30.56
CA VAL H 243 -46.17 -45.30 30.64
C VAL H 243 -46.49 -46.21 29.46
N ALA H 244 -47.77 -46.30 29.15
CA ALA H 244 -48.23 -47.10 28.02
C ALA H 244 -47.57 -46.59 26.74
N GLY H 245 -47.56 -45.28 26.51
CA GLY H 245 -47.00 -44.81 25.27
C GLY H 245 -45.49 -44.95 25.19
N LYS H 246 -44.83 -44.68 26.33
N LYS H 246 -44.76 -44.68 26.28
CA LYS H 246 -43.39 -44.75 26.46
CA LYS H 246 -43.30 -44.75 26.25
C LYS H 246 -42.89 -46.15 26.10
C LYS H 246 -42.84 -46.19 26.10
N ALA H 247 -43.70 -47.14 26.50
CA ALA H 247 -43.42 -48.55 26.21
C ALA H 247 -43.32 -48.84 24.72
N ILE H 248 -44.00 -48.04 23.88
CA ILE H 248 -43.88 -48.16 22.45
C ILE H 248 -42.69 -47.36 21.93
N LYS H 249 -42.58 -46.08 22.33
CA LYS H 249 -41.47 -45.23 21.92
C LYS H 249 -41.22 -44.26 23.07
N ASN H 250 -40.02 -44.34 23.64
CA ASN H 250 -39.71 -43.70 24.92
C ASN H 250 -39.28 -42.25 24.68
N LEU H 251 -40.17 -41.45 24.07
CA LEU H 251 -39.98 -40.00 23.97
C LEU H 251 -40.24 -39.33 25.32
N PRO H 252 -39.64 -38.15 25.56
CA PRO H 252 -40.03 -37.31 26.68
C PRO H 252 -41.48 -36.89 26.56
N MET H 253 -42.16 -36.90 27.69
CA MET H 253 -43.56 -36.53 27.77
C MET H 253 -43.78 -35.62 28.95
N TYR H 254 -44.73 -34.69 28.80
CA TYR H 254 -44.93 -33.71 29.84
C TYR H 254 -46.40 -33.35 29.96
N VAL H 255 -46.80 -32.60 31.02
CA VAL H 255 -48.11 -32.03 31.17
C VAL H 255 -47.97 -30.50 31.30
N ASN H 256 -49.00 -29.77 30.84
CA ASN H 256 -49.07 -28.31 30.89
C ASN H 256 -50.18 -27.82 31.80
N VAL H 257 -49.88 -26.76 32.53
CA VAL H 257 -50.73 -26.36 33.65
C VAL H 257 -51.47 -25.04 33.38
N ALA H 258 -52.79 -25.09 33.58
CA ALA H 258 -53.64 -23.92 33.73
C ALA H 258 -53.34 -23.32 35.11
N LEU H 259 -52.49 -22.29 35.17
CA LEU H 259 -51.89 -21.81 36.40
C LEU H 259 -52.92 -21.14 37.30
N ARG H 260 -52.71 -21.29 38.62
CA ARG H 260 -53.34 -20.35 39.54
C ARG H 260 -52.42 -19.15 39.70
N ASN H 261 -52.99 -18.01 40.06
CA ASN H 261 -52.18 -16.86 40.37
C ASN H 261 -51.41 -17.16 41.64
N PRO H 262 -50.07 -17.13 41.66
CA PRO H 262 -49.30 -17.61 42.80
C PRO H 262 -49.46 -16.70 44.03
N PHE H 263 -49.81 -15.45 43.80
CA PHE H 263 -49.94 -14.47 44.89
C PHE H 263 -51.36 -14.35 45.44
N ASN H 264 -52.38 -14.79 44.69
CA ASN H 264 -53.77 -14.55 44.98
C ASN H 264 -54.57 -15.55 44.15
N PRO H 265 -54.46 -16.86 44.49
CA PRO H 265 -54.99 -17.91 43.60
C PRO H 265 -56.50 -18.00 43.48
N GLY H 266 -57.24 -17.52 44.50
CA GLY H 266 -58.63 -17.95 44.64
C GLY H 266 -58.70 -19.44 45.03
N LEU H 267 -59.89 -20.00 44.81
CA LEU H 267 -60.23 -21.32 45.29
C LEU H 267 -60.09 -22.35 44.18
N PRO H 268 -59.64 -23.58 44.48
CA PRO H 268 -59.66 -24.67 43.51
C PRO H 268 -61.08 -24.82 43.00
N GLY H 269 -61.18 -24.86 41.67
CA GLY H 269 -62.46 -24.83 40.98
C GLY H 269 -62.74 -23.48 40.34
N GLN H 270 -62.28 -22.36 40.94
CA GLN H 270 -62.19 -21.09 40.21
C GLN H 270 -61.02 -21.22 39.23
N TYR H 271 -59.85 -21.56 39.75
CA TYR H 271 -58.80 -22.12 38.90
C TYR H 271 -59.07 -23.60 38.68
N SER H 272 -58.36 -24.19 37.71
CA SER H 272 -58.55 -25.59 37.31
C SER H 272 -57.98 -26.52 38.38
N SER H 273 -58.89 -27.11 39.19
CA SER H 273 -58.50 -27.96 40.29
C SER H 273 -57.90 -29.26 39.77
N GLY H 274 -56.79 -29.70 40.35
CA GLY H 274 -56.17 -30.99 40.08
C GLY H 274 -55.04 -30.98 39.08
N GLY H 275 -54.94 -29.89 38.32
CA GLY H 275 -53.76 -29.67 37.52
C GLY H 275 -52.55 -29.37 38.39
N GLY H 276 -51.38 -29.35 37.76
CA GLY H 276 -50.11 -29.18 38.44
C GLY H 276 -49.84 -27.75 38.95
N THR H 277 -50.80 -27.21 39.67
CA THR H 277 -50.65 -25.89 40.28
C THR H 277 -49.59 -25.96 41.39
N ASP H 278 -49.11 -24.79 41.82
CA ASP H 278 -47.85 -24.74 42.56
C ASP H 278 -47.98 -25.47 43.90
N ASN H 279 -49.19 -25.52 44.42
CA ASN H 279 -49.45 -26.14 45.71
C ASN H 279 -49.54 -27.66 45.65
N VAL H 280 -49.62 -28.24 44.47
CA VAL H 280 -49.70 -29.71 44.33
C VAL H 280 -48.59 -30.29 43.47
N LEU H 281 -47.49 -29.55 43.22
CA LEU H 281 -46.36 -30.09 42.49
C LEU H 281 -45.81 -31.30 43.22
N HIS H 282 -45.78 -31.27 44.57
CA HIS H 282 -45.26 -32.40 45.31
C HIS H 282 -46.10 -33.67 45.13
N ILE H 283 -47.40 -33.48 45.01
CA ILE H 283 -48.32 -34.59 44.70
C ILE H 283 -48.04 -35.15 43.31
N TRP H 284 -48.03 -34.27 42.30
CA TRP H 284 -47.74 -34.71 40.94
C TRP H 284 -46.40 -35.41 40.84
N LYS H 285 -45.34 -34.92 41.54
CA LYS H 285 -44.03 -35.54 41.37
C LYS H 285 -43.97 -36.95 41.96
N ALA H 286 -44.65 -37.10 43.08
CA ALA H 286 -44.71 -38.41 43.74
C ALA H 286 -45.61 -39.37 42.98
N ALA H 287 -46.74 -38.87 42.43
CA ALA H 287 -47.76 -39.72 41.85
C ALA H 287 -47.44 -40.07 40.41
N ALA H 288 -46.66 -39.23 39.72
CA ALA H 288 -46.41 -39.44 38.30
C ALA H 288 -44.91 -39.39 37.96
N PRO H 289 -44.15 -40.41 38.42
CA PRO H 289 -42.71 -40.47 38.16
C PRO H 289 -42.27 -40.66 36.71
N ASN H 290 -43.18 -41.05 35.80
CA ASN H 290 -42.83 -41.29 34.42
C ASN H 290 -43.12 -40.07 33.54
N ILE H 291 -43.70 -39.02 34.14
CA ILE H 291 -43.92 -37.75 33.43
C ILE H 291 -42.67 -36.89 33.64
N ASP H 292 -42.06 -36.45 32.55
CA ASP H 292 -40.72 -35.89 32.58
C ASP H 292 -40.70 -34.54 33.28
N LEU H 293 -41.68 -33.67 32.96
CA LEU H 293 -41.74 -32.36 33.60
C LEU H 293 -43.15 -31.84 33.62
N ILE H 294 -43.40 -30.83 34.47
CA ILE H 294 -44.66 -30.12 34.57
C ILE H 294 -44.44 -28.67 34.13
N ALA H 295 -45.12 -28.25 33.07
CA ALA H 295 -44.81 -27.03 32.33
C ALA H 295 -45.86 -25.96 32.63
N PRO H 296 -45.46 -24.74 32.99
CA PRO H 296 -46.44 -23.69 33.17
C PRO H 296 -46.92 -23.08 31.87
N ASP H 297 -48.21 -22.78 31.81
CA ASP H 297 -48.84 -22.01 30.74
C ASP H 297 -49.06 -20.59 31.23
N ILE H 298 -48.40 -19.62 30.61
CA ILE H 298 -48.35 -18.27 31.18
C ILE H 298 -49.14 -17.26 30.34
N TYR H 299 -50.18 -16.67 30.93
CA TYR H 299 -50.89 -15.56 30.30
C TYR H 299 -50.94 -14.32 31.20
N PHE H 300 -50.30 -14.39 32.38
CA PHE H 300 -50.03 -13.18 33.15
C PHE H 300 -49.02 -12.33 32.38
N ARG H 301 -49.30 -11.01 32.30
CA ARG H 301 -48.47 -10.10 31.50
C ARG H 301 -47.38 -9.42 32.34
N ASP H 302 -47.61 -9.34 33.65
CA ASP H 302 -46.80 -8.45 34.48
C ASP H 302 -45.58 -9.17 35.03
N TYR H 303 -44.47 -8.43 35.06
CA TYR H 303 -43.17 -8.97 35.37
C TYR H 303 -43.13 -9.70 36.70
N LYS H 304 -43.70 -9.12 37.75
CA LYS H 304 -43.60 -9.72 39.07
C LYS H 304 -44.29 -11.10 39.13
N THR H 305 -45.47 -11.21 38.52
CA THR H 305 -46.21 -12.46 38.57
C THR H 305 -45.55 -13.52 37.67
N VAL H 306 -45.14 -13.10 36.48
CA VAL H 306 -44.42 -14.04 35.61
C VAL H 306 -43.14 -14.55 36.30
N SER H 307 -42.35 -13.65 36.87
CA SER H 307 -41.14 -14.02 37.56
C SER H 307 -41.41 -15.03 38.66
N LYS H 308 -42.50 -14.86 39.37
CA LYS H 308 -42.80 -15.78 40.45
C LYS H 308 -43.11 -17.17 39.88
N VAL H 309 -43.91 -17.22 38.81
CA VAL H 309 -44.22 -18.49 38.17
C VAL H 309 -42.93 -19.17 37.74
N LEU H 310 -42.01 -18.45 37.08
CA LEU H 310 -40.79 -19.09 36.63
C LEU H 310 -40.01 -19.66 37.81
N GLU H 311 -39.99 -18.94 38.95
CA GLU H 311 -39.29 -19.37 40.16
C GLU H 311 -39.88 -20.68 40.70
N LEU H 312 -41.21 -20.73 40.76
CA LEU H 312 -41.89 -21.89 41.31
C LEU H 312 -41.76 -23.13 40.44
N TYR H 313 -41.71 -22.98 39.12
CA TYR H 313 -41.68 -24.18 38.30
C TYR H 313 -40.26 -24.63 37.99
N THR H 314 -39.24 -23.82 38.30
CA THR H 314 -37.89 -24.25 38.10
C THR H 314 -37.41 -24.87 39.41
N ARG H 315 -37.21 -26.18 39.43
CA ARG H 315 -36.90 -26.90 40.66
C ARG H 315 -35.84 -27.94 40.33
N PRO H 316 -35.07 -28.44 41.32
CA PRO H 316 -34.16 -29.55 41.02
C PRO H 316 -34.81 -30.78 40.42
N ASP H 317 -36.08 -30.99 40.72
CA ASP H 317 -36.85 -32.09 40.17
C ASP H 317 -37.71 -31.71 38.96
N ASN H 318 -37.56 -30.50 38.39
CA ASN H 318 -38.54 -30.06 37.39
C ASN H 318 -37.84 -29.10 36.42
N ALA H 319 -37.57 -29.59 35.21
CA ALA H 319 -37.06 -28.73 34.16
C ALA H 319 -38.13 -27.68 33.86
N LEU H 320 -37.67 -26.46 33.52
CA LEU H 320 -38.59 -25.39 33.09
C LEU H 320 -38.79 -25.42 31.58
N PHE H 321 -40.06 -25.60 31.21
CA PHE H 321 -40.53 -25.40 29.84
C PHE H 321 -41.79 -24.55 29.84
N VAL H 322 -41.70 -23.39 29.20
CA VAL H 322 -42.86 -22.51 29.10
C VAL H 322 -43.68 -23.00 27.89
N ALA H 323 -44.62 -23.88 28.15
CA ALA H 323 -45.30 -24.64 27.11
C ALA H 323 -46.38 -23.84 26.39
N GLU H 324 -46.73 -22.68 26.96
CA GLU H 324 -47.73 -21.81 26.37
C GLU H 324 -47.45 -20.44 26.97
N ILE H 325 -47.36 -19.43 26.12
CA ILE H 325 -47.26 -18.06 26.59
C ILE H 325 -47.93 -17.17 25.55
N GLY H 326 -48.46 -16.02 26.02
CA GLY H 326 -49.12 -15.11 25.11
C GLY H 326 -48.22 -14.62 23.99
N ASN H 327 -48.89 -14.16 22.92
CA ASN H 327 -48.15 -13.72 21.74
C ASN H 327 -48.19 -12.20 21.58
N ASP H 328 -48.77 -11.49 22.53
CA ASP H 328 -48.68 -10.03 22.51
C ASP H 328 -47.27 -9.60 22.88
N GLN H 329 -46.95 -8.34 22.53
CA GLN H 329 -45.59 -7.82 22.58
C GLN H 329 -44.97 -7.98 23.96
N PRO H 330 -45.69 -7.74 25.10
CA PRO H 330 -45.02 -7.78 26.40
C PRO H 330 -44.40 -9.11 26.78
N PHE H 331 -44.93 -10.19 26.16
CA PHE H 331 -44.49 -11.53 26.56
C PHE H 331 -43.13 -11.93 25.97
N ALA H 332 -42.68 -11.28 24.89
CA ALA H 332 -41.48 -11.75 24.20
C ALA H 332 -40.26 -11.74 25.11
N ARG H 333 -40.13 -10.70 25.94
CA ARG H 333 -38.93 -10.58 26.74
C ARG H 333 -38.78 -11.65 27.80
N TYR H 334 -39.85 -12.39 28.04
CA TYR H 334 -39.77 -13.43 29.07
C TYR H 334 -38.99 -14.65 28.60
N LEU H 335 -38.59 -14.66 27.34
CA LEU H 335 -37.65 -15.67 26.87
C LEU H 335 -36.36 -15.58 27.70
N PHE H 336 -35.91 -14.35 28.03
CA PHE H 336 -34.59 -14.17 28.61
C PHE H 336 -34.52 -14.81 30.00
N PRO H 337 -35.44 -14.52 30.93
CA PRO H 337 -35.36 -15.17 32.24
C PRO H 337 -35.67 -16.67 32.12
N THR H 338 -36.54 -17.08 31.18
CA THR H 338 -36.77 -18.51 30.99
C THR H 338 -35.45 -19.24 30.73
N LEU H 339 -34.65 -18.71 29.78
CA LEU H 339 -33.41 -19.36 29.43
C LEU H 339 -32.38 -19.20 30.55
N GLY H 340 -32.42 -18.06 31.26
CA GLY H 340 -31.48 -17.82 32.35
C GLY H 340 -31.69 -18.79 33.51
N LYS H 341 -32.91 -19.28 33.69
CA LYS H 341 -33.22 -20.27 34.72
C LYS H 341 -32.85 -21.67 34.27
N GLY H 342 -32.26 -21.77 33.09
CA GLY H 342 -31.90 -23.06 32.53
C GLY H 342 -33.10 -23.73 31.86
N GLY H 343 -34.09 -22.93 31.45
CA GLY H 343 -35.24 -23.48 30.74
C GLY H 343 -34.83 -24.20 29.46
N ILE H 344 -35.63 -25.21 29.06
CA ILE H 344 -35.36 -25.97 27.87
C ILE H 344 -36.22 -25.46 26.70
N GLY H 345 -37.13 -24.49 26.93
CA GLY H 345 -37.91 -24.01 25.79
C GLY H 345 -38.99 -23.01 26.16
N PHE H 346 -39.60 -22.48 25.10
CA PHE H 346 -40.51 -21.34 25.17
C PHE H 346 -41.40 -21.43 23.96
N SER H 347 -42.74 -21.39 24.15
CA SER H 347 -43.70 -21.69 23.11
C SER H 347 -44.89 -20.71 23.10
N PRO H 348 -44.76 -19.60 22.37
CA PRO H 348 -45.86 -18.63 22.26
C PRO H 348 -47.03 -19.23 21.49
N PHE H 349 -48.23 -18.93 21.98
CA PHE H 349 -49.47 -19.49 21.49
C PHE H 349 -50.10 -18.63 20.38
N GLY H 350 -50.74 -19.30 19.47
CA GLY H 350 -51.56 -18.64 18.47
C GLY H 350 -50.78 -18.11 17.31
N MET H 351 -49.70 -18.80 16.94
CA MET H 351 -48.81 -18.31 15.88
C MET H 351 -49.24 -18.89 14.53
N ASP H 352 -50.43 -18.51 14.09
CA ASP H 352 -50.87 -18.92 12.76
C ASP H 352 -51.89 -17.92 12.23
N ASP H 353 -52.19 -18.05 10.91
CA ASP H 353 -53.07 -17.12 10.22
C ASP H 353 -54.39 -17.79 9.89
N THR H 354 -54.98 -18.46 10.87
CA THR H 354 -56.26 -19.14 10.71
C THR H 354 -57.48 -18.33 11.22
N ASP H 355 -57.32 -17.02 11.32
CA ASP H 355 -58.40 -16.06 11.50
C ASP H 355 -59.03 -16.24 12.88
N TYR H 356 -58.16 -16.25 13.90
CA TYR H 356 -58.62 -16.28 15.27
C TYR H 356 -57.59 -15.56 16.14
N THR H 357 -58.10 -14.77 17.08
N THR H 357 -58.10 -14.77 17.08
CA THR H 357 -57.27 -14.27 18.16
CA THR H 357 -57.28 -14.26 18.16
C THR H 357 -58.00 -14.41 19.49
C THR H 357 -58.00 -14.42 19.50
N ASN H 358 -57.26 -14.83 20.52
CA ASN H 358 -57.81 -14.99 21.86
C ASN H 358 -57.66 -13.69 22.69
N TYR H 359 -57.43 -12.58 22.01
CA TYR H 359 -57.46 -11.29 22.69
C TYR H 359 -58.75 -11.21 23.51
N PRO H 360 -58.72 -10.72 24.76
CA PRO H 360 -57.60 -10.03 25.41
C PRO H 360 -56.47 -10.82 26.05
N LEU H 361 -56.43 -12.13 25.83
CA LEU H 361 -55.30 -12.93 26.29
C LEU H 361 -54.05 -12.59 25.49
N GLY H 362 -54.10 -12.79 24.16
CA GLY H 362 -53.01 -12.49 23.26
C GLY H 362 -53.17 -11.21 22.46
N ALA H 363 -52.49 -11.13 21.29
CA ALA H 363 -52.43 -9.93 20.47
C ALA H 363 -53.80 -9.64 19.87
N LYS H 364 -54.20 -8.36 19.88
CA LYS H 364 -55.47 -8.01 19.29
C LYS H 364 -55.45 -8.20 17.78
N VAL H 365 -54.29 -7.91 17.17
CA VAL H 365 -54.07 -8.02 15.74
C VAL H 365 -52.89 -8.97 15.51
N TYR H 366 -53.14 -9.97 14.69
CA TYR H 366 -52.09 -10.88 14.32
C TYR H 366 -51.55 -10.52 12.96
N ASN H 367 -50.34 -9.96 12.95
CA ASN H 367 -49.74 -9.54 11.70
C ASN H 367 -48.21 -9.70 11.76
N ASP H 368 -47.50 -9.23 10.74
CA ASP H 368 -46.06 -9.42 10.71
C ASP H 368 -45.37 -8.77 11.91
N GLU H 369 -45.87 -7.61 12.36
CA GLU H 369 -45.30 -6.93 13.51
C GLU H 369 -45.44 -7.81 14.78
N THR H 370 -46.58 -8.49 14.93
CA THR H 370 -46.81 -9.40 16.06
C THR H 370 -45.69 -10.45 16.09
N ILE H 371 -45.45 -11.08 14.93
CA ILE H 371 -44.46 -12.14 14.83
C ILE H 371 -43.05 -11.61 15.06
N GLU H 372 -42.76 -10.42 14.50
CA GLU H 372 -41.46 -9.80 14.55
C GLU H 372 -40.99 -9.61 16.00
N GLN H 373 -41.91 -9.37 16.97
CA GLN H 373 -41.45 -9.15 18.32
C GLN H 373 -40.78 -10.41 18.87
N PHE H 374 -41.27 -11.58 18.44
CA PHE H 374 -40.62 -12.82 18.85
C PHE H 374 -39.44 -13.18 17.95
N ALA H 375 -39.55 -12.88 16.66
CA ALA H 375 -38.44 -13.11 15.75
C ALA H 375 -37.20 -12.42 16.25
N GLN H 376 -37.32 -11.20 16.76
CA GLN H 376 -36.15 -10.44 17.13
C GLN H 376 -35.41 -11.07 18.31
N VAL H 377 -36.14 -11.66 19.26
CA VAL H 377 -35.47 -12.30 20.40
C VAL H 377 -34.98 -13.69 20.04
N TYR H 378 -35.70 -14.45 19.21
CA TYR H 378 -35.20 -15.72 18.75
C TYR H 378 -33.91 -15.57 17.93
N ARG H 379 -33.74 -14.45 17.24
CA ARG H 379 -32.53 -14.23 16.44
C ARG H 379 -31.28 -14.13 17.32
N LEU H 380 -31.44 -13.89 18.63
CA LEU H 380 -30.32 -13.78 19.54
C LEU H 380 -29.84 -15.17 19.91
N VAL H 381 -30.76 -16.14 19.96
CA VAL H 381 -30.48 -17.45 20.50
C VAL H 381 -30.20 -18.44 19.38
N ASN H 382 -30.97 -18.39 18.28
CA ASN H 382 -30.75 -19.33 17.18
C ASN H 382 -29.29 -19.51 16.81
N PRO H 383 -28.45 -18.46 16.62
CA PRO H 383 -27.08 -18.66 16.16
C PRO H 383 -26.17 -19.39 17.15
N MET H 384 -26.58 -19.44 18.42
CA MET H 384 -25.80 -20.15 19.43
C MET H 384 -26.63 -21.25 20.11
N MET H 385 -27.66 -21.78 19.46
CA MET H 385 -28.64 -22.58 20.19
C MET H 385 -28.01 -23.78 20.92
N ARG H 386 -27.17 -24.53 20.19
CA ARG H 386 -26.54 -25.72 20.75
C ARG H 386 -25.52 -25.36 21.82
N GLU H 387 -24.74 -24.29 21.61
CA GLU H 387 -23.74 -23.86 22.57
C GLU H 387 -24.38 -23.40 23.87
N TRP H 388 -25.42 -22.57 23.74
CA TRP H 388 -26.19 -22.10 24.88
C TRP H 388 -26.76 -23.30 25.64
N ALA H 389 -27.39 -24.22 24.90
CA ALA H 389 -28.03 -25.36 25.53
C ALA H 389 -27.04 -26.16 26.39
N ARG H 390 -25.84 -26.37 25.85
N ARG H 390 -25.85 -26.40 25.82
CA ARG H 390 -24.81 -27.11 26.59
CA ARG H 390 -24.75 -27.05 26.53
C ARG H 390 -24.36 -26.30 27.81
C ARG H 390 -24.39 -26.29 27.80
N LEU H 391 -24.12 -24.98 27.65
CA LEU H 391 -23.67 -24.18 28.79
C LEU H 391 -24.73 -24.10 29.87
N SER H 392 -26.01 -24.15 29.48
CA SER H 392 -27.08 -24.05 30.44
C SER H 392 -27.13 -25.30 31.33
N TYR H 393 -26.85 -26.46 30.73
CA TYR H 393 -26.93 -27.72 31.45
C TYR H 393 -25.69 -27.96 32.34
N GLN H 394 -24.51 -27.74 31.75
CA GLN H 394 -23.23 -28.18 32.27
C GLN H 394 -22.50 -27.05 32.98
N GLY H 395 -23.03 -25.83 32.91
CA GLY H 395 -22.31 -24.63 33.28
C GLY H 395 -23.21 -23.61 33.98
N GLN H 396 -22.82 -22.33 33.89
CA GLN H 396 -23.52 -21.27 34.59
C GLN H 396 -24.03 -20.31 33.52
N VAL H 397 -25.32 -20.03 33.63
CA VAL H 397 -26.00 -19.04 32.79
C VAL H 397 -26.87 -18.12 33.64
N TRP H 398 -27.20 -16.98 33.02
CA TRP H 398 -28.04 -15.96 33.63
C TRP H 398 -28.90 -15.37 32.52
N GLY H 399 -30.05 -14.87 32.91
CA GLY H 399 -30.92 -14.18 31.98
C GLY H 399 -31.86 -13.29 32.76
N VAL H 400 -32.13 -12.12 32.21
CA VAL H 400 -32.99 -11.13 32.82
C VAL H 400 -33.85 -10.48 31.73
N ALA H 401 -35.01 -9.97 32.16
CA ALA H 401 -35.89 -9.13 31.37
C ALA H 401 -36.09 -7.78 32.06
N GLU H 402 -36.49 -6.81 31.25
CA GLU H 402 -36.81 -5.47 31.74
C GLU H 402 -37.91 -5.56 32.79
N PRO H 403 -37.63 -5.10 34.04
CA PRO H 403 -38.49 -5.43 35.18
C PRO H 403 -39.63 -4.48 35.50
N LEU H 404 -39.80 -3.43 34.72
CA LEU H 404 -40.99 -2.60 34.84
C LEU H 404 -41.84 -2.85 33.60
N ASP H 405 -43.13 -3.01 33.78
CA ASP H 405 -44.06 -3.09 32.68
C ASP H 405 -44.24 -1.70 32.10
N SER H 406 -44.83 -1.63 30.92
CA SER H 406 -45.01 -0.38 30.21
C SER H 406 -45.88 0.55 31.06
N THR H 407 -45.53 1.85 31.02
CA THR H 407 -46.29 2.88 31.71
C THR H 407 -47.76 2.81 31.30
N THR H 408 -48.67 2.76 32.30
CA THR H 408 -50.11 2.77 32.08
C THR H 408 -50.61 4.20 31.83
N GLU H 409 -51.87 4.35 31.40
CA GLU H 409 -52.48 5.67 31.29
C GLU H 409 -52.61 6.30 32.68
N THR H 410 -53.00 5.53 33.70
CA THR H 410 -53.01 6.08 35.05
C THR H 410 -51.68 6.73 35.37
N GLN H 411 -50.58 5.97 35.17
CA GLN H 411 -49.23 6.46 35.44
C GLN H 411 -48.91 7.74 34.66
N LYS H 412 -49.33 7.86 33.38
CA LYS H 412 -48.98 9.02 32.56
C LYS H 412 -49.69 10.27 33.10
N ILE H 413 -51.02 10.21 33.24
CA ILE H 413 -51.75 11.13 34.11
C ILE H 413 -50.97 11.25 35.42
N GLU H 421 -40.52 18.03 41.94
CA GLU H 421 -39.82 17.32 43.06
C GLU H 421 -40.31 15.88 43.18
N GLU H 422 -41.61 15.66 42.88
CA GLU H 422 -42.19 14.33 42.83
C GLU H 422 -41.73 13.64 41.54
N LYS H 423 -41.75 14.37 40.42
CA LYS H 423 -41.31 13.84 39.14
C LYS H 423 -39.86 13.37 39.26
N GLU H 424 -39.00 14.24 39.81
CA GLU H 424 -37.58 13.93 39.89
C GLU H 424 -37.35 12.62 40.63
N GLN H 425 -38.05 12.44 41.76
CA GLN H 425 -37.88 11.26 42.59
C GLN H 425 -38.44 10.03 41.86
N HIS H 426 -39.50 10.22 41.07
CA HIS H 426 -40.12 9.12 40.34
C HIS H 426 -39.11 8.53 39.35
N LYS H 427 -38.47 9.43 38.59
CA LYS H 427 -37.42 9.09 37.65
C LYS H 427 -36.23 8.38 38.32
N LYS H 428 -35.86 8.80 39.55
CA LYS H 428 -34.80 8.13 40.27
C LYS H 428 -35.28 6.73 40.67
N ASP H 429 -36.53 6.62 41.12
CA ASP H 429 -37.04 5.33 41.55
C ASP H 429 -37.05 4.36 40.36
N ARG H 430 -37.49 4.88 39.19
CA ARG H 430 -37.61 4.09 37.96
C ARG H 430 -36.20 3.69 37.55
N ALA H 431 -35.23 4.63 37.61
CA ALA H 431 -33.90 4.27 37.20
C ALA H 431 -33.32 3.13 38.06
N SER H 432 -33.60 3.14 39.36
N SER H 432 -33.55 3.11 39.38
CA SER H 432 -33.14 2.12 40.28
CA SER H 432 -33.06 2.04 40.25
C SER H 432 -33.77 0.75 39.97
C SER H 432 -33.77 0.72 39.96
N ALA H 433 -35.07 0.77 39.67
CA ALA H 433 -35.83 -0.44 39.36
C ALA H 433 -35.35 -1.03 38.02
N LEU H 434 -34.89 -0.16 37.10
CA LEU H 434 -34.42 -0.58 35.77
C LEU H 434 -32.93 -0.88 35.72
N THR H 435 -32.34 -1.17 36.89
CA THR H 435 -30.96 -1.54 37.04
C THR H 435 -30.91 -2.86 37.77
N GLN H 436 -30.42 -3.91 37.10
CA GLN H 436 -30.33 -5.24 37.69
C GLN H 436 -28.87 -5.63 37.86
N GLN H 437 -28.55 -6.26 39.01
CA GLN H 437 -27.22 -6.76 39.26
C GLN H 437 -27.22 -8.27 39.16
N LEU H 438 -26.14 -8.82 38.62
CA LEU H 438 -25.94 -10.25 38.48
C LEU H 438 -24.55 -10.58 39.01
N ASP H 439 -24.46 -11.53 39.95
CA ASP H 439 -23.16 -11.97 40.47
C ASP H 439 -22.58 -13.10 39.62
N LEU H 440 -21.50 -12.83 38.87
CA LEU H 440 -20.96 -13.79 37.93
C LEU H 440 -19.67 -14.42 38.44
N GLY H 441 -19.44 -14.44 39.75
CA GLY H 441 -18.19 -14.98 40.30
C GLY H 441 -17.21 -13.88 40.69
N LEU H 442 -16.13 -13.75 39.93
CA LEU H 442 -15.13 -12.69 40.12
C LEU H 442 -15.63 -11.35 39.56
N TRP H 443 -16.63 -11.44 38.66
CA TRP H 443 -17.20 -10.29 37.99
C TRP H 443 -18.70 -10.22 38.25
N ASP H 444 -19.22 -8.98 38.31
CA ASP H 444 -20.64 -8.73 38.29
C ASP H 444 -21.01 -8.01 37.01
N ALA H 445 -22.25 -8.23 36.58
CA ALA H 445 -22.83 -7.44 35.50
C ALA H 445 -23.96 -6.58 36.03
N GLU H 446 -24.09 -5.37 35.50
CA GLU H 446 -25.21 -4.51 35.75
C GLU H 446 -25.93 -4.32 34.43
N VAL H 447 -27.22 -4.65 34.40
CA VAL H 447 -28.05 -4.52 33.20
C VAL H 447 -29.03 -3.37 33.41
N THR H 448 -29.07 -2.45 32.45
CA THR H 448 -29.94 -1.29 32.52
C THR H 448 -30.71 -1.19 31.21
N TYR H 449 -31.85 -0.54 31.25
CA TYR H 449 -32.76 -0.49 30.12
C TYR H 449 -33.19 0.92 29.73
N GLY H 450 -33.10 1.24 28.43
CA GLY H 450 -33.67 2.46 27.88
C GLY H 450 -32.79 3.68 28.16
N ARG H 451 -31.63 3.65 27.54
CA ARG H 451 -30.71 4.76 27.66
C ARG H 451 -29.90 4.82 26.38
N PRO H 452 -29.24 5.97 26.10
CA PRO H 452 -28.40 6.04 24.93
C PRO H 452 -27.26 5.05 24.97
N MET H 453 -26.54 4.96 23.84
CA MET H 453 -25.41 4.06 23.71
C MET H 453 -24.09 4.71 24.08
N PHE H 454 -24.16 5.98 24.53
CA PHE H 454 -23.03 6.83 24.83
C PHE H 454 -23.35 7.64 26.08
N TRP H 455 -22.33 7.84 26.93
CA TRP H 455 -22.42 8.56 28.20
C TRP H 455 -23.26 7.76 29.21
N VAL H 456 -23.70 8.40 30.32
CA VAL H 456 -24.20 7.68 31.48
C VAL H 456 -25.53 8.28 31.99
N THR H 457 -26.29 8.91 31.10
CA THR H 457 -27.66 9.32 31.37
C THR H 457 -28.39 8.16 32.04
N PRO H 458 -29.09 8.34 33.18
CA PRO H 458 -29.72 7.20 33.84
C PRO H 458 -30.81 6.54 32.98
N PRO H 459 -31.09 5.25 33.18
CA PRO H 459 -32.09 4.57 32.33
C PRO H 459 -33.52 5.01 32.61
N GLU H 460 -34.33 5.08 31.56
CA GLU H 460 -35.73 5.48 31.65
C GLU H 460 -36.67 4.36 31.16
N GLY H 461 -36.10 3.23 30.74
CA GLY H 461 -36.93 2.17 30.21
C GLY H 461 -37.23 2.31 28.73
N ASN H 462 -37.47 1.16 28.07
CA ASN H 462 -37.98 1.10 26.72
C ASN H 462 -39.51 1.32 26.71
N THR H 463 -40.02 1.90 25.63
N THR H 463 -40.03 1.89 25.62
CA THR H 463 -41.46 2.04 25.44
CA THR H 463 -41.45 2.02 25.45
C THR H 463 -41.85 1.34 24.14
C THR H 463 -41.86 1.35 24.14
N PRO H 464 -42.60 0.21 24.14
CA PRO H 464 -42.97 -0.51 25.37
C PRO H 464 -41.80 -1.26 26.04
N ALA H 465 -41.97 -1.73 27.27
CA ALA H 465 -40.98 -2.56 27.96
C ALA H 465 -40.68 -3.77 27.07
N ALA H 466 -39.39 -4.05 26.90
CA ALA H 466 -39.00 -5.06 25.92
C ALA H 466 -37.61 -5.64 26.09
N GLY H 467 -36.74 -5.05 26.90
CA GLY H 467 -35.33 -5.43 26.94
C GLY H 467 -35.05 -6.72 27.70
N GLY H 468 -33.86 -7.25 27.46
CA GLY H 468 -33.33 -8.35 28.24
C GLY H 468 -31.90 -8.68 27.88
N ALA H 469 -31.34 -9.62 28.63
CA ALA H 469 -29.96 -10.01 28.42
C ALA H 469 -29.78 -11.48 28.78
N LEU H 470 -28.85 -12.11 28.09
CA LEU H 470 -28.34 -13.45 28.38
C LEU H 470 -26.84 -13.45 28.58
N ILE H 471 -26.36 -14.12 29.66
CA ILE H 471 -24.95 -14.25 29.91
C ILE H 471 -24.62 -15.73 30.21
N ALA H 472 -23.56 -16.28 29.61
CA ALA H 472 -23.03 -17.58 30.02
C ALA H 472 -21.58 -17.43 30.41
N GLN H 473 -21.18 -18.16 31.46
CA GLN H 473 -19.78 -18.18 31.87
C GLN H 473 -18.99 -19.16 31.02
N LEU H 474 -17.91 -18.66 30.41
CA LEU H 474 -16.99 -19.48 29.66
C LEU H 474 -15.78 -19.90 30.49
N ASP H 475 -15.28 -19.01 31.35
CA ASP H 475 -14.13 -19.27 32.21
C ASP H 475 -14.16 -18.22 33.31
N ASP H 476 -13.19 -18.25 34.24
CA ASP H 476 -13.29 -17.37 35.40
C ASP H 476 -13.49 -15.91 35.00
N ASN H 477 -12.90 -15.52 33.86
CA ASN H 477 -12.87 -14.10 33.50
C ASN H 477 -13.47 -13.90 32.11
N GLU H 478 -14.22 -14.86 31.62
CA GLU H 478 -14.68 -14.77 30.23
C GLU H 478 -16.15 -15.19 30.15
N TYR H 479 -16.95 -14.40 29.44
CA TYR H 479 -18.38 -14.61 29.36
C TYR H 479 -18.90 -14.44 27.93
N LEU H 480 -19.93 -15.21 27.59
CA LEU H 480 -20.70 -15.05 26.36
C LEU H 480 -21.86 -14.13 26.73
N VAL H 481 -22.14 -13.13 25.91
CA VAL H 481 -23.15 -12.11 26.22
C VAL H 481 -23.94 -11.76 24.97
N THR H 482 -25.26 -11.78 25.05
CA THR H 482 -26.11 -11.14 24.03
C THR H 482 -27.27 -10.49 24.75
N ALA H 483 -27.71 -9.34 24.26
CA ALA H 483 -28.78 -8.61 24.92
C ALA H 483 -29.59 -7.86 23.88
N TYR H 484 -30.60 -7.15 24.38
CA TYR H 484 -31.64 -6.61 23.52
C TYR H 484 -32.20 -5.38 24.19
N LYS H 485 -32.05 -4.24 23.51
CA LYS H 485 -32.58 -2.98 24.03
C LYS H 485 -32.15 -2.76 25.47
N ALA H 486 -30.85 -2.84 25.73
CA ALA H 486 -30.29 -2.86 27.05
C ALA H 486 -28.80 -2.53 26.97
N ARG H 487 -28.24 -2.15 28.13
CA ARG H 487 -26.83 -2.00 28.33
C ARG H 487 -26.39 -2.98 29.38
N VAL H 488 -25.26 -3.62 29.11
CA VAL H 488 -24.61 -4.54 30.04
C VAL H 488 -23.23 -4.00 30.40
N GLU H 489 -22.97 -3.82 31.71
CA GLU H 489 -21.70 -3.30 32.17
C GLU H 489 -21.09 -4.28 33.15
N PHE H 490 -19.78 -4.50 33.06
CA PHE H 490 -19.08 -5.43 33.94
C PHE H 490 -18.29 -4.64 34.96
N LYS H 491 -18.16 -5.23 36.17
CA LYS H 491 -17.32 -4.65 37.20
C LYS H 491 -16.83 -5.76 38.11
N PRO H 492 -15.78 -5.54 38.93
CA PRO H 492 -15.34 -6.55 39.88
C PRO H 492 -16.45 -6.87 40.87
N SER H 493 -16.58 -8.15 41.20
CA SER H 493 -17.62 -8.60 42.14
C SER H 493 -17.22 -8.31 43.58
N GLN H 494 -15.90 -8.25 43.83
CA GLN H 494 -15.32 -8.07 45.16
C GLN H 494 -14.32 -6.90 45.08
N GLU H 495 -14.15 -6.13 46.18
CA GLU H 495 -13.14 -5.06 46.21
C GLU H 495 -11.76 -5.63 45.86
N LEU H 496 -10.95 -4.88 45.10
CA LEU H 496 -9.79 -5.44 44.39
C LEU H 496 -8.45 -5.17 45.09
N ALA H 497 -8.46 -4.50 46.25
CA ALA H 497 -7.25 -4.38 47.07
C ALA H 497 -6.09 -3.80 46.24
N GLY H 498 -6.26 -2.56 45.77
CA GLY H 498 -5.16 -1.83 45.14
C GLY H 498 -5.05 -2.04 43.63
N LYS H 499 -5.69 -3.10 43.10
CA LYS H 499 -5.67 -3.37 41.66
C LYS H 499 -6.72 -2.52 40.96
N LYS H 500 -6.55 -2.31 39.64
N LYS H 500 -6.53 -2.31 39.65
CA LYS H 500 -7.57 -1.72 38.80
CA LYS H 500 -7.57 -1.72 38.81
C LYS H 500 -8.18 -2.84 37.95
C LYS H 500 -8.13 -2.81 37.90
N PHE H 501 -9.16 -2.47 37.12
CA PHE H 501 -9.69 -3.45 36.18
C PHE H 501 -10.08 -2.80 34.85
N MET H 502 -10.17 -3.64 33.83
CA MET H 502 -10.72 -3.17 32.57
C MET H 502 -11.32 -4.37 31.84
N ILE H 503 -12.08 -4.07 30.80
CA ILE H 503 -12.29 -5.04 29.74
C ILE H 503 -10.93 -5.33 29.09
N GLU H 504 -10.60 -6.61 28.97
CA GLU H 504 -9.42 -7.03 28.23
C GLU H 504 -9.75 -7.07 26.73
N ARG H 505 -10.83 -7.79 26.35
CA ARG H 505 -11.18 -7.87 24.95
C ARG H 505 -12.65 -8.25 24.85
N VAL H 506 -13.37 -7.59 23.94
CA VAL H 506 -14.71 -7.99 23.50
C VAL H 506 -14.66 -8.34 22.03
N GLU H 507 -15.05 -9.60 21.68
CA GLU H 507 -15.19 -10.07 20.31
C GLU H 507 -16.66 -10.30 19.98
N GLU H 508 -17.08 -9.80 18.83
CA GLU H 508 -18.36 -10.19 18.23
C GLU H 508 -18.08 -11.36 17.29
N GLY H 509 -18.98 -12.35 17.25
CA GLY H 509 -18.75 -13.45 16.36
C GLY H 509 -19.88 -14.47 16.38
N ARG H 510 -19.55 -15.69 15.95
CA ARG H 510 -20.52 -16.76 15.84
C ARG H 510 -19.81 -18.10 16.02
N PHE H 511 -20.65 -19.12 16.26
CA PHE H 511 -20.16 -20.49 16.31
C PHE H 511 -20.39 -21.19 14.97
N GLU H 512 -19.31 -21.84 14.48
CA GLU H 512 -19.39 -22.68 13.29
C GLU H 512 -18.81 -24.05 13.63
N LYS H 513 -19.66 -25.08 13.61
CA LYS H 513 -19.26 -26.44 13.97
C LYS H 513 -18.66 -26.43 15.37
N GLY H 514 -19.33 -25.73 16.31
CA GLY H 514 -18.92 -25.69 17.70
C GLY H 514 -17.72 -24.78 17.98
N LYS H 515 -17.19 -24.14 16.93
CA LYS H 515 -15.95 -23.37 17.03
C LYS H 515 -16.28 -21.87 16.91
N TRP H 516 -15.67 -21.07 17.81
CA TRP H 516 -15.85 -19.63 17.77
C TRP H 516 -15.11 -19.04 16.58
N VAL H 517 -15.82 -18.20 15.83
CA VAL H 517 -15.26 -17.45 14.73
C VAL H 517 -15.48 -15.97 15.03
N MET H 518 -14.37 -15.24 15.14
CA MET H 518 -14.42 -13.82 15.38
C MET H 518 -14.75 -13.06 14.11
N GLU H 519 -15.66 -12.05 14.24
CA GLU H 519 -16.02 -11.15 13.16
C GLU H 519 -15.33 -9.80 13.35
N ARG H 520 -15.41 -9.24 14.57
CA ARG H 520 -14.77 -7.99 14.88
C ARG H 520 -14.54 -7.90 16.39
N VAL H 521 -13.69 -6.93 16.77
CA VAL H 521 -13.49 -6.56 18.15
C VAL H 521 -14.30 -5.31 18.44
N TRP H 522 -15.10 -5.33 19.52
CA TRP H 522 -15.72 -4.13 20.03
C TRP H 522 -14.68 -3.42 20.88
N ASN H 523 -14.54 -2.12 20.70
CA ASN H 523 -13.58 -1.34 21.47
C ASN H 523 -14.00 0.11 21.38
N GLY H 524 -13.24 0.99 22.04
CA GLY H 524 -13.50 2.42 21.96
C GLY H 524 -14.91 2.77 22.43
N ASP H 525 -15.65 3.55 21.62
CA ASP H 525 -17.00 3.95 21.93
C ASP H 525 -17.91 2.76 22.27
N GLN H 526 -17.66 1.61 21.61
CA GLN H 526 -18.53 0.45 21.76
C GLN H 526 -18.33 -0.22 23.11
N THR H 527 -17.23 0.08 23.83
CA THR H 527 -17.04 -0.53 25.16
C THR H 527 -16.79 0.49 26.28
N ASP H 528 -16.83 1.77 25.97
CA ASP H 528 -16.54 2.82 26.94
C ASP H 528 -17.70 2.98 27.91
N TRP H 529 -18.94 2.69 27.45
CA TRP H 529 -20.16 3.07 28.14
C TRP H 529 -20.99 1.81 28.34
N GLY H 530 -20.34 0.74 28.77
CA GLY H 530 -20.97 -0.57 28.77
C GLY H 530 -21.11 -1.14 27.34
N LEU H 531 -21.82 -2.28 27.25
CA LEU H 531 -22.08 -2.99 26.00
C LEU H 531 -23.54 -2.72 25.66
N ASN H 532 -23.77 -1.91 24.60
CA ASN H 532 -25.09 -1.42 24.27
C ASN H 532 -25.67 -2.20 23.11
N PHE H 533 -26.90 -2.68 23.32
CA PHE H 533 -27.65 -3.49 22.37
C PHE H 533 -28.96 -2.81 21.99
N THR H 534 -29.25 -2.89 20.69
CA THR H 534 -30.50 -2.40 20.15
C THR H 534 -31.39 -3.61 19.86
N ASP H 535 -32.11 -3.54 18.76
CA ASP H 535 -33.00 -4.61 18.35
CA ASP H 535 -32.99 -4.63 18.37
C ASP H 535 -32.24 -5.65 17.53
N ARG H 536 -31.01 -5.36 17.14
CA ARG H 536 -30.30 -6.24 16.20
C ARG H 536 -29.43 -7.25 16.96
N PRO H 537 -29.15 -8.44 16.41
CA PRO H 537 -28.42 -9.45 17.14
C PRO H 537 -26.92 -9.32 17.09
N HIS H 538 -26.30 -9.47 18.26
CA HIS H 538 -24.84 -9.47 18.36
C HIS H 538 -24.48 -10.43 19.49
N LEU H 539 -23.64 -11.41 19.18
CA LEU H 539 -23.13 -12.37 20.17
C LEU H 539 -21.68 -12.02 20.50
N LEU H 540 -21.42 -11.76 21.77
CA LEU H 540 -20.12 -11.30 22.22
C LEU H 540 -19.46 -12.30 23.16
N ARG H 541 -18.13 -12.33 23.05
CA ARG H 541 -17.27 -12.94 24.05
C ARG H 541 -16.51 -11.81 24.76
N VAL H 542 -16.67 -11.76 26.07
CA VAL H 542 -16.21 -10.67 26.90
C VAL H 542 -15.17 -11.27 27.85
N LYS H 543 -13.94 -10.78 27.75
CA LYS H 543 -12.88 -11.14 28.69
C LYS H 543 -12.56 -9.92 29.55
N MET H 544 -12.62 -10.13 30.88
CA MET H 544 -12.33 -9.10 31.88
C MET H 544 -10.96 -9.36 32.49
N ALA H 545 -10.32 -8.28 32.99
CA ALA H 545 -9.03 -8.43 33.66
C ALA H 545 -8.84 -7.40 34.76
N SER H 546 -8.25 -7.88 35.87
CA SER H 546 -7.73 -6.97 36.88
C SER H 546 -6.23 -6.88 36.70
N TYR H 547 -5.65 -5.73 37.06
CA TYR H 547 -4.25 -5.47 36.82
C TYR H 547 -3.69 -4.57 37.93
N SER H 548 -2.39 -4.76 38.18
CA SER H 548 -1.68 -4.04 39.22
C SER H 548 -1.18 -2.69 38.71
N VAL H 549 -1.23 -1.66 39.57
CA VAL H 549 -0.67 -0.34 39.28
C VAL H 549 0.31 0.05 40.38
N GLN H 550 0.64 -0.91 41.25
CA GLN H 550 1.78 -0.80 42.15
C GLN H 550 3.05 -1.04 41.32
NA NA I . -82.03 34.35 -25.63
O4' YGX J . -42.58 38.66 -15.12
O7 YGX J . -40.13 37.32 -15.82
C1' YGX J . -41.41 36.35 -17.61
C2' YGX J . -42.29 37.58 -17.85
O2' YGX J . -42.58 37.70 -19.26
C3' YGX J . -43.53 37.49 -17.00
C4' YGX J . -43.20 37.43 -15.50
C5' YGX J . -42.23 36.29 -15.21
O6' YGX J . -41.31 35.05 -13.30
C6' YGX J . -41.88 36.26 -13.71
C7' YGX J . -41.02 36.24 -16.15
O1' YGX J . -40.27 36.28 -18.47
H1 YGX J . -43.15 39.28 -15.17
HO7 YGX J . -40.01 37.78 -16.52
H1'1 YGX J . -41.98 35.56 -17.81
H2' YGX J . -41.77 38.39 -17.58
HO2' YGX J . -43.41 37.72 -19.34
H3' YGX J . -44.08 38.27 -17.18
H4' YGX J . -44.03 37.31 -14.99
H5' YGX J . -42.73 35.45 -15.35
HO6' YGX J . -41.13 35.08 -12.49
H6'2 YGX J . -42.70 36.42 -13.18
H6'1 YGX J . -41.24 37.00 -13.51
H7' YGX J . -40.54 35.40 -16.00
H2 YGX J . -40.27 36.96 -18.98
C ACT K . -52.98 20.04 -34.82
O ACT K . -54.14 19.77 -35.18
OXT ACT K . -52.12 20.58 -35.59
CH3 ACT K . -52.55 19.68 -33.39
H1 ACT K . -51.59 19.81 -33.30
H2 ACT K . -52.76 18.75 -33.20
H3 ACT K . -53.01 20.24 -32.76
NA NA L . -65.48 10.32 -23.49
NA NA M . -83.79 35.13 -22.87
NA NA N . -61.34 32.90 -31.79
NA NA O . -88.07 -24.46 19.15
O4' YGX P . -83.87 6.06 -8.08
O7 YGX P . -82.57 6.34 -10.68
C1' YGX P . -82.39 3.92 -10.63
C2' YGX P . -83.73 3.69 -9.91
O2' YGX P . -84.35 2.49 -10.42
C3' YGX P . -83.54 3.65 -8.41
C4' YGX P . -82.94 4.97 -7.94
C5' YGX P . -81.66 5.32 -8.67
O6' YGX P . -79.75 6.85 -8.55
C6' YGX P . -81.11 6.65 -8.19
C7' YGX P . -81.76 5.25 -10.18
O1' YGX P . -82.49 3.85 -12.06
H1 YGX P . -84.56 5.88 -7.64
HO7 YGX P . -83.22 6.01 -11.11
H1'1 YGX P . -81.78 3.20 -10.35
H2' YGX P . -84.32 4.44 -10.12
HO2' YGX P . -84.53 1.99 -9.77
H3' YGX P . -84.40 3.48 -7.97
H4' YGX P . -82.73 4.88 -6.97
H5' YGX P . -80.98 4.64 -8.41
HO6' YGX P . -79.49 7.61 -8.26
H6'2 YGX P . -81.18 6.70 -7.21
H6'1 YGX P . -81.65 7.39 -8.57
H7' YGX P . -80.87 5.33 -10.58
H2 YGX P . -83.27 3.68 -12.27
NA NA Q . -62.92 -22.28 4.33
NA NA R . -14.96 47.80 -0.17
NA NA S . -12.89 45.52 -1.65
O4' YGX T . -14.85 11.32 20.76
O7 YGX T . -14.67 8.45 20.22
C1' YGX T . -13.83 9.21 18.08
C2' YGX T . -13.04 10.41 18.62
O2' YGX T . -11.88 10.61 17.85
C3' YGX T . -13.96 11.64 18.54
C4' YGX T . -15.22 11.45 19.39
C5' YGX T . -15.99 10.19 19.01
O6' YGX T . -18.12 8.95 19.35
C6' YGX T . -17.21 9.91 19.88
C7' YGX T . -15.07 8.96 18.93
O1' YGX T . -12.98 8.07 17.98
H1 YGX T . -14.53 12.05 21.02
HO7 YGX T . -13.83 8.39 20.22
H1'1 YGX T . -14.13 9.44 17.17
H2' YGX T . -12.79 10.25 19.56
HO2' YGX T . -11.90 11.39 17.55
H3' YGX T . -13.46 12.42 18.85
H4' YGX T . -15.81 12.23 19.28
H5' YGX T . -16.35 10.32 18.10
HO6' YGX T . -18.77 8.85 19.89
H6'2 YGX T . -17.69 10.76 20.02
H6'1 YGX T . -16.90 9.60 20.77
H7' YGX T . -15.58 8.24 18.50
H2 YGX T . -12.21 8.28 18.24
NA NA U . -25.26 21.73 -13.61
NA NA V . -5.97 25.35 1.10
NA NA W . 12.87 -49.17 9.97
NA NA X . 4.71 -35.39 8.61
NA NA Y . 5.14 -36.87 5.76
C ACT Z . 23.27 -32.64 -22.43
O ACT Z . 22.68 -32.62 -23.55
OXT ACT Z . 23.12 -33.59 -21.57
CH3 ACT Z . 24.16 -31.43 -22.11
H1 ACT Z . 24.66 -31.60 -21.31
H2 ACT Z . 23.60 -30.65 -21.98
H3 ACT Z . 24.77 -31.27 -22.85
O4' YGX AA . 13.05 -5.54 -19.26
O7 YGX AA . 14.71 -5.17 -21.69
C1' YGX AA . 14.89 -7.54 -21.71
C2' YGX AA . 13.45 -7.80 -21.21
O2' YGX AA . 12.89 -8.99 -21.82
C3' YGX AA . 13.43 -7.92 -19.68
C4' YGX AA . 13.95 -6.64 -19.06
C5' YGX AA . 15.33 -6.26 -19.59
O6' YGX AA . 17.21 -4.70 -19.16
C6' YGX AA . 15.81 -4.93 -19.03
C7' YGX AA . 15.43 -6.27 -21.12
O1' YGX AA . 14.98 -7.58 -23.15
H1 YGX AA . 12.31 -5.74 -18.93
HO7 YGX AA . 14.14 -5.47 -22.23
H1'1 YGX AA . 15.45 -8.29 -21.39
H2' YGX AA . 12.89 -7.02 -21.47
HO2' YGX AA . 12.62 -9.50 -21.20
H3' YGX AA . 12.52 -8.09 -19.37
H4' YGX AA . 14.04 -6.77 -18.08
H5' YGX AA . 15.96 -6.95 -19.27
HO6' YGX AA . 17.39 -3.94 -18.84
H6'2 YGX AA . 15.58 -4.89 -18.07
H6'1 YGX AA . 15.32 -4.20 -19.48
H7' YGX AA . 16.38 -6.18 -21.37
H2 YGX AA . 14.22 -7.73 -23.47
C ACT BA . 8.25 -19.66 0.29
O ACT BA . 7.54 -18.69 0.05
OXT ACT BA . 8.56 -20.53 -0.56
CH3 ACT BA . 8.72 -19.83 1.73
H1 ACT BA . 9.37 -20.56 1.76
H2 ACT BA . 7.97 -20.06 2.30
H3 ACT BA . 9.14 -19.02 2.03
C ACT CA . 29.30 -29.17 -35.23
O ACT CA . 28.51 -29.56 -34.30
OXT ACT CA . 30.38 -28.55 -35.06
CH3 ACT CA . 28.89 -29.47 -36.67
H1 ACT CA . 28.05 -29.96 -36.68
H2 ACT CA . 29.58 -30.01 -37.10
H3 ACT CA . 28.79 -28.64 -37.16
NA NA DA . 32.23 -34.47 -5.04
NA NA EA . 9.92 -30.68 -14.28
NA NA FA . 9.64 12.06 -41.66
NA NA GA . 17.11 23.55 -35.34
NA NA HA . 15.09 24.23 -32.79
O4' YGX IA . 54.49 27.56 -18.92
O7 YGX IA . 57.10 26.28 -19.37
C1' YGX IA . 56.06 25.30 -21.35
C2' YGX IA . 55.24 26.55 -21.69
O2' YGX IA . 55.12 26.77 -23.10
C3' YGX IA . 53.84 26.41 -21.04
C4' YGX IA . 53.99 26.35 -19.51
C5' YGX IA . 54.90 25.20 -19.09
O6' YGX IA . 55.53 23.85 -17.13
C6' YGX IA . 55.03 25.10 -17.59
C7' YGX IA . 56.26 25.19 -19.84
O1' YGX IA . 57.34 25.32 -22.00
H1 YGX IA . 54.04 28.21 -19.22
HO7 YGX IA . 57.31 26.75 -20.02
H1'1 YGX IA . 55.56 24.50 -21.66
H2' YGX IA . 55.70 27.33 -21.29
HO2' YGX IA . 54.30 26.80 -23.28
H3' YGX IA . 53.32 27.20 -21.28
H4' YGX IA . 53.10 26.19 -19.13
H5' YGX IA . 54.44 24.36 -19.37
HO6' YGX IA . 55.57 23.86 -16.28
H6'2 YGX IA . 54.15 25.26 -17.18
H6'1 YGX IA . 55.64 25.81 -17.27
H7' YGX IA . 56.72 24.35 -19.64
H2 YGX IA . 57.40 26.03 -22.45
C ACT JA . 70.32 46.48 -13.58
O ACT JA . 69.15 46.06 -13.80
OXT ACT JA . 70.74 47.60 -13.95
CH3 ACT JA . 71.28 45.62 -12.74
H1 ACT JA . 70.83 44.80 -12.48
H2 ACT JA . 71.56 46.10 -11.95
H3 ACT JA . 72.07 45.39 -13.28
C ACT KA . 72.19 15.90 -47.89
O ACT KA . 71.09 15.44 -47.57
OXT ACT KA . 73.16 16.07 -47.10
CH3 ACT KA . 72.38 16.28 -49.36
H1 ACT KA . 71.59 16.02 -49.86
H2 ACT KA . 73.15 15.81 -49.72
H3 ACT KA . 72.51 17.23 -49.44
NA NA LA . 38.47 22.29 -38.49
NA NA MA . 75.09 20.92 -29.93
NA NA NA . 33.26 -0.54 -31.80
NA NA OA . 83.99 -23.12 36.57
NA NA PA . 69.19 -23.49 42.16
NA NA QA . 69.82 -26.15 40.44
O4' YGX RA . 35.66 -34.39 19.08
O7 YGX RA . 35.08 -35.57 16.45
C1' YGX RA . 37.40 -36.25 16.48
C2' YGX RA . 37.44 -36.51 18.01
O2' YGX RA . 38.29 -37.64 18.27
C3' YGX RA . 37.91 -35.28 18.72
C4' YGX RA . 36.94 -34.14 18.45
C5' YGX RA . 36.71 -33.87 16.97
O6' YGX RA . 35.82 -32.17 15.45
C6' YGX RA . 35.73 -32.72 16.76
C7' YGX RA . 36.43 -35.13 16.18
O1' YGX RA . 37.09 -37.43 15.74
H1 YGX RA . 35.78 -34.43 19.91
HO7 YGX RA . 35.10 -36.36 16.73
H1'1 YGX RA . 38.30 -35.96 16.20
H2' YGX RA . 36.53 -36.71 18.31
HO2' YGX RA . 38.89 -37.41 18.80
H3' YGX RA . 37.95 -35.46 19.67
H4' YGX RA . 37.31 -33.32 18.85
H5' YGX RA . 37.57 -33.51 16.62
HO6' YGX RA . 35.26 -31.54 15.37
H6'2 YGX RA . 35.92 -32.01 17.42
H6'1 YGX RA . 34.82 -33.05 16.92
H7' YGX RA . 36.50 -34.92 15.22
H2 YGX RA . 36.98 -38.06 16.29
C ACT SA . 62.82 -41.05 10.85
O ACT SA . 62.40 -42.24 10.85
OXT ACT SA . 63.90 -40.70 11.39
CH3 ACT SA . 61.98 -39.97 10.16
H1 ACT SA . 62.42 -39.11 10.25
H2 ACT SA . 61.10 -39.93 10.59
H3 ACT SA . 61.88 -40.19 9.23
C ACT TA . 52.70 -24.18 34.05
O ACT TA . 53.20 -23.01 33.93
OXT ACT TA . 51.83 -24.50 34.92
CH3 ACT TA . 53.22 -25.29 33.13
H1 ACT TA . 52.80 -26.12 33.37
H2 ACT TA . 54.18 -25.36 33.23
H3 ACT TA . 53.01 -25.07 32.21
NA NA UA . 59.91 -39.32 26.21
NA NA VA . 81.02 37.79 -15.45
NA NA WA . 81.77 34.09 -0.97
O4' YGX XA . 77.01 -1.15 19.65
O7 YGX XA . 77.41 -3.93 19.00
C1' YGX XA . 78.49 -3.15 17.03
C2' YGX XA . 79.14 -1.94 17.74
O2' YGX XA . 80.44 -1.66 17.19
C3' YGX XA . 78.25 -0.74 17.57
C4' YGX XA . 76.89 -1.00 18.23
C5' YGX XA . 76.24 -2.25 17.65
O6' YGX XA . 74.06 -3.41 17.63
C6' YGX XA . 74.92 -2.53 18.35
C7' YGX XA . 77.17 -3.47 17.66
O1' YGX XA . 79.38 -4.29 17.01
H1 YGX XA . 77.34 -0.44 19.97
HO7 YGX XA . 78.23 -3.92 19.14
H1'1 YGX XA . 78.34 -2.90 16.09
H2' YGX XA . 79.24 -2.15 18.70
HO2' YGX XA . 80.42 -0.87 16.91
H3' YGX XA . 78.67 0.02 18.01
H4' YGX XA . 76.30 -0.22 18.05
H5' YGX XA . 76.03 -2.06 16.70
HO6' YGX XA . 73.34 -3.53 18.08
H6'2 YGX XA . 74.44 -1.67 18.48
H6'1 YGX XA . 75.09 -2.90 19.24
H7' YGX XA . 76.75 -4.19 17.16
H2 YGX XA . 80.10 -4.10 17.41
C ACT YA . 83.77 -10.34 42.20
O ACT YA . 83.64 -9.52 41.26
OXT ACT YA . 84.58 -10.21 43.11
CH3 ACT YA . 82.85 -11.54 42.28
H1 ACT YA . 82.17 -11.46 41.59
H2 ACT YA . 82.41 -11.56 43.15
H3 ACT YA . 83.36 -12.35 42.15
C ACT ZA . 55.22 20.10 11.48
O ACT ZA . 55.38 18.96 11.02
OXT ACT ZA . 55.73 20.50 12.56
CH3 ACT ZA . 54.41 21.06 10.65
H1 ACT ZA . 54.36 21.93 11.10
H2 ACT ZA . 53.52 20.71 10.52
H3 ACT ZA . 54.84 21.18 9.78
C ACT AB . 86.79 1.48 -7.67
O ACT AB . 86.88 2.48 -8.43
OXT ACT AB . 87.79 0.88 -7.21
CH3 ACT AB . 85.38 0.94 -7.22
H1 ACT AB . 84.69 1.50 -7.61
H2 ACT AB . 85.32 0.96 -6.26
H3 ACT AB . 85.27 0.03 -7.54
C ACT BB . 100.84 -19.68 0.78
O ACT BB . 100.07 -18.79 0.34
OXT ACT BB . 100.50 -20.55 1.60
CH3 ACT BB . 102.25 -19.72 0.19
H1 ACT BB . 102.76 -20.42 0.61
H2 ACT BB . 102.68 -18.86 0.35
H3 ACT BB . 102.20 -19.88 -0.76
NA NA CB . 88.51 13.75 2.05
NA NA DB . 71.71 10.72 -15.57
NA NA EB . 79.58 36.20 0.20
NA NA FB . -18.96 -12.76 43.32
O4' YGX GB . -55.96 -21.44 27.54
O7 YGX GB . -56.91 -22.73 25.18
C1' YGX GB . -54.61 -23.38 24.87
C2' YGX GB . -54.36 -23.64 26.36
O2' YGX GB . -53.45 -24.74 26.52
C3' YGX GB . -53.76 -22.38 26.94
C4' YGX GB . -54.75 -21.22 26.79
C5' YGX GB . -55.16 -20.97 25.34
O6' YGX GB . -56.37 -19.38 23.91
C6' YGX GB . -56.19 -19.84 25.23
C7' YGX GB . -55.65 -22.29 24.68
O1' YGX GB . -55.01 -24.57 24.17
H1 YGX GB . -55.76 -21.53 28.35
HO7 YGX GB . -56.82 -23.52 25.46
H1'1 YGX GB . -53.76 -23.07 24.47
H2' YGX GB . -55.22 -23.85 26.82
HO2' YGX GB . -52.78 -24.46 26.92
H3' YGX GB . -53.58 -22.52 27.89
H4' YGX GB . -54.32 -20.40 27.14
H5' YGX GB . -54.37 -20.68 24.85
HO6' YGX GB . -56.94 -18.76 23.92
H6'2 YGX GB . -55.89 -19.09 25.80
H6'1 YGX GB . -57.06 -20.15 25.58
H7' YGX GB . -55.75 -22.12 23.71
H2 YGX GB . -55.04 -25.21 24.71
C ACT HB . -77.19 -32.11 35.81
O ACT HB . -77.73 -33.01 36.46
OXT ACT HB . -76.13 -31.53 36.18
CH3 ACT HB . -77.84 -31.70 34.48
H1 ACT HB . -77.32 -31.00 34.06
H2 ACT HB . -78.74 -31.38 34.65
H3 ACT HB . -77.89 -32.47 33.90
C ACT IB . -30.27 -28.35 15.61
O ACT IB . -30.85 -29.45 15.74
OXT ACT IB . -29.06 -28.16 15.91
CH3 ACT IB . -31.13 -27.16 15.05
H1 ACT IB . -30.58 -26.37 15.01
H2 ACT IB . -31.88 -26.99 15.65
H3 ACT IB . -31.45 -27.39 14.17
NA NA JB . -22.68 -10.73 14.37
NA NA KB . -30.89 -26.33 31.13
NA NA LB . -39.38 1.06 21.76
NA NA MB . -19.38 -9.95 45.15
#